data_8WVZ
#
_entry.id   8WVZ
#
loop_
_entity.id
_entity.type
_entity.pdbx_description
1 polymer 'Putative primase C962R'
2 polymer 'DNA (25-MER)'
3 polymer "DNA (5'-D(P*AP*AP*AP*A)-3')"
4 non-polymer "ADENOSINE-5'-DIPHOSPHATE"
5 non-polymer 'MAGNESIUM ION'
#
loop_
_entity_poly.entity_id
_entity_poly.type
_entity_poly.pdbx_seq_one_letter_code
_entity_poly.pdbx_strand_id
1 'polypeptide(L)'
;MREESWEDHDTIQLTAQRKYLAEVQALETLLTRELSVFLTEPGSKKTNIINRITGKTYALPSTELLRLYEHLEQCRKQGA
LMYFLERQGTYSGLMLDYDLKLNTNAVPPLEPPALSRLCHRIFVHIKNSSVLPEGSHKIHFFFTLKPEVVQGKYGFHVLI
PGLKLAASTKKSIIGSLQHDATVQKILHEQGVTNPESCLDPHSASVPSLLYGSSKLNHKPYQLKTGFELVFDSSDPDYIP
IHQIKNLESYNLVSELSLTNEQGSLVRPVYCAADIAAEKEEEIPTEDHSLSILMLHDPEARYLHKILNLLPPEYYVEYPL
WSNVVFALANTSANYRPLAEWFSQKCPEKWNTGGKEKLEKLWNDASHHTEKKITKRSIMYWAHKHAPQQYKEIVEQGYFS
ILAEYVYSYNGMLEHYMIAKVIYAMMGNKFVVDVDSNGKYVWFEFVLPGQPMNQGEIWKWRKEVNPDELHIYISENFSRV
MDRITEHIKYHLSQPHESNILNYYKKLLKAFERSKSKIFNDSFKKGVIRQAEFLFRQRSFIQTLDTNPHLLGVGNGVLSI
ETIPAKLINHFHEHPIHQYTHICYVPFNPENPWTKLLLNALQDIIPELDARLWIMFYLSTAIFRGLKEALMLLWLGGGCN
GKTFLMRLVAMVLGDHYASKLNISLLTSCRETAEKPNSAFMRLKGRGYGYFEETNKSEVLNTSRLKEMVNPGDVTARELN
QKQESFQMTATMVAASNYNFIIDTTDHGTWRRLRHYRSKVKFCHNPDPSNPYEKKEDPRFIHEYIMDPDCQNAFFSILVY
FWEKLQKEYNGQIKKVFCPTIESETEAYRKSQDTLHRFITERVVESPSAETVYNLSEVVTAYAEWYNTNINVKRHIALEL
SQELENSVLEKYLQWSPNKTRILKGCRILHKFETLQPGESYIGVSTAGTLLNTPICEPKNKWWEWSPNPSAPPEKEASAP
TPLEDYKDDDDK
;
A,B,C,D,E,F
2 'polydeoxyribonucleotide'
;(DT)(DT)(DT)(DT)(DT)(DT)(DT)(DT)(DT)(DT)(DT)(DT)(DT)(DT)(DT)(DT)(DT)(DT)(DT)(DT)
(DT)(DT)(DT)(DT)(DT)
;
H
3 'polydeoxyribonucleotide' (DA)(DA)(DA)(DA) I
#
# COMPACT_ATOMS: atom_id res chain seq x y z
N SER A 289 42.44 52.25 -8.13
CA SER A 289 41.48 51.65 -9.05
C SER A 289 40.30 51.02 -8.29
N LEU A 290 39.91 51.67 -7.19
CA LEU A 290 38.79 51.16 -6.40
C LEU A 290 37.49 51.20 -7.19
N SER A 291 37.20 52.35 -7.83
CA SER A 291 35.94 52.51 -8.54
C SER A 291 35.74 51.44 -9.60
N ILE A 292 36.83 50.94 -10.18
CA ILE A 292 36.72 49.82 -11.12
C ILE A 292 36.14 48.61 -10.42
N LEU A 293 36.61 48.32 -9.20
CA LEU A 293 36.11 47.18 -8.46
C LEU A 293 34.71 47.39 -7.92
N MET A 294 34.30 48.64 -7.69
CA MET A 294 32.97 48.90 -7.15
C MET A 294 31.89 49.03 -8.21
N LEU A 295 32.24 49.44 -9.44
CA LEU A 295 31.22 49.69 -10.44
C LEU A 295 30.63 48.40 -11.01
N HIS A 296 31.43 47.33 -11.10
CA HIS A 296 30.97 46.14 -11.79
C HIS A 296 29.91 45.39 -10.99
N ASP A 297 29.84 45.61 -9.68
CA ASP A 297 28.87 44.88 -8.88
C ASP A 297 28.52 45.66 -7.62
N PRO A 298 27.25 45.72 -7.23
CA PRO A 298 26.87 46.61 -6.12
C PRO A 298 27.24 46.09 -4.74
N GLU A 299 27.29 44.76 -4.55
CA GLU A 299 27.62 44.23 -3.23
C GLU A 299 29.04 44.58 -2.80
N ALA A 300 29.92 44.90 -3.76
CA ALA A 300 31.27 45.31 -3.40
C ALA A 300 31.25 46.56 -2.53
N ARG A 301 30.56 47.61 -2.98
CA ARG A 301 30.50 48.79 -2.11
C ARG A 301 29.39 48.72 -1.07
N TYR A 302 28.43 47.79 -1.18
CA TYR A 302 27.67 47.41 0.00
C TYR A 302 28.59 46.99 1.14
N LEU A 303 29.41 45.97 0.91
CA LEU A 303 30.29 45.48 1.96
C LEU A 303 31.32 46.53 2.35
N HIS A 304 31.80 47.33 1.40
CA HIS A 304 32.75 48.39 1.75
C HIS A 304 32.12 49.41 2.69
N LYS A 305 30.91 49.85 2.38
CA LYS A 305 30.24 50.82 3.24
C LYS A 305 30.11 50.25 4.64
N ILE A 306 29.78 48.97 4.76
CA ILE A 306 29.69 48.34 6.06
C ILE A 306 31.08 48.09 6.65
N LEU A 307 32.08 47.90 5.79
CA LEU A 307 33.44 47.75 6.29
C LEU A 307 33.81 49.04 6.96
N ASN A 308 33.38 50.16 6.40
CA ASN A 308 33.63 51.44 7.03
C ASN A 308 32.95 51.43 8.39
N LEU A 309 31.74 50.88 8.44
CA LEU A 309 31.05 50.75 9.71
C LEU A 309 31.83 49.82 10.62
N LEU A 310 32.40 48.77 10.05
CA LEU A 310 33.19 47.83 10.84
C LEU A 310 34.31 48.56 11.55
N PRO A 311 34.64 48.14 12.78
CA PRO A 311 35.66 48.86 13.55
C PRO A 311 37.00 48.80 12.86
N PRO A 312 37.66 49.97 12.69
CA PRO A 312 39.00 49.96 12.12
C PRO A 312 39.93 49.23 13.07
N GLU A 313 39.57 49.22 14.35
CA GLU A 313 40.38 48.51 15.34
C GLU A 313 40.41 47.02 15.00
N TYR A 314 39.33 46.53 14.42
CA TYR A 314 39.30 45.13 14.02
C TYR A 314 40.45 44.87 13.07
N TYR A 315 40.60 45.74 12.08
CA TYR A 315 41.71 45.61 11.16
C TYR A 315 43.02 45.82 11.90
N VAL A 316 43.06 46.81 12.77
CA VAL A 316 44.29 47.12 13.48
C VAL A 316 44.78 45.91 14.26
N GLU A 317 43.88 45.30 15.02
CA GLU A 317 44.25 44.13 15.80
C GLU A 317 44.38 42.92 14.88
N TYR A 318 45.47 42.19 15.03
CA TYR A 318 45.67 41.00 14.19
C TYR A 318 44.53 40.00 14.33
N PRO A 319 44.10 39.71 15.57
CA PRO A 319 43.07 38.67 15.68
C PRO A 319 41.84 39.00 14.84
N LEU A 320 41.24 40.17 15.06
CA LEU A 320 40.06 40.55 14.30
C LEU A 320 40.41 40.74 12.84
N TRP A 321 41.59 41.29 12.57
CA TRP A 321 42.02 41.47 11.20
C TRP A 321 42.08 40.11 10.53
N SER A 322 42.73 39.15 11.18
CA SER A 322 42.82 37.81 10.63
C SER A 322 41.44 37.17 10.57
N ASN A 323 40.60 37.46 11.56
CA ASN A 323 39.27 36.91 11.59
C ASN A 323 38.50 37.33 10.35
N VAL A 324 38.46 38.63 10.09
CA VAL A 324 37.79 39.12 8.90
C VAL A 324 38.55 38.63 7.68
N VAL A 325 39.87 38.61 7.77
CA VAL A 325 40.69 38.13 6.67
C VAL A 325 40.25 36.73 6.27
N PHE A 326 40.20 35.83 7.25
CA PHE A 326 39.73 34.47 6.96
C PHE A 326 38.26 34.48 6.53
N ALA A 327 37.44 35.30 7.18
CA ALA A 327 36.02 35.36 6.83
C ALA A 327 35.83 35.85 5.40
N LEU A 328 36.56 36.88 5.01
CA LEU A 328 36.45 37.38 3.64
C LEU A 328 37.05 36.40 2.64
N ALA A 329 38.10 35.66 3.04
CA ALA A 329 38.67 34.66 2.16
C ALA A 329 37.69 33.51 1.92
N ASN A 330 36.93 33.14 2.94
CA ASN A 330 35.92 32.09 2.78
C ASN A 330 34.85 32.52 1.77
N THR A 331 34.46 33.79 1.80
CA THR A 331 33.44 34.32 0.90
C THR A 331 34.09 34.63 -0.45
N SER A 332 34.26 33.57 -1.25
CA SER A 332 34.86 33.63 -2.58
C SER A 332 36.33 34.03 -2.52
N ALA A 333 37.06 33.79 -3.62
CA ALA A 333 38.46 34.11 -3.70
C ALA A 333 38.78 35.22 -4.69
N ASN A 334 37.78 35.71 -5.43
CA ASN A 334 38.01 36.78 -6.40
C ASN A 334 38.23 38.13 -5.76
N TYR A 335 38.05 38.25 -4.44
CA TYR A 335 38.19 39.51 -3.73
C TYR A 335 39.59 39.72 -3.16
N ARG A 336 40.62 39.17 -3.82
CA ARG A 336 41.99 39.41 -3.37
C ARG A 336 42.39 40.88 -3.43
N PRO A 337 42.16 41.62 -4.52
CA PRO A 337 42.47 43.06 -4.47
C PRO A 337 41.67 43.81 -3.42
N LEU A 338 40.41 43.41 -3.21
CA LEU A 338 39.60 44.04 -2.18
C LEU A 338 40.20 43.81 -0.81
N ALA A 339 40.67 42.59 -0.53
CA ALA A 339 41.32 42.31 0.74
C ALA A 339 42.61 43.11 0.88
N GLU A 340 43.40 43.18 -0.19
CA GLU A 340 44.66 43.91 -0.12
C GLU A 340 44.43 45.39 0.16
N TRP A 341 43.43 45.99 -0.50
CA TRP A 341 43.13 47.40 -0.27
C TRP A 341 42.39 47.64 1.04
N PHE A 342 41.74 46.62 1.60
CA PHE A 342 41.24 46.72 2.96
C PHE A 342 42.37 46.66 3.97
N SER A 343 43.47 45.99 3.62
CA SER A 343 44.67 46.04 4.45
C SER A 343 45.31 47.42 4.46
N GLN A 344 44.87 48.33 3.59
CA GLN A 344 45.31 49.71 3.60
C GLN A 344 44.38 50.62 4.39
N LYS A 345 43.37 50.06 5.06
CA LYS A 345 42.49 50.84 5.92
C LYS A 345 43.18 51.05 7.26
N CYS A 346 43.57 52.29 7.53
CA CYS A 346 44.39 52.64 8.69
C CYS A 346 45.66 51.77 8.74
N PRO A 347 46.52 51.87 7.72
CA PRO A 347 47.67 50.95 7.64
C PRO A 347 48.89 51.44 8.41
N GLU A 348 48.68 52.40 9.32
CA GLU A 348 49.79 52.96 10.08
C GLU A 348 50.53 51.89 10.88
N LYS A 349 49.81 50.88 11.36
CA LYS A 349 50.43 49.76 12.06
C LYS A 349 50.64 48.54 11.17
N TRP A 350 50.31 48.64 9.88
CA TRP A 350 50.53 47.52 8.97
C TRP A 350 51.98 47.48 8.49
N ASN A 351 52.41 48.55 7.81
CA ASN A 351 53.80 48.62 7.36
C ASN A 351 54.76 48.65 8.55
N THR A 352 54.42 49.41 9.58
CA THR A 352 55.25 49.47 10.78
C THR A 352 55.27 48.13 11.50
N GLY A 353 54.11 47.48 11.61
CA GLY A 353 54.02 46.24 12.37
C GLY A 353 53.87 45.00 11.51
N GLY A 354 52.65 44.48 11.41
CA GLY A 354 52.40 43.24 10.70
C GLY A 354 52.44 43.38 9.19
N LYS A 355 53.62 43.62 8.64
CA LYS A 355 53.77 43.77 7.20
C LYS A 355 53.91 42.40 6.54
N GLU A 356 53.07 42.14 5.53
CA GLU A 356 53.09 40.97 4.68
C GLU A 356 52.67 39.69 5.40
N LYS A 357 52.43 39.74 6.72
CA LYS A 357 51.98 38.55 7.44
C LYS A 357 50.64 38.08 6.94
N LEU A 358 49.68 39.01 6.79
CA LEU A 358 48.36 38.65 6.30
C LEU A 358 48.37 38.34 4.81
N GLU A 359 49.33 38.89 4.06
CA GLU A 359 49.52 38.43 2.68
C GLU A 359 49.90 36.96 2.65
N LYS A 360 50.78 36.53 3.56
CA LYS A 360 51.11 35.12 3.67
C LYS A 360 49.90 34.30 4.13
N LEU A 361 49.09 34.88 5.01
CA LEU A 361 47.87 34.19 5.45
C LEU A 361 46.93 33.94 4.27
N TRP A 362 46.74 34.96 3.42
CA TRP A 362 45.93 34.76 2.23
C TRP A 362 46.57 33.74 1.29
N ASN A 363 47.91 33.78 1.18
CA ASN A 363 48.59 32.86 0.27
C ASN A 363 48.41 31.41 0.69
N ASP A 364 48.54 31.13 1.99
CA ASP A 364 48.46 29.75 2.46
C ASP A 364 47.06 29.34 2.91
N ALA A 365 46.07 30.25 2.84
CA ALA A 365 44.68 29.91 3.12
C ALA A 365 43.89 29.66 1.84
N SER A 366 44.54 29.19 0.79
CA SER A 366 43.82 28.88 -0.45
C SER A 366 42.81 27.76 -0.22
N HIS A 367 43.19 26.72 0.52
CA HIS A 367 42.28 25.65 0.91
C HIS A 367 42.36 25.50 2.42
N HIS A 368 41.40 26.07 3.13
CA HIS A 368 41.39 26.06 4.60
C HIS A 368 39.97 25.72 5.03
N THR A 369 39.79 24.49 5.52
CA THR A 369 38.49 23.98 5.95
C THR A 369 38.43 23.97 7.47
N GLU A 370 37.41 24.61 8.03
CA GLU A 370 37.26 24.75 9.47
C GLU A 370 35.78 25.05 9.76
N LYS A 371 35.49 25.53 10.96
CA LYS A 371 34.12 25.89 11.31
C LYS A 371 33.59 26.99 10.38
N LYS A 372 34.47 27.61 9.60
CA LYS A 372 34.08 28.44 8.47
C LYS A 372 33.23 29.63 8.90
N ILE A 373 33.84 30.60 9.57
CA ILE A 373 33.16 31.80 10.01
C ILE A 373 33.07 32.70 8.79
N THR A 374 31.86 32.87 8.27
CA THR A 374 31.65 33.59 7.03
C THR A 374 31.45 35.09 7.32
N LYS A 375 30.99 35.83 6.31
CA LYS A 375 30.84 37.27 6.43
C LYS A 375 29.76 37.70 7.42
N ARG A 376 28.90 36.78 7.85
CA ARG A 376 27.80 37.14 8.75
C ARG A 376 28.34 37.69 10.07
N SER A 377 29.54 37.27 10.46
CA SER A 377 30.13 37.77 11.69
C SER A 377 30.42 39.27 11.62
N ILE A 378 30.87 39.75 10.46
CA ILE A 378 31.15 41.17 10.30
C ILE A 378 29.87 41.99 10.48
N MET A 379 28.76 41.50 9.91
CA MET A 379 27.48 42.17 10.12
C MET A 379 27.06 42.14 11.59
N TYR A 380 27.34 41.04 12.29
CA TYR A 380 27.04 40.98 13.72
C TYR A 380 27.84 42.00 14.50
N TRP A 381 29.13 42.14 14.18
CA TRP A 381 29.96 43.12 14.85
C TRP A 381 29.52 44.55 14.54
N ALA A 382 29.08 44.79 13.30
CA ALA A 382 28.53 46.10 12.96
C ALA A 382 27.26 46.37 13.74
N HIS A 383 26.41 45.36 13.90
CA HIS A 383 25.20 45.52 14.72
C HIS A 383 25.57 45.83 16.17
N LYS A 384 26.62 45.18 16.68
CA LYS A 384 26.98 45.33 18.08
C LYS A 384 27.61 46.69 18.35
N HIS A 385 28.76 46.97 17.74
CA HIS A 385 29.53 48.16 18.11
C HIS A 385 28.91 49.44 17.55
N ALA A 386 28.45 49.41 16.30
CA ALA A 386 28.04 50.65 15.64
C ALA A 386 26.69 51.12 16.17
N PRO A 387 26.54 52.41 16.47
CA PRO A 387 25.26 52.98 16.93
C PRO A 387 24.27 53.23 15.80
N GLN A 388 23.58 52.16 15.41
CA GLN A 388 22.43 52.16 14.49
C GLN A 388 22.73 52.81 13.14
N GLN A 389 24.00 53.10 12.85
CA GLN A 389 24.36 53.57 11.52
C GLN A 389 24.27 52.45 10.50
N TYR A 390 24.56 51.21 10.92
CA TYR A 390 24.33 50.07 10.06
C TYR A 390 22.87 49.97 9.65
N LYS A 391 21.96 50.37 10.53
CA LYS A 391 20.53 50.33 10.20
C LYS A 391 20.21 51.26 9.04
N GLU A 392 20.65 52.53 9.13
CA GLU A 392 20.39 53.47 8.06
C GLU A 392 21.20 53.16 6.80
N ILE A 393 22.27 52.37 6.92
CA ILE A 393 22.98 51.92 5.73
C ILE A 393 22.19 50.83 5.00
N VAL A 394 21.83 49.77 5.72
CA VAL A 394 21.15 48.65 5.09
C VAL A 394 19.75 49.03 4.63
N GLU A 395 19.04 49.88 5.39
CA GLU A 395 17.72 50.32 4.98
C GLU A 395 17.79 51.06 3.65
N GLN A 396 18.75 51.99 3.54
CA GLN A 396 18.93 52.69 2.27
C GLN A 396 19.30 51.72 1.16
N GLY A 397 20.13 50.73 1.46
CA GLY A 397 20.49 49.74 0.47
C GLY A 397 19.33 48.97 -0.13
N TYR A 398 18.55 48.29 0.71
CA TYR A 398 17.44 47.52 0.13
C TYR A 398 16.31 48.42 -0.35
N PHE A 399 16.17 49.62 0.23
CA PHE A 399 15.24 50.60 -0.33
C PHE A 399 15.61 50.95 -1.76
N SER A 400 16.91 51.19 -2.00
CA SER A 400 17.36 51.48 -3.36
C SER A 400 17.13 50.29 -4.28
N ILE A 401 17.39 49.08 -3.79
CA ILE A 401 17.19 47.89 -4.62
C ILE A 401 15.74 47.78 -5.07
N LEU A 402 14.82 47.87 -4.10
CA LEU A 402 13.41 47.82 -4.45
C LEU A 402 13.02 49.01 -5.32
N ALA A 403 13.71 50.14 -5.17
CA ALA A 403 13.42 51.30 -6.00
C ALA A 403 13.75 51.04 -7.46
N GLU A 404 14.92 50.46 -7.74
CA GLU A 404 15.21 50.20 -9.16
C GLU A 404 14.32 49.09 -9.70
N TYR A 405 13.95 48.11 -8.86
CA TYR A 405 13.01 47.10 -9.34
C TYR A 405 11.65 47.72 -9.69
N VAL A 406 11.18 48.66 -8.88
CA VAL A 406 9.92 49.32 -9.19
C VAL A 406 10.03 50.17 -10.44
N TYR A 407 11.12 50.94 -10.56
CA TYR A 407 11.27 51.84 -11.70
C TYR A 407 11.40 51.07 -13.01
N SER A 408 12.15 49.97 -13.00
CA SER A 408 12.45 49.27 -14.24
C SER A 408 11.22 48.64 -14.87
N TYR A 409 10.23 48.24 -14.06
CA TYR A 409 9.07 47.52 -14.55
C TYR A 409 7.77 48.26 -14.30
N ASN A 410 7.83 49.59 -14.15
CA ASN A 410 6.63 50.42 -14.00
C ASN A 410 5.78 49.96 -12.82
N GLY A 411 6.42 49.66 -11.71
CA GLY A 411 5.71 49.27 -10.50
C GLY A 411 4.97 47.96 -10.60
N MET A 412 5.54 46.98 -11.29
CA MET A 412 4.95 45.64 -11.40
C MET A 412 5.68 44.72 -10.42
N LEU A 413 5.23 44.74 -9.17
CA LEU A 413 5.84 43.89 -8.16
C LEU A 413 5.56 42.42 -8.47
N GLU A 414 6.48 41.56 -8.04
CA GLU A 414 6.38 40.14 -8.36
C GLU A 414 7.07 39.34 -7.26
N HIS A 415 6.78 38.04 -7.23
CA HIS A 415 7.34 37.14 -6.23
C HIS A 415 8.87 37.25 -6.16
N TYR A 416 9.54 37.19 -7.30
CA TYR A 416 10.99 37.00 -7.29
C TYR A 416 11.71 38.21 -6.73
N MET A 417 11.32 39.42 -7.15
CA MET A 417 11.99 40.62 -6.65
C MET A 417 11.77 40.78 -5.15
N ILE A 418 10.55 40.52 -4.68
CA ILE A 418 10.27 40.59 -3.26
C ILE A 418 11.09 39.56 -2.50
N ALA A 419 11.22 38.36 -3.05
CA ALA A 419 12.02 37.32 -2.42
C ALA A 419 13.49 37.73 -2.34
N LYS A 420 14.01 38.35 -3.40
CA LYS A 420 15.39 38.81 -3.37
C LYS A 420 15.58 39.89 -2.32
N VAL A 421 14.63 40.82 -2.20
CA VAL A 421 14.73 41.85 -1.18
C VAL A 421 14.71 41.22 0.21
N ILE A 422 13.82 40.24 0.42
CA ILE A 422 13.72 39.59 1.73
C ILE A 422 15.04 38.88 2.06
N TYR A 423 15.60 38.17 1.09
CA TYR A 423 16.87 37.48 1.33
C TYR A 423 17.99 38.46 1.62
N ALA A 424 18.06 39.56 0.87
CA ALA A 424 19.10 40.55 1.13
C ALA A 424 18.89 41.24 2.47
N MET A 425 17.68 41.21 3.01
CA MET A 425 17.40 41.88 4.27
C MET A 425 17.62 40.98 5.49
N MET A 426 17.32 39.69 5.39
CA MET A 426 17.62 38.77 6.50
C MET A 426 18.23 37.47 5.98
N GLY A 427 19.26 37.58 5.14
CA GLY A 427 19.97 36.39 4.73
C GLY A 427 20.78 35.73 5.83
N ASN A 428 20.98 36.41 6.95
CA ASN A 428 21.84 35.90 8.01
C ASN A 428 21.09 35.07 9.04
N LYS A 429 19.78 34.90 8.89
CA LYS A 429 18.97 34.22 9.89
C LYS A 429 18.40 32.88 9.43
N PHE A 430 18.44 32.58 8.14
CA PHE A 430 17.73 31.40 7.64
C PHE A 430 18.59 30.64 6.65
N VAL A 431 18.43 29.32 6.66
CA VAL A 431 19.03 28.44 5.67
C VAL A 431 17.98 27.43 5.21
N VAL A 432 18.19 26.90 4.02
CA VAL A 432 17.29 25.92 3.42
C VAL A 432 18.12 24.80 2.82
N ASP A 433 17.72 23.55 3.08
CA ASP A 433 18.40 22.39 2.54
C ASP A 433 17.39 21.28 2.33
N VAL A 434 17.76 20.32 1.47
CA VAL A 434 16.89 19.19 1.13
C VAL A 434 17.31 18.00 1.96
N ASP A 435 16.33 17.29 2.51
CA ASP A 435 16.59 16.12 3.33
C ASP A 435 16.86 14.92 2.42
N SER A 436 16.91 13.73 3.02
CA SER A 436 17.13 12.52 2.24
C SER A 436 15.94 12.18 1.36
N ASN A 437 14.75 12.70 1.67
CA ASN A 437 13.55 12.43 0.89
C ASN A 437 13.33 13.44 -0.23
N GLY A 438 14.26 14.38 -0.42
CA GLY A 438 14.09 15.37 -1.46
C GLY A 438 13.06 16.43 -1.15
N LYS A 439 12.90 16.79 0.12
CA LYS A 439 11.97 17.82 0.54
C LYS A 439 12.74 18.97 1.16
N TYR A 440 12.43 20.19 0.74
CA TYR A 440 13.11 21.36 1.27
C TYR A 440 12.69 21.59 2.72
N VAL A 441 13.68 21.86 3.57
CA VAL A 441 13.46 22.04 5.00
C VAL A 441 13.98 23.41 5.41
N TRP A 442 13.19 24.13 6.19
CA TRP A 442 13.55 25.47 6.66
C TRP A 442 14.11 25.40 8.07
N PHE A 443 15.18 26.14 8.31
CA PHE A 443 15.81 26.24 9.62
C PHE A 443 15.88 27.70 10.03
N GLU A 444 15.59 27.96 11.30
CA GLU A 444 15.55 29.32 11.83
C GLU A 444 16.51 29.44 13.02
N PHE A 445 17.25 30.55 13.06
CA PHE A 445 18.13 30.84 14.18
C PHE A 445 17.34 31.58 15.26
N VAL A 446 17.43 31.09 16.48
CA VAL A 446 16.65 31.63 17.59
C VAL A 446 17.46 32.70 18.30
N LEU A 447 16.80 33.79 18.68
CA LEU A 447 17.39 34.90 19.39
C LEU A 447 16.58 35.23 20.62
N PRO A 448 17.19 35.80 21.65
CA PRO A 448 16.44 36.13 22.87
C PRO A 448 15.36 37.17 22.58
N GLY A 449 14.26 37.06 23.32
CA GLY A 449 13.19 38.02 23.22
C GLY A 449 12.06 37.66 22.29
N GLN A 450 11.99 36.42 21.82
CA GLN A 450 10.92 35.99 20.93
C GLN A 450 10.30 34.70 21.46
N PRO A 451 9.04 34.43 21.11
CA PRO A 451 8.41 33.17 21.53
C PRO A 451 9.22 31.98 21.04
N MET A 452 9.65 31.14 22.00
CA MET A 452 10.56 30.05 21.70
C MET A 452 10.44 28.99 22.79
N ASN A 453 10.60 27.74 22.37
CA ASN A 453 10.51 26.62 23.31
C ASN A 453 11.67 26.66 24.30
N GLN A 454 11.42 26.12 25.49
CA GLN A 454 12.39 26.22 26.57
C GLN A 454 13.66 25.46 26.22
N GLY A 455 14.79 26.16 26.16
CA GLY A 455 16.08 25.55 26.02
C GLY A 455 16.70 25.53 24.64
N GLU A 456 16.07 26.14 23.65
CA GLU A 456 16.58 26.13 22.28
C GLU A 456 17.05 27.51 21.84
N ILE A 457 17.72 28.22 22.74
CA ILE A 457 18.22 29.56 22.44
C ILE A 457 19.60 29.44 21.79
N TRP A 458 19.93 30.42 20.94
CA TRP A 458 21.25 30.52 20.31
C TRP A 458 21.59 29.29 19.49
N LYS A 459 20.59 28.62 18.91
CA LYS A 459 20.85 27.46 18.09
C LYS A 459 19.72 27.28 17.10
N TRP A 460 20.02 26.65 15.97
CA TRP A 460 19.04 26.46 14.91
C TRP A 460 17.96 25.48 15.36
N ARG A 461 16.76 25.68 14.83
CA ARG A 461 15.63 24.79 15.07
C ARG A 461 14.95 24.47 13.74
N LYS A 462 14.49 23.23 13.61
CA LYS A 462 13.79 22.81 12.40
C LYS A 462 12.38 23.36 12.41
N GLU A 463 11.94 23.86 11.26
CA GLU A 463 10.65 24.54 11.16
C GLU A 463 9.97 24.10 9.87
N VAL A 464 8.78 23.51 10.00
CA VAL A 464 8.08 22.98 8.83
C VAL A 464 7.65 24.11 7.90
N ASN A 465 7.09 25.19 8.46
CA ASN A 465 6.65 26.33 7.68
C ASN A 465 7.12 27.60 8.36
N PRO A 466 7.78 28.50 7.63
CA PRO A 466 8.19 29.78 8.25
C PRO A 466 7.03 30.72 8.47
N ASP A 467 6.23 30.45 9.51
CA ASP A 467 5.07 31.28 9.80
C ASP A 467 5.48 32.70 10.15
N GLU A 468 6.49 32.84 11.00
CA GLU A 468 7.04 34.14 11.33
C GLU A 468 7.57 34.87 10.10
N LEU A 469 8.06 34.14 9.10
CA LEU A 469 8.50 34.78 7.86
C LEU A 469 7.32 35.38 7.10
N HIS A 470 6.19 34.67 7.07
CA HIS A 470 4.96 35.24 6.52
C HIS A 470 4.56 36.48 7.29
N ILE A 471 4.65 36.43 8.62
CA ILE A 471 4.31 37.59 9.44
C ILE A 471 5.21 38.77 9.08
N TYR A 472 6.51 38.53 8.94
CA TYR A 472 7.43 39.60 8.60
C TYR A 472 7.10 40.20 7.24
N ILE A 473 6.98 39.34 6.22
CA ILE A 473 6.76 39.85 4.87
C ILE A 473 5.41 40.55 4.75
N SER A 474 4.47 40.25 5.63
CA SER A 474 3.19 40.95 5.59
C SER A 474 3.16 42.20 6.47
N GLU A 475 4.06 42.33 7.45
CA GLU A 475 4.01 43.44 8.39
C GLU A 475 5.14 44.43 8.19
N ASN A 476 6.40 43.99 8.25
CA ASN A 476 7.52 44.91 8.21
C ASN A 476 7.87 45.34 6.79
N PHE A 477 7.40 44.62 5.77
CA PHE A 477 7.58 45.08 4.40
C PHE A 477 6.72 46.30 4.10
N SER A 478 5.62 46.48 4.83
CA SER A 478 4.75 47.63 4.62
C SER A 478 5.47 48.95 4.84
N ARG A 479 6.44 48.98 5.75
CA ARG A 479 7.20 50.21 5.97
C ARG A 479 8.01 50.58 4.74
N VAL A 480 8.69 49.61 4.12
CA VAL A 480 9.44 49.89 2.90
C VAL A 480 8.50 50.30 1.78
N MET A 481 7.34 49.63 1.68
CA MET A 481 6.37 49.98 0.64
C MET A 481 5.88 51.41 0.82
N ASP A 482 5.60 51.80 2.07
CA ASP A 482 5.16 53.16 2.35
C ASP A 482 6.26 54.17 2.05
N ARG A 483 7.52 53.81 2.34
CA ARG A 483 8.63 54.69 1.99
C ARG A 483 8.69 54.92 0.49
N ILE A 484 8.52 53.85 -0.30
CA ILE A 484 8.52 53.99 -1.76
C ILE A 484 7.37 54.88 -2.20
N THR A 485 6.18 54.68 -1.63
CA THR A 485 5.04 55.51 -2.00
C THR A 485 5.28 56.98 -1.67
N GLU A 486 5.88 57.25 -0.50
CA GLU A 486 6.18 58.62 -0.12
C GLU A 486 7.19 59.24 -1.07
N HIS A 487 8.21 58.48 -1.46
CA HIS A 487 9.18 58.98 -2.44
C HIS A 487 8.51 59.31 -3.76
N ILE A 488 7.61 58.43 -4.21
CA ILE A 488 6.92 58.64 -5.48
C ILE A 488 6.08 59.92 -5.42
N LYS A 489 5.31 60.09 -4.34
CA LYS A 489 4.46 61.27 -4.23
C LYS A 489 5.28 62.54 -4.05
N TYR A 490 6.43 62.45 -3.38
CA TYR A 490 7.30 63.61 -3.25
C TYR A 490 7.84 64.05 -4.61
N HIS A 491 8.29 63.10 -5.42
CA HIS A 491 8.73 63.47 -6.76
C HIS A 491 7.56 63.93 -7.63
N LEU A 492 6.35 63.45 -7.35
CA LEU A 492 5.18 63.94 -8.07
C LEU A 492 4.86 65.38 -7.70
N SER A 493 5.16 65.78 -6.45
CA SER A 493 4.87 67.15 -6.02
C SER A 493 5.65 68.18 -6.83
N GLN A 494 6.92 67.90 -7.12
CA GLN A 494 7.76 68.85 -7.83
C GLN A 494 7.24 69.05 -9.26
N PRO A 495 7.35 70.28 -9.79
CA PRO A 495 6.85 70.55 -11.13
C PRO A 495 7.84 70.13 -12.21
N HIS A 496 7.29 69.59 -13.30
CA HIS A 496 8.09 69.16 -14.44
C HIS A 496 7.24 69.35 -15.69
N GLU A 497 7.68 68.72 -16.79
CA GLU A 497 6.94 68.77 -18.04
C GLU A 497 5.79 67.76 -18.01
N SER A 498 5.21 67.46 -19.17
CA SER A 498 4.04 66.60 -19.26
C SER A 498 4.28 65.18 -18.77
N ASN A 499 5.51 64.87 -18.34
CA ASN A 499 5.78 63.55 -17.78
C ASN A 499 4.99 63.32 -16.50
N ILE A 500 4.89 64.35 -15.65
CA ILE A 500 4.11 64.21 -14.43
C ILE A 500 2.63 64.02 -14.72
N LEU A 501 2.17 64.45 -15.90
CA LEU A 501 0.77 64.28 -16.26
C LEU A 501 0.40 62.80 -16.41
N ASN A 502 1.27 62.02 -17.05
CA ASN A 502 0.94 60.64 -17.40
C ASN A 502 1.82 59.62 -16.72
N TYR A 503 3.14 59.74 -16.83
CA TYR A 503 4.03 58.66 -16.39
C TYR A 503 3.96 58.47 -14.89
N TYR A 504 4.13 59.54 -14.12
CA TYR A 504 4.07 59.41 -12.66
C TYR A 504 2.70 58.99 -12.18
N LYS A 505 1.64 59.51 -12.80
CA LYS A 505 0.29 59.13 -12.39
C LYS A 505 0.05 57.65 -12.63
N LYS A 506 0.44 57.14 -13.80
CA LYS A 506 0.26 55.73 -14.09
C LYS A 506 1.13 54.86 -13.19
N LEU A 507 2.36 55.30 -12.91
CA LEU A 507 3.22 54.55 -12.02
C LEU A 507 2.63 54.47 -10.62
N LEU A 508 2.10 55.58 -10.11
CA LEU A 508 1.49 55.58 -8.80
C LEU A 508 0.24 54.69 -8.76
N LYS A 509 -0.58 54.73 -9.82
CA LYS A 509 -1.76 53.88 -9.88
C LYS A 509 -1.36 52.41 -9.88
N ALA A 510 -0.36 52.03 -10.68
CA ALA A 510 0.09 50.65 -10.70
C ALA A 510 0.65 50.23 -9.35
N PHE A 511 1.42 51.11 -8.71
CA PHE A 511 2.01 50.76 -7.42
C PHE A 511 0.94 50.58 -6.35
N GLU A 512 -0.06 51.46 -6.32
CA GLU A 512 -1.12 51.29 -5.32
C GLU A 512 -1.99 50.09 -5.63
N ARG A 513 -2.13 49.72 -6.91
CA ARG A 513 -2.83 48.49 -7.26
C ARG A 513 -2.07 47.26 -6.76
N SER A 514 -0.74 47.27 -6.90
CA SER A 514 0.07 46.13 -6.50
C SER A 514 0.42 46.13 -5.03
N LYS A 515 0.15 47.21 -4.30
CA LYS A 515 0.48 47.28 -2.88
C LYS A 515 -0.23 46.19 -2.08
N SER A 516 -1.52 45.99 -2.37
CA SER A 516 -2.32 45.05 -1.58
C SER A 516 -1.96 43.60 -1.85
N LYS A 517 -1.17 43.30 -2.89
CA LYS A 517 -0.87 41.92 -3.23
C LYS A 517 -0.02 41.22 -2.18
N ILE A 518 0.69 41.97 -1.35
CA ILE A 518 1.54 41.34 -0.34
C ILE A 518 0.72 40.66 0.75
N PHE A 519 -0.54 41.06 0.93
CA PHE A 519 -1.41 40.45 1.92
C PHE A 519 -2.13 39.21 1.41
N ASN A 520 -2.03 38.91 0.11
CA ASN A 520 -2.66 37.73 -0.43
C ASN A 520 -1.96 36.47 0.06
N ASP A 521 -2.70 35.36 0.12
CA ASP A 521 -2.13 34.11 0.60
C ASP A 521 -1.36 33.39 -0.50
N SER A 522 -1.96 33.25 -1.68
CA SER A 522 -1.28 32.58 -2.78
C SER A 522 -0.03 33.34 -3.21
N PHE A 523 -0.10 34.67 -3.21
CA PHE A 523 1.07 35.46 -3.54
C PHE A 523 2.21 35.22 -2.55
N LYS A 524 1.87 35.17 -1.25
CA LYS A 524 2.90 34.91 -0.24
C LYS A 524 3.48 33.51 -0.38
N LYS A 525 2.64 32.53 -0.69
CA LYS A 525 3.15 31.18 -0.91
C LYS A 525 4.09 31.14 -2.10
N GLY A 526 3.74 31.82 -3.19
CA GLY A 526 4.64 31.88 -4.33
C GLY A 526 5.95 32.58 -4.00
N VAL A 527 5.88 33.64 -3.19
CA VAL A 527 7.10 34.34 -2.78
C VAL A 527 7.99 33.41 -1.97
N ILE A 528 7.41 32.64 -1.06
CA ILE A 528 8.19 31.71 -0.25
C ILE A 528 8.82 30.64 -1.14
N ARG A 529 8.06 30.11 -2.09
CA ARG A 529 8.61 29.09 -2.99
C ARG A 529 9.76 29.66 -3.81
N GLN A 530 9.64 30.89 -4.29
CA GLN A 530 10.73 31.51 -5.03
C GLN A 530 11.95 31.74 -4.14
N ALA A 531 11.71 32.18 -2.90
CA ALA A 531 12.81 32.46 -1.98
C ALA A 531 13.49 31.20 -1.49
N GLU A 532 12.84 30.04 -1.62
CA GLU A 532 13.49 28.78 -1.25
C GLU A 532 14.80 28.59 -1.98
N PHE A 533 14.91 29.08 -3.22
CA PHE A 533 16.15 28.94 -3.98
C PHE A 533 17.23 29.90 -3.49
N LEU A 534 16.84 31.09 -3.02
CA LEU A 534 17.82 32.08 -2.60
C LEU A 534 18.46 31.72 -1.26
N PHE A 535 17.67 31.18 -0.33
CA PHE A 535 18.19 30.78 0.96
C PHE A 535 18.88 29.43 0.94
N ARG A 536 18.96 28.80 -0.23
CA ARG A 536 19.62 27.50 -0.35
C ARG A 536 21.06 27.58 0.09
N GLN A 537 21.48 26.63 0.91
CA GLN A 537 22.86 26.55 1.38
C GLN A 537 23.30 25.10 1.27
N ARG A 538 24.17 24.81 0.30
CA ARG A 538 24.63 23.45 0.10
C ARG A 538 25.49 22.99 1.27
N SER A 539 25.43 21.67 1.53
CA SER A 539 26.21 21.04 2.59
C SER A 539 25.90 21.66 3.96
N PHE A 540 24.64 21.52 4.36
CA PHE A 540 24.21 21.97 5.68
C PHE A 540 23.61 20.86 6.53
N ILE A 541 22.79 20.00 5.94
CA ILE A 541 22.15 18.94 6.72
C ILE A 541 23.18 17.90 7.15
N GLN A 542 24.05 17.48 6.22
CA GLN A 542 25.03 16.46 6.53
C GLN A 542 26.17 16.98 7.40
N THR A 543 26.34 18.29 7.51
CA THR A 543 27.33 18.87 8.41
C THR A 543 26.73 19.29 9.74
N LEU A 544 25.45 19.00 9.97
CA LEU A 544 24.78 19.40 11.19
C LEU A 544 25.20 18.48 12.34
N ASP A 545 25.62 19.09 13.45
CA ASP A 545 25.98 18.37 14.66
C ASP A 545 27.10 17.35 14.42
N THR A 546 27.99 17.64 13.48
CA THR A 546 29.10 16.74 13.20
C THR A 546 30.28 16.97 14.13
N ASN A 547 30.44 18.18 14.63
CA ASN A 547 31.54 18.48 15.54
C ASN A 547 31.27 17.84 16.90
N PRO A 548 32.11 16.93 17.38
CA PRO A 548 31.87 16.30 18.68
C PRO A 548 32.32 17.14 19.87
N HIS A 549 32.91 18.31 19.63
CA HIS A 549 33.39 19.17 20.70
C HIS A 549 32.42 20.30 21.03
N LEU A 550 31.22 20.27 20.45
CA LEU A 550 30.20 21.29 20.70
C LEU A 550 28.98 20.61 21.29
N LEU A 551 28.51 21.12 22.43
CA LEU A 551 27.36 20.59 23.13
C LEU A 551 26.30 21.67 23.26
N GLY A 552 25.07 21.34 22.89
CA GLY A 552 23.96 22.28 23.04
C GLY A 552 23.32 22.20 24.40
N VAL A 553 23.26 23.33 25.10
CA VAL A 553 22.75 23.36 26.47
C VAL A 553 21.56 24.31 26.55
N GLY A 554 21.00 24.45 27.75
CA GLY A 554 19.82 25.27 27.92
C GLY A 554 20.05 26.75 27.66
N ASN A 555 21.23 27.26 27.97
CA ASN A 555 21.50 28.68 27.82
C ASN A 555 22.61 28.94 26.82
N GLY A 556 22.57 28.26 25.68
CA GLY A 556 23.57 28.45 24.64
C GLY A 556 24.18 27.15 24.18
N VAL A 557 25.44 27.19 23.78
CA VAL A 557 26.17 25.98 23.39
C VAL A 557 27.47 25.94 24.17
N LEU A 558 27.99 24.73 24.38
CA LEU A 558 29.20 24.51 25.14
C LEU A 558 30.31 24.04 24.21
N SER A 559 31.48 24.64 24.34
CA SER A 559 32.65 24.30 23.55
C SER A 559 33.71 23.69 24.46
N ILE A 560 34.17 22.49 24.12
CA ILE A 560 35.17 21.80 24.90
C ILE A 560 36.44 21.53 24.10
N GLU A 561 36.67 22.32 23.05
CA GLU A 561 37.91 22.18 22.28
C GLU A 561 39.12 22.51 23.12
N THR A 562 39.04 23.56 23.92
CA THR A 562 40.14 24.02 24.75
C THR A 562 39.76 23.92 26.23
N ILE A 563 40.72 24.22 27.09
CA ILE A 563 40.55 24.17 28.53
C ILE A 563 40.84 25.56 29.08
N PRO A 564 39.94 26.17 29.86
CA PRO A 564 38.66 25.59 30.29
C PRO A 564 37.58 25.65 29.20
N ALA A 565 36.51 24.89 29.38
CA ALA A 565 35.41 24.91 28.43
C ALA A 565 34.75 26.28 28.40
N LYS A 566 34.34 26.71 27.22
CA LYS A 566 33.75 28.03 27.02
C LYS A 566 32.29 27.89 26.63
N LEU A 567 31.44 28.70 27.25
CA LEU A 567 30.02 28.74 26.95
C LEU A 567 29.74 29.91 26.01
N ILE A 568 29.09 29.64 24.89
CA ILE A 568 28.80 30.64 23.88
C ILE A 568 27.35 31.08 24.05
N ASN A 569 27.15 32.35 24.38
CA ASN A 569 25.82 32.92 24.56
C ASN A 569 25.61 34.14 23.67
N HIS A 570 26.30 34.18 22.52
CA HIS A 570 26.16 35.26 21.56
C HIS A 570 26.08 34.65 20.17
N PHE A 571 26.00 35.52 19.17
CA PHE A 571 25.90 35.05 17.79
C PHE A 571 27.17 34.33 17.36
N HIS A 572 26.99 33.30 16.54
CA HIS A 572 28.10 32.49 16.05
C HIS A 572 27.68 31.88 14.71
N GLU A 573 28.48 30.92 14.24
CA GLU A 573 28.19 30.25 12.97
C GLU A 573 28.26 28.73 13.10
N HIS A 574 28.34 28.20 14.30
CA HIS A 574 28.41 26.75 14.46
C HIS A 574 27.08 26.12 14.08
N PRO A 575 27.08 25.14 13.17
CA PRO A 575 25.83 24.45 12.81
C PRO A 575 25.40 23.44 13.87
N ILE A 576 24.74 23.94 14.91
CA ILE A 576 24.28 23.12 16.03
C ILE A 576 22.77 23.21 16.12
N HIS A 577 22.12 22.05 16.18
CA HIS A 577 20.67 21.96 16.27
C HIS A 577 20.21 21.08 17.41
N GLN A 578 20.92 19.99 17.69
CA GLN A 578 20.57 19.06 18.75
C GLN A 578 21.11 19.59 20.08
N TYR A 579 20.33 19.39 21.15
CA TYR A 579 20.64 20.04 22.42
C TYR A 579 20.01 19.26 23.56
N THR A 580 20.34 19.71 24.78
CA THR A 580 19.73 19.23 26.01
C THR A 580 19.27 20.43 26.82
N HIS A 581 18.32 20.18 27.73
CA HIS A 581 17.65 21.24 28.47
C HIS A 581 18.27 21.49 29.83
N ILE A 582 19.58 21.28 29.97
CA ILE A 582 20.28 21.48 31.23
C ILE A 582 21.16 22.71 31.11
N CYS A 583 20.91 23.70 31.95
CA CYS A 583 21.75 24.88 31.99
C CYS A 583 23.11 24.54 32.57
N TYR A 584 24.14 25.23 32.09
CA TYR A 584 25.52 24.97 32.50
C TYR A 584 26.05 26.12 33.34
N VAL A 585 26.69 25.78 34.46
CA VAL A 585 27.33 26.77 35.32
C VAL A 585 28.72 26.26 35.65
N PRO A 586 29.69 27.13 35.95
CA PRO A 586 31.02 26.65 36.30
C PRO A 586 31.00 25.81 37.57
N PHE A 587 31.89 24.83 37.62
CA PHE A 587 31.95 23.89 38.74
C PHE A 587 32.40 24.62 40.00
N ASN A 588 31.47 24.85 40.92
CA ASN A 588 31.76 25.51 42.19
C ASN A 588 31.49 24.54 43.32
N PRO A 589 32.50 24.11 44.07
CA PRO A 589 32.26 23.15 45.17
C PRO A 589 31.52 23.74 46.35
N GLU A 590 31.33 25.07 46.40
CA GLU A 590 30.66 25.70 47.53
C GLU A 590 29.14 25.61 47.45
N ASN A 591 28.59 25.23 46.31
CA ASN A 591 27.14 25.09 46.21
C ASN A 591 26.66 23.93 47.08
N PRO A 592 25.55 24.12 47.81
CA PRO A 592 25.06 23.02 48.66
C PRO A 592 24.75 21.74 47.88
N TRP A 593 24.19 21.88 46.68
CA TRP A 593 23.87 20.70 45.88
C TRP A 593 25.13 19.97 45.46
N THR A 594 26.17 20.71 45.07
CA THR A 594 27.43 20.06 44.69
C THR A 594 28.04 19.32 45.86
N LYS A 595 28.02 19.92 47.04
CA LYS A 595 28.56 19.24 48.23
C LYS A 595 27.76 17.99 48.55
N LEU A 596 26.42 18.07 48.47
CA LEU A 596 25.60 16.90 48.75
C LEU A 596 25.87 15.80 47.75
N LEU A 597 25.98 16.14 46.45
CA LEU A 597 26.26 15.15 45.43
C LEU A 597 27.62 14.49 45.65
N LEU A 598 28.64 15.30 45.98
CA LEU A 598 29.97 14.75 46.22
C LEU A 598 29.96 13.81 47.42
N ASN A 599 29.29 14.20 48.51
CA ASN A 599 29.23 13.35 49.69
C ASN A 599 28.50 12.05 49.39
N ALA A 600 27.38 12.13 48.67
CA ALA A 600 26.63 10.93 48.35
C ALA A 600 27.43 10.00 47.45
N LEU A 601 28.13 10.56 46.46
CA LEU A 601 28.91 9.73 45.55
C LEU A 601 30.09 9.09 46.28
N GLN A 602 30.69 9.81 47.23
CA GLN A 602 31.73 9.21 48.05
C GLN A 602 31.17 8.08 48.91
N ASP A 603 29.96 8.26 49.44
CA ASP A 603 29.34 7.23 50.25
C ASP A 603 29.01 6.00 49.42
N ILE A 604 28.67 6.20 48.14
CA ILE A 604 28.28 5.07 47.29
C ILE A 604 29.43 4.08 47.14
N ILE A 605 30.64 4.58 46.85
CA ILE A 605 31.82 3.75 46.72
C ILE A 605 32.97 4.38 47.49
N PRO A 606 33.57 3.68 48.45
CA PRO A 606 34.57 4.31 49.33
C PRO A 606 35.95 4.41 48.69
N GLU A 607 36.32 3.43 47.87
CA GLU A 607 37.69 3.37 47.36
C GLU A 607 38.02 4.59 46.52
N LEU A 608 39.13 5.25 46.87
CA LEU A 608 39.49 6.49 46.19
C LEU A 608 39.87 6.27 44.73
N ASP A 609 40.76 5.30 44.48
CA ASP A 609 41.19 5.05 43.11
C ASP A 609 40.04 4.54 42.26
N ALA A 610 39.21 3.65 42.80
CA ALA A 610 38.04 3.19 42.06
C ALA A 610 37.08 4.34 41.78
N ARG A 611 36.88 5.23 42.75
CA ARG A 611 36.01 6.38 42.56
C ARG A 611 36.52 7.26 41.43
N LEU A 612 37.83 7.54 41.43
CA LEU A 612 38.40 8.36 40.36
C LEU A 612 38.27 7.68 39.01
N TRP A 613 38.50 6.37 38.96
CA TRP A 613 38.38 5.64 37.70
C TRP A 613 36.96 5.69 37.16
N ILE A 614 35.99 5.46 38.03
CA ILE A 614 34.59 5.47 37.61
C ILE A 614 34.19 6.86 37.14
N MET A 615 34.60 7.90 37.87
CA MET A 615 34.28 9.27 37.45
C MET A 615 34.92 9.60 36.11
N PHE A 616 36.18 9.18 35.91
CA PHE A 616 36.83 9.41 34.63
C PHE A 616 36.09 8.71 33.49
N TYR A 617 35.68 7.45 33.72
CA TYR A 617 34.98 6.72 32.68
C TYR A 617 33.64 7.36 32.36
N LEU A 618 32.93 7.83 33.39
CA LEU A 618 31.61 8.43 33.16
C LEU A 618 31.72 9.81 32.52
N SER A 619 32.81 10.53 32.78
CA SER A 619 32.98 11.86 32.20
C SER A 619 33.10 11.83 30.68
N THR A 620 33.51 10.70 30.10
CA THR A 620 33.64 10.61 28.65
C THR A 620 32.30 10.57 27.94
N ALA A 621 31.19 10.45 28.66
CA ALA A 621 29.88 10.39 28.01
C ALA A 621 29.54 11.68 27.30
N ILE A 622 30.05 12.82 27.78
CA ILE A 622 29.77 14.10 27.13
C ILE A 622 30.41 14.14 25.75
N PHE A 623 31.60 13.54 25.60
CA PHE A 623 32.27 13.51 24.32
C PHE A 623 31.53 12.59 23.36
N ARG A 624 31.43 13.02 22.10
CA ARG A 624 30.76 12.23 21.06
C ARG A 624 31.71 11.80 19.96
N GLY A 625 33.02 11.98 20.14
CA GLY A 625 34.00 11.51 19.19
C GLY A 625 34.40 10.06 19.45
N LEU A 626 35.31 9.57 18.61
CA LEU A 626 35.72 8.19 18.71
C LEU A 626 36.48 7.94 20.01
N LYS A 627 36.08 6.91 20.75
CA LYS A 627 36.66 6.57 22.04
C LYS A 627 37.25 5.17 21.99
N GLU A 628 37.97 4.82 23.06
CA GLU A 628 38.54 3.49 23.19
C GLU A 628 37.43 2.45 23.36
N ALA A 629 37.63 1.28 22.76
CA ALA A 629 36.67 0.19 22.86
C ALA A 629 36.76 -0.43 24.24
N LEU A 630 35.89 0.00 25.15
CA LEU A 630 35.88 -0.48 26.52
C LEU A 630 34.47 -0.73 26.98
N MET A 631 34.27 -1.81 27.74
CA MET A 631 32.99 -2.18 28.30
C MET A 631 33.13 -2.35 29.80
N LEU A 632 32.22 -1.75 30.56
CA LEU A 632 32.23 -1.84 32.01
C LEU A 632 30.93 -2.47 32.49
N LEU A 633 31.05 -3.56 33.24
CA LEU A 633 29.94 -4.14 33.97
C LEU A 633 30.43 -4.44 35.39
N TRP A 634 29.61 -4.12 36.39
CA TRP A 634 30.02 -4.27 37.77
C TRP A 634 28.88 -4.82 38.61
N LEU A 635 29.23 -5.76 39.48
CA LEU A 635 28.28 -6.53 40.27
C LEU A 635 28.19 -5.94 41.68
N GLY A 636 27.40 -6.59 42.52
CA GLY A 636 27.26 -6.17 43.90
C GLY A 636 25.98 -6.71 44.50
N GLY A 637 25.53 -6.03 45.56
CA GLY A 637 24.31 -6.42 46.24
C GLY A 637 23.06 -6.03 45.47
N GLY A 638 21.92 -6.50 45.98
CA GLY A 638 20.66 -6.22 45.33
C GLY A 638 20.11 -4.83 45.54
N CYS A 639 20.63 -4.11 46.52
CA CYS A 639 20.15 -2.78 46.88
C CYS A 639 21.31 -1.81 47.06
N ASN A 640 22.23 -1.80 46.09
CA ASN A 640 23.41 -0.95 46.22
C ASN A 640 23.11 0.49 45.82
N GLY A 641 22.50 0.69 44.64
CA GLY A 641 22.21 2.03 44.17
C GLY A 641 22.82 2.36 42.82
N LYS A 642 23.11 1.33 42.03
CA LYS A 642 23.67 1.56 40.69
C LYS A 642 22.68 2.30 39.80
N THR A 643 21.42 1.91 39.85
CA THR A 643 20.41 2.51 38.99
C THR A 643 20.26 4.00 39.25
N PHE A 644 20.55 4.44 40.47
CA PHE A 644 20.52 5.87 40.77
C PHE A 644 21.49 6.63 39.88
N LEU A 645 22.76 6.19 39.85
CA LEU A 645 23.75 6.87 39.03
C LEU A 645 23.47 6.70 37.54
N MET A 646 23.06 5.50 37.12
CA MET A 646 22.72 5.31 35.70
C MET A 646 21.63 6.28 35.27
N ARG A 647 20.52 6.33 36.01
CA ARG A 647 19.42 7.23 35.66
C ARG A 647 19.85 8.68 35.72
N LEU A 648 20.64 9.05 36.73
CA LEU A 648 21.09 10.43 36.85
C LEU A 648 21.87 10.85 35.61
N VAL A 649 22.88 10.06 35.22
CA VAL A 649 23.69 10.42 34.07
C VAL A 649 22.83 10.46 32.81
N ALA A 650 21.99 9.44 32.63
CA ALA A 650 21.21 9.35 31.41
C ALA A 650 20.25 10.52 31.26
N MET A 651 19.63 10.96 32.36
CA MET A 651 18.63 12.00 32.25
C MET A 651 19.24 13.40 32.34
N VAL A 652 20.45 13.53 32.87
CA VAL A 652 21.18 14.80 32.72
C VAL A 652 21.61 14.99 31.27
N LEU A 653 22.16 13.94 30.66
CA LEU A 653 22.58 14.05 29.27
C LEU A 653 21.40 14.23 28.31
N GLY A 654 20.19 13.92 28.74
CA GLY A 654 19.02 14.08 27.90
C GLY A 654 18.82 12.92 26.95
N ASP A 655 17.62 12.88 26.36
CA ASP A 655 17.30 11.81 25.41
C ASP A 655 18.07 11.96 24.11
N HIS A 656 18.42 13.19 23.73
CA HIS A 656 19.11 13.42 22.47
C HIS A 656 20.52 12.85 22.46
N TYR A 657 21.14 12.67 23.62
CA TYR A 657 22.51 12.17 23.69
C TYR A 657 22.65 10.84 24.40
N ALA A 658 21.67 10.42 25.19
CA ALA A 658 21.73 9.15 25.90
C ALA A 658 20.37 8.46 25.80
N SER A 659 20.40 7.13 25.87
CA SER A 659 19.18 6.35 25.77
C SER A 659 19.33 5.05 26.54
N LYS A 660 18.20 4.46 26.88
CA LYS A 660 18.15 3.17 27.57
C LYS A 660 18.11 2.04 26.54
N LEU A 661 18.91 1.01 26.79
CA LEU A 661 19.06 -0.10 25.86
C LEU A 661 18.49 -1.38 26.47
N ASN A 662 17.69 -2.10 25.70
CA ASN A 662 17.15 -3.37 26.15
C ASN A 662 18.26 -4.42 26.22
N ILE A 663 18.19 -5.28 27.23
CA ILE A 663 19.20 -6.31 27.39
C ILE A 663 19.05 -7.43 26.37
N SER A 664 17.92 -7.50 25.67
CA SER A 664 17.71 -8.55 24.69
C SER A 664 18.70 -8.47 23.55
N LEU A 665 19.19 -7.27 23.23
CA LEU A 665 20.16 -7.12 22.14
C LEU A 665 21.44 -7.88 22.43
N LEU A 666 21.93 -7.80 23.67
CA LEU A 666 23.17 -8.46 24.03
C LEU A 666 22.99 -9.95 24.29
N THR A 667 21.75 -10.44 24.40
CA THR A 667 21.49 -11.83 24.71
C THR A 667 20.80 -12.57 23.59
N SER A 668 20.80 -12.03 22.37
CA SER A 668 20.25 -12.74 21.23
C SER A 668 21.06 -14.01 20.98
N CYS A 669 20.35 -15.10 20.68
CA CYS A 669 21.00 -16.41 20.59
C CYS A 669 22.05 -16.45 19.49
N ARG A 670 21.63 -16.39 18.23
CA ARG A 670 22.58 -16.33 17.12
C ARG A 670 22.20 -15.37 16.01
N GLU A 671 20.94 -14.99 15.84
CA GLU A 671 20.56 -14.14 14.74
C GLU A 671 21.10 -12.73 14.95
N THR A 672 21.71 -12.17 13.92
CA THR A 672 22.26 -10.82 14.03
C THR A 672 21.15 -9.77 14.04
N ALA A 673 20.16 -9.91 13.16
CA ALA A 673 19.03 -8.99 13.10
C ALA A 673 18.01 -9.52 12.11
N GLU A 674 16.74 -9.36 12.44
CA GLU A 674 15.68 -9.54 11.47
C GLU A 674 15.66 -8.33 10.54
N LYS A 675 15.13 -8.53 9.33
CA LYS A 675 15.36 -7.56 8.25
C LYS A 675 15.01 -6.13 8.63
N PRO A 676 13.87 -5.83 9.26
CA PRO A 676 13.74 -4.55 9.96
C PRO A 676 14.11 -4.70 11.43
N ASN A 677 14.82 -3.69 11.95
CA ASN A 677 15.23 -3.70 13.34
C ASN A 677 15.32 -2.27 13.85
N SER A 678 14.58 -1.96 14.91
CA SER A 678 14.53 -0.62 15.46
C SER A 678 15.29 -0.45 16.76
N ALA A 679 15.38 -1.50 17.59
CA ALA A 679 16.13 -1.40 18.84
C ALA A 679 17.61 -1.14 18.56
N PHE A 680 18.18 -1.85 17.57
CA PHE A 680 19.58 -1.63 17.24
C PHE A 680 19.80 -0.32 16.52
N MET A 681 18.74 0.32 16.02
CA MET A 681 18.87 1.62 15.36
C MET A 681 19.33 2.71 16.32
N ARG A 682 19.24 2.47 17.63
CA ARG A 682 19.75 3.42 18.60
C ARG A 682 21.26 3.53 18.48
N LEU A 683 21.84 4.43 19.27
CA LEU A 683 23.25 4.79 19.22
C LEU A 683 23.64 5.45 17.90
N LYS A 684 22.64 5.89 17.13
CA LYS A 684 22.94 6.60 15.88
C LYS A 684 23.70 7.89 16.14
N GLY A 685 23.30 8.64 17.16
CA GLY A 685 24.00 9.84 17.55
C GLY A 685 24.17 9.93 19.05
N ARG A 686 23.60 8.95 19.76
CA ARG A 686 23.69 8.93 21.21
C ARG A 686 25.13 8.71 21.67
N GLY A 687 25.49 9.35 22.78
CA GLY A 687 26.81 9.20 23.35
C GLY A 687 26.89 8.43 24.65
N TYR A 688 25.81 7.79 25.08
CA TYR A 688 25.80 7.08 26.35
C TYR A 688 24.68 6.06 26.35
N GLY A 689 24.98 4.87 26.85
CA GLY A 689 23.99 3.81 26.97
C GLY A 689 24.21 2.97 28.21
N TYR A 690 23.13 2.48 28.82
CA TYR A 690 23.23 1.73 30.06
C TYR A 690 22.31 0.51 30.01
N PHE A 691 22.68 -0.51 30.77
CA PHE A 691 21.92 -1.75 30.87
C PHE A 691 21.48 -1.96 32.32
N GLU A 692 20.29 -2.51 32.49
CA GLU A 692 19.67 -2.63 33.80
C GLU A 692 19.82 -4.05 34.34
N GLU A 693 19.19 -4.28 35.49
CA GLU A 693 19.26 -5.58 36.15
C GLU A 693 18.53 -6.64 35.33
N THR A 694 19.12 -7.82 35.27
CA THR A 694 18.52 -8.97 34.60
C THR A 694 17.87 -9.89 35.63
N ASN A 695 17.02 -10.79 35.12
CA ASN A 695 16.30 -11.70 36.01
C ASN A 695 17.25 -12.66 36.72
N LYS A 696 18.24 -13.19 35.99
CA LYS A 696 19.19 -14.13 36.56
C LYS A 696 20.42 -14.16 35.67
N SER A 697 21.38 -15.01 36.03
CA SER A 697 22.59 -15.15 35.22
C SER A 697 22.24 -15.62 33.82
N GLU A 698 22.79 -14.95 32.82
CA GLU A 698 22.51 -15.25 31.43
C GLU A 698 23.79 -15.25 30.62
N VAL A 699 23.84 -16.11 29.61
CA VAL A 699 24.98 -16.18 28.71
C VAL A 699 24.76 -15.19 27.57
N LEU A 700 25.83 -14.47 27.20
CA LEU A 700 25.70 -13.44 26.18
C LEU A 700 26.88 -13.42 25.21
N ASN A 701 27.64 -14.50 25.12
CA ASN A 701 28.79 -14.56 24.21
C ASN A 701 28.27 -14.62 22.79
N THR A 702 28.14 -13.45 22.16
CA THR A 702 27.65 -13.33 20.79
C THR A 702 28.63 -12.48 19.98
N SER A 703 28.30 -12.29 18.71
CA SER A 703 29.06 -11.36 17.88
C SER A 703 28.91 -9.94 18.40
N ARG A 704 27.72 -9.60 18.92
CA ARG A 704 27.47 -8.28 19.47
C ARG A 704 28.32 -7.99 20.71
N LEU A 705 28.91 -9.00 21.31
CA LEU A 705 29.83 -8.76 22.42
C LEU A 705 31.05 -7.97 21.97
N LYS A 706 31.50 -8.17 20.74
CA LYS A 706 32.69 -7.50 20.23
C LYS A 706 32.39 -6.46 19.17
N GLU A 707 31.37 -6.65 18.33
CA GLU A 707 31.12 -5.68 17.27
C GLU A 707 30.46 -4.41 17.81
N MET A 708 29.73 -4.51 18.92
CA MET A 708 29.11 -3.33 19.51
C MET A 708 30.12 -2.44 20.19
N VAL A 709 31.19 -3.02 20.73
CA VAL A 709 32.13 -2.24 21.55
C VAL A 709 33.26 -1.63 20.72
N ASN A 710 33.68 -2.28 19.65
CA ASN A 710 34.78 -1.73 18.86
C ASN A 710 34.33 -0.49 18.12
N PRO A 711 35.26 0.45 17.85
CA PRO A 711 34.90 1.69 17.17
C PRO A 711 34.67 1.55 15.68
N GLY A 712 34.60 0.33 15.15
CA GLY A 712 34.37 0.15 13.73
C GLY A 712 32.96 0.51 13.33
N ASP A 713 32.77 0.62 12.01
CA ASP A 713 31.47 0.98 11.46
C ASP A 713 30.49 -0.19 11.59
N VAL A 714 29.20 0.14 11.60
CA VAL A 714 28.14 -0.84 11.71
C VAL A 714 26.96 -0.39 10.86
N THR A 715 26.20 -1.36 10.36
CA THR A 715 25.06 -1.09 9.50
C THR A 715 23.84 -1.87 9.99
N ALA A 716 22.66 -1.30 9.76
CA ALA A 716 21.41 -1.94 10.15
C ALA A 716 20.27 -1.32 9.36
N ARG A 717 19.13 -2.00 9.37
CA ARG A 717 17.93 -1.55 8.68
C ARG A 717 16.78 -1.42 9.67
N GLU A 718 15.98 -0.38 9.52
CA GLU A 718 14.80 -0.15 10.35
C GLU A 718 13.62 0.22 9.47
N LEU A 719 12.58 -0.61 9.52
CA LEU A 719 11.28 -0.35 8.89
C LEU A 719 11.48 -0.07 7.40
N ASN A 720 10.94 1.02 6.84
CA ASN A 720 10.98 1.23 5.41
C ASN A 720 12.22 1.98 4.95
N GLN A 721 12.97 2.61 5.86
CA GLN A 721 14.23 3.20 5.48
C GLN A 721 15.21 2.14 4.98
N LYS A 722 15.97 2.50 3.96
CA LYS A 722 16.93 1.58 3.36
C LYS A 722 18.05 1.29 4.34
N GLN A 723 18.59 0.06 4.23
CA GLN A 723 19.67 -0.37 5.12
C GLN A 723 20.89 0.51 4.91
N GLU A 724 21.26 1.24 5.95
CA GLU A 724 22.38 2.19 5.93
C GLU A 724 23.36 1.85 7.03
N SER A 725 24.54 2.45 6.94
CA SER A 725 25.61 2.27 7.91
C SER A 725 25.88 3.58 8.65
N PHE A 726 26.27 3.47 9.91
CA PHE A 726 26.53 4.65 10.73
C PHE A 726 27.67 4.34 11.70
N GLN A 727 28.38 5.40 12.08
CA GLN A 727 29.51 5.25 13.00
C GLN A 727 29.03 4.86 14.38
N MET A 728 29.81 4.02 15.05
CA MET A 728 29.51 3.55 16.39
C MET A 728 30.30 4.37 17.40
N THR A 729 29.59 5.05 18.31
CA THR A 729 30.25 5.91 19.29
C THR A 729 29.31 6.05 20.50
N ALA A 730 29.63 5.33 21.58
CA ALA A 730 28.85 5.41 22.80
C ALA A 730 29.63 4.69 23.91
N THR A 731 29.37 5.12 25.14
CA THR A 731 29.91 4.46 26.33
C THR A 731 28.81 3.64 26.97
N MET A 732 29.08 2.35 27.18
CA MET A 732 28.08 1.41 27.67
C MET A 732 28.47 0.89 29.05
N VAL A 733 27.48 0.80 29.93
CA VAL A 733 27.65 0.24 31.27
C VAL A 733 26.53 -0.75 31.51
N ALA A 734 26.87 -1.86 32.18
CA ALA A 734 25.90 -2.90 32.52
C ALA A 734 25.89 -3.08 34.03
N ALA A 735 24.71 -3.03 34.62
CA ALA A 735 24.53 -3.20 36.06
C ALA A 735 23.64 -4.41 36.32
N SER A 736 24.10 -5.32 37.16
CA SER A 736 23.34 -6.52 37.47
C SER A 736 23.73 -7.02 38.85
N ASN A 737 22.87 -7.85 39.43
CA ASN A 737 23.15 -8.54 40.67
C ASN A 737 23.51 -10.01 40.47
N TYR A 738 23.24 -10.57 39.31
CA TYR A 738 23.64 -11.92 38.96
C TYR A 738 24.81 -11.86 37.98
N ASN A 739 25.87 -12.59 38.30
CA ASN A 739 27.07 -12.55 37.46
C ASN A 739 26.77 -13.06 36.05
N PHE A 740 27.30 -12.36 35.05
CA PHE A 740 27.07 -12.75 33.67
C PHE A 740 27.84 -14.01 33.33
N ILE A 741 27.31 -14.77 32.38
CA ILE A 741 27.91 -16.02 31.93
C ILE A 741 28.67 -15.73 30.65
N ILE A 742 30.00 -15.74 30.73
CA ILE A 742 30.88 -15.51 29.59
C ILE A 742 31.69 -16.78 29.38
N ASP A 743 31.60 -17.35 28.17
CA ASP A 743 32.32 -18.57 27.81
C ASP A 743 33.17 -18.27 26.58
N THR A 744 34.39 -17.80 26.80
CA THR A 744 35.29 -17.48 25.70
C THR A 744 36.72 -17.53 26.20
N THR A 745 37.65 -17.62 25.23
CA THR A 745 39.07 -17.62 25.52
C THR A 745 39.79 -16.48 24.81
N ASP A 746 39.13 -15.79 23.88
CA ASP A 746 39.76 -14.72 23.12
C ASP A 746 40.34 -13.66 24.04
N HIS A 747 41.60 -13.30 23.80
CA HIS A 747 42.25 -12.29 24.63
C HIS A 747 41.68 -10.91 24.36
N GLY A 748 41.32 -10.62 23.10
CA GLY A 748 40.73 -9.32 22.79
C GLY A 748 39.40 -9.10 23.47
N THR A 749 38.59 -10.16 23.57
CA THR A 749 37.29 -10.04 24.22
C THR A 749 37.44 -9.60 25.67
N TRP A 750 38.39 -10.19 26.39
CA TRP A 750 38.66 -9.74 27.75
C TRP A 750 39.40 -8.41 27.79
N ARG A 751 39.97 -8.02 26.68
CA ARG A 751 40.63 -6.76 26.67
C ARG A 751 39.58 -5.68 26.63
N ARG A 752 38.52 -5.91 25.88
CA ARG A 752 37.44 -4.93 25.78
C ARG A 752 36.58 -4.86 27.04
N LEU A 753 36.78 -5.75 28.01
CA LEU A 753 35.89 -5.88 29.15
C LEU A 753 36.58 -5.45 30.44
N ARG A 754 35.79 -4.83 31.33
CA ARG A 754 36.24 -4.46 32.66
C ARG A 754 35.18 -4.85 33.67
N HIS A 755 35.63 -5.22 34.88
CA HIS A 755 34.72 -5.66 35.92
C HIS A 755 35.04 -4.95 37.23
N TYR A 756 34.00 -4.75 38.04
CA TYR A 756 34.11 -4.13 39.34
C TYR A 756 33.07 -4.76 40.26
N ARG A 757 33.29 -4.66 41.56
CA ARG A 757 32.39 -5.24 42.54
C ARG A 757 31.98 -4.18 43.55
N SER A 758 30.67 -4.07 43.78
CA SER A 758 30.17 -3.18 44.81
C SER A 758 30.43 -3.74 46.20
N LYS A 759 30.60 -2.86 47.18
CA LYS A 759 30.88 -3.28 48.54
C LYS A 759 30.02 -2.58 49.57
N VAL A 760 29.05 -1.77 49.16
CA VAL A 760 28.16 -1.05 50.07
C VAL A 760 26.74 -1.50 49.80
N LYS A 761 26.05 -1.96 50.85
CA LYS A 761 24.68 -2.46 50.74
C LYS A 761 23.83 -1.63 51.70
N PHE A 762 23.16 -0.61 51.18
CA PHE A 762 22.30 0.22 52.00
C PHE A 762 21.20 -0.62 52.64
N CYS A 763 20.92 -0.34 53.91
CA CYS A 763 19.90 -1.05 54.66
C CYS A 763 19.04 -0.07 55.44
N HIS A 764 17.78 -0.43 55.63
CA HIS A 764 16.84 0.42 56.37
C HIS A 764 16.98 0.26 57.88
N ASN A 765 17.79 -0.69 58.34
CA ASN A 765 18.09 -0.90 59.75
C ASN A 765 19.59 -0.91 59.90
N PRO A 766 20.23 0.27 59.89
CA PRO A 766 21.70 0.33 59.88
C PRO A 766 22.27 0.01 61.26
N ASP A 767 23.19 -0.94 61.30
CA ASP A 767 23.83 -1.29 62.55
C ASP A 767 25.32 -0.96 62.52
N PRO A 768 25.87 -0.49 63.64
CA PRO A 768 27.31 -0.21 63.69
C PRO A 768 28.17 -1.44 63.49
N SER A 769 27.64 -2.64 63.71
CA SER A 769 28.39 -3.87 63.53
C SER A 769 28.81 -4.10 62.08
N ASN A 770 28.16 -3.42 61.13
CA ASN A 770 28.49 -3.53 59.70
C ASN A 770 28.88 -2.16 59.20
N PRO A 771 30.17 -1.82 59.20
CA PRO A 771 30.59 -0.52 58.67
C PRO A 771 30.33 -0.35 57.18
N TYR A 772 30.19 -1.44 56.44
CA TYR A 772 29.99 -1.37 54.99
C TYR A 772 28.51 -1.38 54.62
N GLU A 773 27.75 -0.47 55.23
CA GLU A 773 26.33 -0.32 54.93
C GLU A 773 25.83 0.98 55.54
N LYS A 774 24.90 1.63 54.84
CA LYS A 774 24.34 2.89 55.30
C LYS A 774 22.81 2.82 55.34
N LYS A 775 22.17 3.97 55.50
CA LYS A 775 20.71 4.00 55.51
C LYS A 775 20.18 4.46 54.17
N GLU A 776 19.26 3.70 53.59
CA GLU A 776 18.66 4.09 52.31
C GLU A 776 17.44 4.96 52.54
N ASP A 777 16.64 5.15 51.50
CA ASP A 777 15.41 5.95 51.64
C ASP A 777 14.58 5.90 50.37
N PRO A 778 13.27 6.10 50.49
CA PRO A 778 12.41 5.98 49.30
C PRO A 778 12.40 7.24 48.44
N ARG A 779 13.53 7.95 48.34
CA ARG A 779 13.54 9.21 47.58
C ARG A 779 14.89 9.60 46.99
N PHE A 780 15.98 9.13 47.59
CA PHE A 780 17.29 9.53 47.10
C PHE A 780 17.43 9.14 45.64
N ILE A 781 17.09 7.90 45.30
CA ILE A 781 17.12 7.50 43.91
C ILE A 781 15.77 7.82 43.30
N HIS A 782 14.70 7.64 44.08
CA HIS A 782 13.37 7.96 43.59
C HIS A 782 13.39 9.37 43.03
N GLU A 783 14.18 10.24 43.65
CA GLU A 783 14.32 11.60 43.15
C GLU A 783 15.79 11.90 42.90
N TYR A 784 16.20 13.14 43.18
CA TYR A 784 17.59 13.55 42.96
C TYR A 784 17.98 13.49 41.50
N ILE A 785 18.02 12.29 40.94
CA ILE A 785 18.30 12.15 39.52
C ILE A 785 17.58 13.24 38.77
N MET A 786 16.30 13.42 39.08
CA MET A 786 15.50 14.41 38.38
C MET A 786 15.44 15.74 39.13
N ASP A 787 16.59 16.20 39.63
CA ASP A 787 16.64 17.47 40.33
C ASP A 787 17.42 18.48 39.52
N PRO A 788 16.74 19.33 38.76
CA PRO A 788 17.42 20.33 37.92
C PRO A 788 18.59 20.92 38.67
N ASP A 789 18.43 21.19 39.95
CA ASP A 789 19.52 21.68 40.76
C ASP A 789 20.66 20.69 40.65
N CYS A 790 20.45 19.48 41.17
CA CYS A 790 21.47 18.45 41.06
C CYS A 790 21.95 18.42 39.63
N GLN A 791 21.02 18.42 38.68
CA GLN A 791 21.40 18.39 37.27
C GLN A 791 22.51 19.40 36.99
N ASN A 792 22.21 20.68 37.14
CA ASN A 792 23.23 21.67 36.81
C ASN A 792 24.53 21.37 37.56
N ALA A 793 24.42 21.04 38.85
CA ALA A 793 25.61 20.72 39.63
C ALA A 793 26.30 19.46 39.09
N PHE A 794 25.51 18.43 38.75
CA PHE A 794 26.10 17.20 38.24
C PHE A 794 26.77 17.42 36.90
N PHE A 795 26.15 18.24 36.03
CA PHE A 795 26.78 18.56 34.75
C PHE A 795 28.08 19.31 34.95
N SER A 796 28.11 20.24 35.91
CA SER A 796 29.36 20.93 36.22
C SER A 796 30.42 19.95 36.69
N ILE A 797 30.04 19.00 37.53
CA ILE A 797 30.98 18.00 38.02
C ILE A 797 31.53 17.17 36.85
N LEU A 798 30.66 16.75 35.94
CA LEU A 798 31.10 15.96 34.80
C LEU A 798 32.05 16.75 33.92
N VAL A 799 31.74 18.02 33.66
CA VAL A 799 32.61 18.85 32.84
C VAL A 799 33.96 19.02 33.51
N TYR A 800 33.98 19.26 34.82
CA TYR A 800 35.23 19.42 35.54
C TYR A 800 36.07 18.15 35.47
N PHE A 801 35.44 16.99 35.65
CA PHE A 801 36.18 15.74 35.57
C PHE A 801 36.73 15.50 34.17
N TRP A 802 35.95 15.80 33.13
CA TRP A 802 36.45 15.61 31.77
C TRP A 802 37.65 16.53 31.50
N GLU A 803 37.55 17.79 31.93
CA GLU A 803 38.67 18.72 31.76
C GLU A 803 39.91 18.23 32.50
N LYS A 804 39.73 17.74 33.73
CA LYS A 804 40.86 17.26 34.50
C LYS A 804 41.49 16.02 33.86
N LEU A 805 40.67 15.12 33.34
CA LEU A 805 41.20 13.94 32.65
C LEU A 805 41.99 14.35 31.41
N GLN A 806 41.46 15.30 30.64
CA GLN A 806 42.20 15.78 29.47
C GLN A 806 43.52 16.40 29.88
N LYS A 807 43.53 17.16 30.98
CA LYS A 807 44.76 17.79 31.45
C LYS A 807 45.79 16.74 31.87
N GLU A 808 45.35 15.70 32.57
CA GLU A 808 46.29 14.76 33.18
C GLU A 808 46.70 13.64 32.22
N TYR A 809 45.74 12.84 31.77
CA TYR A 809 46.04 11.61 31.03
C TYR A 809 45.84 11.76 29.53
N ASN A 810 45.61 12.97 29.04
CA ASN A 810 45.46 13.24 27.61
C ASN A 810 44.34 12.42 26.99
N GLY A 811 43.27 12.19 27.75
CA GLY A 811 42.11 11.49 27.22
C GLY A 811 42.32 10.01 26.94
N GLN A 812 43.28 9.38 27.59
CA GLN A 812 43.53 7.95 27.43
C GLN A 812 43.03 7.25 28.68
N ILE A 813 41.80 6.73 28.62
CA ILE A 813 41.21 6.06 29.77
C ILE A 813 41.93 4.75 30.08
N LYS A 814 42.63 4.16 29.11
CA LYS A 814 43.32 2.90 29.36
C LYS A 814 44.59 3.08 30.17
N LYS A 815 45.28 4.21 30.02
CA LYS A 815 46.57 4.41 30.67
C LYS A 815 46.44 4.92 32.10
N VAL A 816 45.24 5.22 32.56
CA VAL A 816 45.07 5.66 33.95
C VAL A 816 45.36 4.50 34.88
N PHE A 817 45.83 4.82 36.09
CA PHE A 817 46.26 3.83 37.06
C PHE A 817 45.21 3.68 38.15
N CYS A 818 44.81 2.43 38.40
CA CYS A 818 43.84 2.12 39.47
C CYS A 818 44.06 0.68 39.87
N PRO A 819 44.82 0.43 40.95
CA PRO A 819 45.14 -0.96 41.32
C PRO A 819 43.92 -1.80 41.68
N THR A 820 42.90 -1.22 42.30
CA THR A 820 41.75 -2.03 42.72
C THR A 820 40.93 -2.49 41.52
N ILE A 821 40.86 -1.69 40.47
CA ILE A 821 40.23 -2.11 39.22
C ILE A 821 41.24 -2.99 38.50
N GLU A 822 40.80 -3.68 37.45
CA GLU A 822 41.61 -4.57 36.59
C GLU A 822 42.32 -5.63 37.42
N SER A 823 41.97 -5.75 38.69
CA SER A 823 42.36 -6.87 39.54
C SER A 823 41.15 -7.74 39.87
N GLU A 824 40.06 -7.12 40.30
CA GLU A 824 38.79 -7.84 40.35
C GLU A 824 38.37 -8.29 38.96
N THR A 825 38.69 -7.48 37.94
CA THR A 825 38.39 -7.86 36.56
C THR A 825 39.15 -9.12 36.16
N GLU A 826 40.45 -9.18 36.47
CA GLU A 826 41.21 -10.36 36.12
C GLU A 826 40.82 -11.56 36.98
N ALA A 827 40.40 -11.31 38.22
CA ALA A 827 39.87 -12.41 39.04
C ALA A 827 38.61 -12.99 38.43
N TYR A 828 37.72 -12.13 37.93
CA TYR A 828 36.54 -12.60 37.22
C TYR A 828 36.93 -13.35 35.94
N ARG A 829 37.96 -12.86 35.25
CA ARG A 829 38.44 -13.54 34.05
C ARG A 829 38.95 -14.93 34.38
N LYS A 830 39.60 -15.09 35.53
CA LYS A 830 40.02 -16.42 35.97
C LYS A 830 38.83 -17.34 36.17
N SER A 831 37.72 -16.81 36.69
CA SER A 831 36.48 -17.55 36.76
C SER A 831 35.83 -17.55 35.37
N GLN A 832 34.59 -18.04 35.29
CA GLN A 832 33.84 -18.12 34.04
C GLN A 832 34.55 -18.98 32.99
N ASP A 833 35.47 -19.84 33.42
CA ASP A 833 36.22 -20.72 32.54
C ASP A 833 35.94 -22.15 32.98
N THR A 834 34.88 -22.74 32.42
CA THR A 834 34.49 -24.09 32.81
C THR A 834 35.56 -25.11 32.45
N LEU A 835 36.29 -24.89 31.35
CA LEU A 835 37.32 -25.82 30.95
C LEU A 835 38.43 -25.91 31.99
N HIS A 836 38.85 -24.77 32.52
CA HIS A 836 39.92 -24.77 33.52
C HIS A 836 39.49 -25.50 34.79
N ARG A 837 38.24 -25.29 35.22
CA ARG A 837 37.76 -25.98 36.41
C ARG A 837 37.72 -27.49 36.17
N PHE A 838 37.23 -27.91 35.00
CA PHE A 838 37.23 -29.33 34.64
C PHE A 838 38.63 -29.90 34.70
N ILE A 839 39.60 -29.20 34.11
CA ILE A 839 40.97 -29.67 34.08
C ILE A 839 41.51 -29.79 35.50
N THR A 840 41.24 -28.80 36.35
CA THR A 840 41.77 -28.80 37.70
C THR A 840 41.15 -29.84 38.61
N GLU A 841 39.87 -30.21 38.40
CA GLU A 841 39.23 -31.14 39.33
C GLU A 841 39.01 -32.54 38.76
N ARG A 842 39.38 -32.82 37.51
CA ARG A 842 39.23 -34.17 37.00
C ARG A 842 40.53 -34.80 36.54
N VAL A 843 41.31 -34.12 35.70
CA VAL A 843 42.51 -34.75 35.13
C VAL A 843 43.76 -34.42 35.94
N VAL A 844 43.91 -33.17 36.37
CA VAL A 844 45.07 -32.80 37.17
C VAL A 844 45.00 -33.51 38.52
N GLU A 845 46.17 -33.91 39.02
CA GLU A 845 46.41 -34.62 40.29
C GLU A 845 46.09 -36.11 40.16
N SER A 846 45.61 -36.57 39.01
CA SER A 846 45.39 -38.00 38.75
C SER A 846 45.94 -38.37 37.38
N PRO A 847 47.26 -38.34 37.22
CA PRO A 847 47.87 -38.68 35.92
C PRO A 847 48.39 -40.11 35.78
N SER A 848 48.30 -40.93 36.82
CA SER A 848 48.92 -42.25 36.82
C SER A 848 47.89 -43.31 36.45
N ALA A 849 47.55 -43.35 35.16
CA ALA A 849 46.64 -44.35 34.60
C ALA A 849 46.71 -44.23 33.08
N GLU A 850 45.98 -45.11 32.39
CA GLU A 850 45.83 -45.01 30.95
C GLU A 850 44.43 -45.54 30.61
N THR A 851 43.47 -44.61 30.54
CA THR A 851 42.10 -44.94 30.19
C THR A 851 41.50 -43.89 29.27
N VAL A 852 42.33 -43.24 28.46
CA VAL A 852 41.93 -42.09 27.64
C VAL A 852 42.02 -42.48 26.17
N TYR A 853 40.89 -42.40 25.47
CA TYR A 853 40.85 -42.57 24.04
C TYR A 853 41.26 -41.26 23.35
N ASN A 854 40.97 -41.14 22.06
CA ASN A 854 41.20 -39.90 21.33
C ASN A 854 40.44 -38.75 21.99
N LEU A 855 40.76 -37.51 21.61
CA LEU A 855 40.18 -36.34 22.25
C LEU A 855 38.66 -36.34 22.26
N SER A 856 38.02 -37.19 21.46
CA SER A 856 36.57 -37.26 21.44
C SER A 856 35.99 -37.68 22.78
N GLU A 857 36.63 -38.65 23.44
CA GLU A 857 36.15 -39.09 24.75
C GLU A 857 36.29 -37.97 25.77
N VAL A 858 37.38 -37.20 25.71
CA VAL A 858 37.55 -36.07 26.61
C VAL A 858 36.48 -35.03 26.36
N VAL A 859 36.16 -34.79 25.08
CA VAL A 859 35.11 -33.83 24.74
C VAL A 859 33.78 -34.28 25.32
N THR A 860 33.46 -35.56 25.15
CA THR A 860 32.19 -36.08 25.67
C THR A 860 32.14 -35.99 27.19
N ALA A 861 33.24 -36.34 27.87
CA ALA A 861 33.27 -36.28 29.33
C ALA A 861 33.10 -34.84 29.81
N TYR A 862 33.79 -33.90 29.17
CA TYR A 862 33.66 -32.50 29.55
C TYR A 862 32.25 -31.99 29.32
N ALA A 863 31.65 -32.36 28.18
CA ALA A 863 30.29 -31.92 27.86
C ALA A 863 29.30 -32.44 28.88
N GLU A 864 29.34 -33.75 29.16
CA GLU A 864 28.42 -34.30 30.15
C GLU A 864 28.71 -33.76 31.54
N TRP A 865 29.94 -33.35 31.80
CA TRP A 865 30.26 -32.75 33.09
C TRP A 865 29.56 -31.41 33.26
N TYR A 866 29.79 -30.49 32.33
CA TYR A 866 29.23 -29.15 32.48
C TYR A 866 27.77 -29.09 32.06
N ASN A 867 27.29 -30.15 31.42
CA ASN A 867 25.88 -30.19 31.06
C ASN A 867 25.09 -30.04 32.35
N THR A 868 25.55 -30.70 33.40
CA THR A 868 24.88 -30.59 34.69
C THR A 868 25.62 -29.61 35.59
N ASN A 869 26.96 -29.67 35.58
CA ASN A 869 27.75 -28.78 36.42
C ASN A 869 27.47 -27.32 36.08
N ILE A 870 27.40 -27.02 34.79
CA ILE A 870 27.11 -25.67 34.37
C ILE A 870 25.75 -25.64 33.70
N ASN A 871 25.70 -25.97 32.42
CA ASN A 871 24.44 -26.00 31.69
C ASN A 871 24.64 -26.75 30.37
N VAL A 872 23.53 -27.11 29.73
CA VAL A 872 23.62 -27.81 28.46
C VAL A 872 23.76 -26.84 27.30
N LYS A 873 24.71 -27.10 26.41
CA LYS A 873 24.92 -26.24 25.25
C LYS A 873 25.24 -27.10 24.03
N ARG A 874 25.02 -26.57 22.84
CA ARG A 874 25.38 -27.34 21.64
C ARG A 874 26.88 -27.58 21.67
N HIS A 875 27.28 -28.79 22.02
CA HIS A 875 28.69 -29.12 22.20
C HIS A 875 29.41 -29.26 20.86
N ILE A 876 29.80 -28.14 20.29
CA ILE A 876 30.52 -28.12 19.02
C ILE A 876 31.97 -28.53 19.26
N ALA A 877 32.60 -29.10 18.22
CA ALA A 877 33.92 -29.68 18.36
C ALA A 877 34.99 -28.64 18.69
N LEU A 878 34.76 -27.38 18.31
CA LEU A 878 35.78 -26.36 18.52
C LEU A 878 36.03 -26.05 19.99
N GLU A 879 35.18 -26.54 20.89
CA GLU A 879 35.38 -26.28 22.31
C GLU A 879 36.63 -26.96 22.84
N LEU A 880 37.06 -28.05 22.19
CA LEU A 880 38.28 -28.73 22.60
C LEU A 880 39.14 -29.18 21.43
N SER A 881 38.78 -28.83 20.20
CA SER A 881 39.63 -29.16 19.06
C SER A 881 40.97 -28.43 19.12
N GLN A 882 41.01 -27.28 19.80
CA GLN A 882 42.23 -26.51 19.95
C GLN A 882 42.51 -26.07 21.38
N GLU A 883 41.51 -26.02 22.26
CA GLU A 883 41.72 -25.59 23.64
C GLU A 883 42.53 -26.59 24.45
N LEU A 884 42.64 -27.84 24.00
CA LEU A 884 43.50 -28.79 24.68
C LEU A 884 44.95 -28.32 24.64
N GLU A 885 45.40 -27.81 23.48
CA GLU A 885 46.71 -27.20 23.40
C GLU A 885 46.79 -25.91 24.21
N ASN A 886 45.72 -25.12 24.19
CA ASN A 886 45.66 -23.87 24.94
C ASN A 886 45.17 -24.13 26.37
N SER A 887 45.94 -24.97 27.06
CA SER A 887 45.60 -25.42 28.40
C SER A 887 46.89 -25.88 29.08
N VAL A 888 46.75 -26.64 30.16
CA VAL A 888 47.90 -27.24 30.86
C VAL A 888 47.98 -28.74 30.63
N LEU A 889 46.99 -29.34 29.97
CA LEU A 889 46.91 -30.78 29.80
C LEU A 889 47.58 -31.29 28.52
N GLU A 890 48.23 -30.41 27.76
CA GLU A 890 48.92 -30.83 26.55
C GLU A 890 50.38 -31.18 26.76
N LYS A 891 50.85 -31.16 28.02
CA LYS A 891 52.26 -31.47 28.29
C LYS A 891 52.61 -32.88 27.85
N TYR A 892 51.63 -33.79 27.82
CA TYR A 892 51.82 -35.16 27.33
C TYR A 892 50.62 -35.50 26.46
N LEU A 893 50.75 -35.23 25.15
CA LEU A 893 49.66 -35.49 24.21
C LEU A 893 50.29 -35.68 22.84
N GLN A 894 50.44 -36.94 22.43
CA GLN A 894 51.01 -37.29 21.14
C GLN A 894 49.96 -38.05 20.31
N TRP A 895 50.39 -38.59 19.18
CA TRP A 895 49.51 -39.32 18.28
C TRP A 895 50.07 -40.72 18.03
N SER A 896 49.17 -41.67 17.86
CA SER A 896 49.54 -43.06 17.60
C SER A 896 50.11 -43.18 16.20
N PRO A 897 50.63 -44.37 15.84
CA PRO A 897 51.02 -44.58 14.44
C PRO A 897 49.87 -44.35 13.46
N ASN A 898 48.64 -44.64 13.88
CA ASN A 898 47.44 -44.26 13.13
C ASN A 898 46.94 -42.88 13.50
N LYS A 899 47.82 -42.01 14.02
CA LYS A 899 47.48 -40.67 14.48
C LYS A 899 46.45 -40.72 15.61
N THR A 900 45.26 -40.16 15.37
CA THR A 900 44.13 -40.16 16.29
C THR A 900 44.39 -39.32 17.54
N ARG A 901 45.61 -38.80 17.69
CA ARG A 901 45.97 -37.91 18.79
C ARG A 901 45.57 -38.49 20.15
N ILE A 902 45.95 -39.74 20.38
CA ILE A 902 45.61 -40.41 21.63
C ILE A 902 46.41 -39.79 22.77
N LEU A 903 45.71 -39.41 23.84
CA LEU A 903 46.37 -38.89 25.02
C LEU A 903 47.27 -39.95 25.64
N LYS A 904 48.42 -39.52 26.14
CA LYS A 904 49.42 -40.46 26.65
C LYS A 904 48.91 -41.29 27.82
N GLY A 905 48.01 -40.74 28.64
CA GLY A 905 47.45 -41.50 29.74
C GLY A 905 47.28 -40.72 31.01
N CYS A 906 46.08 -40.79 31.58
CA CYS A 906 45.78 -40.15 32.86
C CYS A 906 44.53 -40.80 33.42
N ARG A 907 44.28 -40.55 34.70
CA ARG A 907 43.11 -41.10 35.39
C ARG A 907 42.01 -40.05 35.34
N ILE A 908 41.09 -40.19 34.38
CA ILE A 908 39.95 -39.28 34.30
C ILE A 908 39.09 -39.39 35.54
N LEU A 909 38.73 -40.63 35.90
CA LEU A 909 38.07 -40.95 37.17
C LEU A 909 36.84 -40.06 37.39
N HIS A 910 35.83 -40.32 36.55
CA HIS A 910 34.54 -39.65 36.68
C HIS A 910 34.09 -39.65 38.14
N LYS A 911 33.46 -38.54 38.54
CA LYS A 911 33.23 -38.20 39.94
C LYS A 911 34.58 -37.97 40.62
N PHE A 912 34.69 -38.24 41.92
CA PHE A 912 35.96 -38.05 42.62
C PHE A 912 36.21 -39.16 43.63
N GLU A 913 35.62 -40.33 43.41
CA GLU A 913 35.71 -41.43 44.38
C GLU A 913 37.17 -41.80 44.65
N THR A 914 37.39 -42.41 45.81
CA THR A 914 38.72 -42.78 46.29
C THR A 914 39.63 -41.56 46.40
N LEU A 915 40.94 -41.80 46.46
CA LEU A 915 41.92 -40.72 46.59
C LEU A 915 42.37 -40.27 45.20
N GLN A 916 43.42 -39.46 45.15
CA GLN A 916 43.98 -38.95 43.90
C GLN A 916 45.49 -39.16 43.90
N PRO A 917 45.93 -40.42 43.83
CA PRO A 917 47.37 -40.69 43.84
C PRO A 917 48.05 -40.19 42.57
N GLY A 918 49.33 -39.83 42.70
CA GLY A 918 50.09 -39.32 41.58
C GLY A 918 49.89 -37.84 41.35
N ILE A 935 44.28 3.57 47.72
CA ILE A 935 44.27 2.91 49.02
C ILE A 935 44.24 3.95 50.13
N CYS A 936 45.05 5.00 49.96
CA CYS A 936 45.11 6.06 50.96
C CYS A 936 43.79 6.82 51.03
N GLU A 937 43.33 7.11 52.23
CA GLU A 937 42.07 7.82 52.42
C GLU A 937 42.31 9.32 52.31
N PRO A 938 41.58 10.03 51.45
CA PRO A 938 41.77 11.48 51.34
C PRO A 938 41.37 12.19 52.62
N LYS A 939 42.10 13.29 52.90
CA LYS A 939 41.88 14.02 54.13
C LYS A 939 40.47 14.62 54.19
N ASN A 940 40.17 15.58 53.32
CA ASN A 940 38.85 16.19 53.31
C ASN A 940 38.29 16.25 51.89
N LYS A 941 39.17 16.37 50.90
CA LYS A 941 38.77 16.48 49.50
C LYS A 941 39.44 15.39 48.69
N TRP A 942 38.65 14.71 47.86
CA TRP A 942 39.18 13.69 46.96
C TRP A 942 39.16 14.09 45.50
N TRP A 943 38.32 15.06 45.11
CA TRP A 943 38.33 15.55 43.75
C TRP A 943 39.59 16.32 43.41
N GLU A 944 40.38 16.70 44.42
CA GLU A 944 41.68 17.31 44.18
C GLU A 944 42.68 16.32 43.59
N TRP A 945 42.35 15.03 43.58
CA TRP A 945 43.02 13.96 42.86
C TRP A 945 44.33 13.52 43.51
N SER A 946 44.83 14.22 44.53
CA SER A 946 46.10 13.88 45.17
C SER A 946 47.23 14.05 44.16
N PRO A 947 48.51 13.85 44.55
CA PRO A 947 49.57 13.90 43.53
C PRO A 947 49.50 12.75 42.54
N ASN A 948 50.48 12.67 41.64
CA ASN A 948 50.46 11.71 40.54
C ASN A 948 50.18 10.27 40.98
N PRO A 949 50.80 9.74 42.04
CA PRO A 949 50.41 8.39 42.49
C PRO A 949 48.94 8.30 42.88
N SER A 950 48.39 9.36 43.49
CA SER A 950 46.99 9.41 43.90
C SER A 950 46.59 8.22 44.76
N SER B 289 8.05 58.14 32.37
CA SER B 289 8.23 57.51 31.07
C SER B 289 6.92 57.35 30.33
N LEU B 290 6.02 58.32 30.52
CA LEU B 290 4.72 58.28 29.84
C LEU B 290 4.87 58.43 28.33
N SER B 291 5.84 59.23 27.88
CA SER B 291 6.08 59.37 26.45
C SER B 291 6.51 58.04 25.83
N ILE B 292 7.24 57.22 26.58
CA ILE B 292 7.61 55.89 26.11
C ILE B 292 6.35 55.05 25.87
N LEU B 293 5.39 55.13 26.78
CA LEU B 293 4.13 54.44 26.59
C LEU B 293 3.36 55.00 25.39
N MET B 294 3.45 56.32 25.20
CA MET B 294 2.80 56.94 24.05
C MET B 294 3.37 56.40 22.74
N LEU B 295 4.70 56.29 22.66
CA LEU B 295 5.34 55.86 21.42
C LEU B 295 5.19 54.37 21.19
N HIS B 296 5.16 53.57 22.26
CA HIS B 296 5.18 52.10 22.13
C HIS B 296 3.76 51.60 21.84
N ASP B 297 3.36 51.77 20.58
CA ASP B 297 2.18 51.24 19.89
C ASP B 297 0.86 51.62 20.54
N PRO B 298 -0.27 51.51 19.82
CA PRO B 298 -1.57 51.71 20.45
C PRO B 298 -2.04 50.52 21.28
N GLU B 299 -1.36 49.37 21.19
CA GLU B 299 -1.75 48.22 22.00
C GLU B 299 -1.50 48.47 23.48
N ALA B 300 -0.45 49.22 23.82
CA ALA B 300 -0.21 49.56 25.21
C ALA B 300 -1.36 50.38 25.77
N ARG B 301 -1.85 51.36 24.99
CA ARG B 301 -2.99 52.15 25.44
C ARG B 301 -4.27 51.34 25.44
N TYR B 302 -4.38 50.35 24.55
CA TYR B 302 -5.52 49.44 24.58
C TYR B 302 -5.55 48.66 25.90
N LEU B 303 -4.40 48.12 26.30
CA LEU B 303 -4.31 47.45 27.60
C LEU B 303 -4.58 48.42 28.74
N HIS B 304 -4.06 49.64 28.63
CA HIS B 304 -4.38 50.69 29.59
C HIS B 304 -5.88 50.86 29.75
N LYS B 305 -6.60 51.00 28.64
CA LYS B 305 -8.04 51.22 28.70
C LYS B 305 -8.77 50.03 29.28
N ILE B 306 -8.37 48.80 28.88
CA ILE B 306 -9.08 47.64 29.39
C ILE B 306 -8.82 47.43 30.88
N LEU B 307 -7.62 47.76 31.36
CA LEU B 307 -7.34 47.60 32.79
C LEU B 307 -7.85 48.77 33.62
N ASN B 308 -8.20 49.89 32.99
CA ASN B 308 -8.79 51.00 33.74
C ASN B 308 -10.11 50.59 34.39
N LEU B 309 -10.78 49.59 33.84
CA LEU B 309 -12.07 49.14 34.38
C LEU B 309 -11.94 48.39 35.69
N LEU B 310 -10.72 48.04 36.11
CA LEU B 310 -10.54 47.34 37.37
C LEU B 310 -10.90 48.26 38.54
N PRO B 311 -11.77 47.82 39.45
CA PRO B 311 -12.17 48.70 40.56
C PRO B 311 -11.01 48.91 41.52
N PRO B 312 -11.01 50.01 42.27
CA PRO B 312 -9.93 50.23 43.26
C PRO B 312 -9.85 49.15 44.32
N GLU B 313 -11.00 48.60 44.73
CA GLU B 313 -10.97 47.52 45.72
C GLU B 313 -10.33 46.26 45.16
N TYR B 314 -10.40 46.06 43.85
CA TYR B 314 -9.66 44.97 43.22
C TYR B 314 -8.16 45.18 43.38
N TYR B 315 -7.69 46.41 43.16
CA TYR B 315 -6.29 46.73 43.35
C TYR B 315 -5.89 46.65 44.82
N VAL B 316 -6.82 46.86 45.74
CA VAL B 316 -6.51 46.77 47.16
C VAL B 316 -6.24 45.33 47.56
N GLU B 317 -7.03 44.40 47.02
CA GLU B 317 -6.88 42.98 47.37
C GLU B 317 -5.49 42.48 47.00
N TYR B 318 -4.73 42.04 48.00
CA TYR B 318 -3.33 41.67 47.85
C TYR B 318 -3.12 40.56 46.81
N PRO B 319 -3.81 39.43 46.89
CA PRO B 319 -3.61 38.40 45.85
C PRO B 319 -4.01 38.88 44.47
N LEU B 320 -4.98 39.79 44.36
CA LEU B 320 -5.42 40.23 43.04
C LEU B 320 -4.31 40.96 42.30
N TRP B 321 -3.72 41.98 42.92
CA TRP B 321 -2.61 42.65 42.26
C TRP B 321 -1.36 41.81 42.22
N SER B 322 -1.18 40.88 43.17
CA SER B 322 -0.06 39.95 43.06
C SER B 322 -0.15 39.12 41.78
N ASN B 323 -1.31 38.50 41.54
CA ASN B 323 -1.44 37.69 40.33
C ASN B 323 -1.47 38.55 39.08
N VAL B 324 -1.97 39.79 39.17
CA VAL B 324 -1.96 40.66 38.00
C VAL B 324 -0.53 41.03 37.61
N VAL B 325 0.30 41.38 38.59
CA VAL B 325 1.69 41.69 38.27
C VAL B 325 2.42 40.45 37.79
N PHE B 326 2.08 39.28 38.33
CA PHE B 326 2.66 38.05 37.79
C PHE B 326 2.25 37.85 36.33
N ALA B 327 0.99 38.13 36.00
CA ALA B 327 0.52 37.97 34.63
C ALA B 327 1.25 38.91 33.68
N LEU B 328 1.42 40.17 34.07
CA LEU B 328 2.16 41.08 33.21
C LEU B 328 3.64 40.71 33.16
N ALA B 329 4.16 40.06 34.20
CA ALA B 329 5.51 39.55 34.16
C ALA B 329 5.65 38.43 33.13
N ASN B 330 4.66 37.55 33.04
CA ASN B 330 4.73 36.45 32.08
C ASN B 330 4.73 36.97 30.64
N THR B 331 4.12 38.13 30.40
CA THR B 331 4.07 38.72 29.07
C THR B 331 5.23 39.69 28.93
N SER B 332 6.35 39.19 28.43
CA SER B 332 7.55 39.98 28.16
C SER B 332 8.11 40.61 29.44
N ALA B 333 9.16 41.42 29.30
CA ALA B 333 9.79 42.08 30.42
C ALA B 333 9.84 43.60 30.27
N ASN B 334 9.37 44.14 29.16
CA ASN B 334 9.40 45.59 28.94
C ASN B 334 8.22 46.30 29.59
N TYR B 335 7.33 45.57 30.25
CA TYR B 335 6.17 46.16 30.90
C TYR B 335 6.46 46.64 32.33
N ARG B 336 7.74 46.83 32.65
CA ARG B 336 8.10 47.45 33.92
C ARG B 336 7.52 48.86 34.07
N PRO B 337 7.57 49.75 33.06
CA PRO B 337 6.87 51.03 33.20
C PRO B 337 5.37 50.87 33.43
N LEU B 338 4.75 49.89 32.77
CA LEU B 338 3.31 49.67 32.99
C LEU B 338 3.04 49.23 34.43
N ALA B 339 3.89 48.36 34.97
CA ALA B 339 3.73 47.96 36.36
C ALA B 339 3.96 49.12 37.31
N GLU B 340 4.95 49.97 37.01
CA GLU B 340 5.19 51.16 37.82
C GLU B 340 3.98 52.08 37.82
N TRP B 341 3.36 52.27 36.66
CA TRP B 341 2.12 53.04 36.61
C TRP B 341 1.03 52.36 37.43
N PHE B 342 0.92 51.03 37.32
CA PHE B 342 -0.08 50.31 38.08
C PHE B 342 0.12 50.50 39.58
N SER B 343 1.34 50.76 40.01
CA SER B 343 1.58 51.11 41.41
C SER B 343 0.82 52.37 41.79
N GLN B 344 0.62 53.29 40.83
CA GLN B 344 -0.13 54.51 41.06
C GLN B 344 -1.55 54.43 40.51
N LYS B 345 -2.02 53.24 40.16
CA LYS B 345 -3.41 53.03 39.75
C LYS B 345 -4.26 52.86 40.99
N CYS B 346 -5.09 53.86 41.29
CA CYS B 346 -5.86 53.91 42.52
C CYS B 346 -4.97 53.72 43.76
N PRO B 347 -3.97 54.61 43.97
CA PRO B 347 -3.03 54.46 45.08
C PRO B 347 -3.49 55.16 46.35
N GLU B 348 -4.72 54.88 46.77
CA GLU B 348 -5.25 55.50 47.98
C GLU B 348 -4.52 55.04 49.24
N LYS B 349 -3.84 53.88 49.19
CA LYS B 349 -3.07 53.40 50.31
C LYS B 349 -1.75 52.78 49.86
N TRP B 350 -1.19 53.25 48.75
CA TRP B 350 0.10 52.75 48.31
C TRP B 350 1.19 53.07 49.33
N ASN B 351 1.21 54.31 49.82
CA ASN B 351 2.16 54.66 50.87
C ASN B 351 1.86 53.89 52.16
N THR B 352 0.57 53.75 52.51
CA THR B 352 0.21 52.97 53.67
C THR B 352 0.56 51.49 53.47
N GLY B 353 0.29 50.97 52.28
CA GLY B 353 0.59 49.58 51.97
C GLY B 353 2.01 49.30 51.54
N GLY B 354 2.87 50.32 51.50
CA GLY B 354 4.25 50.14 51.11
C GLY B 354 4.53 50.52 49.68
N LYS B 355 5.34 51.56 49.48
CA LYS B 355 5.68 51.99 48.13
C LYS B 355 6.46 50.90 47.39
N GLU B 356 7.41 50.27 48.06
CA GLU B 356 8.24 49.23 47.46
C GLU B 356 7.65 47.84 47.68
N LYS B 357 6.38 47.67 47.29
CA LYS B 357 5.68 46.40 47.45
C LYS B 357 5.32 45.78 46.11
N LEU B 358 4.64 46.52 45.23
CA LEU B 358 4.29 45.98 43.93
C LEU B 358 5.52 45.74 43.07
N GLU B 359 6.47 46.67 43.08
CA GLU B 359 7.70 46.48 42.32
C GLU B 359 8.58 45.39 42.92
N LYS B 360 8.41 45.09 44.21
CA LYS B 360 9.22 44.07 44.85
C LYS B 360 8.99 42.70 44.23
N LEU B 361 7.73 42.38 43.91
CA LEU B 361 7.41 41.07 43.34
C LEU B 361 8.00 40.88 41.95
N TRP B 362 8.35 41.95 41.26
CA TRP B 362 8.94 41.89 39.92
C TRP B 362 10.42 42.22 39.88
N ASN B 363 10.85 43.22 40.66
CA ASN B 363 12.25 43.61 40.64
C ASN B 363 13.15 42.60 41.35
N ASP B 364 12.60 41.80 42.27
CA ASP B 364 13.41 40.79 42.94
C ASP B 364 13.90 39.74 41.95
N ALA B 365 13.04 39.32 41.02
CA ALA B 365 13.43 38.37 39.99
C ALA B 365 12.55 38.63 38.76
N SER B 366 13.07 39.38 37.80
CA SER B 366 12.34 39.59 36.55
C SER B 366 12.23 38.30 35.75
N HIS B 367 13.25 37.46 35.80
CA HIS B 367 13.25 36.17 35.13
C HIS B 367 12.48 35.16 35.99
N HIS B 368 12.61 33.87 35.65
CA HIS B 368 12.04 32.75 36.40
C HIS B 368 10.52 32.68 36.24
N THR B 369 9.98 31.47 36.19
CA THR B 369 8.56 31.25 36.02
C THR B 369 8.05 30.27 37.08
N GLU B 370 6.75 30.35 37.35
CA GLU B 370 6.12 29.51 38.37
C GLU B 370 4.87 28.81 37.85
N LYS B 371 4.62 28.84 36.55
CA LYS B 371 3.40 28.29 35.95
C LYS B 371 2.17 28.88 36.62
N LYS B 372 2.04 30.20 36.50
CA LYS B 372 0.99 30.98 37.16
C LYS B 372 0.10 31.61 36.11
N ILE B 373 -0.83 32.46 36.57
CA ILE B 373 -1.78 33.10 35.67
C ILE B 373 -1.06 34.17 34.86
N THR B 374 -1.00 33.97 33.56
CA THR B 374 -0.47 34.95 32.61
C THR B 374 -1.63 35.82 32.11
N LYS B 375 -1.41 36.55 31.01
CA LYS B 375 -2.50 37.25 30.35
C LYS B 375 -3.47 36.21 29.77
N ARG B 376 -4.47 36.69 29.02
CA ARG B 376 -5.62 35.94 28.54
C ARG B 376 -6.67 35.79 29.65
N SER B 377 -6.39 36.32 30.85
CA SER B 377 -7.32 36.26 31.97
C SER B 377 -7.72 37.62 32.51
N ILE B 378 -6.91 38.66 32.31
CA ILE B 378 -7.27 40.00 32.77
C ILE B 378 -8.54 40.47 32.07
N MET B 379 -8.68 40.13 30.78
CA MET B 379 -9.91 40.46 30.06
C MET B 379 -11.11 39.76 30.68
N TYR B 380 -10.94 38.50 31.08
CA TYR B 380 -12.02 37.79 31.75
C TYR B 380 -12.37 38.45 33.08
N TRP B 381 -11.36 38.87 33.84
CA TRP B 381 -11.62 39.54 35.11
C TRP B 381 -12.38 40.85 34.89
N ALA B 382 -12.00 41.60 33.86
CA ALA B 382 -12.71 42.84 33.56
C ALA B 382 -14.15 42.56 33.13
N HIS B 383 -14.36 41.52 32.32
CA HIS B 383 -15.69 41.23 31.81
C HIS B 383 -16.61 40.62 32.85
N LYS B 384 -16.06 39.94 33.86
CA LYS B 384 -16.90 39.26 34.83
C LYS B 384 -17.71 40.23 35.69
N HIS B 385 -17.30 41.49 35.79
CA HIS B 385 -18.00 42.46 36.62
C HIS B 385 -18.28 43.78 35.92
N ALA B 386 -17.64 44.07 34.79
CA ALA B 386 -17.76 45.36 34.12
C ALA B 386 -18.15 45.16 32.66
N PRO B 387 -19.43 44.85 32.40
CA PRO B 387 -19.89 44.76 31.01
C PRO B 387 -20.10 46.13 30.40
N GLN B 388 -20.67 46.17 29.19
CA GLN B 388 -21.03 47.42 28.51
C GLN B 388 -19.81 48.22 28.10
N GLN B 389 -19.06 48.77 29.06
CA GLN B 389 -17.88 49.56 28.68
C GLN B 389 -16.78 48.68 28.11
N TYR B 390 -16.63 47.45 28.63
CA TYR B 390 -15.61 46.56 28.11
C TYR B 390 -15.91 46.17 26.65
N LYS B 391 -17.15 45.81 26.37
CA LYS B 391 -17.51 45.39 25.02
C LYS B 391 -17.41 46.54 24.03
N GLU B 392 -17.82 47.75 24.44
CA GLU B 392 -17.67 48.88 23.53
C GLU B 392 -16.21 49.26 23.34
N ILE B 393 -15.38 49.07 24.37
CA ILE B 393 -13.95 49.35 24.23
C ILE B 393 -13.34 48.41 23.19
N VAL B 394 -13.61 47.10 23.32
CA VAL B 394 -13.03 46.17 22.35
C VAL B 394 -13.62 46.39 20.97
N GLU B 395 -14.91 46.74 20.90
CA GLU B 395 -15.56 47.02 19.62
C GLU B 395 -14.87 48.19 18.92
N GLN B 396 -14.69 49.30 19.63
CA GLN B 396 -14.04 50.45 19.01
C GLN B 396 -12.58 50.15 18.68
N GLY B 397 -11.93 49.28 19.46
CA GLY B 397 -10.57 48.90 19.14
C GLY B 397 -10.43 48.19 17.80
N TYR B 398 -11.16 47.09 17.63
CA TYR B 398 -11.01 46.39 16.36
C TYR B 398 -11.67 47.16 15.22
N PHE B 399 -12.68 47.99 15.51
CA PHE B 399 -13.21 48.87 14.48
C PHE B 399 -12.17 49.86 14.01
N SER B 400 -11.38 50.41 14.94
CA SER B 400 -10.31 51.33 14.57
C SER B 400 -9.26 50.62 13.73
N ILE B 401 -8.90 49.39 14.10
CA ILE B 401 -7.93 48.64 13.32
C ILE B 401 -8.42 48.43 11.89
N LEU B 402 -9.67 47.95 11.76
CA LEU B 402 -10.20 47.65 10.43
C LEU B 402 -10.38 48.92 9.61
N ALA B 403 -10.81 50.02 10.25
CA ALA B 403 -10.95 51.28 9.55
C ALA B 403 -9.61 51.81 9.09
N GLU B 404 -8.56 51.63 9.90
CA GLU B 404 -7.22 52.03 9.48
C GLU B 404 -6.80 51.26 8.24
N TYR B 405 -7.04 49.94 8.23
CA TYR B 405 -6.70 49.15 7.05
C TYR B 405 -7.49 49.61 5.82
N VAL B 406 -8.80 49.80 5.98
CA VAL B 406 -9.64 50.13 4.83
C VAL B 406 -9.32 51.51 4.30
N TYR B 407 -8.91 52.44 5.17
CA TYR B 407 -8.49 53.76 4.69
C TYR B 407 -7.13 53.70 4.01
N SER B 408 -6.21 52.90 4.57
CA SER B 408 -4.86 52.85 4.00
C SER B 408 -4.84 52.19 2.64
N TYR B 409 -5.66 51.15 2.42
CA TYR B 409 -5.57 50.38 1.19
C TYR B 409 -6.80 50.58 0.28
N ASN B 410 -7.44 51.74 0.39
CA ASN B 410 -8.49 52.16 -0.54
C ASN B 410 -9.61 51.13 -0.65
N GLY B 411 -9.98 50.54 0.48
CA GLY B 411 -11.08 49.59 0.51
C GLY B 411 -10.86 48.33 -0.30
N MET B 412 -9.66 47.76 -0.24
CA MET B 412 -9.33 46.51 -0.92
C MET B 412 -8.87 45.53 0.15
N LEU B 413 -9.82 44.78 0.72
CA LEU B 413 -9.50 43.86 1.80
C LEU B 413 -8.81 42.61 1.24
N GLU B 414 -8.00 41.98 2.09
CA GLU B 414 -7.25 40.79 1.74
C GLU B 414 -7.32 39.80 2.90
N HIS B 415 -6.60 38.70 2.76
CA HIS B 415 -6.68 37.61 3.74
C HIS B 415 -6.05 38.03 5.07
N TYR B 416 -4.85 38.61 5.02
CA TYR B 416 -4.11 38.86 6.25
C TYR B 416 -4.82 39.87 7.14
N MET B 417 -5.38 40.93 6.55
CA MET B 417 -6.04 41.95 7.35
C MET B 417 -7.25 41.39 8.08
N ILE B 418 -8.08 40.62 7.38
CA ILE B 418 -9.24 40.01 7.99
C ILE B 418 -8.81 39.00 9.05
N ALA B 419 -7.75 38.25 8.78
CA ALA B 419 -7.25 37.30 9.77
C ALA B 419 -6.79 38.01 11.04
N LYS B 420 -6.08 39.13 10.89
CA LYS B 420 -5.63 39.88 12.05
C LYS B 420 -6.81 40.44 12.83
N VAL B 421 -7.83 40.94 12.13
CA VAL B 421 -9.01 41.46 12.81
C VAL B 421 -9.71 40.35 13.59
N ILE B 422 -9.84 39.17 12.97
CA ILE B 422 -10.49 38.05 13.63
C ILE B 422 -9.70 37.63 14.87
N TYR B 423 -8.38 37.54 14.75
CA TYR B 423 -7.55 37.16 15.89
C TYR B 423 -7.67 38.18 17.01
N ALA B 424 -7.71 39.47 16.67
CA ALA B 424 -7.86 40.49 17.70
C ALA B 424 -9.21 40.38 18.38
N MET B 425 -10.28 40.14 17.62
CA MET B 425 -11.62 40.12 18.20
C MET B 425 -11.94 38.81 18.92
N MET B 426 -11.17 37.74 18.69
CA MET B 426 -11.15 36.62 19.63
C MET B 426 -9.77 35.97 19.57
N GLY B 427 -8.94 36.33 20.53
CA GLY B 427 -7.71 35.63 20.80
C GLY B 427 -7.78 34.73 22.02
N ASN B 428 -8.96 34.64 22.64
CA ASN B 428 -9.13 33.92 23.90
C ASN B 428 -9.93 32.63 23.74
N LYS B 429 -10.00 32.09 22.53
CA LYS B 429 -10.81 30.90 22.32
C LYS B 429 -10.18 29.83 21.46
N PHE B 430 -9.10 30.10 20.72
CA PHE B 430 -8.52 29.12 19.82
C PHE B 430 -7.00 29.10 19.97
N VAL B 431 -6.43 27.91 19.80
CA VAL B 431 -4.99 27.70 19.88
C VAL B 431 -4.59 26.72 18.78
N VAL B 432 -3.48 27.00 18.11
CA VAL B 432 -2.98 26.17 17.01
C VAL B 432 -1.55 25.75 17.34
N ASP B 433 -1.28 24.45 17.17
CA ASP B 433 0.05 23.92 17.41
C ASP B 433 0.32 22.79 16.41
N VAL B 434 1.58 22.34 16.39
CA VAL B 434 2.04 21.33 15.44
C VAL B 434 2.28 20.04 16.20
N ASP B 435 1.75 18.94 15.69
CA ASP B 435 1.85 17.64 16.34
C ASP B 435 3.09 16.91 15.82
N SER B 436 3.21 15.61 16.12
CA SER B 436 4.43 14.85 15.88
C SER B 436 4.81 14.78 14.40
N ASN B 437 3.97 14.14 13.57
CA ASN B 437 4.29 14.01 12.16
C ASN B 437 4.32 15.35 11.45
N GLY B 438 3.59 16.34 11.97
CA GLY B 438 3.61 17.69 11.44
C GLY B 438 2.36 18.05 10.70
N LYS B 439 1.43 18.68 11.42
CA LYS B 439 0.17 19.20 10.91
C LYS B 439 -0.19 20.41 11.75
N TYR B 440 -1.19 21.16 11.30
CA TYR B 440 -1.72 22.27 12.07
C TYR B 440 -3.07 21.87 12.64
N VAL B 441 -3.14 21.73 13.96
CA VAL B 441 -4.32 21.24 14.65
C VAL B 441 -4.95 22.39 15.41
N TRP B 442 -6.27 22.48 15.35
CA TRP B 442 -7.02 23.56 15.98
C TRP B 442 -7.69 23.05 17.24
N PHE B 443 -7.44 23.73 18.36
CA PHE B 443 -8.10 23.47 19.62
C PHE B 443 -8.94 24.69 20.00
N GLU B 444 -10.12 24.44 20.55
CA GLU B 444 -11.01 25.52 20.94
C GLU B 444 -11.52 25.28 22.35
N PHE B 445 -11.75 26.37 23.07
CA PHE B 445 -12.18 26.31 24.46
C PHE B 445 -13.71 26.27 24.50
N VAL B 446 -14.26 25.24 25.14
CA VAL B 446 -15.70 25.07 25.19
C VAL B 446 -16.28 25.88 26.34
N LEU B 447 -17.44 26.50 26.10
CA LEU B 447 -18.13 27.32 27.07
C LEU B 447 -19.57 26.85 27.19
N PRO B 448 -20.20 27.04 28.35
CA PRO B 448 -21.59 26.61 28.52
C PRO B 448 -22.53 27.38 27.60
N GLY B 449 -23.59 26.71 27.17
CA GLY B 449 -24.60 27.33 26.34
C GLY B 449 -24.43 27.12 24.85
N GLN B 450 -23.56 26.21 24.43
CA GLN B 450 -23.34 25.91 23.03
C GLN B 450 -23.39 24.41 22.82
N PRO B 451 -23.73 23.95 21.61
CA PRO B 451 -23.74 22.51 21.35
C PRO B 451 -22.38 21.88 21.58
N MET B 452 -22.38 20.71 22.19
CA MET B 452 -21.15 20.05 22.61
C MET B 452 -21.47 18.61 22.98
N ASN B 453 -20.41 17.83 23.16
CA ASN B 453 -20.55 16.50 23.70
C ASN B 453 -20.68 16.56 25.22
N GLN B 454 -20.99 15.43 25.83
CA GLN B 454 -21.18 15.36 27.27
C GLN B 454 -19.84 15.36 27.99
N GLY B 455 -19.70 16.24 28.99
CA GLY B 455 -18.54 16.24 29.86
C GLY B 455 -17.34 17.00 29.36
N GLU B 456 -17.42 17.66 28.20
CA GLU B 456 -16.29 18.41 27.66
C GLU B 456 -16.39 19.90 27.94
N ILE B 457 -16.91 20.27 29.10
CA ILE B 457 -17.10 21.67 29.46
C ILE B 457 -15.83 22.20 30.10
N TRP B 458 -15.59 23.50 29.90
CA TRP B 458 -14.48 24.22 30.53
C TRP B 458 -13.13 23.59 30.23
N LYS B 459 -12.97 23.02 29.04
CA LYS B 459 -11.69 22.42 28.67
C LYS B 459 -11.59 22.39 27.15
N TRP B 460 -10.34 22.33 26.67
CA TRP B 460 -10.09 22.34 25.24
C TRP B 460 -10.52 21.02 24.60
N ARG B 461 -10.97 21.11 23.34
CA ARG B 461 -11.29 19.95 22.54
C ARG B 461 -10.66 20.10 21.16
N LYS B 462 -10.36 18.97 20.54
CA LYS B 462 -9.66 18.96 19.26
C LYS B 462 -10.66 19.06 18.11
N GLU B 463 -10.43 20.02 17.23
CA GLU B 463 -11.26 20.22 16.05
C GLU B 463 -10.43 20.00 14.80
N VAL B 464 -10.90 19.09 13.93
CA VAL B 464 -10.22 18.88 12.66
C VAL B 464 -10.35 20.11 11.78
N ASN B 465 -11.48 20.80 11.84
CA ASN B 465 -11.71 22.00 11.05
C ASN B 465 -12.46 23.02 11.91
N PRO B 466 -11.98 24.25 12.02
CA PRO B 466 -12.64 25.22 12.90
C PRO B 466 -13.98 25.69 12.35
N ASP B 467 -15.02 24.88 12.58
CA ASP B 467 -16.34 25.18 12.04
C ASP B 467 -16.89 26.48 12.59
N GLU B 468 -16.83 26.65 13.91
CA GLU B 468 -17.36 27.85 14.53
C GLU B 468 -16.60 29.09 14.08
N LEU B 469 -15.32 28.94 13.74
CA LEU B 469 -14.57 30.07 13.19
C LEU B 469 -15.16 30.50 11.86
N HIS B 470 -15.48 29.55 10.99
CA HIS B 470 -16.13 29.88 9.72
C HIS B 470 -17.47 30.55 9.95
N ILE B 471 -18.26 29.99 10.87
CA ILE B 471 -19.58 30.57 11.13
C ILE B 471 -19.44 32.01 11.64
N TYR B 472 -18.49 32.25 12.54
CA TYR B 472 -18.31 33.59 13.08
C TYR B 472 -17.85 34.55 12.00
N ILE B 473 -16.82 34.17 11.22
CA ILE B 473 -16.29 35.08 10.22
C ILE B 473 -17.32 35.36 9.13
N SER B 474 -18.28 34.46 8.94
CA SER B 474 -19.32 34.74 7.97
C SER B 474 -20.46 35.57 8.56
N GLU B 475 -20.77 35.40 9.84
CA GLU B 475 -21.95 36.05 10.43
C GLU B 475 -21.60 37.38 11.11
N ASN B 476 -20.74 37.33 12.14
CA ASN B 476 -20.53 38.49 12.99
C ASN B 476 -19.64 39.55 12.35
N PHE B 477 -18.85 39.18 11.34
CA PHE B 477 -18.00 40.16 10.67
C PHE B 477 -18.83 41.09 9.79
N SER B 478 -20.03 40.65 9.41
CA SER B 478 -20.96 41.50 8.68
C SER B 478 -21.39 42.70 9.51
N ARG B 479 -21.43 42.57 10.84
CA ARG B 479 -21.74 43.71 11.68
C ARG B 479 -20.69 44.80 11.53
N VAL B 480 -19.41 44.42 11.54
CA VAL B 480 -18.34 45.40 11.35
C VAL B 480 -18.40 45.98 9.96
N MET B 481 -18.72 45.15 8.95
CA MET B 481 -18.88 45.67 7.60
C MET B 481 -19.99 46.71 7.52
N ASP B 482 -21.13 46.44 8.17
CA ASP B 482 -22.23 47.40 8.18
C ASP B 482 -21.83 48.68 8.89
N ARG B 483 -21.10 48.56 10.01
CA ARG B 483 -20.67 49.75 10.74
C ARG B 483 -19.74 50.60 9.88
N ILE B 484 -18.80 49.98 9.17
CA ILE B 484 -17.89 50.71 8.31
C ILE B 484 -18.64 51.37 7.17
N THR B 485 -19.60 50.66 6.58
CA THR B 485 -20.38 51.24 5.50
C THR B 485 -21.17 52.45 5.98
N GLU B 486 -21.79 52.36 7.16
CA GLU B 486 -22.53 53.49 7.70
C GLU B 486 -21.61 54.67 7.99
N HIS B 487 -20.41 54.40 8.52
CA HIS B 487 -19.45 55.47 8.75
C HIS B 487 -19.06 56.16 7.45
N ILE B 488 -18.80 55.37 6.40
CA ILE B 488 -18.42 55.95 5.11
C ILE B 488 -19.56 56.78 4.54
N LYS B 489 -20.79 56.28 4.63
CA LYS B 489 -21.93 57.04 4.12
C LYS B 489 -22.13 58.32 4.89
N TYR B 490 -21.97 58.28 6.22
CA TYR B 490 -22.10 59.48 7.02
C TYR B 490 -21.05 60.51 6.65
N HIS B 491 -19.81 60.07 6.45
CA HIS B 491 -18.78 61.00 6.00
C HIS B 491 -19.06 61.53 4.61
N LEU B 492 -19.66 60.74 3.74
CA LEU B 492 -20.01 61.21 2.40
C LEU B 492 -21.16 62.21 2.44
N SER B 493 -22.02 62.12 3.46
CA SER B 493 -23.17 63.02 3.53
C SER B 493 -22.75 64.47 3.72
N GLN B 494 -21.74 64.71 4.54
CA GLN B 494 -21.30 66.08 4.80
C GLN B 494 -20.65 66.65 3.54
N PRO B 495 -21.08 67.82 3.08
CA PRO B 495 -20.53 68.38 1.84
C PRO B 495 -19.12 68.93 2.02
N HIS B 496 -18.37 68.92 0.93
CA HIS B 496 -17.02 69.48 0.87
C HIS B 496 -16.67 69.62 -0.61
N GLU B 497 -15.43 70.01 -0.89
CA GLU B 497 -15.00 70.24 -2.26
C GLU B 497 -14.65 68.89 -2.92
N SER B 498 -13.94 68.95 -4.04
CA SER B 498 -13.80 67.79 -4.92
C SER B 498 -13.09 66.61 -4.26
N ASN B 499 -12.42 66.83 -3.12
CA ASN B 499 -11.74 65.72 -2.45
C ASN B 499 -12.71 64.65 -1.96
N ILE B 500 -14.01 64.95 -1.88
CA ILE B 500 -15.01 63.98 -1.51
C ILE B 500 -16.00 63.68 -2.62
N LEU B 501 -15.99 64.45 -3.71
CA LEU B 501 -16.94 64.23 -4.79
C LEU B 501 -16.74 62.87 -5.43
N ASN B 502 -15.50 62.45 -5.62
CA ASN B 502 -15.18 61.17 -6.25
C ASN B 502 -14.36 60.24 -5.39
N TYR B 503 -13.55 60.76 -4.45
CA TYR B 503 -12.70 59.89 -3.65
C TYR B 503 -13.52 58.98 -2.74
N TYR B 504 -14.50 59.54 -2.04
CA TYR B 504 -15.39 58.71 -1.23
C TYR B 504 -16.21 57.77 -2.12
N LYS B 505 -16.70 58.26 -3.26
CA LYS B 505 -17.51 57.42 -4.13
C LYS B 505 -16.71 56.24 -4.65
N LYS B 506 -15.46 56.48 -5.05
CA LYS B 506 -14.62 55.40 -5.56
C LYS B 506 -14.33 54.36 -4.47
N LEU B 507 -13.96 54.82 -3.27
CA LEU B 507 -13.67 53.87 -2.20
C LEU B 507 -14.95 53.18 -1.73
N LEU B 508 -16.09 53.87 -1.78
CA LEU B 508 -17.34 53.21 -1.44
C LEU B 508 -17.66 52.10 -2.44
N LYS B 509 -17.44 52.36 -3.73
CA LYS B 509 -17.65 51.30 -4.72
C LYS B 509 -16.70 50.14 -4.49
N ALA B 510 -15.43 50.43 -4.20
CA ALA B 510 -14.47 49.37 -3.95
C ALA B 510 -14.86 48.54 -2.73
N PHE B 511 -15.31 49.21 -1.66
CA PHE B 511 -15.67 48.49 -0.45
C PHE B 511 -16.93 47.66 -0.64
N GLU B 512 -17.92 48.19 -1.37
CA GLU B 512 -19.12 47.40 -1.61
C GLU B 512 -18.83 46.24 -2.57
N ARG B 513 -17.83 46.38 -3.43
CA ARG B 513 -17.40 45.24 -4.24
C ARG B 513 -16.70 44.18 -3.40
N SER B 514 -15.86 44.61 -2.46
CA SER B 514 -15.11 43.67 -1.62
C SER B 514 -15.93 43.09 -0.49
N LYS B 515 -17.10 43.66 -0.18
CA LYS B 515 -17.90 43.15 0.92
C LYS B 515 -18.36 41.73 0.68
N SER B 516 -18.75 41.41 -0.56
CA SER B 516 -19.28 40.08 -0.87
C SER B 516 -18.21 39.00 -0.81
N LYS B 517 -16.92 39.36 -0.73
CA LYS B 517 -15.87 38.36 -0.73
C LYS B 517 -15.81 37.57 0.58
N ILE B 518 -16.37 38.10 1.67
CA ILE B 518 -16.29 37.41 2.94
C ILE B 518 -17.16 36.16 2.96
N PHE B 519 -18.12 36.06 2.04
CA PHE B 519 -18.99 34.89 1.97
C PHE B 519 -18.45 33.81 1.06
N ASN B 520 -17.31 34.04 0.42
CA ASN B 520 -16.71 33.07 -0.48
C ASN B 520 -16.09 31.92 0.31
N ASP B 521 -15.96 30.78 -0.36
CA ASP B 521 -15.36 29.61 0.26
C ASP B 521 -13.84 29.62 0.14
N SER B 522 -13.32 29.87 -1.05
CA SER B 522 -11.87 29.93 -1.24
C SER B 522 -11.27 31.08 -0.45
N PHE B 523 -11.93 32.23 -0.43
CA PHE B 523 -11.43 33.37 0.34
C PHE B 523 -11.39 33.04 1.83
N LYS B 524 -12.45 32.39 2.33
CA LYS B 524 -12.47 32.03 3.75
C LYS B 524 -11.38 30.99 4.07
N LYS B 525 -11.16 30.04 3.16
CA LYS B 525 -10.09 29.06 3.38
C LYS B 525 -8.73 29.75 3.42
N GLY B 526 -8.50 30.70 2.52
CA GLY B 526 -7.26 31.46 2.55
C GLY B 526 -7.10 32.26 3.82
N VAL B 527 -8.19 32.86 4.30
CA VAL B 527 -8.13 33.63 5.54
C VAL B 527 -7.79 32.72 6.72
N ILE B 528 -8.39 31.53 6.76
CA ILE B 528 -8.09 30.58 7.82
C ILE B 528 -6.63 30.15 7.75
N ARG B 529 -6.13 29.88 6.55
CA ARG B 529 -4.74 29.47 6.40
C ARG B 529 -3.79 30.59 6.87
N GLN B 530 -4.12 31.83 6.54
CA GLN B 530 -3.30 32.95 7.01
C GLN B 530 -3.36 33.09 8.52
N ALA B 531 -4.55 32.95 9.10
CA ALA B 531 -4.71 33.11 10.54
C ALA B 531 -4.11 31.96 11.31
N GLU B 532 -3.81 30.84 10.65
CA GLU B 532 -3.14 29.74 11.33
C GLU B 532 -1.83 30.20 11.96
N PHE B 533 -1.15 31.16 11.35
CA PHE B 533 0.12 31.63 11.90
C PHE B 533 -0.08 32.55 13.10
N LEU B 534 -1.14 33.37 13.07
CA LEU B 534 -1.37 34.30 14.17
C LEU B 534 -1.75 33.57 15.45
N PHE B 535 -2.53 32.50 15.33
CA PHE B 535 -2.96 31.74 16.50
C PHE B 535 -1.92 30.73 16.97
N ARG B 536 -0.78 30.65 16.29
CA ARG B 536 0.26 29.72 16.66
C ARG B 536 0.74 29.99 18.09
N GLN B 537 0.86 28.91 18.87
CA GLN B 537 1.34 29.00 20.25
C GLN B 537 2.39 27.91 20.45
N ARG B 538 3.64 28.33 20.63
CA ARG B 538 4.72 27.37 20.82
C ARG B 538 4.56 26.65 22.16
N SER B 539 4.93 25.37 22.17
CA SER B 539 4.94 24.55 23.38
C SER B 539 3.55 24.48 24.01
N PHE B 540 2.61 23.90 23.27
CA PHE B 540 1.26 23.67 23.77
C PHE B 540 0.85 22.20 23.70
N ILE B 541 1.21 21.50 22.62
CA ILE B 541 0.81 20.11 22.50
C ILE B 541 1.58 19.23 23.48
N GLN B 542 2.89 19.45 23.59
CA GLN B 542 3.70 18.60 24.46
C GLN B 542 3.51 18.93 25.93
N THR B 543 2.86 20.04 26.27
CA THR B 543 2.53 20.36 27.65
C THR B 543 1.09 19.99 28.00
N LEU B 544 0.41 19.28 27.11
CA LEU B 544 -0.97 18.87 27.39
C LEU B 544 -1.01 17.75 28.41
N ASP B 545 -1.80 17.94 29.46
CA ASP B 545 -2.02 16.94 30.51
C ASP B 545 -0.73 16.52 31.21
N THR B 546 0.31 17.36 31.17
CA THR B 546 1.55 17.02 31.84
C THR B 546 1.43 17.20 33.35
N ASN B 547 0.62 18.14 33.80
CA ASN B 547 0.43 18.36 35.23
C ASN B 547 -0.30 17.17 35.84
N PRO B 548 0.27 16.47 36.81
CA PRO B 548 -0.42 15.32 37.42
C PRO B 548 -1.39 15.70 38.51
N HIS B 549 -1.52 16.99 38.85
CA HIS B 549 -2.40 17.43 39.91
C HIS B 549 -3.73 17.98 39.39
N LEU B 550 -4.01 17.80 38.10
CA LEU B 550 -5.25 18.28 37.49
C LEU B 550 -5.98 17.11 36.85
N LEU B 551 -7.27 17.00 37.15
CA LEU B 551 -8.12 15.93 36.64
C LEU B 551 -9.31 16.54 35.91
N GLY B 552 -9.58 16.03 34.71
CA GLY B 552 -10.72 16.49 33.94
C GLY B 552 -11.97 15.70 34.26
N VAL B 553 -12.99 16.38 34.80
CA VAL B 553 -14.20 15.71 35.23
C VAL B 553 -15.37 16.14 34.35
N GLY B 554 -16.54 15.56 34.59
CA GLY B 554 -17.69 15.84 33.72
C GLY B 554 -18.15 17.29 33.81
N ASN B 555 -18.08 17.88 35.00
CA ASN B 555 -18.55 19.24 35.22
C ASN B 555 -17.39 20.21 35.40
N GLY B 556 -16.31 20.00 34.66
CA GLY B 556 -15.18 20.91 34.72
C GLY B 556 -13.85 20.24 34.92
N VAL B 557 -12.97 20.87 35.69
CA VAL B 557 -11.63 20.34 35.98
C VAL B 557 -11.45 20.31 37.49
N LEU B 558 -10.83 19.24 37.98
CA LEU B 558 -10.58 19.06 39.41
C LEU B 558 -9.09 19.28 39.68
N SER B 559 -8.80 20.12 40.66
CA SER B 559 -7.43 20.44 41.05
C SER B 559 -7.17 19.89 42.44
N ILE B 560 -6.11 19.09 42.58
CA ILE B 560 -5.72 18.52 43.85
C ILE B 560 -4.36 19.04 44.30
N GLU B 561 -3.97 20.22 43.79
CA GLU B 561 -2.70 20.81 44.21
C GLU B 561 -2.73 21.17 45.70
N THR B 562 -3.83 21.71 46.18
CA THR B 562 -3.96 22.18 47.55
C THR B 562 -5.08 21.44 48.27
N ILE B 563 -4.98 21.43 49.59
CA ILE B 563 -5.98 20.81 50.45
C ILE B 563 -6.90 21.91 50.97
N PRO B 564 -8.23 21.79 50.83
CA PRO B 564 -8.92 20.67 50.18
C PRO B 564 -8.93 20.78 48.66
N ALA B 565 -9.33 19.69 47.99
CA ALA B 565 -9.38 19.70 46.53
C ALA B 565 -10.36 20.75 46.04
N LYS B 566 -9.97 21.45 44.98
CA LYS B 566 -10.75 22.55 44.43
C LYS B 566 -11.29 22.18 43.05
N LEU B 567 -12.55 22.51 42.82
CA LEU B 567 -13.20 22.29 41.53
C LEU B 567 -13.34 23.63 40.82
N ILE B 568 -12.90 23.68 39.57
CA ILE B 568 -12.92 24.91 38.77
C ILE B 568 -14.02 24.75 37.72
N ASN B 569 -15.00 25.64 37.76
CA ASN B 569 -16.09 25.66 36.78
C ASN B 569 -16.22 27.04 36.16
N HIS B 570 -15.12 27.76 36.00
CA HIS B 570 -15.11 29.07 35.38
C HIS B 570 -13.92 29.13 34.42
N PHE B 571 -13.62 30.31 33.91
CA PHE B 571 -12.51 30.48 33.00
C PHE B 571 -11.18 30.21 33.70
N HIS B 572 -10.25 29.62 32.96
CA HIS B 572 -8.92 29.32 33.48
C HIS B 572 -7.97 29.22 32.29
N GLU B 573 -6.75 28.74 32.55
CA GLU B 573 -5.75 28.65 31.50
C GLU B 573 -4.97 27.33 31.53
N HIS B 574 -5.36 26.38 32.36
CA HIS B 574 -4.64 25.12 32.43
C HIS B 574 -4.89 24.30 31.17
N PRO B 575 -3.85 23.89 30.46
CA PRO B 575 -4.01 23.12 29.20
C PRO B 575 -4.32 21.64 29.42
N ILE B 576 -5.60 21.34 29.60
CA ILE B 576 -6.08 19.98 29.77
C ILE B 576 -6.96 19.63 28.58
N HIS B 577 -6.84 18.39 28.11
CA HIS B 577 -7.65 17.91 27.00
C HIS B 577 -8.39 16.63 27.30
N GLN B 578 -7.79 15.71 28.05
CA GLN B 578 -8.47 14.48 28.43
C GLN B 578 -9.38 14.72 29.62
N TYR B 579 -10.38 13.86 29.76
CA TYR B 579 -11.38 14.03 30.81
C TYR B 579 -12.10 12.71 31.05
N THR B 580 -12.88 12.68 32.12
CA THR B 580 -13.77 11.58 32.43
C THR B 580 -15.17 12.13 32.65
N HIS B 581 -16.17 11.27 32.44
CA HIS B 581 -17.57 11.67 32.49
C HIS B 581 -18.18 11.48 33.87
N ILE B 582 -17.38 11.57 34.93
CA ILE B 582 -17.86 11.40 36.29
C ILE B 582 -17.88 12.76 36.96
N CYS B 583 -19.07 13.24 37.28
CA CYS B 583 -19.21 14.51 37.98
C CYS B 583 -18.64 14.40 39.40
N TYR B 584 -18.01 15.46 39.87
CA TYR B 584 -17.37 15.47 41.17
C TYR B 584 -18.23 16.26 42.16
N VAL B 585 -18.49 15.68 43.32
CA VAL B 585 -19.21 16.34 44.40
C VAL B 585 -18.43 16.14 45.69
N PRO B 586 -18.56 17.04 46.67
CA PRO B 586 -17.84 16.84 47.94
C PRO B 586 -18.32 15.59 48.65
N PHE B 587 -17.40 14.98 49.41
CA PHE B 587 -17.69 13.74 50.11
C PHE B 587 -18.72 13.99 51.21
N ASN B 588 -19.95 13.55 51.00
CA ASN B 588 -21.01 13.70 51.98
C ASN B 588 -21.47 12.31 52.43
N PRO B 589 -21.13 11.87 53.64
CA PRO B 589 -21.56 10.53 54.08
C PRO B 589 -23.06 10.38 54.18
N GLU B 590 -23.81 11.48 54.27
CA GLU B 590 -25.27 11.40 54.38
C GLU B 590 -25.95 10.92 53.11
N ASN B 591 -25.24 10.91 51.99
CA ASN B 591 -25.83 10.43 50.75
C ASN B 591 -26.16 8.94 50.86
N PRO B 592 -27.36 8.52 50.45
CA PRO B 592 -27.70 7.08 50.57
C PRO B 592 -26.75 6.18 49.82
N TRP B 593 -26.31 6.59 48.62
CA TRP B 593 -25.38 5.76 47.86
C TRP B 593 -24.04 5.65 48.55
N THR B 594 -23.56 6.75 49.15
CA THR B 594 -22.32 6.69 49.91
C THR B 594 -22.45 5.75 51.09
N LYS B 595 -23.58 5.78 51.78
CA LYS B 595 -23.81 4.86 52.89
C LYS B 595 -23.81 3.42 52.43
N LEU B 596 -24.48 3.14 51.30
CA LEU B 596 -24.53 1.77 50.80
C LEU B 596 -23.14 1.28 50.41
N LEU B 597 -22.37 2.12 49.71
CA LEU B 597 -21.02 1.72 49.33
C LEU B 597 -20.13 1.51 50.54
N LEU B 598 -20.24 2.38 51.56
CA LEU B 598 -19.43 2.21 52.76
C LEU B 598 -19.77 0.93 53.48
N ASN B 599 -21.07 0.63 53.61
CA ASN B 599 -21.47 -0.61 54.27
C ASN B 599 -20.99 -1.83 53.50
N ALA B 600 -21.12 -1.81 52.17
CA ALA B 600 -20.64 -2.93 51.37
C ALA B 600 -19.14 -3.10 51.49
N LEU B 601 -18.39 -2.00 51.48
CA LEU B 601 -16.94 -2.07 51.61
C LEU B 601 -16.54 -2.62 52.97
N GLN B 602 -17.23 -2.20 54.03
CA GLN B 602 -16.95 -2.75 55.35
C GLN B 602 -17.25 -4.24 55.41
N ASP B 603 -18.34 -4.66 54.77
CA ASP B 603 -18.69 -6.08 54.76
C ASP B 603 -17.68 -6.89 53.96
N ILE B 604 -17.11 -6.32 52.90
CA ILE B 604 -16.21 -7.08 52.03
C ILE B 604 -14.94 -7.47 52.76
N ILE B 605 -14.33 -6.51 53.46
CA ILE B 605 -13.09 -6.74 54.20
C ILE B 605 -13.34 -6.44 55.68
N PRO B 606 -13.21 -7.43 56.56
CA PRO B 606 -13.57 -7.18 57.97
C PRO B 606 -12.54 -6.35 58.73
N GLU B 607 -11.25 -6.63 58.54
CA GLU B 607 -10.22 -5.96 59.33
C GLU B 607 -10.22 -4.46 59.05
N LEU B 608 -10.21 -3.67 60.13
CA LEU B 608 -10.24 -2.22 59.98
C LEU B 608 -8.92 -1.69 59.43
N ASP B 609 -7.81 -2.14 59.99
CA ASP B 609 -6.51 -1.66 59.53
C ASP B 609 -6.24 -2.05 58.09
N ALA B 610 -6.56 -3.29 57.74
CA ALA B 610 -6.37 -3.74 56.35
C ALA B 610 -7.26 -2.95 55.41
N ARG B 611 -8.51 -2.69 55.82
CA ARG B 611 -9.42 -1.90 54.98
C ARG B 611 -8.87 -0.50 54.76
N LEU B 612 -8.39 0.14 55.82
CA LEU B 612 -7.84 1.48 55.69
C LEU B 612 -6.61 1.48 54.78
N TRP B 613 -5.73 0.50 54.94
CA TRP B 613 -4.55 0.44 54.10
C TRP B 613 -4.92 0.22 52.63
N ILE B 614 -5.89 -0.65 52.38
CA ILE B 614 -6.31 -0.91 51.00
C ILE B 614 -6.89 0.35 50.38
N MET B 615 -7.73 1.06 51.13
CA MET B 615 -8.32 2.29 50.59
C MET B 615 -7.27 3.36 50.36
N PHE B 616 -6.29 3.47 51.26
CA PHE B 616 -5.21 4.42 51.07
C PHE B 616 -4.42 4.09 49.81
N TYR B 617 -4.13 2.80 49.59
CA TYR B 617 -3.40 2.41 48.39
C TYR B 617 -4.21 2.69 47.13
N LEU B 618 -5.52 2.41 47.16
CA LEU B 618 -6.36 2.65 46.00
C LEU B 618 -6.52 4.13 45.71
N SER B 619 -6.46 4.98 46.74
CA SER B 619 -6.60 6.42 46.53
C SER B 619 -5.47 7.00 45.69
N THR B 620 -4.34 6.30 45.59
CA THR B 620 -3.24 6.77 44.77
C THR B 620 -3.52 6.68 43.28
N ALA B 621 -4.60 6.00 42.88
CA ALA B 621 -4.93 5.93 41.46
C ALA B 621 -5.29 7.29 40.88
N ILE B 622 -5.78 8.20 41.73
CA ILE B 622 -6.09 9.55 41.27
C ILE B 622 -4.83 10.25 40.77
N PHE B 623 -3.75 10.14 41.53
CA PHE B 623 -2.49 10.74 41.14
C PHE B 623 -1.95 10.07 39.88
N ARG B 624 -1.25 10.85 39.06
CA ARG B 624 -0.65 10.34 37.84
C ARG B 624 0.85 10.56 37.78
N GLY B 625 1.45 11.17 38.79
CA GLY B 625 2.88 11.39 38.83
C GLY B 625 3.62 10.21 39.44
N LEU B 626 4.91 10.44 39.72
CA LEU B 626 5.76 9.39 40.25
C LEU B 626 5.24 8.90 41.60
N LYS B 627 5.22 7.59 41.78
CA LYS B 627 4.72 6.96 43.00
C LYS B 627 5.73 5.96 43.51
N GLU B 628 5.54 5.55 44.77
CA GLU B 628 6.39 4.54 45.37
C GLU B 628 6.16 3.18 44.71
N ALA B 629 7.23 2.40 44.62
CA ALA B 629 7.22 1.12 43.94
C ALA B 629 6.53 0.08 44.83
N LEU B 630 5.20 -0.02 44.70
CA LEU B 630 4.42 -1.00 45.44
C LEU B 630 3.58 -1.82 44.47
N MET B 631 3.63 -3.14 44.63
CA MET B 631 2.81 -4.07 43.87
C MET B 631 1.88 -4.80 44.83
N LEU B 632 0.58 -4.73 44.56
CA LEU B 632 -0.42 -5.38 45.41
C LEU B 632 -0.99 -6.58 44.69
N LEU B 633 -1.03 -7.71 45.39
CA LEU B 633 -1.67 -8.91 44.89
C LEU B 633 -2.31 -9.62 46.07
N TRP B 634 -3.60 -9.93 45.95
CA TRP B 634 -4.33 -10.55 47.06
C TRP B 634 -5.21 -11.66 46.53
N LEU B 635 -5.18 -12.79 47.24
CA LEU B 635 -5.79 -14.03 46.80
C LEU B 635 -7.22 -14.16 47.34
N GLY B 636 -7.86 -15.27 46.98
CA GLY B 636 -9.20 -15.50 47.44
C GLY B 636 -9.73 -16.84 46.95
N GLY B 637 -11.04 -16.98 46.93
CA GLY B 637 -11.65 -18.22 46.46
C GLY B 637 -13.14 -18.00 46.24
N GLY B 638 -13.65 -18.50 45.11
CA GLY B 638 -15.06 -18.31 44.80
C GLY B 638 -15.42 -16.85 44.79
N CYS B 639 -16.51 -16.50 45.47
CA CYS B 639 -16.95 -15.11 45.52
C CYS B 639 -16.09 -14.31 46.49
N ASN B 640 -15.31 -13.37 45.97
CA ASN B 640 -14.44 -12.57 46.82
C ASN B 640 -14.69 -11.08 46.63
N GLY B 641 -15.25 -10.71 45.48
CA GLY B 641 -15.52 -9.31 45.21
C GLY B 641 -14.32 -8.56 44.67
N LYS B 642 -13.17 -9.22 44.63
CA LYS B 642 -11.94 -8.56 44.18
C LYS B 642 -12.09 -8.01 42.77
N THR B 643 -12.51 -8.86 41.85
CA THR B 643 -12.68 -8.43 40.47
C THR B 643 -13.76 -7.37 40.38
N PHE B 644 -14.85 -7.58 41.10
CA PHE B 644 -15.94 -6.62 41.07
C PHE B 644 -15.44 -5.26 41.53
N LEU B 645 -14.60 -5.26 42.57
CA LEU B 645 -14.05 -4.00 43.06
C LEU B 645 -13.19 -3.34 42.02
N MET B 646 -12.30 -4.12 41.39
CA MET B 646 -11.45 -3.58 40.35
C MET B 646 -12.28 -2.89 39.30
N ARG B 647 -13.42 -3.48 38.97
CA ARG B 647 -14.29 -2.89 37.95
C ARG B 647 -14.80 -1.52 38.37
N LEU B 648 -15.18 -1.38 39.64
CA LEU B 648 -15.68 -0.09 40.11
C LEU B 648 -14.61 0.98 39.98
N VAL B 649 -13.38 0.66 40.38
CA VAL B 649 -12.30 1.63 40.24
C VAL B 649 -12.07 1.97 38.77
N ALA B 650 -12.09 0.96 37.91
CA ALA B 650 -11.82 1.19 36.49
C ALA B 650 -12.86 2.11 35.87
N MET B 651 -14.15 1.85 36.13
CA MET B 651 -15.18 2.69 35.55
C MET B 651 -15.19 4.09 36.17
N VAL B 652 -14.96 4.19 37.48
CA VAL B 652 -14.98 5.51 38.12
C VAL B 652 -13.84 6.37 37.60
N LEU B 653 -12.65 5.80 37.49
CA LEU B 653 -11.48 6.59 37.09
C LEU B 653 -11.51 6.95 35.61
N GLY B 654 -12.31 6.27 34.80
CA GLY B 654 -12.44 6.60 33.39
C GLY B 654 -11.49 5.81 32.52
N ASP B 655 -11.77 5.85 31.21
CA ASP B 655 -10.97 5.09 30.26
C ASP B 655 -9.61 5.74 30.01
N HIS B 656 -9.56 7.07 29.96
CA HIS B 656 -8.31 7.75 29.66
C HIS B 656 -7.29 7.63 30.78
N TYR B 657 -7.71 7.26 31.98
CA TYR B 657 -6.81 7.15 33.12
C TYR B 657 -6.63 5.74 33.65
N ALA B 658 -7.52 4.82 33.31
CA ALA B 658 -7.45 3.44 33.77
C ALA B 658 -7.42 2.50 32.58
N SER B 659 -6.85 1.32 32.78
CA SER B 659 -6.67 0.37 31.69
C SER B 659 -6.76 -1.05 32.22
N LYS B 660 -7.05 -1.97 31.31
CA LYS B 660 -7.08 -3.41 31.59
C LYS B 660 -5.84 -4.05 31.00
N LEU B 661 -5.12 -4.81 31.82
CA LEU B 661 -3.85 -5.39 31.43
C LEU B 661 -3.95 -6.91 31.40
N ASN B 662 -3.39 -7.50 30.36
CA ASN B 662 -3.39 -8.95 30.22
C ASN B 662 -2.35 -9.58 31.15
N ILE B 663 -2.65 -10.79 31.61
CA ILE B 663 -1.75 -11.50 32.50
C ILE B 663 -0.48 -11.95 31.77
N SER B 664 -0.51 -11.99 30.43
CA SER B 664 0.66 -12.40 29.67
C SER B 664 1.85 -11.49 29.90
N LEU B 665 1.61 -10.23 30.30
CA LEU B 665 2.72 -9.34 30.61
C LEU B 665 3.53 -9.86 31.80
N LEU B 666 2.84 -10.32 32.84
CA LEU B 666 3.49 -10.80 34.05
C LEU B 666 3.73 -12.30 34.05
N THR B 667 3.29 -13.01 33.00
CA THR B 667 3.64 -14.42 32.90
C THR B 667 5.15 -14.61 32.87
N SER B 668 5.86 -13.72 32.17
CA SER B 668 7.32 -13.64 32.19
C SER B 668 7.97 -14.84 31.52
N CYS B 669 7.17 -15.82 31.08
CA CYS B 669 7.72 -16.93 30.33
C CYS B 669 8.12 -16.48 28.92
N ARG B 670 7.35 -15.59 28.32
CA ARG B 670 7.65 -15.08 27.00
C ARG B 670 8.67 -13.95 27.09
N GLU B 671 9.73 -14.05 26.31
CA GLU B 671 10.76 -13.01 26.21
C GLU B 671 10.55 -12.29 24.89
N THR B 672 10.07 -11.05 24.95
CA THR B 672 9.76 -10.29 23.75
C THR B 672 11.04 -9.92 23.03
N ALA B 673 11.26 -10.52 21.85
CA ALA B 673 12.38 -10.18 20.99
C ALA B 673 12.08 -8.91 20.22
N GLU B 674 12.86 -8.60 19.19
CA GLU B 674 12.62 -7.42 18.39
C GLU B 674 11.34 -7.60 17.58
N LYS B 675 10.22 -7.15 18.15
CA LYS B 675 8.89 -7.29 17.54
C LYS B 675 7.90 -6.43 18.31
N PRO B 676 6.86 -5.94 17.64
CA PRO B 676 5.88 -5.10 18.35
C PRO B 676 5.14 -5.89 19.42
N ASN B 677 4.71 -5.17 20.48
CA ASN B 677 3.87 -5.75 21.52
C ASN B 677 2.97 -4.64 22.07
N SER B 678 1.78 -4.52 21.49
CA SER B 678 0.85 -3.46 21.88
C SER B 678 0.35 -3.61 23.31
N ALA B 679 0.45 -4.81 23.87
CA ALA B 679 -0.01 -5.03 25.25
C ALA B 679 0.86 -4.30 26.27
N PHE B 680 2.10 -3.97 25.92
CA PHE B 680 2.97 -3.23 26.82
C PHE B 680 2.59 -1.76 26.92
N MET B 681 1.94 -1.22 25.89
CA MET B 681 1.36 0.12 25.93
C MET B 681 0.06 0.13 26.72
N ARG B 682 -0.71 1.21 26.58
CA ARG B 682 -1.86 1.53 27.42
C ARG B 682 -1.45 1.84 28.85
N LEU B 683 -0.21 2.29 29.03
CA LEU B 683 0.27 2.78 30.32
C LEU B 683 0.67 4.25 30.28
N LYS B 684 0.58 4.88 29.11
CA LYS B 684 0.93 6.30 29.00
C LYS B 684 -0.08 7.14 29.76
N GLY B 685 0.39 7.82 30.82
CA GLY B 685 -0.44 8.68 31.61
C GLY B 685 -1.47 7.97 32.48
N ARG B 686 -1.70 6.68 32.28
CA ARG B 686 -2.65 5.96 33.11
C ARG B 686 -2.11 5.81 34.52
N GLY B 687 -3.02 5.86 35.49
CA GLY B 687 -2.64 5.74 36.89
C GLY B 687 -3.19 4.50 37.57
N TYR B 688 -3.68 3.55 36.77
CA TYR B 688 -4.29 2.35 37.34
C TYR B 688 -4.24 1.23 36.33
N GLY B 689 -3.79 0.05 36.77
CA GLY B 689 -3.79 -1.14 35.94
C GLY B 689 -4.15 -2.36 36.76
N TYR B 690 -5.15 -3.12 36.33
CA TYR B 690 -5.67 -4.23 37.11
C TYR B 690 -5.72 -5.49 36.25
N PHE B 691 -5.66 -6.63 36.92
CA PHE B 691 -5.67 -7.94 36.28
C PHE B 691 -6.94 -8.70 36.69
N GLU B 692 -7.05 -9.93 36.21
CA GLU B 692 -8.23 -10.75 36.45
C GLU B 692 -7.82 -12.17 36.79
N GLU B 693 -8.81 -13.00 37.12
CA GLU B 693 -8.57 -14.40 37.39
C GLU B 693 -8.04 -15.11 36.15
N THR B 694 -7.11 -16.03 36.36
CA THR B 694 -6.47 -16.78 35.28
C THR B 694 -7.00 -18.21 35.26
N ASN B 695 -6.42 -19.02 34.38
CA ASN B 695 -6.85 -20.41 34.26
C ASN B 695 -6.40 -21.24 35.45
N LYS B 696 -5.16 -21.08 35.87
CA LYS B 696 -4.57 -21.91 36.90
C LYS B 696 -3.34 -21.18 37.42
N SER B 697 -2.80 -21.65 38.54
CA SER B 697 -1.59 -21.07 39.11
C SER B 697 -0.49 -20.98 38.05
N GLU B 698 0.09 -19.79 37.92
CA GLU B 698 1.07 -19.50 36.89
C GLU B 698 2.35 -18.96 37.52
N VAL B 699 3.45 -19.13 36.80
CA VAL B 699 4.76 -18.65 37.24
C VAL B 699 4.91 -17.20 36.84
N LEU B 700 5.60 -16.44 37.68
CA LEU B 700 5.87 -15.02 37.44
C LEU B 700 7.35 -14.76 37.70
N ASN B 701 8.16 -14.92 36.67
CA ASN B 701 9.59 -14.67 36.81
C ASN B 701 9.86 -13.19 37.01
N THR B 702 10.98 -12.89 37.66
CA THR B 702 11.33 -11.50 37.95
C THR B 702 11.49 -10.68 36.67
N SER B 703 11.88 -11.32 35.58
CA SER B 703 11.92 -10.63 34.30
C SER B 703 10.52 -10.17 33.93
N ARG B 704 10.44 -8.98 33.32
CA ARG B 704 9.17 -8.32 33.02
C ARG B 704 8.33 -8.08 34.27
N LEU B 705 8.97 -8.05 35.43
CA LEU B 705 8.33 -7.69 36.69
C LEU B 705 9.09 -6.61 37.44
N LYS B 706 10.43 -6.63 37.39
CA LYS B 706 11.22 -5.62 38.09
C LYS B 706 10.97 -4.23 37.51
N GLU B 707 10.90 -4.13 36.18
CA GLU B 707 10.67 -2.84 35.53
C GLU B 707 9.20 -2.44 35.50
N MET B 708 8.31 -3.32 35.95
CA MET B 708 6.89 -2.97 36.01
C MET B 708 6.48 -2.37 37.34
N VAL B 709 7.39 -2.26 38.30
CA VAL B 709 7.05 -1.71 39.61
C VAL B 709 7.93 -0.50 39.91
N ASN B 710 9.14 -0.48 39.35
CA ASN B 710 10.08 0.59 39.66
C ASN B 710 9.63 1.91 39.05
N PRO B 711 9.99 3.04 39.67
CA PRO B 711 9.67 4.37 39.11
C PRO B 711 10.68 4.81 38.05
N GLY B 712 11.01 3.91 37.13
CA GLY B 712 11.95 4.23 36.07
C GLY B 712 11.28 4.36 34.72
N ASP B 713 12.08 4.33 33.65
CA ASP B 713 11.56 4.45 32.30
C ASP B 713 11.77 3.14 31.55
N VAL B 714 10.81 2.80 30.70
CA VAL B 714 10.85 1.59 29.89
C VAL B 714 10.59 1.96 28.43
N THR B 715 11.04 1.08 27.54
CA THR B 715 10.95 1.33 26.11
C THR B 715 10.39 0.10 25.38
N ALA B 716 9.66 0.37 24.31
CA ALA B 716 9.12 -0.68 23.43
C ALA B 716 8.61 0.00 22.17
N ARG B 717 8.43 -0.81 21.12
CA ARG B 717 7.96 -0.31 19.84
C ARG B 717 6.77 -1.15 19.38
N GLU B 718 5.92 -0.54 18.56
CA GLU B 718 4.67 -1.16 18.14
C GLU B 718 4.45 -0.85 16.66
N LEU B 719 3.22 -1.06 16.20
CA LEU B 719 2.89 -0.89 14.79
C LEU B 719 3.24 0.52 14.32
N ASN B 720 3.83 0.60 13.14
CA ASN B 720 4.32 1.86 12.56
C ASN B 720 5.29 2.48 13.56
N GLN B 721 5.31 3.82 13.63
CA GLN B 721 6.13 4.61 14.56
C GLN B 721 7.54 4.05 14.73
N LYS B 722 8.08 4.11 15.93
CA LYS B 722 9.41 3.59 16.22
C LYS B 722 9.53 3.38 17.73
N GLN B 723 10.72 3.04 18.18
CA GLN B 723 10.95 2.86 19.61
C GLN B 723 10.81 4.19 20.35
N GLU B 724 10.28 4.13 21.56
CA GLU B 724 10.11 5.32 22.38
C GLU B 724 10.23 4.93 23.85
N SER B 725 10.52 5.93 24.67
CA SER B 725 10.65 5.76 26.12
C SER B 725 9.61 6.61 26.82
N PHE B 726 8.98 6.02 27.84
CA PHE B 726 7.91 6.70 28.55
C PHE B 726 7.97 6.34 30.03
N GLN B 727 7.65 7.32 30.87
CA GLN B 727 7.59 7.10 32.31
C GLN B 727 6.26 6.46 32.69
N MET B 728 6.33 5.41 33.51
CA MET B 728 5.15 4.69 33.95
C MET B 728 4.86 5.04 35.40
N THR B 729 3.60 5.39 35.69
CA THR B 729 3.21 5.85 37.01
C THR B 729 1.86 5.26 37.43
N ALA B 730 1.56 4.04 37.02
CA ALA B 730 0.26 3.43 37.26
C ALA B 730 0.35 2.43 38.41
N THR B 731 -0.52 2.59 39.40
CA THR B 731 -0.64 1.59 40.45
C THR B 731 -1.23 0.31 39.89
N MET B 732 -0.67 -0.83 40.32
CA MET B 732 -1.03 -2.12 39.75
C MET B 732 -1.56 -3.04 40.83
N VAL B 733 -2.65 -3.75 40.51
CA VAL B 733 -3.23 -4.76 41.37
C VAL B 733 -3.52 -6.00 40.52
N ALA B 734 -3.32 -7.17 41.11
CA ALA B 734 -3.55 -8.44 40.41
C ALA B 734 -4.06 -9.46 41.42
N ALA B 735 -5.31 -9.87 41.27
CA ALA B 735 -5.94 -10.82 42.18
C ALA B 735 -6.29 -12.10 41.45
N SER B 736 -6.23 -13.21 42.16
CA SER B 736 -6.55 -14.51 41.59
C SER B 736 -7.04 -15.43 42.70
N ASN B 737 -7.69 -16.52 42.29
CA ASN B 737 -8.07 -17.58 43.21
C ASN B 737 -7.05 -18.72 43.25
N TYR B 738 -5.97 -18.60 42.48
CA TYR B 738 -4.88 -19.57 42.47
C TYR B 738 -3.58 -18.84 42.77
N ASN B 739 -2.79 -19.40 43.68
CA ASN B 739 -1.58 -18.72 44.14
C ASN B 739 -0.58 -18.55 42.99
N PHE B 740 0.11 -17.41 43.00
CA PHE B 740 1.13 -17.12 42.02
C PHE B 740 2.42 -17.85 42.39
N ILE B 741 3.03 -18.50 41.41
CA ILE B 741 4.28 -19.24 41.62
C ILE B 741 5.42 -18.23 41.48
N ILE B 742 5.98 -17.82 42.62
CA ILE B 742 7.08 -16.87 42.64
C ILE B 742 8.35 -17.64 43.00
N ASP B 743 9.36 -17.54 42.13
CA ASP B 743 10.62 -18.25 42.29
C ASP B 743 11.75 -17.22 42.36
N THR B 744 12.00 -16.71 43.56
CA THR B 744 13.10 -15.77 43.78
C THR B 744 13.34 -15.67 45.28
N THR B 745 14.50 -15.13 45.64
CA THR B 745 14.89 -14.97 47.03
C THR B 745 15.45 -13.59 47.34
N ASP B 746 15.86 -12.81 46.34
CA ASP B 746 16.49 -11.52 46.59
C ASP B 746 15.55 -10.59 47.34
N HIS B 747 16.13 -9.85 48.29
CA HIS B 747 15.34 -8.88 49.06
C HIS B 747 14.82 -7.78 48.16
N GLY B 748 15.52 -7.46 47.07
CA GLY B 748 15.04 -6.45 46.15
C GLY B 748 13.71 -6.81 45.51
N THR B 749 13.54 -8.08 45.16
CA THR B 749 12.26 -8.52 44.61
C THR B 749 11.19 -8.58 45.70
N TRP B 750 11.52 -9.13 46.86
CA TRP B 750 10.57 -9.25 47.97
C TRP B 750 10.60 -8.02 48.86
N ARG B 751 10.47 -6.85 48.26
CA ARG B 751 10.31 -5.60 48.98
C ARG B 751 9.30 -4.66 48.36
N ARG B 752 8.90 -4.88 47.12
CA ARG B 752 7.89 -4.07 46.44
C ARG B 752 6.58 -4.84 46.24
N LEU B 753 6.38 -5.90 47.00
CA LEU B 753 5.19 -6.74 46.89
C LEU B 753 4.45 -6.74 48.22
N ARG B 754 3.12 -6.66 48.15
CA ARG B 754 2.27 -6.77 49.32
C ARG B 754 1.20 -7.82 49.04
N HIS B 755 1.08 -8.78 49.95
CA HIS B 755 0.13 -9.89 49.79
C HIS B 755 -0.93 -9.85 50.87
N TYR B 756 -2.18 -10.05 50.46
CA TYR B 756 -3.31 -10.10 51.37
C TYR B 756 -4.16 -11.32 51.01
N ARG B 757 -4.89 -11.84 51.99
CA ARG B 757 -5.77 -12.98 51.78
C ARG B 757 -7.15 -12.65 52.32
N SER B 758 -8.13 -12.56 51.43
CA SER B 758 -9.49 -12.30 51.86
C SER B 758 -10.05 -13.51 52.61
N LYS B 759 -10.84 -13.23 53.64
CA LYS B 759 -11.38 -14.26 54.51
C LYS B 759 -12.88 -14.40 54.45
N VAL B 760 -13.58 -13.53 53.75
CA VAL B 760 -15.03 -13.57 53.64
C VAL B 760 -15.41 -14.14 52.28
N LYS B 761 -16.24 -15.17 52.28
CA LYS B 761 -16.74 -15.77 51.05
C LYS B 761 -18.24 -15.60 50.97
N PHE B 762 -18.77 -15.69 49.75
CA PHE B 762 -20.18 -15.51 49.48
C PHE B 762 -20.79 -16.80 48.97
N CYS B 763 -21.88 -17.24 49.60
CA CYS B 763 -22.59 -18.45 49.21
C CYS B 763 -24.08 -18.19 49.30
N HIS B 764 -24.84 -18.88 48.43
CA HIS B 764 -26.28 -18.68 48.36
C HIS B 764 -27.02 -19.20 49.58
N ASN B 765 -26.34 -19.93 50.46
CA ASN B 765 -26.94 -20.46 51.70
C ASN B 765 -26.11 -19.94 52.87
N PRO B 766 -26.34 -18.70 53.30
CA PRO B 766 -25.53 -18.13 54.38
C PRO B 766 -25.95 -18.64 55.76
N ASP B 767 -25.43 -19.80 56.15
CA ASP B 767 -25.75 -20.34 57.46
C ASP B 767 -25.28 -19.39 58.54
N PRO B 768 -26.12 -19.02 59.51
CA PRO B 768 -25.75 -18.07 60.56
C PRO B 768 -24.86 -18.68 61.65
N SER B 769 -23.76 -19.29 61.24
CA SER B 769 -22.81 -19.89 62.16
C SER B 769 -21.48 -19.15 62.19
N ASN B 770 -20.84 -18.98 61.04
CA ASN B 770 -19.59 -18.22 61.01
C ASN B 770 -19.81 -16.84 60.43
N PRO B 771 -19.09 -15.82 60.92
CA PRO B 771 -19.27 -14.47 60.37
C PRO B 771 -18.79 -14.32 58.94
N TYR B 772 -17.94 -15.23 58.45
CA TYR B 772 -17.31 -15.09 57.14
C TYR B 772 -18.18 -15.74 56.05
N GLU B 773 -19.43 -15.30 56.00
CA GLU B 773 -20.38 -15.77 55.00
C GLU B 773 -21.59 -14.85 54.94
N LYS B 774 -21.98 -14.43 53.74
CA LYS B 774 -23.07 -13.48 53.56
C LYS B 774 -23.81 -13.77 52.27
N LYS B 775 -25.02 -13.23 52.17
CA LYS B 775 -25.83 -13.38 50.97
C LYS B 775 -25.26 -12.54 49.83
N GLU B 776 -25.65 -12.89 48.60
CA GLU B 776 -25.17 -12.23 47.40
C GLU B 776 -26.26 -11.34 46.82
N ASP B 777 -25.94 -10.73 45.69
CA ASP B 777 -26.88 -9.88 44.97
C ASP B 777 -26.49 -9.82 43.50
N PRO B 778 -27.25 -10.46 42.61
CA PRO B 778 -26.91 -10.37 41.18
C PRO B 778 -26.89 -8.94 40.66
N ARG B 779 -27.81 -8.10 41.15
CA ARG B 779 -27.83 -6.70 40.76
C ARG B 779 -26.71 -5.90 41.38
N PHE B 780 -25.95 -6.48 42.32
CA PHE B 780 -24.79 -5.79 42.87
C PHE B 780 -23.69 -5.63 41.84
N ILE B 781 -23.67 -6.48 40.81
CA ILE B 781 -22.72 -6.36 39.70
C ILE B 781 -23.42 -6.06 38.38
N HIS B 782 -24.59 -6.68 38.14
CA HIS B 782 -25.32 -6.39 36.92
C HIS B 782 -25.69 -4.92 36.84
N GLU B 783 -26.13 -4.35 37.95
CA GLU B 783 -26.32 -2.90 38.05
C GLU B 783 -25.54 -2.42 39.26
N TYR B 784 -25.78 -1.17 39.69
CA TYR B 784 -25.01 -0.40 40.66
C TYR B 784 -23.71 0.09 40.05
N ILE B 785 -23.38 -0.30 38.82
CA ILE B 785 -22.25 0.27 38.11
C ILE B 785 -22.70 1.18 36.96
N MET B 786 -23.79 0.83 36.28
CA MET B 786 -24.29 1.68 35.21
C MET B 786 -24.86 2.98 35.74
N ASP B 787 -25.33 3.00 36.98
CA ASP B 787 -25.93 4.20 37.54
C ASP B 787 -24.85 5.25 37.82
N PRO B 788 -24.91 6.44 37.21
CA PRO B 788 -23.85 7.42 37.42
C PRO B 788 -23.69 7.88 38.86
N ASP B 789 -24.77 7.83 39.65
CA ASP B 789 -24.69 8.30 41.02
C ASP B 789 -23.72 7.46 41.85
N CYS B 790 -23.65 6.16 41.57
CA CYS B 790 -22.68 5.32 42.26
C CYS B 790 -21.26 5.74 41.91
N GLN B 791 -20.99 6.04 40.65
CA GLN B 791 -19.67 6.53 40.27
C GLN B 791 -19.35 7.85 40.96
N ASN B 792 -20.34 8.76 41.05
CA ASN B 792 -20.10 10.01 41.74
C ASN B 792 -19.76 9.78 43.20
N ALA B 793 -20.49 8.90 43.88
CA ALA B 793 -20.23 8.61 45.28
C ALA B 793 -18.85 7.99 45.46
N PHE B 794 -18.48 7.06 44.59
CA PHE B 794 -17.18 6.41 44.71
C PHE B 794 -16.05 7.40 44.43
N PHE B 795 -16.25 8.31 43.48
CA PHE B 795 -15.24 9.34 43.23
C PHE B 795 -15.09 10.25 44.45
N SER B 796 -16.21 10.60 45.09
CA SER B 796 -16.13 11.40 46.31
C SER B 796 -15.35 10.67 47.39
N ILE B 797 -15.61 9.36 47.54
CA ILE B 797 -14.90 8.58 48.55
C ILE B 797 -13.41 8.53 48.24
N LEU B 798 -13.06 8.33 46.98
CA LEU B 798 -11.65 8.28 46.58
C LEU B 798 -10.95 9.61 46.87
N VAL B 799 -11.61 10.72 46.53
CA VAL B 799 -11.03 12.04 46.77
C VAL B 799 -10.85 12.27 48.26
N TYR B 800 -11.85 11.89 49.06
CA TYR B 800 -11.74 12.07 50.51
C TYR B 800 -10.59 11.25 51.07
N PHE B 801 -10.43 10.01 50.60
CA PHE B 801 -9.34 9.18 51.11
C PHE B 801 -7.98 9.73 50.70
N TRP B 802 -7.86 10.24 49.47
CA TRP B 802 -6.60 10.85 49.06
C TRP B 802 -6.29 12.08 49.90
N GLU B 803 -7.31 12.90 50.18
CA GLU B 803 -7.10 14.06 51.05
C GLU B 803 -6.67 13.64 52.45
N LYS B 804 -7.31 12.59 52.99
CA LYS B 804 -6.93 12.11 54.31
C LYS B 804 -5.49 11.62 54.33
N LEU B 805 -5.08 10.88 53.29
CA LEU B 805 -3.69 10.43 53.21
C LEU B 805 -2.73 11.60 53.11
N GLN B 806 -3.11 12.64 52.36
CA GLN B 806 -2.23 13.79 52.22
C GLN B 806 -2.10 14.56 53.52
N LYS B 807 -3.21 14.71 54.26
CA LYS B 807 -3.14 15.33 55.58
C LYS B 807 -2.32 14.51 56.55
N GLU B 808 -2.08 13.24 56.24
CA GLU B 808 -1.19 12.37 56.99
C GLU B 808 0.25 12.66 56.61
N TYR B 809 1.13 11.69 56.86
CA TYR B 809 2.57 11.90 56.86
C TYR B 809 3.13 12.20 55.47
N ASN B 810 2.71 13.34 54.91
CA ASN B 810 3.27 13.88 53.66
C ASN B 810 3.20 12.84 52.54
N GLY B 811 2.04 12.19 52.42
CA GLY B 811 1.89 11.16 51.42
C GLY B 811 2.56 9.86 51.82
N GLN B 812 3.13 9.15 50.83
CA GLN B 812 3.84 7.90 51.04
C GLN B 812 2.91 6.79 51.53
N ILE B 813 3.35 5.54 51.38
CA ILE B 813 2.57 4.39 51.80
C ILE B 813 3.26 3.57 52.88
N LYS B 814 4.57 3.70 53.05
CA LYS B 814 5.32 2.82 53.94
C LYS B 814 4.85 2.93 55.39
N LYS B 815 4.50 4.11 55.86
CA LYS B 815 4.09 4.27 57.24
C LYS B 815 2.60 3.98 57.38
N VAL B 816 2.02 4.33 58.53
CA VAL B 816 0.70 3.87 58.95
C VAL B 816 0.74 2.34 59.02
N PHE B 817 0.90 1.82 60.22
CA PHE B 817 1.11 0.39 60.41
C PHE B 817 -0.22 -0.37 60.30
N CYS B 818 -0.17 -1.51 59.64
CA CYS B 818 -1.28 -2.47 59.62
C CYS B 818 -0.70 -3.84 59.95
N PRO B 819 -0.88 -4.33 61.18
CA PRO B 819 -0.22 -5.58 61.57
C PRO B 819 -0.59 -6.77 60.69
N THR B 820 -1.81 -6.84 60.20
CA THR B 820 -2.20 -7.95 59.32
C THR B 820 -1.38 -7.94 58.04
N ILE B 821 -1.26 -6.77 57.42
CA ILE B 821 -0.50 -6.66 56.18
C ILE B 821 0.98 -6.67 56.50
N GLU B 822 1.76 -7.15 55.54
CA GLU B 822 3.21 -7.35 55.62
C GLU B 822 3.53 -8.51 56.55
N SER B 823 2.59 -8.89 57.40
CA SER B 823 2.72 -10.12 58.17
C SER B 823 2.18 -11.30 57.37
N GLU B 824 1.01 -11.12 56.76
CA GLU B 824 0.58 -12.07 55.75
C GLU B 824 1.61 -12.15 54.63
N THR B 825 2.28 -11.04 54.31
CA THR B 825 3.28 -11.03 53.25
C THR B 825 4.51 -11.84 53.64
N GLU B 826 5.02 -11.64 54.86
CA GLU B 826 6.17 -12.43 55.28
C GLU B 826 5.82 -13.90 55.43
N ALA B 827 4.59 -14.21 55.87
CA ALA B 827 4.15 -15.60 55.92
C ALA B 827 4.12 -16.21 54.52
N TYR B 828 3.64 -15.46 53.54
CA TYR B 828 3.67 -15.93 52.16
C TYR B 828 5.09 -16.13 51.68
N ARG B 829 6.00 -15.22 52.05
CA ARG B 829 7.40 -15.35 51.65
C ARG B 829 8.04 -16.58 52.29
N LYS B 830 7.60 -16.96 53.49
CA LYS B 830 8.10 -18.19 54.08
C LYS B 830 7.75 -19.40 53.22
N SER B 831 6.52 -19.43 52.70
CA SER B 831 6.16 -20.41 51.69
C SER B 831 6.64 -19.91 50.33
N GLN B 832 6.20 -20.57 49.26
CA GLN B 832 6.58 -20.20 47.89
C GLN B 832 8.10 -20.19 47.71
N ASP B 833 8.78 -21.08 48.43
CA ASP B 833 10.24 -21.18 48.35
C ASP B 833 10.60 -22.67 48.44
N THR B 834 10.79 -23.29 47.28
CA THR B 834 10.97 -24.74 47.23
C THR B 834 12.27 -25.17 47.90
N LEU B 835 13.34 -24.39 47.76
CA LEU B 835 14.64 -24.79 48.28
C LEU B 835 14.60 -24.97 49.78
N HIS B 836 13.99 -24.03 50.51
CA HIS B 836 13.89 -24.16 51.96
C HIS B 836 13.04 -25.36 52.34
N ARG B 837 11.94 -25.60 51.62
CA ARG B 837 11.11 -26.76 51.89
C ARG B 837 11.90 -28.05 51.64
N PHE B 838 12.66 -28.09 50.55
CA PHE B 838 13.49 -29.27 50.26
C PHE B 838 14.49 -29.51 51.38
N ILE B 839 15.17 -28.45 51.82
CA ILE B 839 16.18 -28.59 52.88
C ILE B 839 15.54 -29.08 54.17
N THR B 840 14.42 -28.45 54.56
CA THR B 840 13.75 -28.84 55.80
C THR B 840 13.07 -30.19 55.71
N GLU B 841 12.85 -30.71 54.52
CA GLU B 841 12.20 -32.00 54.34
C GLU B 841 13.19 -33.16 54.24
N ARG B 842 14.37 -32.94 53.68
CA ARG B 842 15.26 -34.06 53.41
C ARG B 842 16.53 -34.07 54.25
N VAL B 843 17.25 -32.95 54.35
CA VAL B 843 18.54 -32.93 55.03
C VAL B 843 18.43 -32.43 56.46
N VAL B 844 17.54 -31.46 56.72
CA VAL B 844 17.34 -30.97 58.08
C VAL B 844 16.70 -32.07 58.91
N GLU B 845 17.14 -32.19 60.17
CA GLU B 845 16.79 -33.21 61.15
C GLU B 845 17.48 -34.53 60.85
N SER B 846 18.33 -34.60 59.83
CA SER B 846 19.19 -35.75 59.58
C SER B 846 20.61 -35.29 59.26
N PRO B 847 21.29 -34.64 60.21
CA PRO B 847 22.64 -34.13 59.92
C PRO B 847 23.74 -35.12 60.23
N SER B 848 23.43 -36.15 61.03
CA SER B 848 24.45 -37.07 61.49
C SER B 848 25.04 -37.90 60.35
N ALA B 849 24.22 -38.28 59.38
CA ALA B 849 24.68 -39.09 58.26
C ALA B 849 25.58 -38.27 57.34
N GLU B 850 26.39 -38.98 56.55
CA GLU B 850 27.33 -38.35 55.62
C GLU B 850 27.26 -39.09 54.28
N THR B 851 26.37 -38.63 53.40
CA THR B 851 26.30 -39.09 52.01
C THR B 851 26.27 -37.85 51.13
N VAL B 852 27.44 -37.30 50.84
CA VAL B 852 27.59 -36.11 50.01
C VAL B 852 28.78 -36.28 49.10
N TYR B 853 28.58 -36.05 47.80
CA TYR B 853 29.69 -35.98 46.85
C TYR B 853 30.06 -34.54 46.53
N ASN B 854 29.12 -33.79 45.97
CA ASN B 854 29.37 -32.40 45.56
C ASN B 854 28.02 -31.76 45.30
N LEU B 855 28.04 -30.59 44.65
CA LEU B 855 26.80 -29.92 44.31
C LEU B 855 26.00 -30.70 43.28
N SER B 856 26.62 -31.65 42.57
CA SER B 856 25.94 -32.34 41.47
C SER B 856 24.79 -33.21 41.97
N GLU B 857 25.05 -34.05 42.96
CA GLU B 857 23.98 -34.92 43.45
C GLU B 857 22.91 -34.13 44.21
N VAL B 858 23.30 -33.04 44.85
CA VAL B 858 22.32 -32.15 45.47
C VAL B 858 21.41 -31.55 44.40
N VAL B 859 22.00 -31.13 43.27
CA VAL B 859 21.22 -30.58 42.17
C VAL B 859 20.26 -31.63 41.63
N THR B 860 20.73 -32.86 41.45
CA THR B 860 19.87 -33.92 40.92
C THR B 860 18.73 -34.23 41.89
N ALA B 861 19.04 -34.31 43.19
CA ALA B 861 18.00 -34.58 44.17
C ALA B 861 16.97 -33.48 44.22
N TYR B 862 17.42 -32.22 44.20
CA TYR B 862 16.48 -31.10 44.18
C TYR B 862 15.62 -31.13 42.91
N ALA B 863 16.23 -31.45 41.76
CA ALA B 863 15.51 -31.49 40.51
C ALA B 863 14.41 -32.54 40.53
N GLU B 864 14.75 -33.76 40.95
CA GLU B 864 13.72 -34.78 41.04
C GLU B 864 12.69 -34.44 42.11
N TRP B 865 13.13 -33.74 43.14
CA TRP B 865 12.23 -33.31 44.20
C TRP B 865 11.26 -32.29 43.66
N TYR B 866 11.77 -31.15 43.19
CA TYR B 866 10.89 -30.09 42.71
C TYR B 866 10.08 -30.56 41.50
N ASN B 867 10.65 -31.43 40.69
CA ASN B 867 9.90 -31.96 39.55
C ASN B 867 8.69 -32.74 40.04
N THR B 868 8.87 -33.48 41.13
CA THR B 868 7.76 -34.26 41.69
C THR B 868 6.97 -33.45 42.68
N ASN B 869 7.64 -32.87 43.66
CA ASN B 869 6.96 -32.07 44.67
C ASN B 869 6.22 -30.92 44.03
N ILE B 870 6.86 -30.27 43.05
CA ILE B 870 6.24 -29.14 42.39
C ILE B 870 6.14 -29.38 40.88
N ASN B 871 6.07 -28.30 40.12
CA ASN B 871 5.98 -28.42 38.66
C ASN B 871 7.36 -28.66 38.09
N VAL B 872 7.43 -29.00 36.81
CA VAL B 872 8.71 -29.21 36.16
C VAL B 872 9.17 -27.93 35.48
N LYS B 873 10.46 -27.62 35.60
CA LYS B 873 10.99 -26.40 35.00
C LYS B 873 12.50 -26.55 34.82
N ARG B 874 13.08 -25.76 33.93
CA ARG B 874 14.51 -25.88 33.67
C ARG B 874 15.27 -24.78 34.36
N HIS B 875 16.48 -25.11 34.81
CA HIS B 875 17.28 -24.18 35.60
C HIS B 875 18.74 -24.31 35.20
N ILE B 876 19.53 -23.33 35.58
CA ILE B 876 20.97 -23.34 35.41
C ILE B 876 21.63 -23.64 36.75
N ALA B 877 22.62 -24.52 36.75
CA ALA B 877 23.18 -25.01 38.01
C ALA B 877 23.96 -23.95 38.77
N LEU B 878 24.43 -22.90 38.09
CA LEU B 878 25.20 -21.87 38.78
C LEU B 878 24.35 -21.14 39.82
N GLU B 879 23.10 -20.82 39.47
CA GLU B 879 22.23 -20.12 40.41
C GLU B 879 21.98 -20.96 41.65
N LEU B 880 21.72 -22.26 41.47
CA LEU B 880 21.53 -23.13 42.63
C LEU B 880 22.80 -23.26 43.46
N SER B 881 23.96 -23.40 42.80
CA SER B 881 25.21 -23.53 43.54
C SER B 881 25.50 -22.27 44.35
N GLN B 882 25.27 -21.09 43.78
CA GLN B 882 25.42 -19.83 44.50
C GLN B 882 24.41 -19.66 45.62
N GLU B 883 23.15 -20.06 45.38
CA GLU B 883 22.12 -19.92 46.40
C GLU B 883 22.30 -20.92 47.53
N LEU B 884 22.90 -22.08 47.23
CA LEU B 884 23.14 -23.09 48.27
C LEU B 884 24.03 -22.52 49.37
N GLU B 885 25.01 -21.70 48.99
CA GLU B 885 25.81 -21.00 50.00
C GLU B 885 24.96 -20.02 50.80
N ASN B 886 24.03 -19.33 50.12
CA ASN B 886 23.13 -18.41 50.81
C ASN B 886 22.05 -19.12 51.59
N SER B 887 21.92 -20.43 51.44
CA SER B 887 20.87 -21.19 52.12
C SER B 887 21.25 -21.43 53.57
N VAL B 888 20.49 -22.27 54.26
CA VAL B 888 20.71 -22.57 55.67
C VAL B 888 21.64 -23.76 55.85
N LEU B 889 22.36 -24.16 54.82
CA LEU B 889 23.28 -25.29 54.87
C LEU B 889 24.71 -24.86 55.13
N GLU B 890 24.94 -23.60 55.53
CA GLU B 890 26.30 -23.13 55.77
C GLU B 890 26.98 -23.90 56.90
N LYS B 891 26.19 -24.43 57.84
CA LYS B 891 26.77 -25.21 58.92
C LYS B 891 27.45 -26.48 58.42
N TYR B 892 27.07 -26.96 57.24
CA TYR B 892 27.71 -28.11 56.62
C TYR B 892 28.37 -27.79 55.29
N LEU B 893 28.23 -26.57 54.80
CA LEU B 893 28.82 -26.18 53.52
C LEU B 893 30.23 -25.66 53.75
N GLN B 894 31.23 -26.45 53.38
CA GLN B 894 32.62 -26.07 53.51
C GLN B 894 33.35 -26.45 52.22
N TRP B 895 34.03 -25.48 51.63
CA TRP B 895 34.71 -25.72 50.36
C TRP B 895 35.94 -26.59 50.57
N SER B 896 36.02 -27.68 49.81
CA SER B 896 37.14 -28.60 49.88
C SER B 896 38.38 -27.99 49.25
N PRO B 897 39.57 -28.51 49.58
CA PRO B 897 40.80 -27.95 49.00
C PRO B 897 40.80 -27.90 47.47
N ASN B 898 40.26 -28.92 46.82
CA ASN B 898 40.11 -28.88 45.37
C ASN B 898 38.74 -28.35 44.96
N LYS B 899 38.33 -27.24 45.57
CA LYS B 899 37.06 -26.56 45.30
C LYS B 899 35.93 -27.58 45.52
N THR B 900 34.96 -27.69 44.61
CA THR B 900 33.86 -28.66 44.63
C THR B 900 32.88 -28.41 45.77
N ARG B 901 33.21 -27.50 46.68
CA ARG B 901 32.33 -27.07 47.78
C ARG B 901 31.56 -28.23 48.39
N ILE B 902 32.29 -29.28 48.77
CA ILE B 902 31.65 -30.50 49.22
C ILE B 902 30.98 -30.27 50.57
N LEU B 903 29.70 -30.59 50.67
CA LEU B 903 29.01 -30.51 51.94
C LEU B 903 29.60 -31.52 52.92
N LYS B 904 29.68 -31.13 54.19
CA LYS B 904 30.33 -31.98 55.18
C LYS B 904 29.57 -33.29 55.40
N GLY B 905 28.27 -33.30 55.16
CA GLY B 905 27.52 -34.54 55.22
C GLY B 905 26.09 -34.42 55.69
N CYS B 906 25.19 -35.09 54.97
CA CYS B 906 23.78 -35.16 55.32
C CYS B 906 23.24 -36.51 54.87
N ARG B 907 21.92 -36.65 54.85
CA ARG B 907 21.26 -37.87 54.41
C ARG B 907 20.22 -37.53 53.36
N ILE B 908 20.40 -38.06 52.16
CA ILE B 908 19.40 -37.92 51.10
C ILE B 908 18.35 -39.01 51.30
N LEU B 909 17.10 -38.60 51.50
CA LEU B 909 16.05 -39.53 51.86
C LEU B 909 15.49 -40.23 50.63
N HIS B 910 15.39 -41.55 50.71
CA HIS B 910 14.75 -42.37 49.68
C HIS B 910 13.76 -43.31 50.35
N LYS B 911 12.69 -43.62 49.62
CA LYS B 911 11.57 -44.41 50.16
C LYS B 911 11.00 -43.67 51.36
N PHE B 912 10.40 -44.37 52.32
CA PHE B 912 9.79 -43.71 53.46
C PHE B 912 10.85 -43.02 54.33
N GLU B 913 11.89 -43.76 54.71
CA GLU B 913 13.08 -43.21 55.37
C GLU B 913 12.70 -42.36 56.60
N THR B 914 12.11 -43.05 57.57
CA THR B 914 11.74 -42.43 58.83
C THR B 914 12.83 -42.65 59.88
N LEU B 915 12.58 -42.16 61.09
CA LEU B 915 13.50 -42.33 62.22
C LEU B 915 14.89 -41.77 61.92
N GLN B 916 14.92 -40.63 61.24
CA GLN B 916 16.19 -39.96 60.99
C GLN B 916 16.65 -39.23 62.25
N PRO B 917 17.90 -39.44 62.67
CA PRO B 917 18.39 -38.79 63.90
C PRO B 917 18.79 -37.34 63.63
N GLY B 918 18.34 -36.45 64.51
CA GLY B 918 18.63 -35.03 64.36
C GLY B 918 19.95 -34.61 64.98
N ILE B 935 -7.11 -4.06 65.16
CA ILE B 935 -7.82 -5.11 65.88
C ILE B 935 -9.10 -4.55 66.49
N CYS B 936 -8.99 -3.36 67.08
CA CYS B 936 -10.15 -2.74 67.71
C CYS B 936 -11.21 -2.37 66.68
N GLU B 937 -12.45 -2.74 66.94
CA GLU B 937 -13.54 -2.46 66.02
C GLU B 937 -14.05 -1.04 66.25
N PRO B 938 -14.14 -0.22 65.21
CA PRO B 938 -14.67 1.15 65.39
C PRO B 938 -16.14 1.11 65.80
N LYS B 939 -16.54 2.12 66.57
CA LYS B 939 -17.87 2.12 67.16
C LYS B 939 -18.95 2.30 66.10
N ASN B 940 -18.97 3.45 65.45
CA ASN B 940 -20.03 3.73 64.48
C ASN B 940 -19.50 4.15 63.12
N LYS B 941 -18.40 4.90 63.07
CA LYS B 941 -17.83 5.37 61.81
C LYS B 941 -16.37 4.96 61.75
N TRP B 942 -15.95 4.38 60.63
CA TRP B 942 -14.57 4.01 60.42
C TRP B 942 -13.86 4.86 59.38
N TRP B 943 -14.60 5.49 58.47
CA TRP B 943 -13.99 6.39 57.50
C TRP B 943 -13.39 7.62 58.17
N GLU B 944 -13.82 7.93 59.38
CA GLU B 944 -13.22 9.02 60.15
C GLU B 944 -11.79 8.75 60.56
N TRP B 945 -11.25 7.58 60.21
CA TRP B 945 -9.85 7.17 60.31
C TRP B 945 -9.45 6.85 61.75
N SER B 946 -10.31 7.10 62.75
CA SER B 946 -9.99 6.83 64.15
C SER B 946 -8.81 7.72 64.57
N PRO B 947 -8.33 7.66 65.83
CA PRO B 947 -7.11 8.41 66.15
C PRO B 947 -5.88 7.82 65.47
N ASN B 948 -4.71 8.39 65.77
CA ASN B 948 -3.47 8.01 65.08
C ASN B 948 -3.20 6.51 65.09
N PRO B 949 -3.31 5.78 66.21
CA PRO B 949 -3.17 4.32 66.11
C PRO B 949 -4.21 3.67 65.20
N SER B 950 -5.43 4.19 65.20
CA SER B 950 -6.52 3.68 64.37
C SER B 950 -6.73 2.18 64.55
N SER C 289 -42.94 40.07 28.76
CA SER C 289 -41.77 39.67 27.99
C SER C 289 -42.16 39.23 26.59
N LEU C 290 -43.46 39.30 26.29
CA LEU C 290 -43.95 38.92 24.97
C LEU C 290 -43.36 39.81 23.88
N SER C 291 -43.32 41.13 24.13
CA SER C 291 -42.66 42.04 23.21
C SER C 291 -41.17 41.71 23.11
N ILE C 292 -40.56 41.34 24.24
CA ILE C 292 -39.17 40.88 24.21
C ILE C 292 -39.08 39.58 23.42
N LEU C 293 -40.09 38.72 23.55
CA LEU C 293 -40.07 37.44 22.83
C LEU C 293 -40.07 37.65 21.32
N MET C 294 -40.88 38.59 20.82
CA MET C 294 -40.85 38.93 19.40
C MET C 294 -39.94 40.11 19.09
N LEU C 295 -39.01 40.44 19.99
CA LEU C 295 -38.11 41.57 19.77
C LEU C 295 -36.71 41.15 19.35
N HIS C 296 -36.17 40.08 19.91
CA HIS C 296 -34.74 39.78 19.75
C HIS C 296 -34.44 38.60 18.85
N ASP C 297 -35.26 37.55 18.88
CA ASP C 297 -34.88 36.28 18.26
C ASP C 297 -35.68 35.98 16.99
N PRO C 298 -35.03 35.91 15.82
CA PRO C 298 -35.77 35.64 14.58
C PRO C 298 -36.49 34.30 14.57
N GLU C 299 -35.84 33.21 14.99
CA GLU C 299 -36.60 31.98 15.07
C GLU C 299 -37.59 32.01 16.23
N ALA C 300 -37.48 32.95 17.17
CA ALA C 300 -38.58 33.14 18.11
C ALA C 300 -39.83 33.66 17.41
N ARG C 301 -39.68 34.63 16.50
CA ARG C 301 -40.85 34.98 15.68
C ARG C 301 -41.31 33.81 14.83
N TYR C 302 -40.37 33.02 14.29
CA TYR C 302 -40.78 31.88 13.49
C TYR C 302 -41.59 30.88 14.29
N LEU C 303 -41.14 30.57 15.51
CA LEU C 303 -41.90 29.67 16.37
C LEU C 303 -43.23 30.27 16.78
N HIS C 304 -43.29 31.59 17.02
CA HIS C 304 -44.56 32.23 17.30
C HIS C 304 -45.54 32.06 16.14
N LYS C 305 -45.04 32.21 14.91
CA LYS C 305 -45.87 31.97 13.74
C LYS C 305 -46.34 30.52 13.68
N ILE C 306 -45.45 29.58 13.99
CA ILE C 306 -45.79 28.16 13.90
C ILE C 306 -46.80 27.76 14.97
N LEU C 307 -46.73 28.37 16.16
CA LEU C 307 -47.58 27.95 17.28
C LEU C 307 -49.06 28.17 17.01
N ASN C 308 -49.42 28.96 16.00
CA ASN C 308 -50.81 29.08 15.61
C ASN C 308 -51.19 27.83 14.80
N LEU C 309 -52.40 27.84 14.22
CA LEU C 309 -52.91 26.74 13.39
C LEU C 309 -52.70 25.37 14.04
N LEU C 310 -52.71 25.33 15.37
CA LEU C 310 -52.46 24.14 16.16
C LEU C 310 -53.77 23.57 16.70
N PRO C 311 -53.80 22.27 17.00
CA PRO C 311 -55.00 21.67 17.60
C PRO C 311 -55.00 21.85 19.11
N PRO C 312 -55.58 22.95 19.63
CA PRO C 312 -55.43 23.26 21.06
C PRO C 312 -56.02 22.20 21.98
N GLU C 313 -56.82 21.26 21.46
CA GLU C 313 -57.28 20.15 22.28
C GLU C 313 -56.10 19.32 22.78
N TYR C 314 -55.06 19.19 21.96
CA TYR C 314 -53.84 18.53 22.41
C TYR C 314 -53.16 19.32 23.53
N TYR C 315 -53.20 20.64 23.45
CA TYR C 315 -52.69 21.47 24.55
C TYR C 315 -53.50 21.24 25.82
N VAL C 316 -54.81 21.08 25.68
CA VAL C 316 -55.65 20.78 26.84
C VAL C 316 -55.28 19.42 27.43
N GLU C 317 -55.08 18.42 26.56
CA GLU C 317 -54.73 17.09 27.04
C GLU C 317 -53.35 17.10 27.67
N TYR C 318 -53.24 16.48 28.85
CA TYR C 318 -51.98 16.51 29.59
C TYR C 318 -50.82 15.83 28.86
N PRO C 319 -50.96 14.59 28.32
CA PRO C 319 -49.77 13.91 27.78
C PRO C 319 -49.09 14.61 26.62
N LEU C 320 -49.85 14.91 25.56
CA LEU C 320 -49.24 15.51 24.37
C LEU C 320 -48.76 16.93 24.64
N TRP C 321 -49.51 17.69 25.44
CA TRP C 321 -49.06 19.03 25.81
C TRP C 321 -47.78 18.96 26.62
N SER C 322 -47.68 18.02 27.55
CA SER C 322 -46.44 17.85 28.30
C SER C 322 -45.30 17.45 27.37
N ASN C 323 -45.57 16.60 26.38
CA ASN C 323 -44.54 16.18 25.44
C ASN C 323 -44.02 17.38 24.64
N VAL C 324 -44.92 18.22 24.13
CA VAL C 324 -44.48 19.37 23.35
C VAL C 324 -43.78 20.39 24.25
N VAL C 325 -44.21 20.52 25.51
CA VAL C 325 -43.52 21.40 26.44
C VAL C 325 -42.10 20.91 26.68
N PHE C 326 -41.93 19.60 26.87
CA PHE C 326 -40.60 19.02 27.02
C PHE C 326 -39.75 19.26 25.79
N ALA C 327 -40.35 19.09 24.61
CA ALA C 327 -39.61 19.33 23.37
C ALA C 327 -39.15 20.77 23.24
N LEU C 328 -40.03 21.72 23.58
CA LEU C 328 -39.65 23.13 23.54
C LEU C 328 -38.58 23.44 24.57
N ALA C 329 -38.68 22.86 25.76
CA ALA C 329 -37.68 23.10 26.80
C ALA C 329 -36.32 22.56 26.39
N ASN C 330 -36.30 21.41 25.71
CA ASN C 330 -35.04 20.86 25.23
C ASN C 330 -34.38 21.75 24.18
N THR C 331 -35.15 22.64 23.54
CA THR C 331 -34.61 23.59 22.58
C THR C 331 -34.19 24.85 23.33
N SER C 332 -32.96 24.80 23.86
CA SER C 332 -32.35 25.89 24.62
C SER C 332 -33.08 26.19 25.93
N ALA C 333 -32.38 26.80 26.87
CA ALA C 333 -32.94 27.17 28.17
C ALA C 333 -33.37 28.63 28.23
N ASN C 334 -33.17 29.39 27.15
CA ASN C 334 -33.58 30.79 27.12
C ASN C 334 -35.02 30.98 26.71
N TYR C 335 -35.76 29.90 26.44
CA TYR C 335 -37.14 29.96 25.99
C TYR C 335 -38.13 29.88 27.14
N ARG C 336 -37.76 30.32 28.33
CA ARG C 336 -38.70 30.31 29.45
C ARG C 336 -39.91 31.21 29.20
N PRO C 337 -39.77 32.47 28.79
CA PRO C 337 -40.97 33.26 28.47
C PRO C 337 -41.77 32.69 27.31
N LEU C 338 -41.09 32.09 26.32
CA LEU C 338 -41.81 31.47 25.20
C LEU C 338 -42.66 30.31 25.68
N ALA C 339 -42.10 29.46 26.54
CA ALA C 339 -42.87 28.36 27.10
C ALA C 339 -44.01 28.86 27.98
N GLU C 340 -43.77 29.94 28.73
CA GLU C 340 -44.84 30.52 29.55
C GLU C 340 -45.98 31.03 28.67
N TRP C 341 -45.66 31.69 27.56
CA TRP C 341 -46.70 32.17 26.66
C TRP C 341 -47.43 31.01 25.98
N PHE C 342 -46.69 29.97 25.61
CA PHE C 342 -47.34 28.78 25.05
C PHE C 342 -48.28 28.14 26.07
N SER C 343 -47.92 28.20 27.35
CA SER C 343 -48.84 27.77 28.39
C SER C 343 -49.92 28.81 28.65
N GLN C 344 -49.75 30.04 28.16
CA GLN C 344 -50.74 31.09 28.33
C GLN C 344 -51.86 31.03 27.31
N LYS C 345 -51.56 30.64 26.07
CA LYS C 345 -52.62 30.46 25.09
C LYS C 345 -53.57 29.36 25.54
N CYS C 346 -54.87 29.57 25.34
CA CYS C 346 -55.91 28.77 25.96
C CYS C 346 -55.66 28.74 27.46
N PRO C 347 -55.88 29.85 28.17
CA PRO C 347 -55.42 29.97 29.56
C PRO C 347 -56.12 29.05 30.55
N GLU C 348 -57.01 28.16 30.09
CA GLU C 348 -57.71 27.29 31.02
C GLU C 348 -56.75 26.39 31.77
N LYS C 349 -55.73 25.85 31.08
CA LYS C 349 -54.76 24.99 31.76
C LYS C 349 -53.89 25.79 32.71
N TRP C 350 -53.49 27.00 32.33
CA TRP C 350 -52.67 27.83 33.20
C TRP C 350 -53.47 28.45 34.34
N ASN C 351 -54.80 28.45 34.24
CA ASN C 351 -55.65 28.94 35.32
C ASN C 351 -56.27 27.83 36.14
N THR C 352 -56.54 26.68 35.54
CA THR C 352 -57.11 25.52 36.23
C THR C 352 -56.13 24.36 36.06
N GLY C 353 -55.17 24.27 36.96
CA GLY C 353 -54.18 23.21 36.91
C GLY C 353 -52.99 23.54 37.77
N GLY C 354 -51.96 22.72 37.64
CA GLY C 354 -50.73 22.88 38.40
C GLY C 354 -49.77 23.88 37.79
N LYS C 355 -50.06 25.17 37.97
CA LYS C 355 -49.17 26.21 37.44
C LYS C 355 -47.77 26.08 38.03
N GLU C 356 -47.68 25.98 39.36
CA GLU C 356 -46.40 25.72 40.00
C GLU C 356 -45.86 24.36 39.59
N LYS C 357 -46.74 23.37 39.46
CA LYS C 357 -46.31 22.06 39.00
C LYS C 357 -45.75 22.12 37.58
N LEU C 358 -46.42 22.87 36.70
CA LEU C 358 -45.92 23.01 35.33
C LEU C 358 -44.58 23.74 35.30
N GLU C 359 -44.44 24.78 36.13
CA GLU C 359 -43.17 25.50 36.20
C GLU C 359 -42.05 24.59 36.69
N LYS C 360 -42.32 23.78 37.72
CA LYS C 360 -41.32 22.84 38.21
C LYS C 360 -40.99 21.78 37.17
N LEU C 361 -41.98 21.33 36.41
CA LEU C 361 -41.73 20.37 35.34
C LEU C 361 -40.82 20.96 34.28
N TRP C 362 -41.09 22.20 33.87
CA TRP C 362 -40.23 22.86 32.90
C TRP C 362 -38.82 23.05 33.45
N ASN C 363 -38.72 23.41 34.72
CA ASN C 363 -37.40 23.60 35.34
C ASN C 363 -36.60 22.30 35.34
N ASP C 364 -37.21 21.21 35.79
CA ASP C 364 -36.48 19.95 35.84
C ASP C 364 -36.15 19.45 34.44
N ALA C 365 -37.04 19.70 33.47
CA ALA C 365 -36.70 19.41 32.08
C ALA C 365 -35.48 20.21 31.65
N SER C 366 -35.38 21.46 32.10
CA SER C 366 -34.22 22.27 31.78
C SER C 366 -32.94 21.71 32.41
N HIS C 367 -33.03 21.20 33.64
CA HIS C 367 -31.84 20.75 34.37
C HIS C 367 -31.86 19.25 34.62
N HIS C 368 -32.21 18.46 33.61
CA HIS C 368 -32.10 17.01 33.71
C HIS C 368 -31.77 16.43 32.35
N THR C 369 -31.31 15.18 32.36
CA THR C 369 -30.95 14.46 31.14
C THR C 369 -32.07 13.51 30.76
N GLU C 370 -32.57 13.62 29.53
CA GLU C 370 -33.67 12.79 29.09
C GLU C 370 -33.85 12.93 27.61
N LYS C 371 -35.08 12.83 27.12
CA LYS C 371 -35.32 13.05 25.71
C LYS C 371 -34.97 14.48 25.39
N LYS C 372 -34.52 14.72 24.17
CA LYS C 372 -34.20 16.08 23.75
C LYS C 372 -35.01 16.43 22.52
N ILE C 373 -36.30 16.13 22.56
CA ILE C 373 -37.16 16.38 21.41
C ILE C 373 -37.05 17.83 20.96
N THR C 374 -37.22 18.06 19.66
CA THR C 374 -37.12 19.41 19.13
C THR C 374 -38.34 19.75 18.29
N LYS C 375 -38.44 21.02 17.89
CA LYS C 375 -39.58 21.46 17.10
C LYS C 375 -39.67 20.68 15.79
N ARG C 376 -38.59 20.07 15.35
CA ARG C 376 -38.67 19.26 14.14
C ARG C 376 -39.89 18.37 14.26
N SER C 377 -39.92 17.56 15.30
CA SER C 377 -41.08 16.70 15.53
C SER C 377 -42.34 17.55 15.42
N ILE C 378 -42.36 18.68 16.10
CA ILE C 378 -43.53 19.56 16.05
C ILE C 378 -43.87 19.89 14.61
N MET C 379 -42.90 20.41 13.85
CA MET C 379 -43.15 20.68 12.44
C MET C 379 -43.89 19.50 11.80
N TYR C 380 -43.54 18.28 12.19
CA TYR C 380 -44.21 17.10 11.63
C TYR C 380 -45.68 17.07 12.01
N TRP C 381 -46.01 17.30 13.29
CA TRP C 381 -47.43 17.34 13.64
C TRP C 381 -48.15 18.51 12.96
N ALA C 382 -47.47 19.65 12.81
CA ALA C 382 -48.09 20.79 12.14
C ALA C 382 -48.45 20.44 10.70
N HIS C 383 -47.55 19.76 10.00
CA HIS C 383 -47.87 19.29 8.66
C HIS C 383 -48.99 18.26 8.67
N LYS C 384 -48.96 17.34 9.63
CA LYS C 384 -49.92 16.25 9.65
C LYS C 384 -51.34 16.76 9.88
N HIS C 385 -51.52 17.71 10.80
CA HIS C 385 -52.85 18.15 11.18
C HIS C 385 -53.29 19.41 10.43
N ALA C 386 -52.36 20.28 10.06
CA ALA C 386 -52.69 21.57 9.43
C ALA C 386 -51.87 21.73 8.16
N PRO C 387 -52.29 21.11 7.06
CA PRO C 387 -51.56 21.28 5.80
C PRO C 387 -51.84 22.62 5.13
N GLN C 388 -51.33 22.79 3.92
CA GLN C 388 -51.62 23.94 3.06
C GLN C 388 -51.03 25.23 3.60
N GLN C 389 -51.63 25.78 4.66
CA GLN C 389 -51.27 27.12 5.11
C GLN C 389 -49.81 27.22 5.55
N TYR C 390 -49.22 26.12 6.04
CA TYR C 390 -47.82 26.17 6.44
C TYR C 390 -46.90 26.29 5.23
N LYS C 391 -47.30 25.73 4.09
CA LYS C 391 -46.44 25.76 2.90
C LYS C 391 -46.13 27.19 2.48
N GLU C 392 -47.16 28.03 2.35
CA GLU C 392 -46.92 29.41 1.98
C GLU C 392 -46.16 30.16 3.06
N ILE C 393 -46.35 29.78 4.33
CA ILE C 393 -45.63 30.45 5.41
C ILE C 393 -44.13 30.22 5.29
N VAL C 394 -43.73 28.96 5.14
CA VAL C 394 -42.30 28.66 5.04
C VAL C 394 -41.74 29.19 3.72
N GLU C 395 -42.54 29.13 2.65
CA GLU C 395 -42.10 29.65 1.36
C GLU C 395 -41.82 31.14 1.44
N GLN C 396 -42.74 31.90 2.05
CA GLN C 396 -42.52 33.33 2.22
C GLN C 396 -41.35 33.59 3.15
N GLY C 397 -41.14 32.75 4.15
CA GLY C 397 -40.01 32.92 5.04
C GLY C 397 -38.67 32.83 4.32
N TYR C 398 -38.44 31.74 3.58
CA TYR C 398 -37.14 31.64 2.93
C TYR C 398 -37.03 32.58 1.73
N PHE C 399 -38.17 32.92 1.11
CA PHE C 399 -38.15 33.96 0.08
C PHE C 399 -37.73 35.29 0.68
N SER C 400 -38.22 35.60 1.87
CA SER C 400 -37.82 36.84 2.55
C SER C 400 -36.34 36.81 2.88
N ILE C 401 -35.83 35.67 3.34
CA ILE C 401 -34.40 35.57 3.62
C ILE C 401 -33.57 35.85 2.37
N LEU C 402 -33.92 35.19 1.27
CA LEU C 402 -33.17 35.39 0.03
C LEU C 402 -33.28 36.82 -0.47
N ALA C 403 -34.49 37.40 -0.40
CA ALA C 403 -34.67 38.77 -0.86
C ALA C 403 -33.88 39.75 -0.01
N GLU C 404 -33.83 39.52 1.30
CA GLU C 404 -33.03 40.37 2.17
C GLU C 404 -31.56 40.30 1.80
N TYR C 405 -31.04 39.09 1.54
CA TYR C 405 -29.65 38.99 1.10
C TYR C 405 -29.42 39.71 -0.22
N VAL C 406 -30.34 39.54 -1.18
CA VAL C 406 -30.16 40.15 -2.49
C VAL C 406 -30.16 41.67 -2.38
N TYR C 407 -31.11 42.23 -1.61
CA TYR C 407 -31.15 43.67 -1.44
C TYR C 407 -29.93 44.19 -0.71
N SER C 408 -29.47 43.45 0.31
CA SER C 408 -28.34 43.91 1.10
C SER C 408 -27.06 43.93 0.28
N TYR C 409 -26.83 42.92 -0.55
CA TYR C 409 -25.56 42.78 -1.25
C TYR C 409 -25.69 42.98 -2.76
N ASN C 410 -26.68 43.77 -3.18
CA ASN C 410 -26.82 44.21 -4.58
C ASN C 410 -26.88 43.02 -5.55
N GLY C 411 -27.51 41.93 -5.13
CA GLY C 411 -27.64 40.77 -5.99
C GLY C 411 -26.33 40.10 -6.36
N MET C 412 -25.36 40.10 -5.45
CA MET C 412 -24.08 39.42 -5.66
C MET C 412 -24.11 38.15 -4.81
N LEU C 413 -24.61 37.07 -5.38
CA LEU C 413 -24.75 35.82 -4.68
C LEU C 413 -23.37 35.19 -4.43
N GLU C 414 -23.30 34.38 -3.38
CA GLU C 414 -22.06 33.72 -3.02
C GLU C 414 -22.41 32.45 -2.26
N HIS C 415 -21.41 31.58 -2.05
CA HIS C 415 -21.69 30.24 -1.55
C HIS C 415 -22.48 30.26 -0.24
N TYR C 416 -22.09 31.12 0.70
CA TYR C 416 -22.64 31.03 2.04
C TYR C 416 -24.14 31.35 2.07
N MET C 417 -24.57 32.37 1.31
CA MET C 417 -25.99 32.75 1.39
C MET C 417 -26.89 31.66 0.83
N ILE C 418 -26.52 31.08 -0.31
CA ILE C 418 -27.30 29.96 -0.85
C ILE C 418 -27.24 28.76 0.08
N ALA C 419 -26.09 28.52 0.71
CA ALA C 419 -26.00 27.42 1.67
C ALA C 419 -26.96 27.63 2.84
N LYS C 420 -27.01 28.85 3.37
CA LYS C 420 -27.90 29.15 4.48
C LYS C 420 -29.37 29.05 4.07
N VAL C 421 -29.70 29.52 2.86
CA VAL C 421 -31.08 29.42 2.39
C VAL C 421 -31.48 27.96 2.20
N ILE C 422 -30.55 27.14 1.68
CA ILE C 422 -30.83 25.71 1.54
C ILE C 422 -31.04 25.07 2.90
N TYR C 423 -30.23 25.44 3.88
CA TYR C 423 -30.42 24.90 5.22
C TYR C 423 -31.72 25.39 5.85
N ALA C 424 -32.22 26.54 5.41
CA ALA C 424 -33.51 27.02 5.89
C ALA C 424 -34.62 26.04 5.50
N MET C 425 -34.58 25.55 4.27
CA MET C 425 -35.40 24.42 3.86
C MET C 425 -34.66 23.14 4.23
N MET C 426 -35.16 21.99 3.81
CA MET C 426 -34.63 20.68 4.23
C MET C 426 -34.60 20.65 5.76
N GLY C 427 -33.49 20.24 6.38
CA GLY C 427 -33.50 19.95 7.80
C GLY C 427 -34.08 18.58 8.06
N ASN C 428 -34.99 18.16 7.18
CA ASN C 428 -35.54 16.81 7.25
C ASN C 428 -34.48 15.77 7.00
N LYS C 429 -33.51 16.09 6.15
CA LYS C 429 -32.55 15.13 5.63
C LYS C 429 -31.15 15.72 5.74
N PHE C 430 -30.16 14.94 5.30
CA PHE C 430 -28.80 15.43 5.08
C PHE C 430 -28.18 15.98 6.37
N VAL C 431 -28.01 15.08 7.34
CA VAL C 431 -27.33 15.39 8.59
C VAL C 431 -25.87 15.01 8.45
N VAL C 432 -24.98 15.93 8.81
CA VAL C 432 -23.54 15.77 8.63
C VAL C 432 -22.89 15.55 9.98
N ASP C 433 -21.99 14.57 10.06
CA ASP C 433 -21.19 14.34 11.25
C ASP C 433 -19.82 13.86 10.84
N VAL C 434 -18.85 14.07 11.72
CA VAL C 434 -17.46 13.70 11.47
C VAL C 434 -17.22 12.30 11.99
N ASP C 435 -16.66 11.44 11.14
CA ASP C 435 -16.39 10.06 11.50
C ASP C 435 -15.13 9.97 12.37
N SER C 436 -14.80 8.76 12.79
CA SER C 436 -13.57 8.54 13.55
C SER C 436 -12.33 8.72 12.67
N ASN C 437 -12.48 8.66 11.35
CA ASN C 437 -11.37 8.83 10.43
C ASN C 437 -11.12 10.28 10.06
N GLY C 438 -11.93 11.20 10.56
CA GLY C 438 -11.75 12.61 10.26
C GLY C 438 -12.37 13.08 8.96
N LYS C 439 -13.21 12.28 8.33
CA LYS C 439 -13.88 12.64 7.08
C LYS C 439 -15.34 12.96 7.36
N TYR C 440 -15.82 14.07 6.80
CA TYR C 440 -17.23 14.40 6.94
C TYR C 440 -18.09 13.40 6.20
N VAL C 441 -19.19 12.99 6.84
CA VAL C 441 -20.07 11.97 6.31
C VAL C 441 -21.49 12.53 6.26
N TRP C 442 -22.19 12.24 5.18
CA TRP C 442 -23.56 12.71 4.96
C TRP C 442 -24.54 11.56 5.18
N PHE C 443 -25.56 11.79 5.99
CA PHE C 443 -26.60 10.82 6.26
C PHE C 443 -27.93 11.36 5.77
N GLU C 444 -28.63 10.58 4.95
CA GLU C 444 -29.87 11.00 4.32
C GLU C 444 -31.04 10.20 4.87
N PHE C 445 -32.12 10.90 5.22
CA PHE C 445 -33.31 10.25 5.75
C PHE C 445 -34.20 9.82 4.59
N VAL C 446 -34.53 8.54 4.54
CA VAL C 446 -35.27 7.98 3.41
C VAL C 446 -36.77 8.09 3.69
N LEU C 447 -37.53 8.43 2.66
CA LEU C 447 -38.97 8.58 2.72
C LEU C 447 -39.62 7.74 1.64
N PRO C 448 -40.89 7.36 1.81
CA PRO C 448 -41.56 6.58 0.76
C PRO C 448 -41.65 7.35 -0.54
N GLY C 449 -41.63 6.61 -1.64
CA GLY C 449 -41.66 7.19 -2.97
C GLY C 449 -40.31 7.56 -3.55
N GLN C 450 -39.21 7.17 -2.90
CA GLN C 450 -37.88 7.44 -3.39
C GLN C 450 -37.24 6.16 -3.89
N PRO C 451 -36.25 6.25 -4.79
CA PRO C 451 -35.52 5.04 -5.18
C PRO C 451 -34.56 4.60 -4.08
N MET C 452 -34.91 3.52 -3.39
CA MET C 452 -34.09 3.00 -2.30
C MET C 452 -34.07 1.49 -2.38
N ASN C 453 -33.18 0.88 -1.58
CA ASN C 453 -33.10 -0.56 -1.49
C ASN C 453 -34.18 -1.08 -0.54
N GLN C 454 -34.22 -2.40 -0.37
CA GLN C 454 -35.23 -3.01 0.48
C GLN C 454 -34.91 -2.76 1.95
N GLY C 455 -35.91 -2.31 2.70
CA GLY C 455 -35.77 -2.13 4.13
C GLY C 455 -35.14 -0.84 4.58
N GLU C 456 -34.81 0.06 3.66
CA GLU C 456 -34.19 1.33 4.02
C GLU C 456 -35.22 2.41 4.36
N ILE C 457 -36.51 2.09 4.31
CA ILE C 457 -37.53 3.11 4.53
C ILE C 457 -37.54 3.56 5.99
N TRP C 458 -37.89 4.82 6.21
CA TRP C 458 -38.08 5.40 7.53
C TRP C 458 -36.84 5.27 8.41
N LYS C 459 -35.65 5.39 7.82
CA LYS C 459 -34.42 5.33 8.59
C LYS C 459 -33.30 5.98 7.79
N TRP C 460 -32.25 6.38 8.50
CA TRP C 460 -31.13 7.05 7.88
C TRP C 460 -30.29 6.06 7.06
N ARG C 461 -29.60 6.60 6.06
CA ARG C 461 -28.67 5.82 5.26
C ARG C 461 -27.41 6.63 5.04
N LYS C 462 -26.28 5.92 4.94
CA LYS C 462 -25.00 6.58 4.73
C LYS C 462 -24.84 6.93 3.26
N GLU C 463 -24.42 8.16 3.00
CA GLU C 463 -24.30 8.68 1.65
C GLU C 463 -22.87 9.16 1.41
N VAL C 464 -22.23 8.62 0.36
CA VAL C 464 -20.87 9.02 0.04
C VAL C 464 -20.83 10.47 -0.45
N ASN C 465 -21.84 10.88 -1.22
CA ASN C 465 -21.91 12.22 -1.75
C ASN C 465 -23.38 12.59 -1.91
N PRO C 466 -23.79 13.76 -1.42
CA PRO C 466 -25.23 14.08 -1.41
C PRO C 466 -25.77 14.38 -2.79
N ASP C 467 -26.07 13.32 -3.55
CA ASP C 467 -26.57 13.49 -4.91
C ASP C 467 -27.90 14.22 -4.92
N GLU C 468 -28.80 13.85 -4.02
CA GLU C 468 -30.11 14.50 -3.96
C GLU C 468 -29.97 15.98 -3.65
N LEU C 469 -28.98 16.35 -2.83
CA LEU C 469 -28.75 17.76 -2.54
C LEU C 469 -28.37 18.53 -3.79
N HIS C 470 -27.47 17.96 -4.61
CA HIS C 470 -27.10 18.60 -5.87
C HIS C 470 -28.30 18.74 -6.79
N ILE C 471 -29.08 17.66 -6.93
CA ILE C 471 -30.23 17.71 -7.81
C ILE C 471 -31.22 18.78 -7.33
N TYR C 472 -31.47 18.83 -6.03
CA TYR C 472 -32.43 19.79 -5.49
C TYR C 472 -31.95 21.22 -5.69
N ILE C 473 -30.68 21.50 -5.36
CA ILE C 473 -30.17 22.87 -5.48
C ILE C 473 -30.15 23.29 -6.93
N SER C 474 -29.97 22.35 -7.86
CA SER C 474 -30.01 22.73 -9.27
C SER C 474 -31.43 22.91 -9.79
N GLU C 475 -32.41 22.16 -9.28
CA GLU C 475 -33.75 22.17 -9.83
C GLU C 475 -34.69 23.13 -9.11
N ASN C 476 -34.92 22.91 -7.81
CA ASN C 476 -35.98 23.64 -7.12
C ASN C 476 -35.60 25.06 -6.78
N PHE C 477 -34.31 25.35 -6.59
CA PHE C 477 -33.90 26.70 -6.28
C PHE C 477 -34.18 27.66 -7.43
N SER C 478 -34.30 27.13 -8.65
CA SER C 478 -34.69 27.95 -9.79
C SER C 478 -36.07 28.55 -9.60
N ARG C 479 -36.97 27.86 -8.89
CA ARG C 479 -38.28 28.42 -8.63
C ARG C 479 -38.20 29.67 -7.75
N VAL C 480 -37.37 29.62 -6.71
CA VAL C 480 -37.19 30.79 -5.86
C VAL C 480 -36.49 31.90 -6.63
N MET C 481 -35.56 31.55 -7.50
CA MET C 481 -34.92 32.55 -8.35
C MET C 481 -35.95 33.24 -9.25
N ASP C 482 -36.86 32.46 -9.84
CA ASP C 482 -37.89 33.05 -10.69
C ASP C 482 -38.83 33.92 -9.87
N ARG C 483 -39.13 33.51 -8.64
CA ARG C 483 -39.96 34.35 -7.77
C ARG C 483 -39.30 35.69 -7.49
N ILE C 484 -37.99 35.67 -7.19
CA ILE C 484 -37.27 36.92 -6.96
C ILE C 484 -37.27 37.78 -8.21
N THR C 485 -37.06 37.16 -9.38
CA THR C 485 -37.05 37.91 -10.63
C THR C 485 -38.41 38.56 -10.89
N GLU C 486 -39.49 37.82 -10.65
CA GLU C 486 -40.83 38.38 -10.83
C GLU C 486 -41.08 39.51 -9.85
N HIS C 487 -40.62 39.37 -8.61
CA HIS C 487 -40.76 40.42 -7.62
C HIS C 487 -40.08 41.71 -8.08
N ILE C 488 -38.82 41.60 -8.50
CA ILE C 488 -38.09 42.79 -8.91
C ILE C 488 -38.67 43.37 -10.19
N LYS C 489 -39.15 42.52 -11.10
CA LYS C 489 -39.80 43.01 -12.31
C LYS C 489 -41.07 43.78 -11.99
N TYR C 490 -41.86 43.27 -11.04
CA TYR C 490 -43.09 43.95 -10.65
C TYR C 490 -42.78 45.32 -10.04
N HIS C 491 -41.77 45.38 -9.17
CA HIS C 491 -41.38 46.68 -8.62
C HIS C 491 -40.83 47.61 -9.70
N LEU C 492 -40.18 47.05 -10.73
CA LEU C 492 -39.73 47.88 -11.84
C LEU C 492 -40.91 48.42 -12.63
N SER C 493 -41.99 47.65 -12.74
CA SER C 493 -43.14 48.08 -13.54
C SER C 493 -43.79 49.33 -12.95
N GLN C 494 -43.90 49.40 -11.63
CA GLN C 494 -44.51 50.56 -11.00
C GLN C 494 -43.67 51.81 -11.22
N PRO C 495 -44.30 52.97 -11.41
CA PRO C 495 -43.52 54.19 -11.66
C PRO C 495 -43.06 54.86 -10.38
N HIS C 496 -41.83 55.35 -10.41
CA HIS C 496 -41.24 56.07 -9.29
C HIS C 496 -40.31 57.15 -9.85
N GLU C 497 -39.46 57.71 -8.99
CA GLU C 497 -38.50 58.71 -9.42
C GLU C 497 -37.29 58.04 -10.06
N SER C 498 -36.21 58.79 -10.25
CA SER C 498 -35.05 58.32 -11.01
C SER C 498 -34.38 57.09 -10.41
N ASN C 499 -34.87 56.61 -9.26
CA ASN C 499 -34.31 55.39 -8.69
C ASN C 499 -34.57 54.19 -9.59
N ILE C 500 -35.77 54.10 -10.17
CA ILE C 500 -36.06 52.99 -11.07
C ILE C 500 -35.31 53.12 -12.39
N LEU C 501 -34.82 54.32 -12.70
CA LEU C 501 -34.10 54.53 -13.95
C LEU C 501 -32.80 53.74 -13.98
N ASN C 502 -32.09 53.70 -12.87
CA ASN C 502 -30.77 53.07 -12.87
C ASN C 502 -30.60 52.01 -11.78
N TYR C 503 -31.15 52.22 -10.59
CA TYR C 503 -30.89 51.31 -9.48
C TYR C 503 -31.47 49.93 -9.73
N TYR C 504 -32.76 49.88 -10.09
CA TYR C 504 -33.37 48.58 -10.38
C TYR C 504 -32.79 47.96 -11.65
N LYS C 505 -32.41 48.76 -12.63
CA LYS C 505 -31.75 48.20 -13.80
C LYS C 505 -30.43 47.52 -13.42
N LYS C 506 -29.63 48.16 -12.57
CA LYS C 506 -28.38 47.56 -12.11
C LYS C 506 -28.64 46.30 -11.30
N LEU C 507 -29.65 46.34 -10.41
CA LEU C 507 -29.96 45.16 -9.62
C LEU C 507 -30.41 44.00 -10.49
N LEU C 508 -31.26 44.28 -11.48
CA LEU C 508 -31.73 43.22 -12.38
C LEU C 508 -30.58 42.65 -13.19
N LYS C 509 -29.67 43.50 -13.67
CA LYS C 509 -28.52 43.01 -14.41
C LYS C 509 -27.65 42.13 -13.54
N ALA C 510 -27.38 42.56 -12.30
CA ALA C 510 -26.55 41.77 -11.40
C ALA C 510 -27.20 40.43 -11.08
N PHE C 511 -28.51 40.44 -10.82
CA PHE C 511 -29.19 39.19 -10.51
C PHE C 511 -29.23 38.26 -11.71
N GLU C 512 -29.42 38.81 -12.91
CA GLU C 512 -29.38 37.98 -14.11
C GLU C 512 -28.01 37.35 -14.31
N ARG C 513 -26.96 38.13 -14.05
CA ARG C 513 -25.60 37.58 -14.15
C ARG C 513 -25.38 36.48 -13.11
N SER C 514 -25.88 36.68 -11.89
CA SER C 514 -25.64 35.72 -10.82
C SER C 514 -26.55 34.50 -10.88
N LYS C 515 -27.62 34.55 -11.67
CA LYS C 515 -28.55 33.43 -11.74
C LYS C 515 -27.88 32.18 -12.31
N SER C 516 -27.05 32.34 -13.34
CA SER C 516 -26.44 31.21 -14.01
C SER C 516 -25.41 30.49 -13.14
N LYS C 517 -24.99 31.08 -12.02
CA LYS C 517 -23.94 30.46 -11.20
C LYS C 517 -24.41 29.18 -10.54
N ILE C 518 -25.72 29.04 -10.29
CA ILE C 518 -26.21 27.87 -9.58
C ILE C 518 -26.08 26.60 -10.42
N PHE C 519 -25.91 26.72 -11.73
CA PHE C 519 -25.73 25.57 -12.59
C PHE C 519 -24.26 25.20 -12.78
N ASN C 520 -23.34 25.98 -12.23
CA ASN C 520 -21.92 25.69 -12.36
C ASN C 520 -21.51 24.62 -11.35
N ASP C 521 -20.63 23.72 -11.78
CA ASP C 521 -20.24 22.61 -10.92
C ASP C 521 -19.37 23.07 -9.76
N SER C 522 -18.38 23.93 -10.04
CA SER C 522 -17.50 24.40 -8.99
C SER C 522 -18.27 25.21 -7.95
N PHE C 523 -19.21 26.05 -8.40
CA PHE C 523 -20.03 26.81 -7.48
C PHE C 523 -20.85 25.89 -6.57
N LYS C 524 -21.43 24.83 -7.15
CA LYS C 524 -22.19 23.88 -6.35
C LYS C 524 -21.30 23.15 -5.35
N LYS C 525 -20.09 22.78 -5.77
CA LYS C 525 -19.17 22.12 -4.84
C LYS C 525 -18.82 23.05 -3.68
N GLY C 526 -18.54 24.32 -3.97
CA GLY C 526 -18.27 25.26 -2.90
C GLY C 526 -19.46 25.46 -1.98
N VAL C 527 -20.67 25.49 -2.56
CA VAL C 527 -21.87 25.66 -1.75
C VAL C 527 -22.04 24.47 -0.81
N ILE C 528 -21.80 23.26 -1.32
CA ILE C 528 -21.91 22.07 -0.49
C ILE C 528 -20.86 22.08 0.62
N ARG C 529 -19.63 22.48 0.27
CA ARG C 529 -18.56 22.53 1.26
C ARG C 529 -18.87 23.54 2.36
N GLN C 530 -19.50 24.66 2.01
CA GLN C 530 -19.91 25.62 3.02
C GLN C 530 -21.13 25.16 3.80
N ALA C 531 -22.02 24.41 3.17
CA ALA C 531 -23.27 24.00 3.82
C ALA C 531 -23.03 22.87 4.82
N GLU C 532 -22.01 22.04 4.58
CA GLU C 532 -21.74 20.95 5.52
C GLU C 532 -21.36 21.48 6.90
N PHE C 533 -20.97 22.75 7.00
CA PHE C 533 -20.71 23.33 8.31
C PHE C 533 -22.00 23.60 9.07
N LEU C 534 -23.04 24.06 8.36
CA LEU C 534 -24.31 24.34 9.02
C LEU C 534 -25.04 23.05 9.41
N PHE C 535 -25.04 22.05 8.54
CA PHE C 535 -25.71 20.79 8.82
C PHE C 535 -24.97 19.95 9.86
N ARG C 536 -23.75 20.34 10.22
CA ARG C 536 -22.96 19.53 11.16
C ARG C 536 -23.65 19.46 12.51
N GLN C 537 -23.83 18.25 13.01
CA GLN C 537 -24.54 18.02 14.27
C GLN C 537 -23.62 17.26 15.21
N ARG C 538 -23.35 17.85 16.38
CA ARG C 538 -22.46 17.22 17.35
C ARG C 538 -23.12 15.99 17.97
N SER C 539 -22.30 14.98 18.23
CA SER C 539 -22.72 13.77 18.94
C SER C 539 -23.89 13.08 18.23
N PHE C 540 -23.61 12.63 17.01
CA PHE C 540 -24.60 11.88 16.23
C PHE C 540 -24.11 10.49 15.87
N ILE C 541 -22.87 10.35 15.41
CA ILE C 541 -22.37 9.05 14.99
C ILE C 541 -22.25 8.10 16.17
N GLN C 542 -21.68 8.57 17.28
CA GLN C 542 -21.52 7.71 18.44
C GLN C 542 -22.83 7.47 19.16
N THR C 543 -23.85 8.31 18.93
CA THR C 543 -25.18 8.11 19.49
C THR C 543 -26.11 7.43 18.51
N LEU C 544 -25.55 6.59 17.63
CA LEU C 544 -26.32 5.91 16.60
C LEU C 544 -26.50 4.45 16.96
N ASP C 545 -27.74 3.97 16.88
CA ASP C 545 -28.10 2.58 17.20
C ASP C 545 -27.83 2.23 18.65
N THR C 546 -27.69 3.23 19.52
CA THR C 546 -27.38 2.96 20.92
C THR C 546 -28.61 2.49 21.69
N ASN C 547 -29.80 2.87 21.28
CA ASN C 547 -31.00 2.50 22.01
C ASN C 547 -31.28 1.01 21.82
N PRO C 548 -31.33 0.21 22.88
CA PRO C 548 -31.60 -1.23 22.73
C PRO C 548 -33.06 -1.57 22.55
N HIS C 549 -33.97 -0.63 22.78
CA HIS C 549 -35.39 -0.90 22.64
C HIS C 549 -35.93 -0.57 21.25
N LEU C 550 -35.07 -0.12 20.34
CA LEU C 550 -35.45 0.17 18.97
C LEU C 550 -34.67 -0.75 18.04
N LEU C 551 -35.39 -1.44 17.15
CA LEU C 551 -34.79 -2.40 16.24
C LEU C 551 -35.13 -2.01 14.81
N GLY C 552 -34.12 -1.94 13.96
CA GLY C 552 -34.33 -1.61 12.56
C GLY C 552 -34.98 -2.75 11.81
N VAL C 553 -36.24 -2.59 11.44
CA VAL C 553 -37.01 -3.63 10.79
C VAL C 553 -37.23 -3.24 9.34
N GLY C 554 -37.63 -4.22 8.52
CA GLY C 554 -37.85 -3.98 7.11
C GLY C 554 -39.00 -3.05 6.79
N ASN C 555 -39.86 -2.76 7.76
CA ASN C 555 -40.98 -1.83 7.56
C ASN C 555 -40.82 -0.56 8.40
N GLY C 556 -39.60 -0.25 8.82
CA GLY C 556 -39.36 0.89 9.68
C GLY C 556 -38.56 0.52 10.91
N VAL C 557 -39.11 0.78 12.10
CA VAL C 557 -38.48 0.39 13.35
C VAL C 557 -39.55 -0.21 14.27
N LEU C 558 -39.08 -0.95 15.27
CA LEU C 558 -39.95 -1.55 16.27
C LEU C 558 -39.69 -0.92 17.63
N SER C 559 -40.77 -0.64 18.35
CA SER C 559 -40.70 -0.05 19.68
C SER C 559 -41.06 -1.13 20.69
N ILE C 560 -40.04 -1.84 21.17
CA ILE C 560 -40.22 -2.85 22.20
C ILE C 560 -39.99 -2.26 23.60
N GLU C 561 -39.94 -0.93 23.70
CA GLU C 561 -39.74 -0.30 25.01
C GLU C 561 -40.91 -0.60 25.94
N THR C 562 -42.14 -0.55 25.43
CA THR C 562 -43.34 -0.79 26.22
C THR C 562 -44.16 -1.91 25.61
N ILE C 563 -44.99 -2.52 26.43
CA ILE C 563 -45.88 -3.60 26.01
C ILE C 563 -47.21 -3.01 25.57
N PRO C 564 -47.74 -3.37 24.39
CA PRO C 564 -47.15 -4.27 23.41
C PRO C 564 -46.16 -3.58 22.49
N ALA C 565 -45.47 -4.36 21.65
CA ALA C 565 -44.54 -3.76 20.70
C ALA C 565 -45.29 -2.97 19.63
N LYS C 566 -44.74 -1.82 19.27
CA LYS C 566 -45.29 -0.96 18.23
C LYS C 566 -44.34 -0.88 17.05
N LEU C 567 -44.91 -0.81 15.85
CA LEU C 567 -44.14 -0.60 14.63
C LEU C 567 -44.33 0.84 14.16
N ILE C 568 -43.23 1.54 13.96
CA ILE C 568 -43.25 2.94 13.56
C ILE C 568 -43.06 3.01 12.05
N ASN C 569 -44.08 3.48 11.35
CA ASN C 569 -44.04 3.60 9.90
C ASN C 569 -44.29 5.04 9.46
N HIS C 570 -43.91 6.00 10.31
CA HIS C 570 -44.05 7.41 9.97
C HIS C 570 -42.81 8.17 10.40
N PHE C 571 -42.85 9.50 10.29
CA PHE C 571 -41.69 10.32 10.65
C PHE C 571 -41.41 10.23 12.14
N HIS C 572 -40.14 10.29 12.50
CA HIS C 572 -39.71 10.24 13.89
C HIS C 572 -38.34 10.89 13.99
N GLU C 573 -37.71 10.79 15.17
CA GLU C 573 -36.41 11.41 15.40
C GLU C 573 -35.40 10.43 15.98
N HIS C 574 -35.72 9.15 16.07
CA HIS C 574 -34.79 8.18 16.63
C HIS C 574 -33.64 7.94 15.65
N PRO C 575 -32.39 8.08 16.07
CA PRO C 575 -31.24 7.87 15.17
C PRO C 575 -30.93 6.39 14.93
N ILE C 576 -31.65 5.81 13.98
CA ILE C 576 -31.55 4.40 13.63
C ILE C 576 -30.92 4.29 12.25
N HIS C 577 -29.88 3.48 12.12
CA HIS C 577 -29.19 3.27 10.86
C HIS C 577 -29.19 1.82 10.41
N GLN C 578 -28.81 0.88 11.28
CA GLN C 578 -28.79 -0.52 10.93
C GLN C 578 -30.20 -1.09 10.89
N TYR C 579 -30.36 -2.16 10.12
CA TYR C 579 -31.68 -2.74 9.91
C TYR C 579 -31.53 -4.17 9.41
N THR C 580 -32.66 -4.88 9.38
CA THR C 580 -32.74 -6.23 8.83
C THR C 580 -33.83 -6.28 7.77
N HIS C 581 -33.70 -7.23 6.85
CA HIS C 581 -34.60 -7.35 5.71
C HIS C 581 -35.83 -8.20 6.00
N ILE C 582 -36.23 -8.30 7.26
CA ILE C 582 -37.36 -9.15 7.66
C ILE C 582 -38.51 -8.24 8.07
N CYS C 583 -39.59 -8.28 7.31
CA CYS C 583 -40.78 -7.51 7.65
C CYS C 583 -41.42 -8.05 8.93
N TYR C 584 -42.08 -7.17 9.66
CA TYR C 584 -42.70 -7.53 10.92
C TYR C 584 -44.22 -7.54 10.78
N VAL C 585 -44.86 -8.58 11.29
CA VAL C 585 -46.31 -8.68 11.35
C VAL C 585 -46.69 -9.13 12.76
N PRO C 586 -47.87 -8.79 13.25
CA PRO C 586 -48.28 -9.26 14.58
C PRO C 586 -48.38 -10.78 14.63
N PHE C 587 -48.09 -11.34 15.80
CA PHE C 587 -48.08 -12.79 15.96
C PHE C 587 -49.49 -13.36 15.80
N ASN C 588 -49.72 -14.09 14.71
CA ASN C 588 -51.01 -14.71 14.45
C ASN C 588 -50.85 -16.22 14.39
N PRO C 589 -51.29 -16.95 15.41
CA PRO C 589 -51.18 -18.42 15.35
C PRO C 589 -52.00 -19.04 14.24
N GLU C 590 -53.01 -18.33 13.71
CA GLU C 590 -53.83 -18.87 12.65
C GLU C 590 -53.08 -18.94 11.32
N ASN C 591 -51.97 -18.24 11.18
CA ASN C 591 -51.21 -18.28 9.94
C ASN C 591 -50.64 -19.69 9.73
N PRO C 592 -50.73 -20.23 8.51
CA PRO C 592 -50.23 -21.60 8.29
C PRO C 592 -48.76 -21.79 8.62
N TRP C 593 -47.92 -20.80 8.29
CA TRP C 593 -46.50 -20.93 8.57
C TRP C 593 -46.23 -20.91 10.07
N THR C 594 -46.96 -20.07 10.81
CA THR C 594 -46.82 -20.06 12.26
C THR C 594 -47.21 -21.41 12.86
N LYS C 595 -48.30 -21.99 12.37
CA LYS C 595 -48.71 -23.31 12.85
C LYS C 595 -47.66 -24.37 12.54
N LEU C 596 -47.11 -24.33 11.33
CA LEU C 596 -46.08 -25.30 10.95
C LEU C 596 -44.85 -25.16 11.84
N LEU C 597 -44.42 -23.93 12.09
CA LEU C 597 -43.24 -23.71 12.92
C LEU C 597 -43.49 -24.15 14.36
N LEU C 598 -44.69 -23.87 14.89
CA LEU C 598 -45.00 -24.29 16.25
C LEU C 598 -45.04 -25.81 16.36
N ASN C 599 -45.61 -26.48 15.36
CA ASN C 599 -45.63 -27.94 15.37
C ASN C 599 -44.21 -28.49 15.28
N ALA C 600 -43.36 -27.88 14.46
CA ALA C 600 -41.98 -28.33 14.38
C ALA C 600 -41.25 -28.15 15.71
N LEU C 601 -41.47 -27.02 16.36
CA LEU C 601 -40.84 -26.78 17.66
C LEU C 601 -41.31 -27.80 18.69
N GLN C 602 -42.60 -28.13 18.68
CA GLN C 602 -43.11 -29.15 19.59
C GLN C 602 -42.48 -30.50 19.29
N ASP C 603 -42.29 -30.82 18.00
CA ASP C 603 -41.75 -32.11 17.64
C ASP C 603 -40.26 -32.23 17.96
N ILE C 604 -39.52 -31.11 17.93
CA ILE C 604 -38.09 -31.18 18.17
C ILE C 604 -37.79 -31.62 19.59
N ILE C 605 -38.45 -31.00 20.57
CA ILE C 605 -38.21 -31.32 21.98
C ILE C 605 -39.54 -31.54 22.70
N PRO C 606 -39.72 -32.68 23.36
CA PRO C 606 -41.05 -33.02 23.91
C PRO C 606 -41.36 -32.32 25.22
N GLU C 607 -40.36 -32.09 26.06
CA GLU C 607 -40.61 -31.56 27.39
C GLU C 607 -41.19 -30.15 27.31
N LEU C 608 -42.39 -29.99 27.87
CA LEU C 608 -43.07 -28.70 27.80
C LEU C 608 -42.32 -27.63 28.55
N ASP C 609 -41.93 -27.91 29.80
CA ASP C 609 -41.20 -26.92 30.59
C ASP C 609 -39.86 -26.58 29.96
N ALA C 610 -39.14 -27.60 29.48
CA ALA C 610 -37.87 -27.35 28.82
C ALA C 610 -38.06 -26.54 27.54
N ARG C 611 -39.11 -26.84 26.78
CA ARG C 611 -39.39 -26.09 25.57
C ARG C 611 -39.65 -24.62 25.90
N LEU C 612 -40.48 -24.36 26.91
CA LEU C 612 -40.76 -22.99 27.30
C LEU C 612 -39.50 -22.28 27.76
N TRP C 613 -38.68 -22.94 28.57
CA TRP C 613 -37.47 -22.30 29.08
C TRP C 613 -36.50 -21.98 27.96
N ILE C 614 -36.26 -22.93 27.05
CA ILE C 614 -35.30 -22.70 25.99
C ILE C 614 -35.83 -21.63 25.03
N MET C 615 -37.14 -21.61 24.79
CA MET C 615 -37.69 -20.60 23.91
C MET C 615 -37.60 -19.22 24.54
N PHE C 616 -37.86 -19.11 25.85
CA PHE C 616 -37.69 -17.85 26.54
C PHE C 616 -36.24 -17.37 26.47
N TYR C 617 -35.29 -18.28 26.69
CA TYR C 617 -33.88 -17.89 26.63
C TYR C 617 -33.50 -17.46 25.23
N LEU C 618 -33.99 -18.16 24.20
CA LEU C 618 -33.65 -17.82 22.83
C LEU C 618 -34.27 -16.50 22.40
N SER C 619 -35.45 -16.18 22.93
CA SER C 619 -36.09 -14.91 22.60
C SER C 619 -35.33 -13.70 23.16
N THR C 620 -34.40 -13.91 24.09
CA THR C 620 -33.63 -12.81 24.64
C THR C 620 -32.70 -12.18 23.60
N ALA C 621 -32.43 -12.89 22.50
CA ALA C 621 -31.53 -12.37 21.48
C ALA C 621 -32.05 -11.12 20.81
N ILE C 622 -33.36 -10.86 20.88
CA ILE C 622 -33.91 -9.65 20.27
C ILE C 622 -33.42 -8.41 21.02
N PHE C 623 -33.22 -8.52 22.33
CA PHE C 623 -32.72 -7.40 23.11
C PHE C 623 -31.24 -7.16 22.83
N ARG C 624 -30.80 -5.94 23.07
CA ARG C 624 -29.41 -5.55 22.85
C ARG C 624 -28.76 -4.92 24.07
N GLY C 625 -29.50 -4.80 25.19
CA GLY C 625 -28.95 -4.29 26.41
C GLY C 625 -28.30 -5.38 27.25
N LEU C 626 -27.90 -5.00 28.45
CA LEU C 626 -27.26 -5.95 29.36
C LEU C 626 -28.26 -7.03 29.76
N LYS C 627 -27.76 -8.27 29.83
CA LYS C 627 -28.59 -9.42 30.13
C LYS C 627 -27.90 -10.29 31.18
N GLU C 628 -28.63 -11.29 31.66
CA GLU C 628 -28.08 -12.23 32.62
C GLU C 628 -26.96 -13.04 31.96
N ALA C 629 -25.85 -13.20 32.68
CA ALA C 629 -24.66 -13.85 32.14
C ALA C 629 -24.76 -15.36 32.39
N LEU C 630 -25.29 -16.08 31.41
CA LEU C 630 -25.35 -17.53 31.46
C LEU C 630 -25.09 -18.08 30.06
N MET C 631 -24.51 -19.28 30.03
CA MET C 631 -24.14 -19.94 28.79
C MET C 631 -24.95 -21.22 28.64
N LEU C 632 -25.54 -21.41 27.46
CA LEU C 632 -26.31 -22.61 27.15
C LEU C 632 -25.54 -23.47 26.17
N LEU C 633 -25.45 -24.77 26.46
CA LEU C 633 -24.83 -25.74 25.58
C LEU C 633 -25.57 -27.06 25.71
N TRP C 634 -25.97 -27.62 24.57
CA TRP C 634 -26.75 -28.85 24.57
C TRP C 634 -26.27 -29.78 23.47
N LEU C 635 -26.20 -31.06 23.77
CA LEU C 635 -25.70 -32.02 22.79
C LEU C 635 -26.79 -32.94 22.28
N GLY C 636 -26.45 -33.82 21.34
CA GLY C 636 -27.43 -34.74 20.80
C GLY C 636 -26.89 -35.53 19.62
N GLY C 637 -27.77 -36.25 18.93
CA GLY C 637 -27.35 -37.07 17.81
C GLY C 637 -27.17 -36.31 16.51
N GLY C 638 -26.81 -37.02 15.46
CA GLY C 638 -26.62 -36.38 14.16
C GLY C 638 -27.90 -35.77 13.64
N CYS C 639 -29.04 -36.23 14.16
CA CYS C 639 -30.32 -35.67 13.75
C CYS C 639 -30.97 -34.94 14.91
N ASN C 640 -30.15 -34.40 15.82
CA ASN C 640 -30.68 -33.67 16.96
C ASN C 640 -31.53 -32.48 16.52
N GLY C 641 -31.13 -31.82 15.46
CA GLY C 641 -31.87 -30.67 14.97
C GLY C 641 -31.37 -29.36 15.56
N LYS C 642 -30.31 -29.43 16.37
CA LYS C 642 -29.77 -28.24 17.01
C LYS C 642 -29.30 -27.20 16.01
N THR C 643 -28.59 -27.64 14.99
CA THR C 643 -28.04 -26.71 14.00
C THR C 643 -29.11 -25.94 13.27
N PHE C 644 -30.19 -26.62 12.87
CA PHE C 644 -31.22 -25.96 12.08
C PHE C 644 -31.80 -24.73 12.78
N LEU C 645 -32.15 -24.87 14.05
CA LEU C 645 -32.75 -23.76 14.77
C LEU C 645 -31.77 -22.61 14.89
N MET C 646 -30.54 -22.90 15.30
CA MET C 646 -29.53 -21.86 15.42
C MET C 646 -29.43 -21.12 14.10
N ARG C 647 -29.54 -21.85 13.00
CA ARG C 647 -29.44 -21.23 11.69
C ARG C 647 -30.64 -20.35 11.39
N LEU C 648 -31.84 -20.82 11.76
CA LEU C 648 -33.04 -20.02 11.55
C LEU C 648 -32.99 -18.73 12.35
N VAL C 649 -32.55 -18.81 13.60
CA VAL C 649 -32.43 -17.61 14.43
C VAL C 649 -31.45 -16.63 13.80
N ALA C 650 -30.30 -17.13 13.35
CA ALA C 650 -29.31 -16.26 12.75
C ALA C 650 -29.84 -15.60 11.48
N MET C 651 -30.53 -16.36 10.63
CA MET C 651 -31.07 -15.79 9.40
C MET C 651 -32.15 -14.76 9.71
N VAL C 652 -33.02 -15.03 10.68
CA VAL C 652 -34.08 -14.09 11.00
C VAL C 652 -33.52 -12.79 11.56
N LEU C 653 -32.57 -12.90 12.50
CA LEU C 653 -32.03 -11.69 13.12
C LEU C 653 -31.19 -10.87 12.16
N GLY C 654 -30.69 -11.46 11.09
CA GLY C 654 -29.90 -10.73 10.12
C GLY C 654 -28.43 -10.67 10.49
N ASP C 655 -27.62 -10.25 9.51
CA ASP C 655 -26.18 -10.21 9.71
C ASP C 655 -25.77 -9.09 10.66
N HIS C 656 -26.51 -7.97 10.66
CA HIS C 656 -26.14 -6.85 11.50
C HIS C 656 -26.23 -7.19 12.99
N TYR C 657 -27.27 -7.95 13.37
CA TYR C 657 -27.51 -8.26 14.78
C TYR C 657 -27.04 -9.64 15.19
N ALA C 658 -26.93 -10.58 14.27
CA ALA C 658 -26.50 -11.94 14.58
C ALA C 658 -25.17 -12.22 13.91
N SER C 659 -24.39 -13.10 14.54
CA SER C 659 -23.06 -13.44 14.03
C SER C 659 -22.74 -14.88 14.38
N LYS C 660 -21.89 -15.48 13.57
CA LYS C 660 -21.38 -16.83 13.82
C LYS C 660 -19.92 -16.74 14.24
N LEU C 661 -19.57 -17.43 15.32
CA LEU C 661 -18.22 -17.44 15.84
C LEU C 661 -17.56 -18.79 15.54
N ASN C 662 -16.33 -18.94 16.01
CA ASN C 662 -15.54 -20.14 15.80
C ASN C 662 -15.34 -20.87 17.12
N ILE C 663 -15.50 -22.18 17.09
CA ILE C 663 -15.32 -22.99 18.30
C ILE C 663 -13.89 -22.91 18.81
N SER C 664 -12.92 -22.62 17.95
CA SER C 664 -11.53 -22.54 18.37
C SER C 664 -11.28 -21.39 19.34
N LEU C 665 -12.22 -20.45 19.44
CA LEU C 665 -12.05 -19.33 20.37
C LEU C 665 -11.98 -19.82 21.81
N LEU C 666 -12.84 -20.77 22.18
CA LEU C 666 -12.79 -21.31 23.53
C LEU C 666 -11.63 -22.28 23.73
N THR C 667 -11.25 -23.02 22.70
CA THR C 667 -10.21 -24.04 22.77
C THR C 667 -9.02 -23.61 21.92
N SER C 668 -8.13 -22.83 22.52
CA SER C 668 -6.93 -22.39 21.84
C SER C 668 -5.88 -22.00 22.88
N CYS C 669 -4.62 -22.03 22.47
CA CYS C 669 -3.54 -21.58 23.31
C CYS C 669 -3.58 -20.05 23.45
N ARG C 670 -2.98 -19.56 24.51
CA ARG C 670 -2.92 -18.12 24.75
C ARG C 670 -2.09 -17.44 23.66
N GLU C 671 -2.46 -16.20 23.35
CA GLU C 671 -1.82 -15.46 22.26
C GLU C 671 -0.46 -14.93 22.69
N THR C 672 0.44 -15.87 23.01
CA THR C 672 1.80 -15.52 23.34
C THR C 672 2.61 -15.11 22.12
N ALA C 673 2.14 -15.46 20.92
CA ALA C 673 2.81 -15.05 19.68
C ALA C 673 2.53 -13.60 19.32
N GLU C 674 1.67 -12.92 20.08
CA GLU C 674 1.37 -11.50 19.94
C GLU C 674 0.54 -11.23 18.68
N LYS C 675 0.32 -12.27 17.88
CA LYS C 675 -0.47 -12.09 16.67
C LYS C 675 -1.92 -11.75 17.03
N PRO C 676 -2.47 -10.66 16.52
CA PRO C 676 -3.84 -10.29 16.88
C PRO C 676 -4.85 -11.32 16.38
N ASN C 677 -5.92 -11.47 17.15
CA ASN C 677 -6.99 -12.38 16.79
C ASN C 677 -7.86 -11.78 15.69
N SER C 678 -8.76 -12.59 15.14
CA SER C 678 -9.65 -12.16 14.07
C SER C 678 -11.13 -12.31 14.42
N ALA C 679 -11.49 -12.51 15.67
CA ALA C 679 -12.87 -12.82 16.04
C ALA C 679 -13.48 -11.88 17.08
N PHE C 680 -12.67 -11.10 17.81
CA PHE C 680 -13.23 -10.30 18.89
C PHE C 680 -13.98 -9.07 18.39
N MET C 681 -13.80 -8.67 17.13
CA MET C 681 -14.68 -7.67 16.55
C MET C 681 -16.14 -8.12 16.52
N ARG C 682 -16.40 -9.42 16.60
CA ARG C 682 -17.77 -9.89 16.74
C ARG C 682 -18.32 -9.52 18.11
N LEU C 683 -19.65 -9.56 18.22
CA LEU C 683 -20.46 -9.26 19.40
C LEU C 683 -20.55 -7.77 19.66
N LYS C 684 -19.92 -6.92 18.86
CA LYS C 684 -20.05 -5.47 19.02
C LYS C 684 -21.36 -5.03 18.39
N GLY C 685 -22.35 -4.77 19.25
CA GLY C 685 -23.69 -4.45 18.80
C GLY C 685 -24.55 -5.65 18.47
N ARG C 686 -23.96 -6.85 18.43
CA ARG C 686 -24.71 -8.05 18.14
C ARG C 686 -25.58 -8.45 19.33
N GLY C 687 -26.67 -9.14 19.04
CA GLY C 687 -27.57 -9.61 20.07
C GLY C 687 -27.63 -11.12 20.15
N TYR C 688 -26.84 -11.81 19.33
CA TYR C 688 -26.90 -13.26 19.28
C TYR C 688 -25.62 -13.80 18.66
N GLY C 689 -25.19 -14.95 19.16
CA GLY C 689 -24.03 -15.64 18.63
C GLY C 689 -24.14 -17.13 18.84
N TYR C 690 -23.67 -17.93 17.88
CA TYR C 690 -23.82 -19.37 17.96
C TYR C 690 -22.55 -20.06 17.48
N PHE C 691 -22.38 -21.29 17.96
CA PHE C 691 -21.23 -22.12 17.61
C PHE C 691 -21.71 -23.31 16.77
N GLU C 692 -20.91 -23.67 15.78
CA GLU C 692 -21.27 -24.74 14.86
C GLU C 692 -20.78 -26.08 15.39
N GLU C 693 -21.00 -27.12 14.59
CA GLU C 693 -20.64 -28.48 14.98
C GLU C 693 -19.16 -28.73 14.72
N THR C 694 -18.64 -29.78 15.35
CA THR C 694 -17.25 -30.19 15.18
C THR C 694 -17.17 -31.70 15.34
N ASN C 695 -16.33 -32.34 14.52
CA ASN C 695 -16.20 -33.80 14.57
C ASN C 695 -15.54 -34.27 15.86
N LYS C 696 -14.57 -33.52 16.36
CA LYS C 696 -13.79 -33.96 17.51
C LYS C 696 -14.20 -33.22 18.76
N SER C 697 -14.09 -33.91 19.89
CA SER C 697 -14.25 -33.26 21.18
C SER C 697 -13.06 -32.35 21.47
N GLU C 698 -13.31 -31.30 22.23
CA GLU C 698 -12.28 -30.31 22.54
C GLU C 698 -12.30 -30.00 24.04
N VAL C 699 -11.16 -29.54 24.52
CA VAL C 699 -10.96 -29.22 25.94
C VAL C 699 -11.00 -27.70 26.08
N LEU C 700 -11.68 -27.22 27.11
CA LEU C 700 -11.77 -25.79 27.37
C LEU C 700 -12.15 -25.56 28.82
N ASN C 701 -11.42 -24.67 29.49
CA ASN C 701 -11.69 -24.36 30.89
C ASN C 701 -11.17 -22.94 31.15
N THR C 702 -12.11 -21.98 31.20
CA THR C 702 -11.83 -20.58 31.47
C THR C 702 -10.89 -19.98 30.42
N SER C 703 -10.51 -20.77 29.43
CA SER C 703 -9.61 -20.33 28.37
C SER C 703 -10.43 -19.50 27.39
N ARG C 704 -10.36 -18.17 27.54
CA ARG C 704 -11.24 -17.25 26.83
C ARG C 704 -12.70 -17.58 27.05
N LEU C 705 -13.05 -17.98 28.28
CA LEU C 705 -14.43 -18.33 28.62
C LEU C 705 -15.01 -17.39 29.66
N LYS C 706 -14.33 -17.20 30.78
CA LYS C 706 -14.87 -16.37 31.85
C LYS C 706 -15.06 -14.94 31.40
N GLU C 707 -14.08 -14.38 30.68
CA GLU C 707 -14.18 -13.00 30.23
C GLU C 707 -15.33 -12.82 29.24
N MET C 708 -15.54 -13.79 28.36
CA MET C 708 -16.62 -13.69 27.38
C MET C 708 -17.97 -14.11 27.96
N VAL C 709 -18.00 -14.67 29.17
CA VAL C 709 -19.26 -15.04 29.81
C VAL C 709 -19.75 -13.93 30.73
N ASN C 710 -18.89 -13.44 31.62
CA ASN C 710 -19.30 -12.39 32.54
C ASN C 710 -19.54 -11.09 31.77
N PRO C 711 -20.46 -10.25 32.24
CA PRO C 711 -20.75 -8.99 31.53
C PRO C 711 -19.74 -7.89 31.86
N GLY C 712 -18.48 -8.15 31.53
CA GLY C 712 -17.41 -7.20 31.75
C GLY C 712 -16.76 -6.83 30.44
N ASP C 713 -16.20 -5.61 30.39
CA ASP C 713 -15.53 -5.15 29.19
C ASP C 713 -14.28 -5.96 28.91
N VAL C 714 -14.02 -6.20 27.62
CA VAL C 714 -12.87 -6.98 27.18
C VAL C 714 -12.18 -6.22 26.05
N THR C 715 -10.85 -6.24 26.06
CA THR C 715 -10.05 -5.54 25.06
C THR C 715 -9.16 -6.53 24.32
N ALA C 716 -8.99 -6.31 23.02
CA ALA C 716 -8.14 -7.14 22.19
C ALA C 716 -7.90 -6.42 20.87
N ARG C 717 -6.67 -6.49 20.39
CA ARG C 717 -6.31 -5.92 19.10
C ARG C 717 -6.73 -6.85 17.97
N GLU C 718 -7.07 -6.25 16.83
CA GLU C 718 -7.62 -6.98 15.69
C GLU C 718 -7.02 -6.38 14.42
N LEU C 719 -6.03 -7.09 13.85
CA LEU C 719 -5.39 -6.72 12.58
C LEU C 719 -4.78 -5.34 12.72
N ASN C 720 -5.18 -4.35 11.93
CA ASN C 720 -4.57 -3.02 11.97
C ASN C 720 -5.31 -2.11 12.95
N GLN C 721 -5.51 -2.60 14.17
CA GLN C 721 -6.22 -1.86 15.19
C GLN C 721 -5.48 -2.01 16.52
N LYS C 722 -5.70 -1.04 17.40
CA LYS C 722 -5.10 -1.06 18.73
C LYS C 722 -5.95 -1.97 19.64
N GLN C 723 -5.63 -1.99 20.93
CA GLN C 723 -6.36 -2.81 21.90
C GLN C 723 -7.70 -2.14 22.19
N GLU C 724 -8.66 -2.39 21.32
CA GLU C 724 -9.99 -1.82 21.46
C GLU C 724 -10.80 -2.58 22.50
N SER C 725 -11.45 -1.85 23.39
CA SER C 725 -12.26 -2.42 24.45
C SER C 725 -13.74 -2.15 24.17
N PHE C 726 -14.58 -3.11 24.53
CA PHE C 726 -16.00 -3.03 24.23
C PHE C 726 -16.79 -3.84 25.24
N GLN C 727 -18.10 -3.61 25.26
CA GLN C 727 -19.01 -4.33 26.13
C GLN C 727 -19.93 -5.22 25.29
N MET C 728 -20.05 -6.48 25.66
CA MET C 728 -20.85 -7.45 24.93
C MET C 728 -22.21 -7.62 25.60
N THR C 729 -23.26 -7.77 24.77
CA THR C 729 -24.62 -7.90 25.26
C THR C 729 -25.42 -8.93 24.48
N ALA C 730 -24.75 -9.98 23.99
CA ALA C 730 -25.37 -10.96 23.10
C ALA C 730 -25.51 -12.29 23.80
N THR C 731 -26.71 -12.86 23.76
CA THR C 731 -26.91 -14.23 24.22
C THR C 731 -26.24 -15.19 23.23
N MET C 732 -25.64 -16.26 23.77
CA MET C 732 -24.89 -17.19 22.94
C MET C 732 -25.23 -18.62 23.31
N VAL C 733 -25.10 -19.51 22.33
CA VAL C 733 -25.35 -20.94 22.48
C VAL C 733 -24.23 -21.70 21.81
N ALA C 734 -24.09 -22.97 22.20
CA ALA C 734 -23.11 -23.86 21.63
C ALA C 734 -23.71 -25.26 21.52
N ALA C 735 -23.48 -25.93 20.39
CA ALA C 735 -24.00 -27.26 20.17
C ALA C 735 -22.89 -28.15 19.62
N SER C 736 -22.91 -29.42 20.01
CA SER C 736 -21.92 -30.38 19.54
C SER C 736 -22.50 -31.79 19.69
N ASN C 737 -22.10 -32.66 18.78
CA ASN C 737 -22.49 -34.07 18.83
C ASN C 737 -21.55 -34.90 19.70
N TYR C 738 -20.49 -34.30 20.22
CA TYR C 738 -19.51 -34.98 21.05
C TYR C 738 -19.34 -34.21 22.35
N ASN C 739 -19.16 -34.93 23.45
CA ASN C 739 -19.18 -34.32 24.76
C ASN C 739 -18.04 -33.32 24.94
N PHE C 740 -18.33 -32.21 25.62
CA PHE C 740 -17.31 -31.25 25.97
C PHE C 740 -16.45 -31.79 27.11
N ILE C 741 -15.21 -31.32 27.17
CA ILE C 741 -14.29 -31.68 28.24
C ILE C 741 -14.05 -30.45 29.10
N ILE C 742 -14.64 -30.43 30.29
CA ILE C 742 -14.47 -29.35 31.25
C ILE C 742 -13.78 -29.93 32.48
N ASP C 743 -12.65 -29.36 32.86
CA ASP C 743 -11.89 -29.81 34.02
C ASP C 743 -11.79 -28.65 35.01
N THR C 744 -12.81 -28.50 35.84
CA THR C 744 -12.84 -27.42 36.82
C THR C 744 -13.76 -27.82 37.97
N THR C 745 -13.66 -27.08 39.07
CA THR C 745 -14.48 -27.29 40.24
C THR C 745 -15.10 -26.02 40.79
N ASP C 746 -14.59 -24.85 40.41
CA ASP C 746 -15.08 -23.58 40.95
C ASP C 746 -16.57 -23.41 40.67
N HIS C 747 -17.29 -22.97 41.70
CA HIS C 747 -18.73 -22.74 41.56
C HIS C 747 -19.01 -21.57 40.64
N GLY C 748 -18.13 -20.56 40.62
CA GLY C 748 -18.37 -19.39 39.80
C GLY C 748 -18.45 -19.71 38.32
N THR C 749 -17.57 -20.60 37.85
CA THR C 749 -17.63 -21.00 36.45
C THR C 749 -18.83 -21.89 36.17
N TRP C 750 -19.17 -22.78 37.10
CA TRP C 750 -20.22 -23.76 36.85
C TRP C 750 -21.62 -23.20 37.04
N ARG C 751 -21.77 -22.05 37.71
CA ARG C 751 -23.10 -21.50 37.92
C ARG C 751 -23.66 -20.86 36.66
N ARG C 752 -22.80 -20.31 35.81
CA ARG C 752 -23.22 -19.72 34.54
C ARG C 752 -23.15 -20.72 33.40
N LEU C 753 -23.76 -21.90 33.59
CA LEU C 753 -23.70 -22.96 32.59
C LEU C 753 -24.96 -23.81 32.73
N ARG C 754 -25.76 -23.86 31.66
CA ARG C 754 -26.97 -24.66 31.62
C ARG C 754 -26.83 -25.69 30.51
N HIS C 755 -27.06 -26.96 30.85
CA HIS C 755 -26.85 -28.06 29.92
C HIS C 755 -28.17 -28.78 29.64
N TYR C 756 -28.34 -29.19 28.39
CA TYR C 756 -29.52 -29.93 27.96
C TYR C 756 -29.07 -31.03 27.01
N ARG C 757 -29.91 -32.05 26.87
CA ARG C 757 -29.62 -33.15 25.95
C ARG C 757 -30.92 -33.55 25.26
N SER C 758 -31.05 -33.23 23.98
CA SER C 758 -32.24 -33.60 23.23
C SER C 758 -32.31 -35.10 23.05
N LYS C 759 -33.53 -35.63 23.12
CA LYS C 759 -33.75 -37.07 23.10
C LYS C 759 -34.45 -37.55 21.84
N VAL C 760 -34.73 -36.67 20.89
CA VAL C 760 -35.41 -37.03 19.65
C VAL C 760 -34.37 -37.19 18.56
N LYS C 761 -34.36 -38.35 17.92
CA LYS C 761 -33.43 -38.66 16.84
C LYS C 761 -34.23 -38.96 15.58
N PHE C 762 -33.88 -38.27 14.49
CA PHE C 762 -34.56 -38.48 13.22
C PHE C 762 -33.87 -39.60 12.44
N CYS C 763 -34.69 -40.48 11.85
CA CYS C 763 -34.18 -41.56 11.01
C CYS C 763 -35.11 -41.73 9.82
N HIS C 764 -34.54 -42.13 8.69
CA HIS C 764 -35.33 -42.32 7.48
C HIS C 764 -36.30 -43.47 7.60
N ASN C 765 -36.06 -44.40 8.52
CA ASN C 765 -36.98 -45.51 8.80
C ASN C 765 -37.45 -45.37 10.24
N PRO C 766 -38.60 -44.74 10.47
CA PRO C 766 -39.08 -44.56 11.85
C PRO C 766 -39.36 -45.89 12.52
N ASP C 767 -39.04 -45.96 13.81
CA ASP C 767 -39.36 -47.15 14.59
C ASP C 767 -40.87 -47.24 14.79
N PRO C 768 -41.44 -48.43 14.70
CA PRO C 768 -42.90 -48.56 14.85
C PRO C 768 -43.43 -48.10 16.20
N SER C 769 -42.67 -48.29 17.28
CA SER C 769 -43.18 -48.02 18.62
C SER C 769 -42.24 -47.18 19.47
N ASN C 770 -41.34 -46.40 18.87
CA ASN C 770 -40.44 -45.54 19.64
C ASN C 770 -40.92 -44.10 19.51
N PRO C 771 -41.44 -43.48 20.56
CA PRO C 771 -41.88 -42.08 20.45
C PRO C 771 -40.75 -41.12 20.10
N TYR C 772 -39.53 -41.39 20.55
CA TYR C 772 -38.38 -40.53 20.27
C TYR C 772 -37.72 -40.93 18.96
N GLU C 773 -38.52 -40.88 17.89
CA GLU C 773 -38.03 -41.25 16.56
C GLU C 773 -38.99 -40.67 15.52
N LYS C 774 -38.47 -39.86 14.61
CA LYS C 774 -39.28 -39.21 13.60
C LYS C 774 -38.59 -39.33 12.24
N LYS C 775 -39.37 -39.14 11.19
CA LYS C 775 -38.87 -39.17 9.82
C LYS C 775 -38.36 -37.80 9.40
N GLU C 776 -37.22 -37.77 8.72
CA GLU C 776 -36.66 -36.50 8.29
C GLU C 776 -37.53 -35.86 7.22
N ASP C 777 -37.35 -34.54 7.07
CA ASP C 777 -37.83 -33.80 5.91
C ASP C 777 -36.60 -33.07 5.37
N PRO C 778 -35.91 -33.65 4.39
CA PRO C 778 -34.67 -33.02 3.91
C PRO C 778 -34.88 -31.61 3.41
N ARG C 779 -36.04 -31.30 2.85
CA ARG C 779 -36.37 -29.94 2.44
C ARG C 779 -36.57 -29.01 3.62
N PHE C 780 -36.78 -29.54 4.82
CA PHE C 780 -37.05 -28.69 5.98
C PHE C 780 -35.84 -27.85 6.37
N ILE C 781 -34.64 -28.24 5.94
CA ILE C 781 -33.44 -27.44 6.15
C ILE C 781 -32.86 -26.92 4.84
N HIS C 782 -32.91 -27.71 3.76
CA HIS C 782 -32.40 -27.24 2.47
C HIS C 782 -33.18 -26.03 1.99
N GLU C 783 -34.49 -26.04 2.17
CA GLU C 783 -35.36 -24.89 1.96
C GLU C 783 -36.15 -24.65 3.23
N TYR C 784 -37.17 -23.80 3.15
CA TYR C 784 -38.02 -23.31 4.24
C TYR C 784 -37.32 -22.22 5.04
N ILE C 785 -36.07 -21.89 4.73
CA ILE C 785 -35.39 -20.78 5.37
C ILE C 785 -35.30 -19.64 4.36
N MET C 786 -35.27 -19.98 3.08
CA MET C 786 -35.18 -18.97 2.03
C MET C 786 -36.50 -18.25 1.79
N ASP C 787 -37.61 -18.78 2.27
CA ASP C 787 -38.91 -18.15 2.06
C ASP C 787 -39.11 -17.05 3.09
N PRO C 788 -39.25 -15.78 2.68
CA PRO C 788 -39.36 -14.69 3.67
C PRO C 788 -40.54 -14.83 4.61
N ASP C 789 -41.61 -15.50 4.20
CA ASP C 789 -42.76 -15.66 5.08
C ASP C 789 -42.39 -16.45 6.32
N CYS C 790 -41.50 -17.44 6.17
CA CYS C 790 -41.02 -18.19 7.33
C CYS C 790 -40.27 -17.28 8.30
N GLN C 791 -39.42 -16.40 7.77
CA GLN C 791 -38.73 -15.45 8.64
C GLN C 791 -39.72 -14.53 9.35
N ASN C 792 -40.73 -14.06 8.64
CA ASN C 792 -41.72 -13.19 9.28
C ASN C 792 -42.45 -13.92 10.40
N ALA C 793 -42.85 -15.17 10.15
CA ALA C 793 -43.54 -15.94 11.19
C ALA C 793 -42.64 -16.18 12.39
N PHE C 794 -41.38 -16.54 12.15
CA PHE C 794 -40.46 -16.78 13.26
C PHE C 794 -40.19 -15.51 14.05
N PHE C 795 -40.07 -14.37 13.36
CA PHE C 795 -39.89 -13.11 14.06
C PHE C 795 -41.10 -12.76 14.91
N SER C 796 -42.30 -13.02 14.38
CA SER C 796 -43.52 -12.81 15.18
C SER C 796 -43.52 -13.69 16.42
N ILE C 797 -43.10 -14.95 16.27
CA ILE C 797 -43.03 -15.85 17.41
C ILE C 797 -42.04 -15.33 18.45
N LEU C 798 -40.88 -14.86 17.98
CA LEU C 798 -39.87 -14.33 18.90
C LEU C 798 -40.39 -13.11 19.65
N VAL C 799 -41.08 -12.21 18.94
CA VAL C 799 -41.63 -11.02 19.58
C VAL C 799 -42.67 -11.40 20.62
N TYR C 800 -43.56 -12.34 20.27
CA TYR C 800 -44.57 -12.79 21.22
C TYR C 800 -43.95 -13.39 22.46
N PHE C 801 -42.91 -14.21 22.29
CA PHE C 801 -42.29 -14.85 23.44
C PHE C 801 -41.52 -13.85 24.30
N TRP C 802 -40.90 -12.84 23.67
CA TRP C 802 -40.29 -11.77 24.46
C TRP C 802 -41.32 -11.02 25.27
N GLU C 803 -42.48 -10.73 24.67
CA GLU C 803 -43.55 -10.06 25.41
C GLU C 803 -44.01 -10.92 26.58
N LYS C 804 -44.15 -12.23 26.35
CA LYS C 804 -44.59 -13.12 27.42
C LYS C 804 -43.57 -13.16 28.55
N LEU C 805 -42.28 -13.22 28.21
CA LEU C 805 -41.25 -13.22 29.24
C LEU C 805 -41.27 -11.92 30.03
N GLN C 806 -41.46 -10.79 29.33
CA GLN C 806 -41.51 -9.50 30.02
C GLN C 806 -42.75 -9.38 30.90
N LYS C 807 -43.81 -10.12 30.58
CA LYS C 807 -45.05 -9.99 31.34
C LYS C 807 -44.91 -10.58 32.73
N GLU C 808 -44.63 -11.89 32.81
CA GLU C 808 -44.66 -12.57 34.10
C GLU C 808 -43.35 -12.36 34.87
N TYR C 809 -42.23 -12.82 34.33
CA TYR C 809 -40.97 -12.83 35.06
C TYR C 809 -40.18 -11.54 34.90
N ASN C 810 -40.71 -10.56 34.15
CA ASN C 810 -40.07 -9.26 33.97
C ASN C 810 -38.67 -9.38 33.34
N GLY C 811 -38.48 -10.41 32.51
CA GLY C 811 -37.23 -10.60 31.81
C GLY C 811 -36.17 -11.36 32.57
N GLN C 812 -36.45 -11.82 33.78
CA GLN C 812 -35.48 -12.58 34.56
C GLN C 812 -35.52 -14.04 34.15
N ILE C 813 -34.52 -14.49 33.40
CA ILE C 813 -34.44 -15.89 33.00
C ILE C 813 -34.18 -16.77 34.22
N LYS C 814 -33.34 -16.31 35.15
CA LYS C 814 -33.03 -17.10 36.32
C LYS C 814 -34.21 -17.31 37.25
N LYS C 815 -35.29 -16.54 37.07
CA LYS C 815 -36.46 -16.68 37.95
C LYS C 815 -37.41 -17.77 37.50
N VAL C 816 -37.56 -17.99 36.19
CA VAL C 816 -38.44 -19.05 35.72
C VAL C 816 -37.83 -20.40 36.08
N PHE C 817 -38.65 -21.28 36.64
CA PHE C 817 -38.18 -22.60 37.07
C PHE C 817 -38.54 -23.65 36.04
N CYS C 818 -37.70 -24.67 35.95
CA CYS C 818 -37.90 -25.77 35.02
C CYS C 818 -37.24 -27.02 35.59
N PRO C 819 -38.02 -27.98 36.12
CA PRO C 819 -37.41 -29.12 36.80
C PRO C 819 -36.51 -29.96 35.91
N THR C 820 -36.85 -30.12 34.64
CA THR C 820 -36.03 -30.97 33.77
C THR C 820 -34.71 -30.31 33.43
N ILE C 821 -34.66 -28.98 33.40
CA ILE C 821 -33.39 -28.27 33.29
C ILE C 821 -32.86 -28.13 34.71
N GLU C 822 -31.58 -27.78 34.84
CA GLU C 822 -30.87 -27.57 36.11
C GLU C 822 -30.86 -28.84 36.96
N SER C 823 -31.45 -29.91 36.42
CA SER C 823 -31.26 -31.26 36.94
C SER C 823 -30.37 -32.09 36.02
N GLU C 824 -30.60 -32.00 34.71
CA GLU C 824 -29.62 -32.50 33.76
C GLU C 824 -28.30 -31.75 33.90
N THR C 825 -28.37 -30.46 34.24
CA THR C 825 -27.16 -29.68 34.43
C THR C 825 -26.35 -30.21 35.62
N GLU C 826 -27.02 -30.47 36.74
CA GLU C 826 -26.29 -30.98 37.90
C GLU C 826 -25.86 -32.42 37.70
N ALA C 827 -26.61 -33.20 36.92
CA ALA C 827 -26.15 -34.53 36.54
C ALA C 827 -24.88 -34.46 35.73
N TYR C 828 -24.81 -33.51 34.79
CA TYR C 828 -23.59 -33.29 34.02
C TYR C 828 -22.45 -32.85 34.94
N ARG C 829 -22.76 -32.00 35.92
CA ARG C 829 -21.74 -31.57 36.89
C ARG C 829 -21.22 -32.74 37.72
N LYS C 830 -22.10 -33.70 38.06
CA LYS C 830 -21.66 -34.89 38.78
C LYS C 830 -20.66 -35.68 37.95
N SER C 831 -20.89 -35.77 36.64
CA SER C 831 -19.90 -36.32 35.73
C SER C 831 -18.90 -35.22 35.36
N GLN C 832 -18.10 -35.46 34.33
CA GLN C 832 -17.21 -34.46 33.75
C GLN C 832 -16.15 -34.00 34.76
N ASP C 833 -15.95 -34.77 35.84
CA ASP C 833 -14.88 -34.51 36.78
C ASP C 833 -14.12 -35.81 37.02
N THR C 834 -12.80 -35.74 36.88
CA THR C 834 -11.95 -36.93 36.86
C THR C 834 -11.53 -37.40 38.24
N LEU C 835 -11.21 -36.48 39.15
CA LEU C 835 -10.61 -36.88 40.42
C LEU C 835 -11.59 -37.67 41.29
N HIS C 836 -12.85 -37.25 41.32
CA HIS C 836 -13.85 -38.03 42.06
C HIS C 836 -14.01 -39.42 41.47
N ARG C 837 -14.02 -39.52 40.14
CA ARG C 837 -14.08 -40.83 39.51
C ARG C 837 -12.85 -41.66 39.84
N PHE C 838 -11.67 -41.04 39.85
CA PHE C 838 -10.46 -41.76 40.18
C PHE C 838 -10.51 -42.30 41.60
N ILE C 839 -10.97 -41.48 42.55
CA ILE C 839 -11.05 -41.92 43.94
C ILE C 839 -12.07 -43.04 44.08
N THR C 840 -13.25 -42.89 43.48
CA THR C 840 -14.27 -43.93 43.57
C THR C 840 -13.88 -45.18 42.80
N GLU C 841 -12.88 -45.11 41.94
CA GLU C 841 -12.46 -46.25 41.15
C GLU C 841 -11.25 -46.98 41.71
N ARG C 842 -10.36 -46.29 42.43
CA ARG C 842 -9.08 -46.88 42.79
C ARG C 842 -8.72 -46.87 44.27
N VAL C 843 -9.24 -45.94 45.07
CA VAL C 843 -8.76 -45.81 46.44
C VAL C 843 -9.88 -46.02 47.45
N VAL C 844 -11.13 -45.86 47.01
CA VAL C 844 -12.25 -45.96 47.94
C VAL C 844 -12.47 -47.42 48.33
N GLU C 845 -13.18 -47.62 49.44
CA GLU C 845 -13.61 -48.92 49.96
C GLU C 845 -12.43 -49.76 50.46
N SER C 846 -11.21 -49.25 50.40
CA SER C 846 -10.01 -49.97 50.85
C SER C 846 -9.21 -49.10 51.81
N PRO C 847 -9.72 -48.90 53.03
CA PRO C 847 -8.96 -48.11 54.01
C PRO C 847 -8.08 -48.96 54.91
N SER C 848 -8.29 -50.29 54.87
CA SER C 848 -7.58 -51.18 55.80
C SER C 848 -6.08 -51.19 55.56
N ALA C 849 -5.65 -51.21 54.29
CA ALA C 849 -4.23 -51.23 53.99
C ALA C 849 -3.59 -49.90 54.36
N GLU C 850 -2.33 -49.95 54.81
CA GLU C 850 -1.60 -48.75 55.22
C GLU C 850 -0.21 -48.80 54.59
N THR C 851 -0.11 -48.29 53.35
CA THR C 851 1.16 -48.16 52.63
C THR C 851 1.05 -46.89 51.78
N VAL C 852 1.49 -45.77 52.36
CA VAL C 852 1.42 -44.46 51.70
C VAL C 852 2.70 -43.70 51.99
N TYR C 853 3.23 -43.03 50.97
CA TYR C 853 4.36 -42.11 51.11
C TYR C 853 3.95 -40.78 50.50
N ASN C 854 3.36 -39.92 51.34
CA ASN C 854 2.81 -38.61 50.94
C ASN C 854 1.98 -38.71 49.66
N LEU C 855 1.93 -37.62 48.89
CA LEU C 855 1.04 -37.51 47.75
C LEU C 855 1.71 -37.77 46.41
N SER C 856 2.99 -38.13 46.39
CA SER C 856 3.69 -38.32 45.13
C SER C 856 3.09 -39.47 44.33
N GLU C 857 2.90 -40.62 44.98
CA GLU C 857 2.31 -41.76 44.27
C GLU C 857 0.87 -41.48 43.86
N VAL C 858 0.11 -40.74 44.68
CA VAL C 858 -1.26 -40.40 44.32
C VAL C 858 -1.27 -39.54 43.06
N VAL C 859 -0.38 -38.53 43.02
CA VAL C 859 -0.30 -37.66 41.86
C VAL C 859 0.06 -38.46 40.62
N THR C 860 1.08 -39.30 40.73
CA THR C 860 1.52 -40.07 39.56
C THR C 860 0.43 -41.02 39.08
N ALA C 861 -0.24 -41.71 40.00
CA ALA C 861 -1.28 -42.64 39.63
C ALA C 861 -2.45 -41.93 38.97
N TYR C 862 -2.89 -40.81 39.54
CA TYR C 862 -4.00 -40.07 38.95
C TYR C 862 -3.62 -39.54 37.56
N ALA C 863 -2.39 -39.05 37.42
CA ALA C 863 -1.94 -38.53 36.13
C ALA C 863 -1.93 -39.61 35.07
N GLU C 864 -1.28 -40.74 35.36
CA GLU C 864 -1.25 -41.83 34.40
C GLU C 864 -2.63 -42.44 34.20
N TRP C 865 -3.54 -42.21 35.14
CA TRP C 865 -4.90 -42.72 35.03
C TRP C 865 -5.71 -41.79 34.15
N TYR C 866 -5.87 -40.55 34.57
CA TYR C 866 -6.69 -39.61 33.81
C TYR C 866 -6.16 -39.42 32.40
N ASN C 867 -4.84 -39.42 32.24
CA ASN C 867 -4.26 -39.16 30.93
C ASN C 867 -4.83 -40.14 29.92
N THR C 868 -4.85 -41.42 30.26
CA THR C 868 -5.43 -42.41 29.37
C THR C 868 -6.94 -42.46 29.53
N ASN C 869 -7.41 -42.28 30.76
CA ASN C 869 -8.84 -42.32 31.02
C ASN C 869 -9.58 -41.20 30.32
N ILE C 870 -8.98 -40.02 30.30
CA ILE C 870 -9.64 -38.86 29.70
C ILE C 870 -8.81 -38.22 28.60
N ASN C 871 -7.74 -37.53 28.99
CA ASN C 871 -6.93 -36.83 27.99
C ASN C 871 -5.50 -36.58 28.46
N VAL C 872 -4.60 -36.38 27.51
CA VAL C 872 -3.20 -36.11 27.85
C VAL C 872 -2.98 -34.60 27.86
N LYS C 873 -2.39 -34.10 28.94
CA LYS C 873 -2.12 -32.67 29.08
C LYS C 873 -0.96 -32.51 30.06
N ARG C 874 -0.71 -31.26 30.47
CA ARG C 874 0.38 -30.95 31.37
C ARG C 874 0.02 -31.35 32.80
N HIS C 875 0.90 -31.02 33.74
CA HIS C 875 0.75 -31.44 35.13
C HIS C 875 1.29 -30.34 36.03
N ILE C 876 0.58 -30.06 37.12
CA ILE C 876 0.91 -28.97 38.02
C ILE C 876 1.03 -29.52 39.44
N ALA C 877 1.80 -28.82 40.27
CA ALA C 877 1.84 -29.17 41.69
C ALA C 877 0.50 -28.93 42.36
N LEU C 878 -0.07 -27.75 42.16
CA LEU C 878 -1.23 -27.30 42.91
C LEU C 878 -2.51 -28.01 42.53
N GLU C 879 -2.50 -28.81 41.45
CA GLU C 879 -3.75 -29.39 40.96
C GLU C 879 -4.32 -30.42 41.92
N LEU C 880 -3.45 -31.11 42.67
CA LEU C 880 -3.95 -32.14 43.58
C LEU C 880 -3.31 -32.01 44.95
N SER C 881 -2.16 -31.32 45.03
CA SER C 881 -1.48 -31.19 46.31
C SER C 881 -2.34 -30.47 47.33
N GLN C 882 -3.01 -29.39 46.92
CA GLN C 882 -3.91 -28.67 47.81
C GLN C 882 -5.37 -28.97 47.56
N GLU C 883 -5.72 -29.40 46.35
CA GLU C 883 -7.11 -29.63 46.00
C GLU C 883 -7.60 -30.99 46.49
N LEU C 884 -6.69 -31.89 46.88
CA LEU C 884 -7.11 -33.15 47.46
C LEU C 884 -7.90 -32.94 48.75
N GLU C 885 -7.59 -31.87 49.49
CA GLU C 885 -8.37 -31.54 50.68
C GLU C 885 -9.81 -31.18 50.34
N ASN C 886 -10.07 -30.69 49.12
CA ASN C 886 -11.42 -30.40 48.68
C ASN C 886 -12.01 -31.60 47.94
N SER C 887 -12.07 -32.72 48.66
CA SER C 887 -12.50 -33.99 48.11
C SER C 887 -12.97 -34.86 49.27
N VAL C 888 -13.07 -36.18 49.04
CA VAL C 888 -13.33 -37.12 50.11
C VAL C 888 -12.06 -37.80 50.61
N LEU C 889 -10.90 -37.37 50.12
CA LEU C 889 -9.63 -38.04 50.44
C LEU C 889 -8.95 -37.49 51.68
N GLU C 890 -9.45 -36.41 52.28
CA GLU C 890 -8.83 -35.88 53.48
C GLU C 890 -9.21 -36.65 54.73
N LYS C 891 -10.02 -37.71 54.61
CA LYS C 891 -10.32 -38.56 55.75
C LYS C 891 -9.07 -39.26 56.27
N TYR C 892 -8.01 -39.32 55.46
CA TYR C 892 -6.77 -39.97 55.86
C TYR C 892 -5.53 -39.13 55.59
N LEU C 893 -5.64 -38.03 54.86
CA LEU C 893 -4.48 -37.18 54.55
C LEU C 893 -4.26 -36.24 55.74
N GLN C 894 -3.25 -36.54 56.55
CA GLN C 894 -2.92 -35.75 57.72
C GLN C 894 -1.44 -35.40 57.70
N TRP C 895 -1.00 -34.68 58.73
CA TRP C 895 0.39 -34.25 58.81
C TRP C 895 1.31 -35.42 59.13
N SER C 896 2.42 -35.51 58.40
CA SER C 896 3.44 -36.50 58.67
C SER C 896 4.28 -36.09 59.87
N PRO C 897 4.97 -37.05 60.50
CA PRO C 897 5.91 -36.68 61.58
C PRO C 897 7.00 -35.74 61.10
N ASN C 898 7.36 -35.79 59.81
CA ASN C 898 8.31 -34.87 59.21
C ASN C 898 7.67 -33.54 58.80
N LYS C 899 6.49 -33.24 59.33
CA LYS C 899 5.72 -32.02 59.11
C LYS C 899 5.15 -31.93 57.70
N THR C 900 5.32 -32.95 56.87
CA THR C 900 4.73 -32.94 55.54
C THR C 900 3.31 -33.51 55.62
N ARG C 901 2.66 -33.65 54.46
CA ARG C 901 1.29 -34.17 54.39
C ARG C 901 1.33 -35.57 53.80
N ILE C 902 0.75 -36.53 54.51
CA ILE C 902 0.74 -37.93 54.09
C ILE C 902 -0.64 -38.50 54.36
N LEU C 903 -1.09 -39.39 53.47
CA LEU C 903 -2.34 -40.10 53.68
C LEU C 903 -2.14 -41.25 54.67
N LYS C 904 -3.11 -41.43 55.56
CA LYS C 904 -2.99 -42.41 56.64
C LYS C 904 -3.66 -43.73 56.24
N GLY C 905 -3.16 -44.30 55.13
CA GLY C 905 -3.52 -45.66 54.79
C GLY C 905 -4.57 -45.83 53.71
N CYS C 906 -4.11 -46.12 52.49
CA CYS C 906 -4.98 -46.52 51.39
C CYS C 906 -4.17 -47.34 50.41
N ARG C 907 -4.86 -48.11 49.59
CA ARG C 907 -4.24 -48.96 48.58
C ARG C 907 -4.54 -48.43 47.19
N ILE C 908 -3.51 -48.22 46.40
CA ILE C 908 -3.68 -47.84 44.99
C ILE C 908 -3.79 -49.14 44.22
N LEU C 909 -5.00 -49.68 44.18
CA LEU C 909 -5.22 -51.00 43.60
C LEU C 909 -4.98 -50.98 42.10
N HIS C 910 -4.44 -52.07 41.59
CA HIS C 910 -4.16 -52.23 40.17
C HIS C 910 -4.63 -53.60 39.72
N LYS C 911 -4.97 -53.70 38.44
CA LYS C 911 -5.43 -54.96 37.82
C LYS C 911 -6.70 -55.40 38.54
N PHE C 912 -6.88 -56.70 38.78
CA PHE C 912 -8.12 -57.25 39.31
C PHE C 912 -8.19 -57.20 40.84
N GLU C 913 -7.50 -56.27 41.48
CA GLU C 913 -7.53 -56.18 42.94
C GLU C 913 -8.85 -55.56 43.40
N THR C 914 -9.95 -56.28 43.20
CA THR C 914 -11.27 -55.82 43.61
C THR C 914 -11.85 -56.62 44.77
N LEU C 915 -11.14 -57.65 45.24
CA LEU C 915 -11.60 -58.48 46.37
C LEU C 915 -10.53 -58.42 47.46
N GLN C 916 -10.62 -57.40 48.29
CA GLN C 916 -9.71 -57.20 49.41
C GLN C 916 -10.51 -56.78 50.62
N PRO C 917 -10.04 -57.11 51.83
CA PRO C 917 -10.75 -56.67 53.04
C PRO C 917 -10.76 -55.16 53.20
N GLY C 918 -11.94 -54.56 53.12
CA GLY C 918 -12.07 -53.12 53.25
C GLY C 918 -12.21 -52.67 54.69
N ILE C 935 -43.21 -32.92 33.11
CA ILE C 935 -44.13 -34.05 33.24
C ILE C 935 -45.51 -33.66 32.72
N CYS C 936 -45.93 -32.43 33.03
CA CYS C 936 -47.21 -31.93 32.56
C CYS C 936 -47.22 -31.82 31.04
N GLU C 937 -48.38 -32.09 30.44
CA GLU C 937 -48.52 -32.10 28.99
C GLU C 937 -49.62 -31.13 28.57
N PRO C 938 -49.34 -30.22 27.64
CA PRO C 938 -50.38 -29.29 27.20
C PRO C 938 -51.49 -29.99 26.42
N LYS C 939 -52.68 -29.40 26.47
CA LYS C 939 -53.84 -30.03 25.85
C LYS C 939 -53.86 -29.81 24.33
N ASN C 940 -53.96 -28.57 23.89
CA ASN C 940 -53.94 -28.30 22.46
C ASN C 940 -52.92 -27.23 22.08
N LYS C 941 -52.75 -26.20 22.90
CA LYS C 941 -51.82 -25.10 22.63
C LYS C 941 -50.80 -25.04 23.76
N TRP C 942 -49.52 -25.05 23.40
CA TRP C 942 -48.45 -25.03 24.40
C TRP C 942 -47.82 -23.66 24.58
N TRP C 943 -48.24 -22.66 23.79
CA TRP C 943 -47.71 -21.32 23.94
C TRP C 943 -48.52 -20.48 24.92
N GLU C 944 -49.58 -21.04 25.50
CA GLU C 944 -50.34 -20.34 26.53
C GLU C 944 -49.65 -20.39 27.89
N TRP C 945 -48.54 -21.12 28.00
CA TRP C 945 -47.64 -21.08 29.15
C TRP C 945 -48.21 -21.79 30.37
N SER C 946 -49.48 -22.22 30.30
CA SER C 946 -50.16 -22.86 31.42
C SER C 946 -50.23 -21.87 32.58
N PRO C 947 -50.79 -22.23 33.75
CA PRO C 947 -50.74 -21.31 34.90
C PRO C 947 -49.33 -21.14 35.44
N ASN C 948 -49.20 -20.41 36.54
CA ASN C 948 -47.89 -20.11 37.10
C ASN C 948 -46.99 -21.34 37.30
N PRO C 949 -47.47 -22.49 37.79
CA PRO C 949 -46.61 -23.68 37.80
C PRO C 949 -46.14 -24.09 36.40
N SER C 950 -46.95 -23.83 35.38
CA SER C 950 -46.58 -24.11 33.99
C SER C 950 -46.24 -25.58 33.75
N SER D 289 -60.17 13.51 -17.77
CA SER D 289 -59.63 13.24 -19.10
C SER D 289 -58.11 13.13 -19.06
N LEU D 290 -57.54 12.59 -20.14
CA LEU D 290 -56.09 12.45 -20.19
C LEU D 290 -55.39 13.79 -20.33
N SER D 291 -56.11 14.83 -20.75
CA SER D 291 -55.49 16.14 -20.95
C SER D 291 -54.99 16.72 -19.63
N ILE D 292 -55.63 16.40 -18.51
CA ILE D 292 -55.20 16.93 -17.22
C ILE D 292 -53.80 16.44 -16.89
N LEU D 293 -53.57 15.12 -17.02
CA LEU D 293 -52.22 14.59 -16.83
C LEU D 293 -51.29 15.04 -17.94
N MET D 294 -51.84 15.27 -19.14
CA MET D 294 -51.03 15.70 -20.28
C MET D 294 -50.39 17.06 -20.01
N LEU D 295 -51.15 17.98 -19.40
CA LEU D 295 -50.65 19.33 -19.17
C LEU D 295 -49.53 19.37 -18.14
N HIS D 296 -49.50 18.42 -17.22
CA HIS D 296 -48.59 18.52 -16.07
C HIS D 296 -47.12 18.52 -16.51
N ASP D 297 -46.73 17.55 -17.34
CA ASP D 297 -45.33 17.41 -17.69
C ASP D 297 -45.18 17.05 -19.16
N PRO D 298 -44.11 17.49 -19.82
CA PRO D 298 -43.86 17.04 -21.20
C PRO D 298 -43.68 15.54 -21.34
N GLU D 299 -43.24 14.86 -20.28
CA GLU D 299 -43.09 13.41 -20.35
C GLU D 299 -44.41 12.73 -20.69
N ALA D 300 -45.54 13.33 -20.28
CA ALA D 300 -46.83 12.81 -20.69
C ALA D 300 -46.99 12.87 -22.20
N ARG D 301 -46.60 14.01 -22.80
CA ARG D 301 -46.63 14.10 -24.26
C ARG D 301 -45.71 13.09 -24.91
N TYR D 302 -44.49 12.92 -24.40
CA TYR D 302 -43.57 11.94 -24.96
C TYR D 302 -44.17 10.54 -24.93
N LEU D 303 -44.66 10.11 -23.76
CA LEU D 303 -45.20 8.76 -23.64
C LEU D 303 -46.44 8.58 -24.51
N HIS D 304 -47.30 9.60 -24.59
CA HIS D 304 -48.49 9.49 -25.42
C HIS D 304 -48.13 9.36 -26.89
N LYS D 305 -47.21 10.19 -27.38
CA LYS D 305 -46.81 10.11 -28.78
C LYS D 305 -46.14 8.78 -29.08
N ILE D 306 -45.30 8.29 -28.17
CA ILE D 306 -44.62 7.03 -28.40
C ILE D 306 -45.62 5.87 -28.45
N LEU D 307 -46.55 5.83 -27.48
CA LEU D 307 -47.50 4.74 -27.42
C LEU D 307 -48.57 4.82 -28.51
N ASN D 308 -48.78 6.00 -29.09
CA ASN D 308 -49.70 6.09 -30.23
C ASN D 308 -49.24 5.24 -31.41
N LEU D 309 -47.94 4.95 -31.49
CA LEU D 309 -47.41 4.12 -32.58
C LEU D 309 -47.62 2.64 -32.34
N LEU D 310 -47.96 2.25 -31.12
CA LEU D 310 -48.11 0.83 -30.81
C LEU D 310 -49.43 0.30 -31.38
N PRO D 311 -49.40 -0.78 -32.16
CA PRO D 311 -50.66 -1.35 -32.65
C PRO D 311 -51.47 -1.94 -31.52
N PRO D 312 -52.79 -2.03 -31.66
CA PRO D 312 -53.62 -2.59 -30.60
C PRO D 312 -53.48 -4.10 -30.41
N GLU D 313 -52.59 -4.75 -31.15
CA GLU D 313 -52.41 -6.19 -31.01
C GLU D 313 -51.93 -6.55 -29.61
N TYR D 314 -51.10 -5.69 -29.00
CA TYR D 314 -50.67 -5.94 -27.63
C TYR D 314 -51.86 -5.89 -26.67
N TYR D 315 -52.78 -4.97 -26.88
CA TYR D 315 -54.00 -4.94 -26.07
C TYR D 315 -54.85 -6.17 -26.33
N VAL D 316 -54.90 -6.63 -27.57
CA VAL D 316 -55.68 -7.83 -27.90
C VAL D 316 -55.10 -9.05 -27.18
N GLU D 317 -53.79 -9.21 -27.24
CA GLU D 317 -53.13 -10.36 -26.63
C GLU D 317 -53.09 -10.18 -25.12
N TYR D 318 -53.73 -11.09 -24.39
CA TYR D 318 -53.71 -11.03 -22.93
C TYR D 318 -52.31 -11.05 -22.35
N PRO D 319 -51.37 -11.91 -22.80
CA PRO D 319 -50.01 -11.82 -22.24
C PRO D 319 -49.33 -10.49 -22.51
N LEU D 320 -49.39 -10.00 -23.76
CA LEU D 320 -48.76 -8.72 -24.07
C LEU D 320 -49.41 -7.57 -23.30
N TRP D 321 -50.74 -7.58 -23.23
CA TRP D 321 -51.45 -6.55 -22.46
C TRP D 321 -51.03 -6.57 -21.01
N SER D 322 -51.00 -7.77 -20.41
CA SER D 322 -50.64 -7.88 -19.01
C SER D 322 -49.20 -7.44 -18.76
N ASN D 323 -48.27 -7.80 -19.65
CA ASN D 323 -46.88 -7.47 -19.40
C ASN D 323 -46.59 -5.99 -19.62
N VAL D 324 -47.23 -5.37 -20.62
CA VAL D 324 -47.04 -3.93 -20.79
C VAL D 324 -47.67 -3.17 -19.63
N VAL D 325 -48.81 -3.64 -19.13
CA VAL D 325 -49.43 -2.97 -17.99
C VAL D 325 -48.56 -3.14 -16.74
N PHE D 326 -47.97 -4.32 -16.56
CA PHE D 326 -47.05 -4.51 -15.44
C PHE D 326 -45.83 -3.61 -15.57
N ALA D 327 -45.29 -3.46 -16.78
CA ALA D 327 -44.17 -2.56 -17.00
C ALA D 327 -44.54 -1.13 -16.67
N LEU D 328 -45.75 -0.70 -17.07
CA LEU D 328 -46.23 0.62 -16.70
C LEU D 328 -46.33 0.78 -15.19
N ALA D 329 -46.85 -0.25 -14.51
CA ALA D 329 -47.01 -0.19 -13.06
C ALA D 329 -45.68 -0.28 -12.32
N ASN D 330 -44.61 -0.73 -13.00
CA ASN D 330 -43.32 -0.87 -12.32
C ASN D 330 -42.81 0.48 -11.84
N THR D 331 -42.95 1.53 -12.65
CA THR D 331 -42.51 2.87 -12.27
C THR D 331 -43.65 3.58 -11.56
N SER D 332 -43.42 3.96 -10.31
CA SER D 332 -44.38 4.69 -9.48
C SER D 332 -45.68 3.91 -9.29
N ALA D 333 -46.64 4.49 -8.57
CA ALA D 333 -47.93 3.88 -8.35
C ALA D 333 -49.10 4.80 -8.68
N ASN D 334 -48.83 6.00 -9.20
CA ASN D 334 -49.88 6.96 -9.51
C ASN D 334 -50.35 6.89 -10.96
N TYR D 335 -49.86 5.92 -11.73
CA TYR D 335 -50.23 5.77 -13.12
C TYR D 335 -51.50 4.94 -13.30
N ARG D 336 -52.34 4.85 -12.27
CA ARG D 336 -53.64 4.18 -12.42
C ARG D 336 -54.53 4.86 -13.45
N PRO D 337 -54.69 6.19 -13.49
CA PRO D 337 -55.46 6.79 -14.58
C PRO D 337 -54.86 6.51 -15.96
N LEU D 338 -53.53 6.47 -16.07
CA LEU D 338 -52.92 6.16 -17.35
C LEU D 338 -53.22 4.73 -17.78
N ALA D 339 -53.18 3.79 -16.82
CA ALA D 339 -53.56 2.42 -17.12
C ALA D 339 -55.04 2.32 -17.50
N GLU D 340 -55.89 3.12 -16.86
CA GLU D 340 -57.30 3.15 -17.23
C GLU D 340 -57.47 3.67 -18.65
N TRP D 341 -56.70 4.69 -19.03
CA TRP D 341 -56.75 5.18 -20.41
C TRP D 341 -56.28 4.10 -21.38
N PHE D 342 -55.24 3.35 -21.02
CA PHE D 342 -54.81 2.23 -21.85
C PHE D 342 -55.91 1.19 -21.98
N SER D 343 -56.69 0.99 -20.91
CA SER D 343 -57.89 0.17 -21.02
C SER D 343 -58.86 0.75 -22.03
N GLN D 344 -59.02 2.08 -22.01
CA GLN D 344 -59.84 2.78 -22.99
C GLN D 344 -59.13 2.97 -24.33
N LYS D 345 -57.85 2.63 -24.42
CA LYS D 345 -57.11 2.71 -25.68
C LYS D 345 -57.51 1.51 -26.53
N CYS D 346 -58.33 1.76 -27.56
CA CYS D 346 -58.92 0.72 -28.40
C CYS D 346 -59.60 -0.32 -27.52
N PRO D 347 -60.72 0.02 -26.87
CA PRO D 347 -61.38 -0.90 -25.93
C PRO D 347 -62.47 -1.76 -26.57
N GLU D 348 -62.06 -2.73 -27.40
CA GLU D 348 -63.05 -3.68 -27.90
C GLU D 348 -63.42 -4.73 -26.86
N LYS D 349 -62.70 -4.78 -25.74
CA LYS D 349 -62.93 -5.76 -24.69
C LYS D 349 -63.93 -5.27 -23.64
N TRP D 350 -64.74 -4.27 -23.98
CA TRP D 350 -65.75 -3.79 -23.04
C TRP D 350 -66.82 -4.84 -22.79
N ASN D 351 -67.06 -5.72 -23.76
CA ASN D 351 -68.09 -6.75 -23.62
C ASN D 351 -67.76 -7.72 -22.48
N THR D 352 -66.51 -8.14 -22.37
CA THR D 352 -66.10 -9.09 -21.34
C THR D 352 -65.57 -8.42 -20.08
N GLY D 353 -65.62 -7.09 -20.00
CA GLY D 353 -65.18 -6.40 -18.81
C GLY D 353 -63.70 -6.50 -18.55
N GLY D 354 -62.88 -6.24 -19.56
CA GLY D 354 -61.43 -6.29 -19.40
C GLY D 354 -60.91 -5.29 -18.39
N LYS D 355 -61.68 -4.25 -18.07
CA LYS D 355 -61.25 -3.31 -17.04
C LYS D 355 -61.10 -4.02 -15.69
N GLU D 356 -61.97 -4.99 -15.40
CA GLU D 356 -61.88 -5.71 -14.14
C GLU D 356 -60.59 -6.52 -14.05
N LYS D 357 -60.28 -7.27 -15.12
CA LYS D 357 -59.07 -8.08 -15.09
C LYS D 357 -57.81 -7.22 -15.09
N LEU D 358 -57.84 -6.07 -15.78
CA LEU D 358 -56.68 -5.19 -15.73
C LEU D 358 -56.53 -4.51 -14.38
N GLU D 359 -57.65 -4.20 -13.71
CA GLU D 359 -57.57 -3.68 -12.36
C GLU D 359 -56.99 -4.72 -11.40
N LYS D 360 -57.38 -5.98 -11.56
CA LYS D 360 -56.80 -7.05 -10.76
C LYS D 360 -55.30 -7.18 -11.04
N LEU D 361 -54.90 -7.08 -12.31
CA LEU D 361 -53.48 -7.14 -12.66
C LEU D 361 -52.70 -5.98 -12.04
N TRP D 362 -53.27 -4.78 -12.09
CA TRP D 362 -52.63 -3.62 -11.47
C TRP D 362 -52.49 -3.82 -9.96
N ASN D 363 -53.55 -4.34 -9.32
CA ASN D 363 -53.52 -4.55 -7.88
C ASN D 363 -52.46 -5.56 -7.48
N ASP D 364 -52.42 -6.71 -8.16
CA ASP D 364 -51.46 -7.74 -7.77
C ASP D 364 -50.07 -7.51 -8.36
N ALA D 365 -49.89 -6.51 -9.21
CA ALA D 365 -48.56 -6.09 -9.61
C ALA D 365 -47.99 -5.02 -8.70
N SER D 366 -48.86 -4.12 -8.20
CA SER D 366 -48.42 -3.06 -7.30
C SER D 366 -48.15 -3.55 -5.88
N HIS D 367 -48.52 -4.80 -5.56
CA HIS D 367 -48.33 -5.32 -4.21
C HIS D 367 -46.94 -5.92 -4.03
N HIS D 368 -46.59 -6.91 -4.84
CA HIS D 368 -45.32 -7.59 -4.69
C HIS D 368 -44.21 -6.89 -5.47
N THR D 369 -42.99 -6.99 -4.96
CA THR D 369 -41.81 -6.46 -5.63
C THR D 369 -40.98 -7.63 -6.14
N GLU D 370 -40.56 -7.56 -7.40
CA GLU D 370 -39.84 -8.65 -8.04
C GLU D 370 -38.86 -8.06 -9.04
N LYS D 371 -38.36 -8.90 -9.95
CA LYS D 371 -37.32 -8.47 -10.89
C LYS D 371 -37.81 -7.33 -11.78
N LYS D 372 -39.00 -7.50 -12.37
CA LYS D 372 -39.64 -6.51 -13.25
C LYS D 372 -38.82 -6.20 -14.49
N ILE D 373 -39.43 -5.50 -15.45
CA ILE D 373 -38.70 -4.97 -16.59
C ILE D 373 -38.75 -3.45 -16.66
N THR D 374 -39.68 -2.80 -15.96
CA THR D 374 -39.77 -1.35 -15.81
C THR D 374 -39.90 -0.69 -17.18
N LYS D 375 -39.39 0.53 -17.31
CA LYS D 375 -39.46 1.33 -18.53
C LYS D 375 -38.33 0.90 -19.47
N ARG D 376 -38.06 1.72 -20.49
CA ARG D 376 -36.88 1.65 -21.35
C ARG D 376 -37.02 0.56 -22.41
N SER D 377 -38.12 -0.19 -22.40
CA SER D 377 -38.37 -1.24 -23.38
C SER D 377 -39.46 -0.87 -24.37
N ILE D 378 -40.52 -0.22 -23.91
CA ILE D 378 -41.60 0.20 -24.81
C ILE D 378 -41.08 1.18 -25.84
N MET D 379 -40.14 2.05 -25.44
CA MET D 379 -39.55 2.98 -26.38
C MET D 379 -38.81 2.24 -27.49
N TYR D 380 -38.09 1.18 -27.14
CA TYR D 380 -37.39 0.43 -28.18
C TYR D 380 -38.36 -0.37 -29.04
N TRP D 381 -39.47 -0.82 -28.46
CA TRP D 381 -40.49 -1.48 -29.28
C TRP D 381 -41.05 -0.50 -30.31
N ALA D 382 -41.31 0.74 -29.90
CA ALA D 382 -41.73 1.76 -30.86
C ALA D 382 -40.65 2.03 -31.88
N HIS D 383 -39.38 2.03 -31.46
CA HIS D 383 -38.27 2.20 -32.38
C HIS D 383 -38.27 1.12 -33.45
N LYS D 384 -38.40 -0.14 -33.04
CA LYS D 384 -38.27 -1.28 -33.93
C LYS D 384 -39.52 -1.56 -34.74
N HIS D 385 -40.68 -1.03 -34.34
CA HIS D 385 -41.88 -1.27 -35.10
C HIS D 385 -42.00 -0.32 -36.29
N ALA D 386 -41.73 0.97 -36.08
CA ALA D 386 -41.82 1.95 -37.17
C ALA D 386 -40.83 3.07 -36.94
N PRO D 387 -39.78 3.17 -37.77
CA PRO D 387 -38.77 4.22 -37.59
C PRO D 387 -39.24 5.59 -38.03
N GLN D 388 -38.29 6.54 -38.06
CA GLN D 388 -38.45 7.88 -38.62
C GLN D 388 -39.18 8.82 -37.67
N GLN D 389 -40.44 8.54 -37.36
CA GLN D 389 -41.22 9.48 -36.55
C GLN D 389 -40.65 9.61 -35.14
N TYR D 390 -40.16 8.50 -34.57
CA TYR D 390 -39.62 8.57 -33.21
C TYR D 390 -38.38 9.45 -33.14
N LYS D 391 -37.50 9.35 -34.14
CA LYS D 391 -36.29 10.16 -34.14
C LYS D 391 -36.63 11.65 -34.29
N GLU D 392 -37.62 11.97 -35.14
CA GLU D 392 -38.05 13.35 -35.25
C GLU D 392 -38.63 13.85 -33.94
N ILE D 393 -39.43 13.00 -33.27
CA ILE D 393 -40.04 13.39 -32.01
C ILE D 393 -38.98 13.70 -30.96
N VAL D 394 -38.01 12.79 -30.80
CA VAL D 394 -36.99 12.99 -29.77
C VAL D 394 -36.09 14.17 -30.13
N GLU D 395 -35.79 14.34 -31.42
CA GLU D 395 -34.99 15.48 -31.84
C GLU D 395 -35.69 16.79 -31.50
N GLN D 396 -36.97 16.89 -31.84
CA GLN D 396 -37.72 18.09 -31.50
C GLN D 396 -37.80 18.27 -29.99
N GLY D 397 -37.94 17.18 -29.24
CA GLY D 397 -38.03 17.27 -27.80
C GLY D 397 -36.79 17.85 -27.14
N TYR D 398 -35.62 17.28 -27.40
CA TYR D 398 -34.45 17.85 -26.74
C TYR D 398 -34.02 19.16 -27.38
N PHE D 399 -34.37 19.42 -28.64
CA PHE D 399 -34.15 20.74 -29.20
C PHE D 399 -34.97 21.78 -28.46
N SER D 400 -36.23 21.46 -28.15
CA SER D 400 -37.07 22.37 -27.38
C SER D 400 -36.53 22.57 -25.97
N ILE D 401 -36.03 21.50 -25.35
CA ILE D 401 -35.45 21.62 -24.01
C ILE D 401 -34.27 22.58 -24.04
N LEU D 402 -33.35 22.38 -25.00
CA LEU D 402 -32.21 23.27 -25.11
C LEU D 402 -32.64 24.69 -25.44
N ALA D 403 -33.69 24.84 -26.25
CA ALA D 403 -34.18 26.16 -26.60
C ALA D 403 -34.72 26.90 -25.39
N GLU D 404 -35.49 26.22 -24.55
CA GLU D 404 -36.04 26.91 -23.38
C GLU D 404 -34.96 27.20 -22.34
N TYR D 405 -33.96 26.33 -22.20
CA TYR D 405 -32.82 26.69 -21.35
C TYR D 405 -32.05 27.89 -21.89
N VAL D 406 -31.79 27.94 -23.20
CA VAL D 406 -30.99 29.05 -23.72
C VAL D 406 -31.81 30.35 -23.68
N TYR D 407 -33.13 30.26 -23.85
CA TYR D 407 -33.97 31.45 -23.76
C TYR D 407 -34.05 31.96 -22.33
N SER D 408 -34.16 31.05 -21.36
CA SER D 408 -34.39 31.44 -19.98
C SER D 408 -33.16 32.06 -19.32
N TYR D 409 -31.99 32.02 -19.95
CA TYR D 409 -30.78 32.59 -19.35
C TYR D 409 -29.98 33.44 -20.33
N ASN D 410 -30.62 33.90 -21.41
CA ASN D 410 -30.02 34.87 -22.33
C ASN D 410 -28.71 34.38 -22.92
N GLY D 411 -28.71 33.13 -23.37
CA GLY D 411 -27.60 32.58 -24.13
C GLY D 411 -26.51 31.92 -23.31
N MET D 412 -26.53 32.08 -21.99
CA MET D 412 -25.52 31.43 -21.17
C MET D 412 -25.78 29.94 -21.05
N LEU D 413 -24.70 29.15 -21.10
CA LEU D 413 -24.77 27.71 -20.94
C LEU D 413 -23.86 27.29 -19.79
N GLU D 414 -24.26 26.25 -19.07
CA GLU D 414 -23.51 25.76 -17.92
C GLU D 414 -23.50 24.23 -17.96
N HIS D 415 -22.79 23.65 -16.98
CA HIS D 415 -22.56 22.22 -16.98
C HIS D 415 -23.87 21.43 -16.84
N TYR D 416 -24.75 21.87 -15.95
CA TYR D 416 -25.93 21.08 -15.62
C TYR D 416 -26.86 20.92 -16.82
N MET D 417 -27.10 22.02 -17.54
CA MET D 417 -28.04 21.97 -18.66
C MET D 417 -27.56 21.03 -19.76
N ILE D 418 -26.28 21.11 -20.11
CA ILE D 418 -25.72 20.20 -21.09
C ILE D 418 -25.84 18.75 -20.61
N ALA D 419 -25.58 18.53 -19.33
CA ALA D 419 -25.68 17.19 -18.76
C ALA D 419 -27.11 16.68 -18.86
N LYS D 420 -28.10 17.53 -18.57
CA LYS D 420 -29.49 17.09 -18.67
C LYS D 420 -29.87 16.77 -20.10
N VAL D 421 -29.43 17.57 -21.06
CA VAL D 421 -29.75 17.28 -22.46
C VAL D 421 -29.10 15.96 -22.89
N ILE D 422 -27.85 15.73 -22.48
CA ILE D 422 -27.17 14.49 -22.81
C ILE D 422 -27.90 13.30 -22.22
N TYR D 423 -28.31 13.41 -20.96
CA TYR D 423 -29.07 12.33 -20.34
C TYR D 423 -30.41 12.12 -21.02
N ALA D 424 -31.03 13.21 -21.49
CA ALA D 424 -32.30 13.08 -22.21
C ALA D 424 -32.12 12.29 -23.49
N MET D 425 -31.01 12.52 -24.20
CA MET D 425 -30.84 11.83 -25.48
C MET D 425 -30.26 10.44 -25.35
N MET D 426 -29.44 10.14 -24.34
CA MET D 426 -28.94 8.78 -24.15
C MET D 426 -29.00 8.35 -22.68
N GLY D 427 -30.14 8.57 -22.03
CA GLY D 427 -30.28 8.07 -20.67
C GLY D 427 -30.42 6.56 -20.59
N ASN D 428 -30.43 5.87 -21.73
CA ASN D 428 -30.70 4.44 -21.79
C ASN D 428 -29.46 3.61 -22.12
N LYS D 429 -28.32 4.26 -22.35
CA LYS D 429 -27.11 3.54 -22.76
C LYS D 429 -26.00 3.56 -21.73
N PHE D 430 -26.08 4.41 -20.71
CA PHE D 430 -25.06 4.50 -19.68
C PHE D 430 -25.72 4.50 -18.31
N VAL D 431 -25.08 3.83 -17.35
CA VAL D 431 -25.52 3.84 -15.96
C VAL D 431 -24.31 4.05 -15.07
N VAL D 432 -24.56 4.58 -13.88
CA VAL D 432 -23.52 4.89 -12.90
C VAL D 432 -23.94 4.30 -11.56
N ASP D 433 -23.00 3.64 -10.90
CA ASP D 433 -23.25 3.08 -9.57
C ASP D 433 -22.00 3.21 -8.72
N VAL D 434 -22.19 3.15 -7.42
CA VAL D 434 -21.10 3.29 -6.45
C VAL D 434 -20.58 1.90 -6.09
N ASP D 435 -19.27 1.73 -6.19
CA ASP D 435 -18.64 0.45 -5.86
C ASP D 435 -18.43 0.37 -4.34
N SER D 436 -17.76 -0.70 -3.90
CA SER D 436 -17.48 -0.87 -2.47
C SER D 436 -16.48 0.15 -1.95
N ASN D 437 -15.69 0.76 -2.84
CA ASN D 437 -14.69 1.74 -2.44
C ASN D 437 -15.20 3.17 -2.49
N GLY D 438 -16.51 3.35 -2.73
CA GLY D 438 -17.06 4.69 -2.84
C GLY D 438 -16.61 5.46 -4.05
N LYS D 439 -16.34 4.78 -5.16
CA LYS D 439 -15.92 5.40 -6.40
C LYS D 439 -17.01 5.21 -7.44
N TYR D 440 -17.37 6.28 -8.14
CA TYR D 440 -18.36 6.18 -9.20
C TYR D 440 -17.82 5.36 -10.35
N VAL D 441 -18.65 4.47 -10.89
CA VAL D 441 -18.26 3.56 -11.95
C VAL D 441 -19.24 3.70 -13.10
N TRP D 442 -18.72 3.80 -14.32
CA TRP D 442 -19.54 3.95 -15.52
C TRP D 442 -19.64 2.62 -16.25
N PHE D 443 -20.85 2.28 -16.67
CA PHE D 443 -21.12 1.07 -17.43
C PHE D 443 -21.75 1.44 -18.77
N GLU D 444 -21.31 0.77 -19.82
CA GLU D 444 -21.79 1.02 -21.17
C GLU D 444 -22.36 -0.26 -21.76
N PHE D 445 -23.49 -0.13 -22.44
CA PHE D 445 -24.17 -1.27 -23.05
C PHE D 445 -23.65 -1.42 -24.48
N VAL D 446 -22.88 -2.48 -24.72
CA VAL D 446 -22.21 -2.66 -26.01
C VAL D 446 -23.24 -3.03 -27.06
N LEU D 447 -23.15 -2.37 -28.22
CA LEU D 447 -24.00 -2.62 -29.37
C LEU D 447 -23.15 -3.05 -30.56
N PRO D 448 -23.72 -3.83 -31.48
CA PRO D 448 -22.94 -4.27 -32.65
C PRO D 448 -22.53 -3.09 -33.51
N GLY D 449 -21.38 -3.24 -34.16
CA GLY D 449 -20.88 -2.22 -35.07
C GLY D 449 -19.94 -1.20 -34.47
N GLN D 450 -19.40 -1.46 -33.29
CA GLN D 450 -18.46 -0.57 -32.64
C GLN D 450 -17.27 -1.37 -32.14
N PRO D 451 -16.11 -0.73 -31.96
CA PRO D 451 -14.93 -1.45 -31.45
C PRO D 451 -15.20 -2.05 -30.08
N MET D 452 -14.77 -3.30 -29.91
CA MET D 452 -15.05 -4.08 -28.71
C MET D 452 -14.32 -5.41 -28.78
N ASN D 453 -14.08 -6.00 -27.62
CA ASN D 453 -13.37 -7.27 -27.51
C ASN D 453 -14.28 -8.40 -27.97
N GLN D 454 -13.83 -9.64 -27.81
CA GLN D 454 -14.61 -10.78 -28.24
C GLN D 454 -15.50 -11.29 -27.10
N GLY D 455 -16.80 -11.34 -27.35
CA GLY D 455 -17.74 -12.01 -26.47
C GLY D 455 -18.60 -11.12 -25.59
N GLU D 456 -18.39 -9.80 -25.60
CA GLU D 456 -19.18 -8.92 -24.76
C GLU D 456 -20.30 -8.22 -25.51
N ILE D 457 -20.70 -8.76 -26.66
CA ILE D 457 -21.81 -8.18 -27.40
C ILE D 457 -23.11 -8.35 -26.62
N TRP D 458 -24.00 -7.38 -26.74
CA TRP D 458 -25.33 -7.42 -26.14
C TRP D 458 -25.27 -7.55 -24.61
N LYS D 459 -24.25 -6.97 -23.98
CA LYS D 459 -24.16 -7.01 -22.54
C LYS D 459 -23.31 -5.84 -22.06
N TRP D 460 -23.46 -5.51 -20.78
CA TRP D 460 -22.78 -4.37 -20.20
C TRP D 460 -21.28 -4.63 -20.06
N ARG D 461 -20.53 -3.54 -19.91
CA ARG D 461 -19.09 -3.64 -19.68
C ARG D 461 -18.67 -2.48 -18.78
N LYS D 462 -17.61 -2.71 -18.02
CA LYS D 462 -17.09 -1.67 -17.14
C LYS D 462 -16.32 -0.63 -17.95
N GLU D 463 -16.48 0.63 -17.58
CA GLU D 463 -15.83 1.74 -18.26
C GLU D 463 -15.15 2.61 -17.21
N VAL D 464 -13.81 2.63 -17.24
CA VAL D 464 -13.06 3.46 -16.30
C VAL D 464 -13.30 4.93 -16.57
N ASN D 465 -13.46 5.31 -17.83
CA ASN D 465 -13.66 6.70 -18.23
C ASN D 465 -14.52 6.72 -19.48
N PRO D 466 -15.68 7.38 -19.46
CA PRO D 466 -16.59 7.31 -20.62
C PRO D 466 -16.07 8.07 -21.83
N ASP D 467 -15.17 7.44 -22.58
CA ASP D 467 -14.62 8.08 -23.78
C ASP D 467 -15.71 8.34 -24.81
N GLU D 468 -16.62 7.39 -24.99
CA GLU D 468 -17.70 7.57 -25.95
C GLU D 468 -18.57 8.77 -25.60
N LEU D 469 -18.76 9.02 -24.30
CA LEU D 469 -19.53 10.20 -23.91
C LEU D 469 -18.85 11.48 -24.32
N HIS D 470 -17.52 11.56 -24.14
CA HIS D 470 -16.77 12.73 -24.58
C HIS D 470 -16.86 12.91 -26.09
N ILE D 471 -16.66 11.82 -26.83
CA ILE D 471 -16.73 11.89 -28.29
C ILE D 471 -18.10 12.37 -28.73
N TYR D 472 -19.16 11.85 -28.11
CA TYR D 472 -20.51 12.25 -28.49
C TYR D 472 -20.76 13.71 -28.18
N ILE D 473 -20.45 14.14 -26.96
CA ILE D 473 -20.73 15.51 -26.56
C ILE D 473 -19.94 16.49 -27.41
N SER D 474 -18.80 16.05 -27.95
CA SER D 474 -18.05 16.93 -28.84
C SER D 474 -18.54 16.90 -30.29
N GLU D 475 -19.07 15.77 -30.75
CA GLU D 475 -19.43 15.62 -32.17
C GLU D 475 -20.91 15.87 -32.43
N ASN D 476 -21.78 15.08 -31.79
CA ASN D 476 -23.20 15.10 -32.12
C ASN D 476 -23.96 16.24 -31.46
N PHE D 477 -23.39 16.89 -30.45
CA PHE D 477 -24.07 18.03 -29.85
C PHE D 477 -24.03 19.24 -30.77
N SER D 478 -23.01 19.32 -31.63
CA SER D 478 -22.95 20.42 -32.60
C SER D 478 -24.17 20.44 -33.51
N ARG D 479 -24.82 19.29 -33.69
CA ARG D 479 -26.05 19.26 -34.48
C ARG D 479 -27.13 20.14 -33.85
N VAL D 480 -27.41 19.92 -32.57
CA VAL D 480 -28.42 20.75 -31.92
C VAL D 480 -27.92 22.18 -31.78
N MET D 481 -26.61 22.37 -31.60
CA MET D 481 -26.08 23.73 -31.47
C MET D 481 -26.33 24.56 -32.73
N ASP D 482 -25.93 24.04 -33.89
CA ASP D 482 -26.09 24.84 -35.09
C ASP D 482 -27.54 24.82 -35.58
N ARG D 483 -28.32 23.81 -35.19
CA ARG D 483 -29.75 23.85 -35.49
C ARG D 483 -30.43 25.00 -34.75
N ILE D 484 -30.11 25.17 -33.46
CA ILE D 484 -30.70 26.27 -32.73
C ILE D 484 -30.14 27.61 -33.19
N THR D 485 -28.88 27.63 -33.64
CA THR D 485 -28.35 28.86 -34.25
C THR D 485 -29.14 29.23 -35.50
N GLU D 486 -29.43 28.24 -36.35
CA GLU D 486 -30.25 28.49 -37.53
C GLU D 486 -31.64 28.96 -37.16
N HIS D 487 -32.22 28.38 -36.10
CA HIS D 487 -33.54 28.82 -35.66
C HIS D 487 -33.52 30.28 -35.20
N ILE D 488 -32.48 30.66 -34.45
CA ILE D 488 -32.36 32.06 -34.01
C ILE D 488 -32.21 32.98 -35.21
N LYS D 489 -31.40 32.58 -36.18
CA LYS D 489 -31.21 33.39 -37.38
C LYS D 489 -32.53 33.57 -38.14
N TYR D 490 -33.27 32.48 -38.30
CA TYR D 490 -34.56 32.55 -39.00
C TYR D 490 -35.54 33.44 -38.25
N HIS D 491 -35.59 33.33 -36.92
CA HIS D 491 -36.47 34.19 -36.14
C HIS D 491 -36.04 35.65 -36.21
N LEU D 492 -34.74 35.92 -36.35
CA LEU D 492 -34.27 37.28 -36.52
C LEU D 492 -34.56 37.83 -37.91
N SER D 493 -34.72 36.94 -38.89
CA SER D 493 -34.96 37.39 -40.26
C SER D 493 -36.24 38.20 -40.37
N GLN D 494 -37.31 37.76 -39.72
CA GLN D 494 -38.59 38.46 -39.81
C GLN D 494 -38.49 39.84 -39.15
N PRO D 495 -39.17 40.84 -39.71
CA PRO D 495 -39.12 42.18 -39.11
C PRO D 495 -40.07 42.32 -37.94
N HIS D 496 -39.61 43.06 -36.92
CA HIS D 496 -40.41 43.34 -35.74
C HIS D 496 -40.01 44.72 -35.22
N GLU D 497 -40.37 45.01 -33.97
CA GLU D 497 -39.98 46.27 -33.33
C GLU D 497 -38.56 46.16 -32.79
N SER D 498 -38.17 47.08 -31.90
CA SER D 498 -36.81 47.16 -31.40
C SER D 498 -36.27 45.84 -30.85
N ASN D 499 -37.14 44.87 -30.57
CA ASN D 499 -36.69 43.60 -30.00
C ASN D 499 -35.67 42.92 -30.91
N ILE D 500 -35.97 42.83 -32.21
CA ILE D 500 -35.01 42.21 -33.12
C ILE D 500 -33.74 43.02 -33.24
N LEU D 501 -33.80 44.33 -33.04
CA LEU D 501 -32.59 45.15 -33.17
C LEU D 501 -31.68 44.99 -31.96
N ASN D 502 -32.24 44.78 -30.77
CA ASN D 502 -31.39 44.72 -29.57
C ASN D 502 -31.35 43.34 -28.92
N TYR D 503 -32.52 42.79 -28.55
CA TYR D 503 -32.53 41.59 -27.71
C TYR D 503 -32.02 40.37 -28.46
N TYR D 504 -32.51 40.15 -29.67
CA TYR D 504 -32.05 39.00 -30.45
C TYR D 504 -30.58 39.14 -30.82
N LYS D 505 -30.13 40.35 -31.13
CA LYS D 505 -28.72 40.56 -31.46
C LYS D 505 -27.83 40.22 -30.26
N LYS D 506 -28.21 40.71 -29.07
CA LYS D 506 -27.43 40.40 -27.88
C LYS D 506 -27.45 38.92 -27.56
N LEU D 507 -28.62 38.28 -27.71
CA LEU D 507 -28.72 36.85 -27.45
C LEU D 507 -27.85 36.06 -28.41
N LEU D 508 -27.85 36.43 -29.69
CA LEU D 508 -27.03 35.73 -30.66
C LEU D 508 -25.55 35.92 -30.36
N LYS D 509 -25.14 37.12 -29.98
CA LYS D 509 -23.74 37.35 -29.64
C LYS D 509 -23.33 36.50 -28.45
N ALA D 510 -24.14 36.49 -27.39
CA ALA D 510 -23.81 35.69 -26.21
C ALA D 510 -23.77 34.21 -26.55
N PHE D 511 -24.71 33.74 -27.37
CA PHE D 511 -24.76 32.32 -27.69
C PHE D 511 -23.58 31.90 -28.56
N GLU D 512 -23.19 32.73 -29.53
CA GLU D 512 -22.03 32.37 -30.34
C GLU D 512 -20.75 32.44 -29.51
N ARG D 513 -20.71 33.33 -28.51
CA ARG D 513 -19.57 33.33 -27.59
C ARG D 513 -19.51 32.05 -26.78
N SER D 514 -20.66 31.56 -26.32
CA SER D 514 -20.69 30.37 -25.47
C SER D 514 -20.67 29.07 -26.26
N LYS D 515 -20.82 29.12 -27.59
CA LYS D 515 -20.85 27.90 -28.38
C LYS D 515 -19.56 27.11 -28.28
N SER D 516 -18.41 27.80 -28.28
CA SER D 516 -17.12 27.13 -28.30
C SER D 516 -16.79 26.45 -26.97
N LYS D 517 -17.61 26.64 -25.94
CA LYS D 517 -17.30 26.07 -24.63
C LYS D 517 -17.28 24.55 -24.66
N ILE D 518 -18.15 23.94 -25.47
CA ILE D 518 -18.31 22.50 -25.49
C ILE D 518 -17.05 21.77 -25.94
N PHE D 519 -16.12 22.46 -26.59
CA PHE D 519 -14.86 21.84 -27.02
C PHE D 519 -13.76 21.97 -25.99
N ASN D 520 -14.03 22.65 -24.87
CA ASN D 520 -13.03 22.78 -23.81
C ASN D 520 -12.94 21.48 -23.02
N ASP D 521 -11.80 21.28 -22.36
CA ASP D 521 -11.58 20.06 -21.58
C ASP D 521 -12.17 20.18 -20.18
N SER D 522 -11.91 21.30 -19.51
CA SER D 522 -12.46 21.50 -18.16
C SER D 522 -13.97 21.52 -18.18
N PHE D 523 -14.55 22.16 -19.20
CA PHE D 523 -16.01 22.17 -19.33
C PHE D 523 -16.55 20.76 -19.50
N LYS D 524 -15.88 19.94 -20.31
CA LYS D 524 -16.32 18.56 -20.48
C LYS D 524 -16.22 17.78 -19.17
N LYS D 525 -15.13 17.97 -18.41
CA LYS D 525 -15.00 17.27 -17.14
C LYS D 525 -16.10 17.68 -16.17
N GLY D 526 -16.40 18.98 -16.12
CA GLY D 526 -17.49 19.43 -15.27
C GLY D 526 -18.83 18.85 -15.69
N VAL D 527 -19.08 18.79 -17.00
CA VAL D 527 -20.33 18.23 -17.49
C VAL D 527 -20.45 16.76 -17.12
N ILE D 528 -19.36 16.01 -17.26
CA ILE D 528 -19.39 14.59 -16.90
C ILE D 528 -19.63 14.42 -15.40
N ARG D 529 -18.95 15.23 -14.59
CA ARG D 529 -19.13 15.13 -13.15
C ARG D 529 -20.55 15.46 -12.74
N GLN D 530 -21.18 16.44 -13.40
CA GLN D 530 -22.58 16.74 -13.12
C GLN D 530 -23.50 15.63 -13.60
N ALA D 531 -23.24 15.05 -14.76
CA ALA D 531 -24.09 14.00 -15.30
C ALA D 531 -23.97 12.70 -14.52
N GLU D 532 -22.91 12.54 -13.73
CA GLU D 532 -22.82 11.37 -12.85
C GLU D 532 -24.05 11.28 -11.95
N PHE D 533 -24.54 12.41 -11.47
CA PHE D 533 -25.72 12.41 -10.60
C PHE D 533 -26.96 11.98 -11.37
N LEU D 534 -27.11 12.48 -12.60
CA LEU D 534 -28.32 12.19 -13.38
C LEU D 534 -28.35 10.74 -13.84
N PHE D 535 -27.19 10.18 -14.19
CA PHE D 535 -27.13 8.80 -14.66
C PHE D 535 -27.11 7.78 -13.54
N ARG D 536 -27.13 8.23 -12.28
CA ARG D 536 -27.11 7.32 -11.15
C ARG D 536 -28.33 6.40 -11.16
N GLN D 537 -28.11 5.13 -10.84
CA GLN D 537 -29.19 4.15 -10.73
C GLN D 537 -28.97 3.35 -9.45
N ARG D 538 -29.83 3.57 -8.46
CA ARG D 538 -29.68 2.87 -7.19
C ARG D 538 -29.91 1.37 -7.37
N SER D 539 -29.16 0.58 -6.60
CA SER D 539 -29.29 -0.87 -6.59
C SER D 539 -29.07 -1.46 -7.99
N PHE D 540 -27.85 -1.27 -8.49
CA PHE D 540 -27.46 -1.82 -9.78
C PHE D 540 -26.28 -2.79 -9.69
N ILE D 541 -25.28 -2.48 -8.86
CA ILE D 541 -24.12 -3.35 -8.77
C ILE D 541 -24.49 -4.66 -8.08
N GLN D 542 -25.23 -4.58 -6.97
CA GLN D 542 -25.56 -5.79 -6.23
C GLN D 542 -26.66 -6.62 -6.90
N THR D 543 -27.39 -6.05 -7.85
CA THR D 543 -28.33 -6.83 -8.65
C THR D 543 -27.70 -7.34 -9.94
N LEU D 544 -26.42 -7.09 -10.15
CA LEU D 544 -25.75 -7.51 -11.37
C LEU D 544 -25.39 -8.99 -11.28
N ASP D 545 -25.70 -9.73 -12.35
CA ASP D 545 -25.42 -11.17 -12.44
C ASP D 545 -26.08 -11.95 -11.30
N THR D 546 -27.30 -11.58 -10.93
CA THR D 546 -28.00 -12.27 -9.86
C THR D 546 -28.99 -13.32 -10.36
N ASN D 547 -29.35 -13.28 -11.64
CA ASN D 547 -30.29 -14.25 -12.17
C ASN D 547 -29.57 -15.55 -12.49
N PRO D 548 -29.93 -16.67 -11.84
CA PRO D 548 -29.23 -17.93 -12.11
C PRO D 548 -29.57 -18.55 -13.46
N HIS D 549 -30.66 -18.14 -14.09
CA HIS D 549 -31.08 -18.74 -15.35
C HIS D 549 -30.49 -18.05 -16.57
N LEU D 550 -29.72 -16.99 -16.39
CA LEU D 550 -29.09 -16.28 -17.48
C LEU D 550 -27.58 -16.50 -17.43
N LEU D 551 -27.00 -16.87 -18.57
CA LEU D 551 -25.58 -17.18 -18.67
C LEU D 551 -25.01 -16.44 -19.87
N GLY D 552 -24.10 -15.51 -19.61
CA GLY D 552 -23.52 -14.73 -20.70
C GLY D 552 -22.57 -15.56 -21.54
N VAL D 553 -22.74 -15.49 -22.86
CA VAL D 553 -21.89 -16.22 -23.79
C VAL D 553 -21.34 -15.25 -24.82
N GLY D 554 -20.58 -15.78 -25.79
CA GLY D 554 -19.98 -14.94 -26.82
C GLY D 554 -20.94 -14.45 -27.86
N ASN D 555 -22.17 -14.95 -27.89
CA ASN D 555 -23.18 -14.50 -28.83
C ASN D 555 -24.32 -13.76 -28.15
N GLY D 556 -24.18 -13.42 -26.87
CA GLY D 556 -25.25 -12.78 -26.14
C GLY D 556 -25.46 -13.41 -24.77
N VAL D 557 -26.65 -13.96 -24.53
CA VAL D 557 -26.97 -14.58 -23.26
C VAL D 557 -27.97 -15.69 -23.49
N LEU D 558 -27.83 -16.78 -22.74
CA LEU D 558 -28.76 -17.90 -22.78
C LEU D 558 -29.74 -17.81 -21.63
N SER D 559 -31.02 -18.03 -21.93
CA SER D 559 -32.07 -18.04 -20.93
C SER D 559 -32.69 -19.42 -20.88
N ILE D 560 -32.72 -20.01 -19.69
CA ILE D 560 -33.33 -21.32 -19.52
C ILE D 560 -34.45 -21.14 -18.50
N GLU D 561 -35.09 -19.97 -18.52
CA GLU D 561 -36.24 -19.75 -17.64
C GLU D 561 -37.35 -20.75 -17.94
N THR D 562 -37.60 -21.03 -19.22
CA THR D 562 -38.58 -22.02 -19.63
C THR D 562 -37.95 -22.95 -20.65
N ILE D 563 -38.37 -24.21 -20.63
CA ILE D 563 -37.88 -25.19 -21.60
C ILE D 563 -38.43 -24.85 -22.99
N PRO D 564 -37.64 -24.98 -24.07
CA PRO D 564 -36.22 -25.31 -24.11
C PRO D 564 -35.31 -24.10 -24.00
N ALA D 565 -34.00 -24.32 -24.13
CA ALA D 565 -33.05 -23.22 -24.01
C ALA D 565 -33.26 -22.20 -25.13
N LYS D 566 -33.19 -20.93 -24.77
CA LYS D 566 -33.37 -19.83 -25.70
C LYS D 566 -32.12 -18.97 -25.71
N LEU D 567 -31.66 -18.63 -26.91
CA LEU D 567 -30.49 -17.77 -27.09
C LEU D 567 -30.97 -16.35 -27.38
N ILE D 568 -30.47 -15.39 -26.61
CA ILE D 568 -30.83 -14.00 -26.75
C ILE D 568 -29.67 -13.26 -27.39
N ASN D 569 -29.86 -12.82 -28.62
CA ASN D 569 -28.91 -11.96 -29.32
C ASN D 569 -29.61 -10.68 -29.76
N HIS D 570 -30.64 -10.30 -29.01
CA HIS D 570 -31.46 -9.14 -29.30
C HIS D 570 -31.37 -8.18 -28.13
N PHE D 571 -32.20 -7.13 -28.19
CA PHE D 571 -32.18 -6.13 -27.15
C PHE D 571 -32.86 -6.65 -25.89
N HIS D 572 -32.29 -6.32 -24.73
CA HIS D 572 -32.82 -6.81 -23.47
C HIS D 572 -32.39 -5.85 -22.35
N GLU D 573 -33.04 -6.00 -21.21
CA GLU D 573 -32.75 -5.18 -20.03
C GLU D 573 -32.16 -5.99 -18.88
N HIS D 574 -31.76 -7.23 -19.12
CA HIS D 574 -31.20 -8.05 -18.07
C HIS D 574 -29.82 -7.52 -17.68
N PRO D 575 -29.58 -7.22 -16.40
CA PRO D 575 -28.27 -6.69 -15.97
C PRO D 575 -27.20 -7.76 -15.88
N ILE D 576 -26.60 -8.07 -17.02
CA ILE D 576 -25.54 -9.07 -17.12
C ILE D 576 -24.25 -8.37 -17.51
N HIS D 577 -23.16 -8.72 -16.82
CA HIS D 577 -21.85 -8.17 -17.09
C HIS D 577 -20.78 -9.24 -17.30
N GLN D 578 -20.92 -10.40 -16.67
CA GLN D 578 -19.95 -11.47 -16.78
C GLN D 578 -20.33 -12.41 -17.93
N TYR D 579 -19.32 -12.96 -18.59
CA TYR D 579 -19.56 -13.76 -19.78
C TYR D 579 -18.44 -14.77 -19.96
N THR D 580 -18.68 -15.73 -20.84
CA THR D 580 -17.71 -16.73 -21.24
C THR D 580 -17.36 -16.55 -22.71
N HIS D 581 -16.31 -17.25 -23.14
CA HIS D 581 -15.78 -17.12 -24.49
C HIS D 581 -16.26 -18.22 -25.42
N ILE D 582 -17.42 -18.80 -25.15
CA ILE D 582 -17.92 -19.95 -25.90
C ILE D 582 -19.19 -19.54 -26.63
N CYS D 583 -19.18 -19.67 -27.95
CA CYS D 583 -20.39 -19.46 -28.73
C CYS D 583 -21.33 -20.64 -28.54
N TYR D 584 -22.64 -20.35 -28.62
CA TYR D 584 -23.66 -21.37 -28.41
C TYR D 584 -24.27 -21.77 -29.74
N VAL D 585 -24.40 -23.07 -29.96
CA VAL D 585 -25.10 -23.62 -31.12
C VAL D 585 -26.09 -24.67 -30.61
N PRO D 586 -27.18 -24.92 -31.32
CA PRO D 586 -28.10 -25.98 -30.89
C PRO D 586 -27.42 -27.34 -30.93
N PHE D 587 -27.84 -28.21 -30.01
CA PHE D 587 -27.23 -29.53 -29.87
C PHE D 587 -27.56 -30.37 -31.10
N ASN D 588 -26.57 -30.57 -31.97
CA ASN D 588 -26.73 -31.41 -33.15
C ASN D 588 -25.90 -32.67 -32.98
N PRO D 589 -26.52 -33.84 -32.78
CA PRO D 589 -25.74 -35.07 -32.63
C PRO D 589 -24.96 -35.44 -33.88
N GLU D 590 -25.34 -34.91 -35.05
CA GLU D 590 -24.67 -35.25 -36.30
C GLU D 590 -23.37 -34.49 -36.51
N ASN D 591 -23.09 -33.46 -35.70
CA ASN D 591 -21.86 -32.72 -35.85
C ASN D 591 -20.66 -33.62 -35.54
N PRO D 592 -19.61 -33.59 -36.37
CA PRO D 592 -18.49 -34.53 -36.15
C PRO D 592 -17.85 -34.43 -34.77
N TRP D 593 -17.69 -33.20 -34.25
CA TRP D 593 -17.11 -33.05 -32.93
C TRP D 593 -18.03 -33.61 -31.85
N THR D 594 -19.34 -33.44 -32.00
CA THR D 594 -20.27 -34.03 -31.05
C THR D 594 -20.18 -35.55 -31.06
N LYS D 595 -20.10 -36.15 -32.24
CA LYS D 595 -19.96 -37.60 -32.33
C LYS D 595 -18.66 -38.06 -31.68
N LEU D 596 -17.56 -37.36 -31.95
CA LEU D 596 -16.29 -37.73 -31.34
C LEU D 596 -16.36 -37.64 -29.82
N LEU D 597 -16.96 -36.57 -29.31
CA LEU D 597 -17.04 -36.38 -27.86
C LEU D 597 -17.92 -37.44 -27.21
N LEU D 598 -19.05 -37.77 -27.83
CA LEU D 598 -19.91 -38.80 -27.24
C LEU D 598 -19.27 -40.17 -27.32
N ASN D 599 -18.52 -40.46 -28.39
CA ASN D 599 -17.78 -41.71 -28.45
C ASN D 599 -16.72 -41.77 -27.35
N ALA D 600 -16.03 -40.65 -27.11
CA ALA D 600 -15.05 -40.60 -26.03
C ALA D 600 -15.71 -40.82 -24.67
N LEU D 601 -16.86 -40.21 -24.45
CA LEU D 601 -17.58 -40.40 -23.20
C LEU D 601 -18.00 -41.86 -23.04
N GLN D 602 -18.46 -42.49 -24.12
CA GLN D 602 -18.82 -43.89 -24.06
C GLN D 602 -17.61 -44.76 -23.71
N ASP D 603 -16.45 -44.44 -24.30
CA ASP D 603 -15.26 -45.23 -24.02
C ASP D 603 -14.72 -44.99 -22.62
N ILE D 604 -14.98 -43.82 -22.04
CA ILE D 604 -14.42 -43.50 -20.72
C ILE D 604 -14.99 -44.41 -19.65
N ILE D 605 -16.31 -44.56 -19.63
CA ILE D 605 -16.97 -45.36 -18.59
C ILE D 605 -18.03 -46.27 -19.22
N PRO D 606 -17.81 -47.59 -19.20
CA PRO D 606 -18.74 -48.49 -19.90
C PRO D 606 -20.16 -48.49 -19.35
N GLU D 607 -20.33 -48.30 -18.05
CA GLU D 607 -21.65 -48.44 -17.44
C GLU D 607 -22.59 -47.36 -17.96
N LEU D 608 -23.65 -47.79 -18.64
CA LEU D 608 -24.61 -46.85 -19.22
C LEU D 608 -25.29 -46.04 -18.14
N ASP D 609 -25.78 -46.70 -17.09
CA ASP D 609 -26.45 -45.99 -16.00
C ASP D 609 -25.51 -45.03 -15.30
N ALA D 610 -24.28 -45.47 -15.03
CA ALA D 610 -23.31 -44.59 -14.39
C ALA D 610 -22.93 -43.43 -15.31
N ARG D 611 -22.80 -43.70 -16.61
CA ARG D 611 -22.49 -42.62 -17.56
C ARG D 611 -23.59 -41.57 -17.55
N LEU D 612 -24.85 -42.01 -17.61
CA LEU D 612 -25.96 -41.06 -17.57
C LEU D 612 -25.98 -40.29 -16.26
N TRP D 613 -25.72 -40.98 -15.14
CA TRP D 613 -25.74 -40.30 -13.85
C TRP D 613 -24.66 -39.23 -13.77
N ILE D 614 -23.45 -39.56 -14.21
CA ILE D 614 -22.35 -38.60 -14.14
C ILE D 614 -22.60 -37.43 -15.08
N MET D 615 -23.14 -37.71 -16.27
CA MET D 615 -23.46 -36.62 -17.18
C MET D 615 -24.53 -35.70 -16.59
N PHE D 616 -25.56 -36.28 -15.97
CA PHE D 616 -26.58 -35.47 -15.33
C PHE D 616 -26.00 -34.62 -14.20
N TYR D 617 -25.12 -35.21 -13.39
CA TYR D 617 -24.54 -34.47 -12.27
C TYR D 617 -23.66 -33.33 -12.77
N LEU D 618 -22.88 -33.57 -13.84
CA LEU D 618 -22.00 -32.54 -14.35
C LEU D 618 -22.77 -31.46 -15.10
N SER D 619 -23.97 -31.79 -15.62
CA SER D 619 -24.74 -30.82 -16.36
C SER D 619 -25.21 -29.66 -15.48
N THR D 620 -25.39 -29.91 -14.18
CA THR D 620 -25.86 -28.86 -13.28
C THR D 620 -24.78 -27.83 -12.97
N ALA D 621 -23.59 -27.93 -13.57
CA ALA D 621 -22.55 -26.95 -13.33
C ALA D 621 -22.92 -25.58 -13.90
N ILE D 622 -23.67 -25.56 -15.00
CA ILE D 622 -24.05 -24.29 -15.60
C ILE D 622 -25.03 -23.53 -14.70
N PHE D 623 -25.93 -24.24 -14.04
CA PHE D 623 -26.85 -23.60 -13.11
C PHE D 623 -26.11 -23.07 -11.89
N ARG D 624 -26.55 -21.90 -11.41
CA ARG D 624 -25.92 -21.27 -10.26
C ARG D 624 -26.88 -21.07 -9.10
N GLY D 625 -28.08 -21.64 -9.16
CA GLY D 625 -29.01 -21.56 -8.05
C GLY D 625 -28.71 -22.59 -6.99
N LEU D 626 -29.59 -22.65 -6.00
CA LEU D 626 -29.42 -23.59 -4.90
C LEU D 626 -29.56 -25.02 -5.42
N LYS D 627 -28.70 -25.90 -4.90
CA LYS D 627 -28.70 -27.30 -5.30
C LYS D 627 -28.63 -28.18 -4.06
N GLU D 628 -29.04 -29.43 -4.23
CA GLU D 628 -28.93 -30.40 -3.16
C GLU D 628 -27.47 -30.63 -2.78
N ALA D 629 -27.22 -30.85 -1.50
CA ALA D 629 -25.87 -30.92 -0.96
C ALA D 629 -25.32 -32.32 -1.17
N LEU D 630 -24.39 -32.45 -2.12
CA LEU D 630 -23.69 -33.71 -2.33
C LEU D 630 -22.40 -33.42 -3.09
N MET D 631 -21.40 -34.27 -2.86
CA MET D 631 -20.10 -34.14 -3.51
C MET D 631 -19.70 -35.51 -4.04
N LEU D 632 -19.07 -35.51 -5.22
CA LEU D 632 -18.72 -36.76 -5.91
C LEU D 632 -17.23 -37.02 -5.80
N LEU D 633 -16.88 -38.24 -5.45
CA LEU D 633 -15.49 -38.70 -5.39
C LEU D 633 -15.34 -39.94 -6.25
N TRP D 634 -14.34 -39.95 -7.11
CA TRP D 634 -14.08 -41.15 -7.89
C TRP D 634 -12.59 -41.25 -8.19
N LEU D 635 -12.03 -42.42 -7.91
CA LEU D 635 -10.58 -42.55 -7.73
C LEU D 635 -9.92 -43.54 -8.67
N GLY D 636 -10.55 -44.69 -8.91
CA GLY D 636 -9.87 -45.79 -9.57
C GLY D 636 -9.60 -45.53 -11.03
N GLY D 637 -8.87 -46.45 -11.67
CA GLY D 637 -8.64 -46.33 -13.10
C GLY D 637 -7.29 -45.80 -13.53
N GLY D 638 -6.60 -45.11 -12.63
CA GLY D 638 -5.31 -44.54 -12.98
C GLY D 638 -5.44 -43.64 -14.19
N CYS D 639 -4.83 -44.05 -15.29
CA CYS D 639 -4.94 -43.27 -16.52
C CYS D 639 -6.28 -43.54 -17.18
N ASN D 640 -7.27 -42.71 -16.85
CA ASN D 640 -8.60 -42.88 -17.43
C ASN D 640 -9.24 -41.54 -17.72
N GLY D 641 -8.42 -40.50 -17.83
CA GLY D 641 -8.95 -39.17 -18.10
C GLY D 641 -9.72 -38.60 -16.93
N LYS D 642 -9.47 -39.11 -15.73
CA LYS D 642 -10.21 -38.66 -14.56
C LYS D 642 -10.11 -37.16 -14.37
N THR D 643 -8.90 -36.61 -14.46
CA THR D 643 -8.72 -35.18 -14.32
C THR D 643 -8.91 -34.47 -15.65
N PHE D 644 -8.70 -35.19 -16.74
CA PHE D 644 -8.83 -34.58 -18.06
C PHE D 644 -10.23 -34.00 -18.27
N LEU D 645 -11.25 -34.77 -17.88
CA LEU D 645 -12.62 -34.29 -18.03
C LEU D 645 -12.85 -33.06 -17.18
N MET D 646 -12.41 -33.10 -15.93
CA MET D 646 -12.57 -31.95 -15.06
C MET D 646 -11.95 -30.74 -15.72
N ARG D 647 -10.89 -30.95 -16.48
CA ARG D 647 -10.19 -29.83 -17.11
C ARG D 647 -11.02 -29.26 -18.26
N LEU D 648 -11.65 -30.13 -19.06
CA LEU D 648 -12.37 -29.64 -20.23
C LEU D 648 -13.64 -28.91 -19.83
N VAL D 649 -14.35 -29.40 -18.81
CA VAL D 649 -15.54 -28.69 -18.37
C VAL D 649 -15.17 -27.36 -17.72
N ALA D 650 -14.05 -27.32 -17.00
CA ALA D 650 -13.59 -26.06 -16.44
C ALA D 650 -13.24 -25.08 -17.55
N MET D 651 -12.59 -25.55 -18.61
CA MET D 651 -12.25 -24.69 -19.74
C MET D 651 -13.51 -24.18 -20.44
N VAL D 652 -14.48 -25.07 -20.66
CA VAL D 652 -15.69 -24.69 -21.38
C VAL D 652 -16.50 -23.67 -20.59
N LEU D 653 -16.69 -23.93 -19.29
CA LEU D 653 -17.55 -23.06 -18.49
C LEU D 653 -16.92 -21.70 -18.25
N GLY D 654 -15.61 -21.58 -18.35
CA GLY D 654 -14.97 -20.29 -18.16
C GLY D 654 -14.48 -20.08 -16.74
N ASP D 655 -13.45 -19.25 -16.61
CA ASP D 655 -12.87 -19.00 -15.30
C ASP D 655 -13.78 -18.20 -14.38
N HIS D 656 -14.71 -17.43 -14.93
CA HIS D 656 -15.61 -16.63 -14.10
C HIS D 656 -16.72 -17.46 -13.47
N TYR D 657 -17.00 -18.65 -14.00
CA TYR D 657 -18.02 -19.52 -13.44
C TYR D 657 -17.46 -20.81 -12.87
N ALA D 658 -16.17 -21.06 -13.02
CA ALA D 658 -15.53 -22.24 -12.45
C ALA D 658 -14.09 -21.90 -12.13
N SER D 659 -13.56 -22.54 -11.08
CA SER D 659 -12.19 -22.28 -10.67
C SER D 659 -11.61 -23.52 -10.00
N LYS D 660 -10.28 -23.56 -9.97
CA LYS D 660 -9.55 -24.68 -9.37
C LYS D 660 -9.33 -24.39 -7.89
N LEU D 661 -9.64 -25.37 -7.05
CA LEU D 661 -9.48 -25.25 -5.61
C LEU D 661 -8.39 -26.22 -5.15
N ASN D 662 -7.60 -25.78 -4.18
CA ASN D 662 -6.53 -26.61 -3.64
C ASN D 662 -7.10 -27.66 -2.70
N ILE D 663 -6.48 -28.84 -2.70
CA ILE D 663 -6.92 -29.93 -1.83
C ILE D 663 -6.63 -29.64 -0.36
N SER D 664 -5.76 -28.67 -0.08
CA SER D 664 -5.42 -28.36 1.31
C SER D 664 -6.61 -27.85 2.10
N LEU D 665 -7.63 -27.30 1.42
CA LEU D 665 -8.82 -26.84 2.13
C LEU D 665 -9.53 -27.99 2.82
N LEU D 666 -9.65 -29.13 2.13
CA LEU D 666 -10.32 -30.28 2.74
C LEU D 666 -9.49 -30.89 3.84
N THR D 667 -8.19 -31.09 3.60
CA THR D 667 -7.28 -31.63 4.61
C THR D 667 -6.66 -30.52 5.46
N SER D 668 -7.52 -29.65 5.98
CA SER D 668 -7.07 -28.50 6.77
C SER D 668 -7.05 -28.89 8.24
N CYS D 669 -5.85 -28.92 8.83
CA CYS D 669 -5.68 -29.10 10.26
C CYS D 669 -5.50 -27.72 10.89
N ARG D 670 -6.42 -27.35 11.77
CA ARG D 670 -6.54 -26.01 12.34
C ARG D 670 -6.23 -24.94 11.29
N GLU D 671 -5.56 -23.86 11.69
CA GLU D 671 -5.07 -22.85 10.74
C GLU D 671 -6.19 -22.29 9.87
N THR D 672 -7.33 -22.01 10.49
CA THR D 672 -8.46 -21.39 9.80
C THR D 672 -8.70 -19.96 10.26
N ALA D 673 -8.73 -19.73 11.57
CA ALA D 673 -8.89 -18.39 12.12
C ALA D 673 -7.57 -17.74 12.51
N GLU D 674 -6.54 -18.53 12.79
CA GLU D 674 -5.24 -17.99 13.17
C GLU D 674 -4.39 -17.57 11.98
N LYS D 675 -4.74 -18.00 10.77
CA LYS D 675 -4.04 -17.59 9.56
C LYS D 675 -5.06 -17.27 8.48
N PRO D 676 -4.74 -16.36 7.57
CA PRO D 676 -5.68 -16.02 6.50
C PRO D 676 -5.59 -16.96 5.32
N ASN D 677 -6.72 -17.17 4.66
CA ASN D 677 -6.79 -17.99 3.45
C ASN D 677 -7.63 -17.29 2.41
N SER D 678 -7.35 -17.59 1.14
CA SER D 678 -8.05 -16.97 0.02
C SER D 678 -8.88 -17.95 -0.80
N ALA D 679 -8.43 -19.19 -0.95
CA ALA D 679 -9.18 -20.18 -1.72
C ALA D 679 -10.54 -20.49 -1.10
N PHE D 680 -10.72 -20.18 0.19
CA PHE D 680 -12.02 -20.42 0.82
C PHE D 680 -13.12 -19.59 0.18
N MET D 681 -12.84 -18.32 -0.10
CA MET D 681 -13.82 -17.41 -0.66
C MET D 681 -13.76 -17.36 -2.18
N ARG D 682 -12.93 -18.19 -2.81
CA ARG D 682 -12.82 -18.18 -4.26
C ARG D 682 -14.11 -18.64 -4.94
N LEU D 683 -15.00 -19.31 -4.20
CA LEU D 683 -16.25 -19.79 -4.76
C LEU D 683 -17.11 -18.62 -5.23
N LYS D 684 -17.57 -17.78 -4.30
CA LYS D 684 -18.45 -16.67 -4.61
C LYS D 684 -19.63 -17.10 -5.47
N GLY D 685 -19.78 -16.47 -6.63
CA GLY D 685 -20.84 -16.80 -7.57
C GLY D 685 -20.51 -17.89 -8.55
N ARG D 686 -19.35 -18.53 -8.42
CA ARG D 686 -18.97 -19.59 -9.35
C ARG D 686 -19.88 -20.81 -9.19
N GLY D 687 -20.11 -21.50 -10.30
CA GLY D 687 -20.96 -22.66 -10.33
C GLY D 687 -20.27 -24.00 -10.45
N TYR D 688 -18.96 -24.06 -10.24
CA TYR D 688 -18.23 -25.31 -10.41
C TYR D 688 -16.89 -25.22 -9.71
N GLY D 689 -16.52 -26.29 -9.03
CA GLY D 689 -15.22 -26.38 -8.38
C GLY D 689 -14.71 -27.80 -8.46
N TYR D 690 -13.39 -27.95 -8.40
CA TYR D 690 -12.80 -29.27 -8.62
C TYR D 690 -11.41 -29.33 -8.01
N PHE D 691 -10.94 -30.56 -7.84
CA PHE D 691 -9.62 -30.84 -7.27
C PHE D 691 -8.91 -31.85 -8.18
N GLU D 692 -7.66 -31.56 -8.52
CA GLU D 692 -6.91 -32.39 -9.45
C GLU D 692 -6.25 -33.57 -8.74
N GLU D 693 -5.58 -34.39 -9.53
CA GLU D 693 -4.75 -35.46 -8.98
C GLU D 693 -3.59 -34.87 -8.19
N THR D 694 -3.16 -35.57 -7.15
CA THR D 694 -2.11 -35.07 -6.28
C THR D 694 -1.22 -36.24 -5.89
N ASN D 695 -0.38 -36.03 -4.87
CA ASN D 695 0.53 -37.05 -4.36
C ASN D 695 -0.21 -38.03 -3.47
N LYS D 696 0.54 -38.80 -2.67
CA LYS D 696 0.02 -39.87 -1.84
C LYS D 696 -1.19 -39.47 -0.99
N SER D 697 -1.93 -40.47 -0.52
CA SER D 697 -3.23 -40.28 0.13
C SER D 697 -3.21 -39.15 1.14
N GLU D 698 -4.34 -38.43 1.21
CA GLU D 698 -4.54 -37.35 2.16
C GLU D 698 -5.62 -37.74 3.17
N VAL D 699 -5.46 -37.26 4.40
CA VAL D 699 -6.37 -37.56 5.49
C VAL D 699 -7.28 -36.36 5.72
N LEU D 700 -8.57 -36.63 5.89
CA LEU D 700 -9.54 -35.58 6.17
C LEU D 700 -10.72 -36.19 6.90
N ASN D 701 -11.13 -35.58 8.01
CA ASN D 701 -12.28 -36.02 8.80
C ASN D 701 -13.21 -34.82 8.96
N THR D 702 -14.05 -34.60 7.95
CA THR D 702 -14.96 -33.45 7.94
C THR D 702 -14.25 -32.16 8.29
N SER D 703 -12.97 -32.06 7.94
CA SER D 703 -12.17 -30.89 8.28
C SER D 703 -12.61 -29.74 7.38
N ARG D 704 -13.64 -29.03 7.80
CA ARG D 704 -14.37 -28.01 7.05
C ARG D 704 -15.11 -28.62 5.86
N LEU D 705 -15.14 -29.94 5.75
CA LEU D 705 -15.93 -30.60 4.71
C LEU D 705 -17.42 -30.45 4.98
N LYS D 706 -17.81 -30.38 6.26
CA LYS D 706 -19.22 -30.23 6.60
C LYS D 706 -19.80 -28.96 6.00
N GLU D 707 -19.14 -27.82 6.21
CA GLU D 707 -19.64 -26.56 5.68
C GLU D 707 -19.50 -26.48 4.17
N MET D 708 -18.47 -27.12 3.61
CA MET D 708 -18.34 -27.17 2.15
C MET D 708 -19.51 -27.91 1.52
N VAL D 709 -19.90 -29.04 2.11
CA VAL D 709 -21.05 -29.78 1.60
C VAL D 709 -22.35 -29.01 1.90
N ASN D 710 -22.49 -28.53 3.12
CA ASN D 710 -23.73 -27.87 3.52
C ASN D 710 -23.93 -26.58 2.75
N PRO D 711 -25.10 -26.36 2.13
CA PRO D 711 -25.33 -25.11 1.41
C PRO D 711 -25.41 -23.89 2.31
N GLY D 712 -25.52 -24.07 3.62
CA GLY D 712 -25.63 -22.93 4.51
C GLY D 712 -24.39 -22.07 4.53
N ASP D 713 -24.59 -20.82 4.90
CA ASP D 713 -23.51 -19.84 4.89
C ASP D 713 -22.45 -20.20 5.93
N VAL D 714 -21.21 -19.81 5.63
CA VAL D 714 -20.06 -20.13 6.46
C VAL D 714 -19.06 -19.00 6.35
N THR D 715 -18.32 -18.76 7.43
CA THR D 715 -17.39 -17.64 7.53
C THR D 715 -15.99 -18.13 7.84
N ALA D 716 -15.01 -17.67 7.06
CA ALA D 716 -13.60 -17.86 7.35
C ALA D 716 -12.84 -16.65 6.80
N ARG D 717 -11.51 -16.72 6.87
CA ARG D 717 -10.70 -15.58 6.47
C ARG D 717 -10.78 -15.33 4.97
N GLU D 718 -10.53 -14.09 4.57
CA GLU D 718 -10.60 -13.66 3.18
C GLU D 718 -9.26 -13.09 2.71
N LEU D 719 -8.17 -13.79 3.04
CA LEU D 719 -6.81 -13.39 2.66
C LEU D 719 -6.49 -11.99 3.20
N ASN D 720 -6.41 -11.92 4.53
CA ASN D 720 -6.00 -10.71 5.24
C ASN D 720 -6.98 -9.56 5.01
N GLN D 721 -8.27 -9.86 4.92
CA GLN D 721 -9.29 -8.85 4.69
C GLN D 721 -10.43 -8.99 5.70
N LYS D 722 -11.52 -8.24 5.48
CA LYS D 722 -12.67 -8.29 6.35
C LYS D 722 -13.40 -9.63 6.20
N GLN D 723 -14.24 -9.93 7.17
CA GLN D 723 -15.00 -11.17 7.21
C GLN D 723 -16.40 -10.95 6.67
N GLU D 724 -16.84 -11.79 5.75
CA GLU D 724 -18.15 -11.68 5.13
C GLU D 724 -18.73 -13.07 4.92
N SER D 725 -20.04 -13.19 5.16
CA SER D 725 -20.73 -14.47 5.07
C SER D 725 -21.42 -14.59 3.72
N PHE D 726 -21.11 -15.66 2.98
CA PHE D 726 -21.56 -15.81 1.62
C PHE D 726 -22.20 -17.18 1.42
N GLN D 727 -23.02 -17.27 0.36
CA GLN D 727 -23.71 -18.50 -0.01
C GLN D 727 -23.06 -19.08 -1.26
N MET D 728 -22.69 -20.35 -1.19
CA MET D 728 -22.03 -21.05 -2.29
C MET D 728 -23.01 -22.00 -2.96
N THR D 729 -23.02 -21.99 -4.30
CA THR D 729 -23.94 -22.81 -5.09
C THR D 729 -23.18 -23.48 -6.23
N ALA D 730 -22.04 -24.10 -5.91
CA ALA D 730 -21.20 -24.74 -6.91
C ALA D 730 -21.11 -26.23 -6.64
N THR D 731 -21.06 -27.01 -7.73
CA THR D 731 -20.86 -28.45 -7.65
C THR D 731 -19.37 -28.76 -7.59
N MET D 732 -19.00 -29.67 -6.71
CA MET D 732 -17.60 -30.01 -6.47
C MET D 732 -17.35 -31.48 -6.78
N VAL D 733 -16.21 -31.76 -7.41
CA VAL D 733 -15.76 -33.11 -7.69
C VAL D 733 -14.28 -33.20 -7.35
N ALA D 734 -13.87 -34.30 -6.75
CA ALA D 734 -12.48 -34.53 -6.39
C ALA D 734 -12.05 -35.91 -6.86
N ALA D 735 -10.85 -35.99 -7.42
CA ALA D 735 -10.31 -37.24 -7.93
C ALA D 735 -8.86 -37.40 -7.50
N SER D 736 -8.48 -38.64 -7.24
CA SER D 736 -7.10 -38.98 -6.89
C SER D 736 -6.88 -40.45 -7.16
N ASN D 737 -5.61 -40.83 -7.31
CA ASN D 737 -5.24 -42.22 -7.51
C ASN D 737 -4.86 -42.91 -6.21
N TYR D 738 -5.02 -42.23 -5.08
CA TYR D 738 -4.73 -42.80 -3.78
C TYR D 738 -5.96 -42.68 -2.89
N ASN D 739 -6.24 -43.75 -2.15
CA ASN D 739 -7.50 -43.83 -1.40
C ASN D 739 -7.59 -42.71 -0.37
N PHE D 740 -8.76 -42.06 -0.32
CA PHE D 740 -9.01 -41.05 0.69
C PHE D 740 -9.18 -41.69 2.06
N ILE D 741 -8.87 -40.92 3.09
CA ILE D 741 -8.94 -41.39 4.47
C ILE D 741 -10.14 -40.71 5.13
N ILE D 742 -11.23 -41.45 5.28
CA ILE D 742 -12.42 -40.98 6.00
C ILE D 742 -12.61 -41.88 7.20
N ASP D 743 -12.61 -41.28 8.39
CA ASP D 743 -12.70 -42.02 9.65
C ASP D 743 -13.82 -41.47 10.52
N THR D 744 -14.99 -41.27 9.91
CA THR D 744 -16.18 -40.87 10.64
C THR D 744 -17.33 -41.79 10.28
N THR D 745 -18.25 -41.97 11.22
CA THR D 745 -19.38 -42.87 11.03
C THR D 745 -20.73 -42.19 11.14
N ASP D 746 -20.76 -40.88 11.33
CA ASP D 746 -22.04 -40.17 11.41
C ASP D 746 -22.79 -40.28 10.09
N HIS D 747 -24.06 -40.64 10.15
CA HIS D 747 -24.83 -40.83 8.92
C HIS D 747 -24.73 -39.66 7.96
N GLY D 748 -24.82 -38.43 8.48
CA GLY D 748 -24.80 -37.26 7.61
C GLY D 748 -23.60 -37.15 6.70
N THR D 749 -22.41 -37.44 7.22
CA THR D 749 -21.20 -37.32 6.41
C THR D 749 -21.34 -38.17 5.16
N TRP D 750 -21.70 -39.44 5.34
CA TRP D 750 -21.87 -40.32 4.19
C TRP D 750 -23.16 -40.01 3.45
N ARG D 751 -24.09 -39.35 4.14
CA ARG D 751 -25.37 -39.03 3.54
C ARG D 751 -25.19 -38.23 2.24
N ARG D 752 -24.26 -37.29 2.26
CA ARG D 752 -24.04 -36.46 1.07
C ARG D 752 -22.74 -36.79 0.35
N LEU D 753 -22.17 -37.96 0.64
CA LEU D 753 -20.92 -38.35 -0.01
C LEU D 753 -21.07 -39.67 -0.73
N ARG D 754 -20.93 -39.65 -2.06
CA ARG D 754 -21.04 -40.88 -2.83
C ARG D 754 -19.78 -41.06 -3.67
N HIS D 755 -19.47 -42.31 -3.97
CA HIS D 755 -18.19 -42.71 -4.52
C HIS D 755 -18.36 -43.51 -5.80
N TYR D 756 -17.38 -43.39 -6.69
CA TYR D 756 -17.34 -44.14 -7.94
C TYR D 756 -15.91 -44.61 -8.16
N ARG D 757 -15.76 -45.64 -8.99
CA ARG D 757 -14.44 -46.18 -9.30
C ARG D 757 -14.40 -46.54 -10.78
N SER D 758 -13.48 -45.92 -11.52
CA SER D 758 -13.36 -46.20 -12.94
C SER D 758 -12.73 -47.57 -13.17
N LYS D 759 -13.24 -48.29 -14.17
CA LYS D 759 -12.79 -49.64 -14.48
C LYS D 759 -12.02 -49.72 -15.79
N VAL D 760 -11.62 -48.58 -16.35
CA VAL D 760 -10.90 -48.53 -17.62
C VAL D 760 -9.55 -47.90 -17.38
N LYS D 761 -8.49 -48.55 -17.87
CA LYS D 761 -7.12 -48.06 -17.74
C LYS D 761 -6.51 -48.00 -19.13
N PHE D 762 -6.17 -46.80 -19.59
CA PHE D 762 -5.63 -46.64 -20.93
C PHE D 762 -4.21 -47.19 -21.01
N CYS D 763 -3.98 -48.08 -21.97
CA CYS D 763 -2.68 -48.73 -22.12
C CYS D 763 -2.29 -48.72 -23.59
N HIS D 764 -0.99 -48.68 -23.83
CA HIS D 764 -0.45 -48.68 -25.20
C HIS D 764 -0.30 -50.08 -25.77
N ASN D 765 -0.64 -51.11 -25.02
CA ASN D 765 -0.63 -52.49 -25.49
C ASN D 765 -1.98 -53.13 -25.18
N PRO D 766 -3.02 -52.74 -25.94
CA PRO D 766 -4.38 -53.23 -25.65
C PRO D 766 -4.61 -54.61 -26.23
N ASP D 767 -4.73 -55.60 -25.35
CA ASP D 767 -5.04 -56.94 -25.84
C ASP D 767 -6.55 -57.18 -25.81
N PRO D 768 -7.07 -57.97 -26.74
CA PRO D 768 -8.52 -58.26 -26.73
C PRO D 768 -8.99 -59.00 -25.49
N SER D 769 -8.08 -59.68 -24.78
CA SER D 769 -8.46 -60.42 -23.58
C SER D 769 -8.90 -59.51 -22.44
N ASN D 770 -8.64 -58.20 -22.53
CA ASN D 770 -9.02 -57.24 -21.49
C ASN D 770 -9.87 -56.15 -22.13
N PRO D 771 -11.18 -56.34 -22.17
CA PRO D 771 -12.05 -55.27 -22.71
C PRO D 771 -12.02 -54.00 -21.90
N TYR D 772 -11.60 -54.05 -20.65
CA TYR D 772 -11.59 -52.87 -19.78
C TYR D 772 -10.26 -52.13 -19.85
N GLU D 773 -9.81 -51.84 -21.08
CA GLU D 773 -8.62 -51.04 -21.33
C GLU D 773 -8.51 -50.73 -22.82
N LYS D 774 -7.94 -49.59 -23.17
CA LYS D 774 -7.87 -49.17 -24.57
C LYS D 774 -6.58 -48.39 -24.78
N LYS D 775 -6.38 -47.96 -26.03
CA LYS D 775 -5.16 -47.27 -26.44
C LYS D 775 -5.23 -45.79 -26.13
N GLU D 776 -4.13 -45.23 -25.66
CA GLU D 776 -4.08 -43.82 -25.34
C GLU D 776 -4.08 -42.97 -26.61
N ASP D 777 -4.18 -41.66 -26.41
CA ASP D 777 -4.05 -40.68 -27.48
C ASP D 777 -3.57 -39.36 -26.90
N PRO D 778 -2.27 -39.07 -26.96
CA PRO D 778 -1.77 -37.81 -26.37
C PRO D 778 -2.40 -36.57 -26.97
N ARG D 779 -2.71 -36.58 -28.27
CA ARG D 779 -3.39 -35.46 -28.88
C ARG D 779 -4.77 -35.23 -28.29
N PHE D 780 -5.39 -36.28 -27.76
CA PHE D 780 -6.74 -36.16 -27.22
C PHE D 780 -6.79 -35.34 -25.95
N ILE D 781 -5.65 -35.12 -25.29
CA ILE D 781 -5.58 -34.28 -24.11
C ILE D 781 -4.73 -33.03 -24.33
N HIS D 782 -3.62 -33.13 -25.07
CA HIS D 782 -2.77 -31.96 -25.31
C HIS D 782 -3.50 -30.95 -26.18
N GLU D 783 -3.82 -31.34 -27.41
CA GLU D 783 -4.73 -30.58 -28.25
C GLU D 783 -6.15 -31.11 -28.04
N TYR D 784 -7.07 -30.75 -28.93
CA TYR D 784 -8.49 -31.11 -28.86
C TYR D 784 -9.21 -30.41 -27.72
N ILE D 785 -8.54 -29.52 -26.99
CA ILE D 785 -9.19 -28.68 -25.98
C ILE D 785 -8.99 -27.20 -26.23
N MET D 786 -8.14 -26.83 -27.20
CA MET D 786 -7.98 -25.44 -27.60
C MET D 786 -8.86 -25.06 -28.78
N ASP D 787 -9.21 -26.01 -29.64
CA ASP D 787 -10.04 -25.71 -30.79
C ASP D 787 -11.45 -25.39 -30.35
N PRO D 788 -11.99 -24.21 -30.69
CA PRO D 788 -13.29 -23.80 -30.14
C PRO D 788 -14.45 -24.71 -30.51
N ASP D 789 -14.32 -25.49 -31.59
CA ASP D 789 -15.42 -26.36 -32.00
C ASP D 789 -15.72 -27.40 -30.93
N CYS D 790 -14.67 -27.95 -30.30
CA CYS D 790 -14.88 -28.90 -29.21
C CYS D 790 -15.60 -28.24 -28.04
N GLN D 791 -15.23 -27.01 -27.71
CA GLN D 791 -15.92 -26.29 -26.63
C GLN D 791 -17.39 -26.08 -26.96
N ASN D 792 -17.69 -25.69 -28.20
CA ASN D 792 -19.08 -25.49 -28.59
C ASN D 792 -19.85 -26.81 -28.52
N ALA D 793 -19.25 -27.89 -28.99
CA ALA D 793 -19.92 -29.19 -28.92
C ALA D 793 -20.19 -29.61 -27.49
N PHE D 794 -19.22 -29.40 -26.59
CA PHE D 794 -19.42 -29.77 -25.20
C PHE D 794 -20.50 -28.91 -24.55
N PHE D 795 -20.53 -27.62 -24.88
CA PHE D 795 -21.58 -26.76 -24.34
C PHE D 795 -22.95 -27.22 -24.82
N SER D 796 -23.05 -27.60 -26.09
CA SER D 796 -24.30 -28.15 -26.61
C SER D 796 -24.70 -29.42 -25.85
N ILE D 797 -23.72 -30.28 -25.59
CA ILE D 797 -24.01 -31.51 -24.85
C ILE D 797 -24.55 -31.19 -23.47
N LEU D 798 -23.90 -30.25 -22.78
CA LEU D 798 -24.33 -29.89 -21.43
C LEU D 798 -25.73 -29.30 -21.42
N VAL D 799 -26.03 -28.40 -22.35
CA VAL D 799 -27.36 -27.79 -22.33
C VAL D 799 -28.43 -28.83 -22.69
N TYR D 800 -28.12 -29.73 -23.62
CA TYR D 800 -29.08 -30.78 -23.95
C TYR D 800 -29.32 -31.70 -22.76
N PHE D 801 -28.27 -32.07 -22.04
CA PHE D 801 -28.44 -32.95 -20.90
C PHE D 801 -29.20 -32.25 -19.76
N TRP D 802 -28.97 -30.96 -19.57
CA TRP D 802 -29.72 -30.25 -18.54
C TRP D 802 -31.19 -30.15 -18.93
N GLU D 803 -31.48 -29.94 -20.22
CA GLU D 803 -32.86 -29.96 -20.67
C GLU D 803 -33.51 -31.32 -20.40
N LYS D 804 -32.78 -32.40 -20.69
CA LYS D 804 -33.31 -33.73 -20.43
C LYS D 804 -33.60 -33.93 -18.95
N LEU D 805 -32.65 -33.52 -18.10
CA LEU D 805 -32.82 -33.68 -16.66
C LEU D 805 -34.01 -32.88 -16.15
N GLN D 806 -34.16 -31.64 -16.63
CA GLN D 806 -35.28 -30.82 -16.19
C GLN D 806 -36.61 -31.41 -16.64
N LYS D 807 -36.66 -31.93 -17.87
CA LYS D 807 -37.89 -32.55 -18.36
C LYS D 807 -38.25 -33.78 -17.57
N GLU D 808 -37.26 -34.62 -17.23
CA GLU D 808 -37.57 -35.89 -16.60
C GLU D 808 -37.76 -35.76 -15.10
N TYR D 809 -36.74 -35.31 -14.38
CA TYR D 809 -36.70 -35.43 -12.93
C TYR D 809 -36.83 -34.10 -12.20
N ASN D 810 -37.06 -33.01 -12.92
CA ASN D 810 -37.34 -31.71 -12.32
C ASN D 810 -36.21 -31.24 -11.39
N GLY D 811 -34.97 -31.54 -11.78
CA GLY D 811 -33.83 -31.06 -11.04
C GLY D 811 -33.44 -31.87 -9.82
N GLN D 812 -34.12 -32.99 -9.56
CA GLN D 812 -33.84 -33.80 -8.37
C GLN D 812 -32.87 -34.90 -8.75
N ILE D 813 -31.59 -34.70 -8.41
CA ILE D 813 -30.59 -35.75 -8.56
C ILE D 813 -30.87 -36.91 -7.63
N LYS D 814 -31.49 -36.66 -6.48
CA LYS D 814 -31.75 -37.73 -5.53
C LYS D 814 -32.73 -38.77 -6.04
N LYS D 815 -33.45 -38.50 -7.13
CA LYS D 815 -34.45 -39.43 -7.62
C LYS D 815 -34.03 -40.21 -8.85
N VAL D 816 -32.96 -39.82 -9.53
CA VAL D 816 -32.50 -40.60 -10.68
C VAL D 816 -31.99 -41.95 -10.19
N PHE D 817 -32.36 -43.00 -10.92
CA PHE D 817 -32.05 -44.37 -10.52
C PHE D 817 -30.80 -44.87 -11.23
N CYS D 818 -29.86 -45.39 -10.46
CA CYS D 818 -28.64 -45.98 -11.00
C CYS D 818 -28.12 -47.02 -10.01
N PRO D 819 -28.22 -48.32 -10.33
CA PRO D 819 -27.87 -49.35 -9.35
C PRO D 819 -26.40 -49.38 -8.98
N THR D 820 -25.49 -49.29 -9.97
CA THR D 820 -24.07 -49.39 -9.68
C THR D 820 -23.60 -48.26 -8.78
N ILE D 821 -24.09 -47.04 -9.02
CA ILE D 821 -23.80 -45.95 -8.11
C ILE D 821 -24.59 -46.15 -6.83
N GLU D 822 -24.07 -45.59 -5.74
CA GLU D 822 -24.52 -45.66 -4.35
C GLU D 822 -24.42 -47.09 -3.84
N SER D 823 -24.27 -48.06 -4.74
CA SER D 823 -23.88 -49.40 -4.30
C SER D 823 -22.37 -49.48 -4.17
N GLU D 824 -21.65 -48.91 -5.14
CA GLU D 824 -20.23 -48.68 -4.93
C GLU D 824 -19.99 -47.81 -3.70
N THR D 825 -20.88 -46.85 -3.45
CA THR D 825 -20.75 -46.01 -2.26
C THR D 825 -20.96 -46.81 -0.99
N GLU D 826 -21.97 -47.68 -0.95
CA GLU D 826 -22.17 -48.51 0.22
C GLU D 826 -20.98 -49.44 0.45
N ALA D 827 -20.43 -49.99 -0.62
CA ALA D 827 -19.24 -50.82 -0.49
C ALA D 827 -18.06 -50.02 0.06
N TYR D 828 -17.90 -48.79 -0.42
CA TYR D 828 -16.80 -47.94 0.05
C TYR D 828 -17.01 -47.52 1.51
N ARG D 829 -18.26 -47.40 1.94
CA ARG D 829 -18.56 -47.04 3.31
C ARG D 829 -18.30 -48.19 4.27
N LYS D 830 -18.53 -49.44 3.82
CA LYS D 830 -18.25 -50.60 4.66
C LYS D 830 -16.77 -50.69 5.01
N SER D 831 -15.90 -50.14 4.16
CA SER D 831 -14.48 -50.07 4.45
C SER D 831 -14.20 -48.82 5.29
N GLN D 832 -12.92 -48.48 5.44
CA GLN D 832 -12.43 -47.33 6.19
C GLN D 832 -13.19 -47.11 7.49
N ASP D 833 -13.52 -48.20 8.19
CA ASP D 833 -14.07 -48.17 9.54
C ASP D 833 -13.09 -48.93 10.42
N THR D 834 -12.11 -48.21 10.96
CA THR D 834 -10.99 -48.87 11.63
C THR D 834 -11.45 -49.65 12.85
N LEU D 835 -12.46 -49.15 13.57
CA LEU D 835 -12.97 -49.88 14.72
C LEU D 835 -13.54 -51.23 14.31
N HIS D 836 -14.30 -51.27 13.22
CA HIS D 836 -14.84 -52.54 12.76
C HIS D 836 -13.74 -53.48 12.29
N ARG D 837 -12.70 -52.95 11.65
CA ARG D 837 -11.58 -53.80 11.24
C ARG D 837 -10.88 -54.40 12.46
N PHE D 838 -10.66 -53.59 13.49
CA PHE D 838 -10.04 -54.09 14.71
C PHE D 838 -10.90 -55.17 15.35
N ILE D 839 -12.21 -54.93 15.43
CA ILE D 839 -13.11 -55.92 15.99
C ILE D 839 -13.07 -57.21 15.19
N THR D 840 -13.09 -57.10 13.86
CA THR D 840 -13.06 -58.29 13.02
C THR D 840 -11.76 -59.06 13.20
N GLU D 841 -10.64 -58.34 13.35
CA GLU D 841 -9.35 -59.02 13.47
C GLU D 841 -9.13 -59.61 14.86
N ARG D 842 -9.86 -59.17 15.89
CA ARG D 842 -9.66 -59.75 17.21
C ARG D 842 -10.93 -60.11 17.99
N VAL D 843 -12.12 -59.84 17.46
CA VAL D 843 -13.36 -60.13 18.15
C VAL D 843 -14.33 -60.78 17.15
N VAL D 844 -15.39 -61.39 17.69
CA VAL D 844 -16.49 -61.96 16.92
C VAL D 844 -15.95 -63.13 16.08
N GLU D 845 -14.82 -63.68 16.50
CA GLU D 845 -14.30 -64.87 15.85
C GLU D 845 -13.95 -65.95 16.87
N SER D 846 -13.53 -65.53 18.07
CA SER D 846 -13.18 -66.48 19.11
C SER D 846 -13.20 -65.82 20.49
N PRO D 847 -14.35 -65.74 21.14
CA PRO D 847 -14.37 -65.31 22.55
C PRO D 847 -13.76 -66.37 23.45
N SER D 848 -13.34 -65.93 24.64
CA SER D 848 -12.68 -66.83 25.58
C SER D 848 -13.05 -66.41 27.00
N ALA D 849 -12.31 -66.93 27.97
CA ALA D 849 -12.59 -66.67 29.38
C ALA D 849 -12.26 -65.23 29.75
N GLU D 850 -12.68 -64.84 30.94
CA GLU D 850 -12.53 -63.46 31.40
C GLU D 850 -11.11 -63.25 31.94
N THR D 851 -10.27 -62.58 31.15
CA THR D 851 -8.92 -62.23 31.56
C THR D 851 -8.57 -60.81 31.13
N VAL D 852 -9.55 -59.92 31.09
CA VAL D 852 -9.38 -58.58 30.52
C VAL D 852 -9.63 -57.54 31.63
N TYR D 853 -8.80 -56.50 31.64
CA TYR D 853 -8.86 -55.43 32.63
C TYR D 853 -9.51 -54.17 32.07
N ASN D 854 -10.60 -54.35 31.31
CA ASN D 854 -11.58 -53.39 30.79
C ASN D 854 -11.05 -52.64 29.57
N LEU D 855 -11.79 -51.61 29.14
CA LEU D 855 -11.51 -50.91 27.91
C LEU D 855 -10.29 -50.01 27.98
N SER D 856 -9.69 -49.81 29.15
CA SER D 856 -8.52 -48.93 29.24
C SER D 856 -7.38 -49.44 28.38
N GLU D 857 -7.12 -50.75 28.42
CA GLU D 857 -6.09 -51.30 27.55
C GLU D 857 -6.61 -51.59 26.15
N VAL D 858 -7.92 -51.79 26.01
CA VAL D 858 -8.50 -52.00 24.67
C VAL D 858 -8.30 -50.78 23.81
N VAL D 859 -8.51 -49.59 24.39
CA VAL D 859 -8.33 -48.34 23.65
C VAL D 859 -6.88 -48.20 23.20
N THR D 860 -5.93 -48.50 24.10
CA THR D 860 -4.52 -48.40 23.75
C THR D 860 -4.15 -49.39 22.65
N ALA D 861 -4.66 -50.62 22.73
CA ALA D 861 -4.37 -51.61 21.70
C ALA D 861 -4.94 -51.18 20.35
N TYR D 862 -6.17 -50.65 20.35
CA TYR D 862 -6.75 -50.16 19.11
C TYR D 862 -5.96 -48.99 18.55
N ALA D 863 -5.56 -48.07 19.43
CA ALA D 863 -4.85 -46.87 18.98
C ALA D 863 -3.65 -47.21 18.12
N GLU D 864 -2.68 -47.91 18.71
CA GLU D 864 -1.49 -48.28 17.97
C GLU D 864 -1.88 -49.07 16.74
N TRP D 865 -2.85 -49.96 16.90
CA TRP D 865 -3.29 -50.77 15.78
C TRP D 865 -3.78 -49.89 14.65
N TYR D 866 -4.61 -48.90 14.99
CA TYR D 866 -5.15 -48.02 13.95
C TYR D 866 -4.02 -47.30 13.24
N ASN D 867 -3.10 -46.72 14.00
CA ASN D 867 -2.02 -45.97 13.40
C ASN D 867 -1.18 -46.88 12.53
N THR D 868 -0.85 -48.05 13.03
CA THR D 868 -0.07 -49.00 12.25
C THR D 868 -0.85 -49.46 11.04
N ASN D 869 -2.13 -49.76 11.23
CA ASN D 869 -2.97 -50.22 10.12
C ASN D 869 -3.29 -49.09 9.15
N ILE D 870 -3.51 -47.89 9.67
CA ILE D 870 -3.89 -46.77 8.82
C ILE D 870 -2.82 -45.70 8.75
N ASN D 871 -2.77 -44.83 9.75
CA ASN D 871 -1.80 -43.75 9.76
C ASN D 871 -1.58 -43.24 11.17
N VAL D 872 -0.35 -42.81 11.46
CA VAL D 872 -0.06 -42.29 12.79
C VAL D 872 -0.80 -40.97 13.00
N LYS D 873 -1.51 -40.88 14.11
CA LYS D 873 -2.23 -39.65 14.46
C LYS D 873 -2.50 -39.65 15.95
N ARG D 874 -2.79 -38.47 16.49
CA ARG D 874 -3.01 -38.32 17.91
C ARG D 874 -4.42 -38.78 18.29
N HIS D 875 -4.52 -39.47 19.41
CA HIS D 875 -5.78 -39.99 19.91
C HIS D 875 -6.04 -39.50 21.32
N ILE D 876 -7.31 -39.35 21.65
CA ILE D 876 -7.77 -39.04 22.99
C ILE D 876 -8.90 -40.00 23.35
N ALA D 877 -9.43 -39.85 24.55
CA ALA D 877 -10.44 -40.76 25.08
C ALA D 877 -11.80 -40.06 25.16
N LEU D 878 -12.81 -40.85 25.54
CA LEU D 878 -14.20 -40.44 25.69
C LEU D 878 -14.88 -40.22 24.35
N GLU D 879 -14.11 -40.33 23.26
CA GLU D 879 -14.69 -40.37 21.92
C GLU D 879 -14.46 -41.72 21.26
N LEU D 880 -13.78 -42.64 21.93
CA LEU D 880 -13.63 -44.02 21.48
C LEU D 880 -14.50 -44.99 22.27
N SER D 881 -14.55 -44.83 23.59
CA SER D 881 -15.28 -45.77 24.44
C SER D 881 -16.78 -45.74 24.14
N GLN D 882 -17.32 -44.57 23.82
CA GLN D 882 -18.75 -44.45 23.57
C GLN D 882 -19.18 -45.33 22.41
N GLU D 883 -18.53 -45.20 21.25
CA GLU D 883 -18.90 -46.03 20.12
C GLU D 883 -18.34 -47.44 20.23
N LEU D 884 -17.34 -47.67 21.09
CA LEU D 884 -16.95 -49.04 21.40
C LEU D 884 -18.10 -49.77 22.09
N GLU D 885 -18.77 -49.09 23.02
CA GLU D 885 -19.99 -49.62 23.59
C GLU D 885 -21.12 -49.65 22.56
N ASN D 886 -21.11 -48.72 21.61
CA ASN D 886 -22.07 -48.71 20.51
C ASN D 886 -21.58 -49.47 19.29
N SER D 887 -20.44 -50.15 19.37
CA SER D 887 -19.96 -51.00 18.30
C SER D 887 -20.73 -52.32 18.35
N VAL D 888 -20.27 -53.33 17.60
CA VAL D 888 -20.89 -54.65 17.65
C VAL D 888 -20.41 -55.48 18.83
N LEU D 889 -19.68 -54.88 19.77
CA LEU D 889 -19.11 -55.61 20.90
C LEU D 889 -19.97 -55.54 22.16
N GLU D 890 -21.18 -54.99 22.09
CA GLU D 890 -22.00 -54.85 23.29
C GLU D 890 -22.44 -56.20 23.84
N LYS D 891 -22.29 -57.27 23.07
CA LYS D 891 -22.75 -58.58 23.49
C LYS D 891 -22.18 -58.98 24.84
N TYR D 892 -20.92 -58.60 25.09
CA TYR D 892 -20.30 -58.81 26.41
C TYR D 892 -19.58 -57.52 26.80
N LEU D 893 -20.30 -56.65 27.50
CA LEU D 893 -19.73 -55.42 28.05
C LEU D 893 -20.57 -55.05 29.26
N GLN D 894 -20.08 -55.40 30.45
CA GLN D 894 -20.75 -55.13 31.70
C GLN D 894 -19.84 -54.27 32.58
N TRP D 895 -20.25 -54.09 33.83
CA TRP D 895 -19.43 -53.35 34.79
C TRP D 895 -19.37 -54.10 36.11
N SER D 896 -18.22 -54.02 36.76
CA SER D 896 -18.02 -54.62 38.06
C SER D 896 -18.88 -53.91 39.10
N PRO D 897 -18.93 -54.42 40.34
CA PRO D 897 -19.64 -53.67 41.39
C PRO D 897 -19.11 -52.25 41.55
N ASN D 898 -17.83 -52.02 41.31
CA ASN D 898 -17.30 -50.66 41.23
C ASN D 898 -17.33 -50.14 39.80
N LYS D 899 -18.50 -50.26 39.16
CA LYS D 899 -18.74 -49.79 37.80
C LYS D 899 -17.60 -50.11 36.84
N THR D 900 -17.02 -49.08 36.25
CA THR D 900 -15.76 -49.13 35.51
C THR D 900 -15.93 -49.79 34.12
N ARG D 901 -17.09 -50.39 33.88
CA ARG D 901 -17.45 -50.93 32.56
C ARG D 901 -16.38 -51.89 32.04
N ILE D 902 -16.23 -53.01 32.74
CA ILE D 902 -15.18 -53.98 32.42
C ILE D 902 -15.64 -54.89 31.29
N LEU D 903 -14.70 -55.25 30.41
CA LEU D 903 -14.97 -56.21 29.36
C LEU D 903 -15.23 -57.59 29.97
N LYS D 904 -16.02 -58.40 29.28
CA LYS D 904 -16.53 -59.63 29.87
C LYS D 904 -16.11 -60.89 29.11
N GLY D 905 -14.83 -61.00 28.77
CA GLY D 905 -14.30 -62.25 28.26
C GLY D 905 -13.87 -62.24 26.80
N CYS D 906 -12.57 -62.13 26.58
CA CYS D 906 -11.98 -62.18 25.24
C CYS D 906 -10.48 -62.32 25.41
N ARG D 907 -9.79 -62.44 24.28
CA ARG D 907 -8.34 -62.60 24.26
C ARG D 907 -7.69 -61.46 23.50
N ILE D 908 -6.63 -60.90 24.07
CA ILE D 908 -5.82 -59.88 23.41
C ILE D 908 -4.66 -60.59 22.73
N LEU D 909 -4.64 -60.58 21.40
CA LEU D 909 -3.69 -61.38 20.63
C LEU D 909 -2.90 -60.47 19.69
N HIS D 910 -1.61 -60.75 19.56
CA HIS D 910 -0.76 -60.17 18.53
C HIS D 910 -0.11 -61.20 17.63
N LYS D 911 0.07 -62.43 18.11
CA LYS D 911 0.54 -63.55 17.32
C LYS D 911 -0.63 -64.10 16.50
N PHE D 912 -0.38 -65.15 15.71
CA PHE D 912 -1.41 -65.72 14.86
C PHE D 912 -2.65 -66.11 15.66
N GLU D 913 -2.50 -67.06 16.58
CA GLU D 913 -3.61 -67.62 17.35
C GLU D 913 -4.73 -68.08 16.42
N THR D 914 -4.39 -69.06 15.57
CA THR D 914 -5.33 -69.50 14.54
C THR D 914 -6.53 -70.22 15.14
N LEU D 915 -6.29 -71.17 16.04
CA LEU D 915 -7.34 -72.05 16.56
C LEU D 915 -7.49 -71.81 18.05
N GLN D 916 -8.60 -71.18 18.45
CA GLN D 916 -8.95 -70.99 19.85
C GLN D 916 -10.45 -71.28 19.98
N PRO D 917 -10.83 -72.30 20.75
CA PRO D 917 -12.25 -72.60 20.92
C PRO D 917 -12.99 -71.44 21.56
N GLY D 918 -14.23 -71.25 21.14
CA GLY D 918 -15.06 -70.18 21.66
C GLY D 918 -15.60 -70.46 23.06
N GLU D 937 -28.22 -52.30 -22.15
CA GLU D 937 -27.24 -51.90 -23.15
C GLU D 937 -27.88 -51.07 -24.26
N PRO D 938 -27.28 -49.93 -24.58
CA PRO D 938 -27.85 -49.05 -25.62
C PRO D 938 -27.69 -49.67 -26.99
N LYS D 939 -28.77 -49.65 -27.77
CA LYS D 939 -28.75 -50.25 -29.09
C LYS D 939 -27.80 -49.51 -30.03
N ASN D 940 -28.13 -48.26 -30.33
CA ASN D 940 -27.28 -47.45 -31.21
C ASN D 940 -26.90 -46.11 -30.62
N LYS D 941 -27.81 -45.47 -29.89
CA LYS D 941 -27.56 -44.17 -29.27
C LYS D 941 -27.86 -44.27 -27.78
N TRP D 942 -26.88 -43.89 -26.95
CA TRP D 942 -27.00 -44.05 -25.51
C TRP D 942 -27.51 -42.82 -24.79
N TRP D 943 -27.82 -41.73 -25.50
CA TRP D 943 -28.40 -40.56 -24.88
C TRP D 943 -29.92 -40.50 -25.01
N GLU D 944 -30.56 -41.66 -25.17
CA GLU D 944 -32.01 -41.75 -25.23
C GLU D 944 -32.65 -41.92 -23.85
N TRP D 945 -31.84 -41.93 -22.79
CA TRP D 945 -32.28 -41.87 -21.39
C TRP D 945 -32.92 -43.17 -20.92
N SER D 946 -33.17 -44.11 -21.83
CA SER D 946 -33.79 -45.39 -21.51
C SER D 946 -35.22 -45.17 -21.02
N PRO D 947 -36.03 -46.22 -20.84
CA PRO D 947 -37.38 -46.01 -20.28
C PRO D 947 -37.36 -45.52 -18.85
N ASN D 948 -38.53 -45.32 -18.25
CA ASN D 948 -38.61 -44.82 -16.88
C ASN D 948 -37.82 -45.67 -15.89
N PRO D 949 -37.94 -47.00 -15.88
CA PRO D 949 -37.02 -47.78 -15.02
C PRO D 949 -35.56 -47.59 -15.38
N SER D 950 -35.27 -47.43 -16.68
CA SER D 950 -33.91 -47.21 -17.17
C SER D 950 -32.92 -48.26 -16.68
N ALA E 22 -23.55 36.86 -45.91
CA ALA E 22 -24.65 36.76 -44.95
C ALA E 22 -25.89 36.19 -45.60
N GLU E 23 -26.23 36.68 -46.80
CA GLU E 23 -27.30 36.10 -47.58
C GLU E 23 -26.77 34.92 -48.39
N VAL E 24 -27.65 33.91 -48.55
CA VAL E 24 -27.45 32.55 -49.08
C VAL E 24 -27.93 31.60 -48.00
N GLN E 25 -27.96 32.05 -46.75
CA GLN E 25 -28.44 31.20 -45.66
C GLN E 25 -29.91 30.84 -45.85
N ALA E 26 -30.67 31.74 -46.48
CA ALA E 26 -32.05 31.44 -46.81
C ALA E 26 -32.15 30.20 -47.69
N LEU E 27 -31.15 29.98 -48.55
CA LEU E 27 -31.19 28.83 -49.45
C LEU E 27 -31.08 27.52 -48.69
N GLU E 28 -30.11 27.40 -47.78
CA GLU E 28 -29.98 26.16 -47.02
C GLU E 28 -31.16 25.98 -46.08
N THR E 29 -31.65 27.07 -45.49
CA THR E 29 -32.82 26.93 -44.63
C THR E 29 -34.01 26.41 -45.44
N LEU E 30 -34.19 26.95 -46.64
CA LEU E 30 -35.27 26.51 -47.51
C LEU E 30 -35.12 25.04 -47.88
N LEU E 31 -33.91 24.63 -48.28
CA LEU E 31 -33.67 23.25 -48.68
C LEU E 31 -33.91 22.29 -47.52
N THR E 32 -33.48 22.66 -46.31
CA THR E 32 -33.60 21.76 -45.17
C THR E 32 -35.02 21.70 -44.63
N ARG E 33 -35.77 22.81 -44.69
CA ARG E 33 -37.08 22.86 -44.05
C ARG E 33 -38.23 22.72 -45.05
N GLU E 34 -38.32 23.63 -46.02
CA GLU E 34 -39.49 23.64 -46.89
C GLU E 34 -39.37 22.63 -48.02
N LEU E 35 -38.16 22.46 -48.55
CA LEU E 35 -37.91 21.59 -49.69
C LEU E 35 -37.66 20.15 -49.29
N SER E 36 -37.49 19.88 -47.99
CA SER E 36 -37.16 18.53 -47.54
C SER E 36 -38.26 17.55 -47.90
N VAL E 37 -39.53 17.96 -47.79
CA VAL E 37 -40.63 17.07 -48.13
C VAL E 37 -40.70 16.76 -49.63
N PHE E 38 -40.02 17.55 -50.46
CA PHE E 38 -40.08 17.37 -51.91
C PHE E 38 -38.89 16.52 -52.40
N LEU E 39 -38.85 15.28 -51.90
CA LEU E 39 -37.80 14.36 -52.30
C LEU E 39 -38.13 13.70 -53.63
N THR E 40 -37.10 13.47 -54.43
CA THR E 40 -37.25 12.83 -55.73
C THR E 40 -36.14 11.80 -55.93
N GLU E 41 -36.48 10.71 -56.61
CA GLU E 41 -35.50 9.67 -56.87
C GLU E 41 -34.39 10.20 -57.79
N PRO E 42 -33.13 9.91 -57.48
CA PRO E 42 -32.03 10.41 -58.34
C PRO E 42 -32.09 9.93 -59.77
N GLY E 43 -32.58 8.72 -60.01
CA GLY E 43 -32.62 8.18 -61.36
C GLY E 43 -33.95 8.41 -62.06
N SER E 44 -34.94 8.90 -61.32
CA SER E 44 -36.26 9.13 -61.90
C SER E 44 -36.23 10.28 -62.90
N LYS E 45 -37.07 10.17 -63.93
CA LYS E 45 -37.16 11.22 -64.94
C LYS E 45 -38.11 12.34 -64.53
N LYS E 46 -38.85 12.18 -63.43
CA LYS E 46 -39.78 13.22 -63.01
C LYS E 46 -39.06 14.46 -62.47
N THR E 47 -37.80 14.34 -62.09
CA THR E 47 -37.06 15.46 -61.55
C THR E 47 -36.83 16.54 -62.61
N ASN E 48 -36.76 17.78 -62.17
CA ASN E 48 -36.56 18.92 -63.07
C ASN E 48 -35.32 19.74 -62.73
N ILE E 49 -35.01 19.93 -61.45
CA ILE E 49 -33.85 20.70 -61.02
C ILE E 49 -32.92 19.77 -60.25
N ILE E 50 -31.66 19.70 -60.69
CA ILE E 50 -30.69 18.76 -60.14
C ILE E 50 -29.43 19.55 -59.78
N ASN E 51 -28.86 19.27 -58.62
CA ASN E 51 -27.57 19.85 -58.22
C ASN E 51 -26.54 18.74 -58.17
N ARG E 52 -25.42 18.95 -58.88
CA ARG E 52 -24.34 17.96 -58.93
C ARG E 52 -23.35 18.09 -57.78
N ILE E 53 -23.56 19.04 -56.86
CA ILE E 53 -22.67 19.15 -55.70
C ILE E 53 -22.77 17.91 -54.83
N THR E 54 -23.99 17.45 -54.57
CA THR E 54 -24.22 16.23 -53.80
C THR E 54 -25.14 15.25 -54.52
N GLY E 55 -25.40 15.46 -55.80
CA GLY E 55 -26.26 14.56 -56.55
C GLY E 55 -27.71 14.56 -56.10
N LYS E 56 -28.26 15.74 -55.83
CA LYS E 56 -29.66 15.86 -55.41
C LYS E 56 -30.55 16.20 -56.61
N THR E 57 -31.65 15.45 -56.74
CA THR E 57 -32.60 15.64 -57.82
C THR E 57 -33.95 16.01 -57.26
N TYR E 58 -34.59 17.02 -57.85
CA TYR E 58 -35.84 17.56 -57.35
C TYR E 58 -36.86 17.71 -58.47
N ALA E 59 -38.14 17.57 -58.11
CA ALA E 59 -39.24 17.70 -59.05
C ALA E 59 -40.24 18.72 -58.52
N LEU E 60 -39.75 19.89 -58.14
CA LEU E 60 -40.56 20.85 -57.41
C LEU E 60 -41.63 21.47 -58.32
N PRO E 61 -42.80 21.81 -57.78
CA PRO E 61 -43.76 22.63 -58.54
C PRO E 61 -43.31 24.08 -58.67
N SER E 62 -44.15 24.91 -59.29
CA SER E 62 -43.72 26.22 -59.75
C SER E 62 -43.40 27.17 -58.60
N THR E 63 -44.05 26.99 -57.46
CA THR E 63 -43.91 27.96 -56.36
C THR E 63 -42.47 28.03 -55.86
N GLU E 64 -41.97 26.94 -55.29
CA GLU E 64 -40.60 26.94 -54.80
C GLU E 64 -39.60 27.00 -55.95
N LEU E 65 -40.04 26.64 -57.17
CA LEU E 65 -39.19 26.85 -58.33
C LEU E 65 -38.87 28.33 -58.52
N LEU E 66 -39.90 29.18 -58.56
CA LEU E 66 -39.65 30.61 -58.70
C LEU E 66 -38.97 31.17 -57.45
N ARG E 67 -39.28 30.62 -56.29
CA ARG E 67 -38.59 31.07 -55.07
C ARG E 67 -37.10 30.82 -55.14
N LEU E 68 -36.68 29.63 -55.59
CA LEU E 68 -35.27 29.34 -55.70
C LEU E 68 -34.63 30.12 -56.84
N TYR E 69 -35.40 30.39 -57.91
CA TYR E 69 -34.89 31.26 -58.97
C TYR E 69 -34.54 32.64 -58.40
N GLU E 70 -35.47 33.23 -57.64
CA GLU E 70 -35.20 34.53 -57.04
C GLU E 70 -34.00 34.46 -56.09
N HIS E 71 -33.95 33.42 -55.25
CA HIS E 71 -32.86 33.29 -54.29
C HIS E 71 -31.51 33.19 -54.99
N LEU E 72 -31.44 32.40 -56.05
CA LEU E 72 -30.21 32.30 -56.83
C LEU E 72 -29.88 33.64 -57.48
N GLU E 73 -30.90 34.42 -57.82
CA GLU E 73 -30.65 35.76 -58.36
C GLU E 73 -29.98 36.65 -57.32
N GLN E 74 -30.50 36.67 -56.08
CA GLN E 74 -29.82 37.49 -55.07
C GLN E 74 -28.42 36.97 -54.79
N CYS E 75 -28.25 35.64 -54.82
CA CYS E 75 -26.90 35.09 -54.61
C CYS E 75 -25.94 35.55 -55.70
N ARG E 76 -26.38 35.53 -56.96
CA ARG E 76 -25.51 35.98 -58.04
C ARG E 76 -25.28 37.48 -57.99
N LYS E 77 -26.22 38.24 -57.40
CA LYS E 77 -25.99 39.66 -57.19
C LYS E 77 -24.77 39.89 -56.29
N GLN E 78 -24.62 39.06 -55.27
CA GLN E 78 -23.49 39.22 -54.35
C GLN E 78 -22.28 38.41 -54.81
N GLY E 79 -22.51 37.32 -55.54
CA GLY E 79 -21.41 36.54 -56.08
C GLY E 79 -21.54 35.04 -55.88
N ALA E 80 -20.54 34.45 -55.23
CA ALA E 80 -20.48 33.02 -54.93
C ALA E 80 -20.41 32.17 -56.19
N LEU E 81 -20.39 30.85 -56.01
CA LEU E 81 -20.37 29.90 -57.12
C LEU E 81 -21.39 28.81 -56.87
N MET E 82 -22.20 28.53 -57.89
CA MET E 82 -23.29 27.57 -57.80
C MET E 82 -23.08 26.50 -58.87
N TYR E 83 -23.69 25.33 -58.65
CA TYR E 83 -23.51 24.20 -59.55
C TYR E 83 -24.82 23.49 -59.83
N PHE E 84 -25.91 24.26 -59.96
CA PHE E 84 -27.22 23.67 -60.23
C PHE E 84 -27.34 23.25 -61.69
N LEU E 85 -28.22 22.29 -61.95
CA LEU E 85 -28.49 21.78 -63.28
C LEU E 85 -29.99 21.59 -63.45
N GLU E 86 -30.42 21.45 -64.70
CA GLU E 86 -31.79 21.08 -65.01
C GLU E 86 -31.83 20.25 -66.29
N ARG E 87 -32.82 19.39 -66.39
CA ARG E 87 -33.02 18.54 -67.56
C ARG E 87 -34.30 18.94 -68.27
N GLN E 88 -34.22 19.06 -69.60
CA GLN E 88 -35.40 19.43 -70.38
C GLN E 88 -36.38 18.27 -70.43
N GLY E 89 -37.65 18.57 -70.16
CA GLY E 89 -38.70 17.57 -70.18
C GLY E 89 -39.41 17.51 -71.51
N THR E 90 -40.66 17.06 -71.47
CA THR E 90 -41.47 17.00 -72.69
C THR E 90 -41.74 18.39 -73.26
N TYR E 91 -41.75 19.41 -72.41
CA TYR E 91 -41.88 20.80 -72.84
C TYR E 91 -40.75 21.61 -72.23
N SER E 92 -40.10 22.40 -73.07
CA SER E 92 -38.97 23.23 -72.64
C SER E 92 -38.62 24.19 -73.77
N GLY E 93 -37.65 25.05 -73.51
CA GLY E 93 -37.15 25.99 -74.49
C GLY E 93 -36.01 25.44 -75.31
N LEU E 94 -35.24 26.33 -75.92
CA LEU E 94 -34.10 25.96 -76.75
C LEU E 94 -32.82 26.37 -76.03
N MET E 95 -32.06 25.37 -75.57
CA MET E 95 -30.76 25.61 -74.97
C MET E 95 -29.74 24.75 -75.70
N LEU E 96 -28.68 25.38 -76.20
CA LEU E 96 -27.68 24.69 -77.00
C LEU E 96 -26.29 25.02 -76.46
N ASP E 97 -25.36 24.09 -76.67
CA ASP E 97 -23.98 24.25 -76.25
C ASP E 97 -23.05 24.24 -77.45
N TYR E 98 -22.17 25.24 -77.53
CA TYR E 98 -21.22 25.39 -78.62
C TYR E 98 -19.81 25.20 -78.08
N ASP E 99 -19.09 24.23 -78.64
CA ASP E 99 -17.69 24.00 -78.28
C ASP E 99 -16.78 24.64 -79.32
N LEU E 100 -16.79 25.98 -79.31
CA LEU E 100 -16.02 26.75 -80.28
C LEU E 100 -14.53 26.73 -79.95
N LYS E 101 -13.80 25.75 -80.47
CA LYS E 101 -12.36 25.65 -80.25
C LYS E 101 -11.64 26.47 -81.33
N LEU E 102 -11.42 27.74 -81.01
CA LEU E 102 -10.79 28.65 -81.96
C LEU E 102 -9.30 28.36 -82.07
N ASN E 103 -8.72 28.77 -83.21
CA ASN E 103 -7.30 28.56 -83.44
C ASN E 103 -6.43 29.39 -82.50
N THR E 104 -6.85 30.62 -82.21
CA THR E 104 -6.10 31.51 -81.33
C THR E 104 -7.01 32.00 -80.20
N ASN E 105 -6.38 32.38 -79.09
CA ASN E 105 -7.10 32.87 -77.92
C ASN E 105 -7.26 34.39 -77.95
N ALA E 106 -7.78 34.90 -79.07
CA ALA E 106 -8.10 36.31 -79.21
C ALA E 106 -9.60 36.46 -79.36
N VAL E 107 -10.18 37.39 -78.61
CA VAL E 107 -11.64 37.50 -78.49
C VAL E 107 -12.24 38.01 -79.79
N PRO E 108 -13.11 37.24 -80.43
CA PRO E 108 -13.96 37.77 -81.50
C PRO E 108 -15.26 38.31 -80.95
N PRO E 109 -15.29 39.57 -80.53
CA PRO E 109 -16.49 40.08 -79.83
C PRO E 109 -17.75 39.88 -80.67
N LEU E 110 -18.79 39.39 -80.01
CA LEU E 110 -20.03 39.02 -80.69
C LEU E 110 -20.79 40.29 -81.06
N GLU E 111 -20.53 40.77 -82.28
CA GLU E 111 -21.16 41.99 -82.76
C GLU E 111 -22.65 41.76 -82.97
N PRO E 112 -23.45 42.81 -82.86
CA PRO E 112 -24.91 42.68 -83.09
C PRO E 112 -25.24 42.10 -84.46
N PRO E 113 -24.50 42.44 -85.53
CA PRO E 113 -24.77 41.75 -86.80
C PRO E 113 -24.60 40.23 -86.74
N ALA E 114 -23.59 39.74 -86.02
CA ALA E 114 -23.39 38.29 -85.93
C ALA E 114 -24.53 37.62 -85.17
N LEU E 115 -24.97 38.23 -84.06
CA LEU E 115 -26.08 37.68 -83.30
C LEU E 115 -27.37 37.73 -84.12
N SER E 116 -27.56 38.80 -84.89
CA SER E 116 -28.74 38.89 -85.76
C SER E 116 -28.70 37.80 -86.83
N ARG E 117 -27.52 37.54 -87.40
CA ARG E 117 -27.39 36.47 -88.38
C ARG E 117 -27.73 35.11 -87.77
N LEU E 118 -27.22 34.86 -86.56
CA LEU E 118 -27.50 33.59 -85.88
C LEU E 118 -28.99 33.45 -85.59
N CYS E 119 -29.61 34.54 -85.12
CA CYS E 119 -31.04 34.50 -84.81
C CYS E 119 -31.86 34.25 -86.07
N HIS E 120 -31.51 34.91 -87.17
CA HIS E 120 -32.24 34.71 -88.42
C HIS E 120 -32.05 33.28 -88.93
N ARG E 121 -30.84 32.72 -88.77
CA ARG E 121 -30.59 31.37 -89.24
C ARG E 121 -31.38 30.35 -88.43
N ILE E 122 -31.40 30.49 -87.10
CA ILE E 122 -32.21 29.57 -86.31
C ILE E 122 -33.69 29.77 -86.58
N PHE E 123 -34.08 31.02 -86.88
CA PHE E 123 -35.47 31.31 -87.26
C PHE E 123 -35.87 30.53 -88.51
N VAL E 124 -35.08 30.65 -89.58
CA VAL E 124 -35.41 29.97 -90.82
C VAL E 124 -35.23 28.46 -90.67
N HIS E 125 -34.39 28.04 -89.73
CA HIS E 125 -34.26 26.61 -89.43
C HIS E 125 -35.53 26.06 -88.78
N ILE E 126 -36.16 26.86 -87.90
CA ILE E 126 -37.35 26.38 -87.20
C ILE E 126 -38.65 26.73 -87.91
N LYS E 127 -38.60 27.48 -89.03
CA LYS E 127 -39.82 27.74 -89.79
C LYS E 127 -40.43 26.45 -90.35
N ASN E 128 -39.59 25.58 -90.92
CA ASN E 128 -40.08 24.37 -91.58
C ASN E 128 -40.32 23.27 -90.54
N SER E 129 -41.12 23.60 -89.53
CA SER E 129 -41.49 22.69 -88.47
C SER E 129 -42.79 23.18 -87.85
N SER E 130 -43.15 22.63 -86.69
CA SER E 130 -44.36 23.06 -86.01
C SER E 130 -44.18 24.48 -85.48
N VAL E 131 -45.16 25.34 -85.79
CA VAL E 131 -45.13 26.74 -85.36
C VAL E 131 -46.52 27.12 -84.84
N LEU E 132 -46.55 28.18 -84.04
CA LEU E 132 -47.80 28.67 -83.47
C LEU E 132 -48.65 29.35 -84.53
N ILE E 139 -40.48 36.50 -79.36
CA ILE E 139 -39.40 35.60 -78.96
C ILE E 139 -38.26 36.39 -78.35
N HIS E 140 -37.86 36.00 -77.14
CA HIS E 140 -36.78 36.66 -76.41
C HIS E 140 -35.48 35.90 -76.63
N PHE E 141 -34.42 36.63 -76.98
CA PHE E 141 -33.12 36.05 -77.26
C PHE E 141 -32.14 36.47 -76.17
N PHE E 142 -31.46 35.49 -75.59
CA PHE E 142 -30.48 35.73 -74.53
C PHE E 142 -29.15 35.11 -74.93
N PHE E 143 -28.08 35.89 -74.83
CA PHE E 143 -26.75 35.49 -75.27
C PHE E 143 -25.78 35.56 -74.11
N THR E 144 -25.03 34.48 -73.89
CA THR E 144 -24.00 34.43 -72.85
C THR E 144 -22.73 33.82 -73.43
N LEU E 145 -21.60 34.15 -72.82
CA LEU E 145 -20.30 33.72 -73.32
C LEU E 145 -19.35 33.45 -72.17
N LYS E 146 -18.22 32.84 -72.50
CA LYS E 146 -17.20 32.54 -71.51
C LYS E 146 -16.53 33.82 -71.02
N PRO E 147 -15.94 33.79 -69.81
CA PRO E 147 -15.04 34.87 -69.40
C PRO E 147 -13.71 34.86 -70.13
N GLU E 148 -13.51 33.92 -71.06
CA GLU E 148 -12.31 33.81 -71.88
C GLU E 148 -11.08 33.50 -71.05
N VAL E 149 -9.90 33.69 -71.65
CA VAL E 149 -8.61 33.32 -71.05
C VAL E 149 -8.68 31.84 -70.66
N VAL E 150 -8.68 30.97 -71.67
CA VAL E 150 -8.77 29.53 -71.46
C VAL E 150 -8.39 28.82 -72.77
N GLN E 151 -7.79 27.65 -72.67
CA GLN E 151 -7.49 26.87 -73.86
C GLN E 151 -8.77 26.43 -74.54
N GLY E 152 -8.76 26.42 -75.86
CA GLY E 152 -9.96 26.14 -76.63
C GLY E 152 -10.88 27.32 -76.82
N LYS E 153 -10.50 28.51 -76.36
CA LYS E 153 -11.25 29.76 -76.51
C LYS E 153 -12.62 29.58 -75.83
N TYR E 154 -13.64 30.29 -76.31
CA TYR E 154 -14.91 30.43 -75.62
C TYR E 154 -15.97 29.54 -76.27
N GLY E 155 -17.17 29.57 -75.68
CA GLY E 155 -18.32 28.90 -76.24
C GLY E 155 -19.55 29.79 -76.14
N PHE E 156 -20.63 29.34 -76.77
CA PHE E 156 -21.87 30.10 -76.83
C PHE E 156 -23.04 29.23 -76.40
N HIS E 157 -23.94 29.82 -75.61
CA HIS E 157 -25.15 29.13 -75.14
C HIS E 157 -26.32 30.08 -75.38
N VAL E 158 -27.06 29.85 -76.47
CA VAL E 158 -28.25 30.62 -76.76
C VAL E 158 -29.44 29.96 -76.08
N LEU E 159 -30.25 30.77 -75.39
CA LEU E 159 -31.39 30.27 -74.63
C LEU E 159 -32.66 30.90 -75.15
N ILE E 160 -33.58 30.05 -75.64
CA ILE E 160 -34.85 30.51 -76.20
C ILE E 160 -35.98 29.78 -75.49
N PRO E 161 -36.42 30.24 -74.32
CA PRO E 161 -37.49 29.55 -73.57
C PRO E 161 -38.91 29.95 -73.96
N GLY E 162 -39.11 30.62 -75.09
CA GLY E 162 -40.43 31.08 -75.44
C GLY E 162 -41.40 29.95 -75.74
N LEU E 163 -40.98 29.02 -76.61
CA LEU E 163 -41.86 27.95 -77.09
C LEU E 163 -41.60 26.66 -76.32
N LYS E 164 -42.45 25.66 -76.59
CA LYS E 164 -42.33 24.34 -75.97
C LYS E 164 -42.56 23.28 -77.05
N LEU E 165 -41.47 22.87 -77.70
CA LEU E 165 -41.52 21.86 -78.76
C LEU E 165 -40.44 20.81 -78.55
N ALA E 166 -40.26 20.38 -77.29
CA ALA E 166 -39.24 19.39 -76.97
C ALA E 166 -39.69 18.02 -77.45
N ALA E 167 -39.24 17.63 -78.62
CA ALA E 167 -39.60 16.35 -79.24
C ALA E 167 -38.53 15.98 -80.25
N SER E 168 -38.83 15.02 -81.11
CA SER E 168 -37.91 14.63 -82.17
C SER E 168 -37.66 15.77 -83.15
N THR E 169 -38.54 16.78 -83.18
CA THR E 169 -38.29 17.96 -83.98
C THR E 169 -37.03 18.68 -83.52
N LYS E 170 -36.75 18.64 -82.22
CA LYS E 170 -35.50 19.21 -81.70
C LYS E 170 -34.30 18.45 -82.26
N LYS E 171 -34.40 17.12 -82.34
CA LYS E 171 -33.32 16.34 -82.94
C LYS E 171 -33.15 16.67 -84.41
N SER E 172 -34.27 16.87 -85.13
CA SER E 172 -34.19 17.26 -86.54
C SER E 172 -33.51 18.62 -86.68
N ILE E 173 -33.85 19.56 -85.81
CA ILE E 173 -33.21 20.88 -85.83
C ILE E 173 -31.72 20.76 -85.52
N ILE E 174 -31.37 19.88 -84.58
CA ILE E 174 -29.96 19.66 -84.26
C ILE E 174 -29.21 19.14 -85.47
N GLY E 175 -29.80 18.18 -86.17
CA GLY E 175 -29.18 17.67 -87.39
C GLY E 175 -29.05 18.72 -88.46
N SER E 176 -30.09 19.57 -88.61
CA SER E 176 -30.05 20.63 -89.61
C SER E 176 -28.94 21.63 -89.32
N LEU E 177 -28.80 22.02 -88.04
CA LEU E 177 -27.71 22.92 -87.66
C LEU E 177 -26.36 22.25 -87.81
N GLN E 178 -26.28 20.93 -87.60
CA GLN E 178 -25.04 20.21 -87.87
C GLN E 178 -24.69 20.27 -89.35
N HIS E 179 -25.69 20.16 -90.22
CA HIS E 179 -25.50 20.29 -91.65
C HIS E 179 -25.57 21.73 -92.14
N ASP E 180 -25.82 22.68 -91.24
CA ASP E 180 -25.92 24.09 -91.62
C ASP E 180 -24.56 24.63 -92.06
N ALA E 181 -24.57 25.49 -93.07
CA ALA E 181 -23.34 26.09 -93.60
C ALA E 181 -23.25 27.58 -93.34
N THR E 182 -24.38 28.27 -93.17
CA THR E 182 -24.35 29.72 -92.94
C THR E 182 -23.70 30.03 -91.60
N VAL E 183 -24.04 29.26 -90.56
CA VAL E 183 -23.42 29.47 -89.25
C VAL E 183 -21.92 29.21 -89.33
N GLN E 184 -21.50 28.31 -90.22
CA GLN E 184 -20.08 28.03 -90.39
C GLN E 184 -19.33 29.27 -90.86
N LYS E 185 -19.87 29.96 -91.87
CA LYS E 185 -19.21 31.17 -92.35
C LYS E 185 -19.40 32.34 -91.38
N ILE E 186 -20.48 32.33 -90.62
CA ILE E 186 -20.66 33.34 -89.56
C ILE E 186 -19.54 33.20 -88.53
N LEU E 187 -19.25 31.97 -88.12
CA LEU E 187 -18.10 31.73 -87.24
C LEU E 187 -16.79 32.03 -87.96
N HIS E 188 -16.71 31.73 -89.25
CA HIS E 188 -15.51 32.05 -90.02
C HIS E 188 -15.25 33.55 -90.07
N GLU E 189 -16.32 34.36 -90.13
CA GLU E 189 -16.17 35.80 -90.06
C GLU E 189 -15.59 36.25 -88.71
N GLN E 190 -15.75 35.44 -87.67
CA GLN E 190 -15.18 35.72 -86.37
C GLN E 190 -13.80 35.11 -86.19
N GLY E 191 -13.22 34.54 -87.24
CA GLY E 191 -11.94 33.87 -87.13
C GLY E 191 -11.96 32.61 -86.29
N VAL E 192 -12.98 31.77 -86.47
CA VAL E 192 -13.13 30.53 -85.74
C VAL E 192 -12.72 29.39 -86.66
N THR E 193 -11.80 28.55 -86.21
CA THR E 193 -11.32 27.41 -86.97
C THR E 193 -12.19 26.16 -86.77
N ASN E 194 -13.32 26.29 -86.10
CA ASN E 194 -14.23 25.18 -85.83
C ASN E 194 -15.62 25.52 -86.35
N PRO E 195 -15.81 25.50 -87.67
CA PRO E 195 -17.14 25.80 -88.22
C PRO E 195 -18.22 24.84 -87.77
N GLU E 196 -17.86 23.56 -87.58
CA GLU E 196 -18.80 22.54 -87.14
C GLU E 196 -18.20 21.80 -85.95
N SER E 197 -18.91 20.77 -85.48
CA SER E 197 -18.56 19.92 -84.35
C SER E 197 -18.59 20.67 -83.03
N CYS E 198 -18.90 21.97 -83.02
CA CYS E 198 -19.03 22.69 -81.77
C CYS E 198 -20.33 22.32 -81.04
N LEU E 199 -21.42 22.18 -81.79
CA LEU E 199 -22.69 21.77 -81.22
C LEU E 199 -22.67 20.26 -80.97
N ASP E 200 -22.81 19.87 -79.71
CA ASP E 200 -22.86 18.45 -79.38
C ASP E 200 -24.12 17.82 -79.94
N PRO E 201 -24.03 16.62 -80.52
CA PRO E 201 -25.24 15.98 -81.07
C PRO E 201 -26.29 15.67 -80.02
N HIS E 202 -25.90 15.56 -78.75
CA HIS E 202 -26.83 15.31 -77.65
C HIS E 202 -27.18 16.58 -76.90
N SER E 203 -27.27 17.72 -77.60
CA SER E 203 -27.53 18.99 -76.93
C SER E 203 -28.90 18.99 -76.27
N ALA E 204 -29.91 18.45 -76.94
CA ALA E 204 -31.28 18.45 -76.44
C ALA E 204 -31.63 17.21 -75.63
N SER E 205 -30.70 16.27 -75.48
CA SER E 205 -30.97 15.03 -74.76
C SER E 205 -30.16 14.90 -73.47
N VAL E 206 -29.47 15.95 -73.05
CA VAL E 206 -28.71 15.93 -71.80
C VAL E 206 -29.15 17.09 -70.93
N PRO E 207 -29.04 16.98 -69.61
CA PRO E 207 -29.42 18.11 -68.74
C PRO E 207 -28.51 19.31 -68.94
N SER E 208 -29.10 20.49 -68.74
CA SER E 208 -28.40 21.76 -68.86
C SER E 208 -28.24 22.39 -67.47
N LEU E 209 -27.72 23.60 -67.43
CA LEU E 209 -27.52 24.34 -66.20
C LEU E 209 -28.14 25.72 -66.29
N LEU E 210 -28.67 26.20 -65.17
CA LEU E 210 -29.25 27.54 -65.12
C LEU E 210 -28.15 28.58 -65.30
N TYR E 211 -28.54 29.76 -65.78
CA TYR E 211 -27.60 30.85 -65.92
C TYR E 211 -27.00 31.20 -64.57
N GLY E 212 -25.67 31.27 -64.52
CA GLY E 212 -24.95 31.49 -63.29
C GLY E 212 -24.36 30.25 -62.68
N SER E 213 -24.75 29.06 -63.14
CA SER E 213 -24.19 27.81 -62.65
C SER E 213 -22.81 27.62 -63.27
N SER E 214 -21.77 27.76 -62.45
CA SER E 214 -20.41 27.65 -62.95
C SER E 214 -20.04 26.20 -63.22
N LYS E 215 -18.88 26.02 -63.85
CA LYS E 215 -18.32 24.70 -64.10
C LYS E 215 -17.24 24.39 -63.06
N LEU E 216 -16.85 23.12 -63.01
CA LEU E 216 -15.80 22.70 -62.09
C LEU E 216 -14.50 23.40 -62.43
N ASN E 217 -13.98 24.18 -61.48
CA ASN E 217 -12.76 24.95 -61.67
C ASN E 217 -12.85 25.88 -62.88
N HIS E 218 -14.03 26.49 -63.06
CA HIS E 218 -14.25 27.41 -64.16
C HIS E 218 -15.17 28.53 -63.70
N LYS E 219 -14.90 29.74 -64.19
CA LYS E 219 -15.70 30.89 -63.83
C LYS E 219 -17.08 30.82 -64.51
N PRO E 220 -18.14 31.21 -63.81
CA PRO E 220 -19.47 31.22 -64.42
C PRO E 220 -19.56 32.23 -65.56
N TYR E 221 -20.47 31.95 -66.48
CA TYR E 221 -20.56 32.74 -67.71
C TYR E 221 -21.22 34.09 -67.44
N GLN E 222 -21.08 34.99 -68.41
CA GLN E 222 -21.63 36.33 -68.33
C GLN E 222 -22.44 36.65 -69.58
N LEU E 223 -23.46 37.49 -69.40
CA LEU E 223 -24.32 37.89 -70.51
C LEU E 223 -23.76 39.13 -71.20
N LYS E 224 -23.81 39.13 -72.54
CA LYS E 224 -23.34 40.28 -73.30
C LYS E 224 -24.49 41.23 -73.66
N THR E 225 -25.59 40.69 -74.16
CA THR E 225 -26.76 41.49 -74.52
C THR E 225 -27.97 40.58 -74.63
N GLY E 226 -29.14 41.12 -74.27
CA GLY E 226 -30.38 40.39 -74.40
C GLY E 226 -31.41 41.15 -75.22
N PHE E 227 -31.75 40.63 -76.39
CA PHE E 227 -32.68 41.27 -77.31
C PHE E 227 -33.97 40.46 -77.37
N GLU E 228 -34.93 40.96 -78.14
CA GLU E 228 -36.21 40.29 -78.30
C GLU E 228 -36.78 40.60 -79.67
N LEU E 229 -37.69 39.74 -80.12
CA LEU E 229 -38.33 39.87 -81.42
C LEU E 229 -39.64 39.07 -81.35
N VAL E 230 -40.34 38.96 -82.49
CA VAL E 230 -41.60 38.24 -82.54
C VAL E 230 -41.73 37.63 -83.93
N PHE E 231 -42.36 36.46 -83.99
CA PHE E 231 -42.60 35.76 -85.25
C PHE E 231 -44.06 35.88 -85.64
N ASP E 232 -44.31 36.02 -86.94
CA ASP E 232 -45.66 36.15 -87.47
C ASP E 232 -46.04 34.85 -88.20
N SER E 233 -47.27 34.38 -87.93
CA SER E 233 -47.76 33.16 -88.56
C SER E 233 -48.00 33.35 -90.06
N SER E 234 -48.04 34.59 -90.55
CA SER E 234 -48.31 34.87 -91.95
C SER E 234 -47.11 35.45 -92.68
N ASP E 235 -46.44 36.45 -92.10
CA ASP E 235 -45.32 37.10 -92.76
C ASP E 235 -44.01 36.63 -92.13
N PRO E 236 -43.19 35.84 -92.83
CA PRO E 236 -41.91 35.41 -92.24
C PRO E 236 -40.79 36.44 -92.37
N LEU E 247 -31.86 45.63 -69.18
CA LEU E 247 -31.79 44.20 -68.98
C LEU E 247 -31.91 43.84 -67.51
N GLU E 248 -31.38 44.71 -66.65
CA GLU E 248 -31.45 44.50 -65.20
C GLU E 248 -32.78 45.00 -64.64
N SER E 249 -33.89 44.57 -65.25
CA SER E 249 -35.22 44.95 -64.81
C SER E 249 -36.15 43.75 -64.72
N TYR E 250 -35.61 42.54 -64.72
CA TYR E 250 -36.41 41.33 -64.66
C TYR E 250 -35.68 40.28 -63.84
N ASN E 251 -36.44 39.31 -63.34
CA ASN E 251 -35.87 38.14 -62.69
C ASN E 251 -35.28 37.20 -63.73
N LEU E 252 -34.02 37.42 -64.08
CA LEU E 252 -33.43 36.78 -65.26
C LEU E 252 -33.39 35.26 -65.13
N VAL E 253 -33.09 34.75 -63.94
CA VAL E 253 -33.05 33.30 -63.74
C VAL E 253 -34.44 32.71 -63.93
N SER E 254 -35.47 33.35 -63.36
CA SER E 254 -36.83 32.86 -63.51
C SER E 254 -37.29 32.93 -64.96
N GLU E 255 -36.95 34.01 -65.65
CA GLU E 255 -37.35 34.16 -67.05
C GLU E 255 -36.66 33.13 -67.94
N LEU E 256 -35.37 32.89 -67.71
CA LEU E 256 -34.60 32.00 -68.55
C LEU E 256 -34.84 30.52 -68.23
N SER E 257 -35.57 30.22 -67.15
CA SER E 257 -35.82 28.83 -66.80
C SER E 257 -36.73 28.18 -67.83
N LEU E 258 -36.37 26.95 -68.22
CA LEU E 258 -37.16 26.23 -69.21
C LEU E 258 -38.51 25.80 -68.66
N THR E 259 -38.54 25.39 -67.39
CA THR E 259 -39.77 24.88 -66.78
C THR E 259 -40.65 25.98 -66.21
N ASN E 260 -40.22 27.24 -66.26
CA ASN E 260 -40.99 28.35 -65.70
C ASN E 260 -41.91 28.89 -66.79
N GLU E 261 -43.16 28.44 -66.79
CA GLU E 261 -44.14 28.92 -67.77
C GLU E 261 -44.65 30.31 -67.42
N GLN E 262 -44.74 30.65 -66.13
CA GLN E 262 -45.35 31.88 -65.67
C GLN E 262 -44.35 33.02 -65.52
N GLY E 263 -43.29 33.04 -66.32
CA GLY E 263 -42.36 34.16 -66.29
C GLY E 263 -42.99 35.44 -66.79
N SER E 264 -42.42 36.57 -66.36
CA SER E 264 -42.95 37.87 -66.73
C SER E 264 -42.45 38.31 -68.10
N LEU E 265 -41.12 38.43 -68.25
CA LEU E 265 -40.56 38.90 -69.51
C LEU E 265 -40.86 37.94 -70.66
N VAL E 266 -40.72 36.64 -70.43
CA VAL E 266 -40.97 35.64 -71.44
C VAL E 266 -42.36 35.05 -71.23
N ARG E 267 -42.89 34.43 -72.29
CA ARG E 267 -44.19 33.80 -72.24
C ARG E 267 -44.09 32.39 -72.80
N PRO E 268 -44.97 31.47 -72.36
CA PRO E 268 -44.92 30.08 -72.85
C PRO E 268 -45.62 29.89 -74.19
N VAL E 269 -44.90 30.19 -75.26
CA VAL E 269 -45.43 30.07 -76.62
C VAL E 269 -45.65 28.60 -76.96
N SER E 289 -23.47 2.60 -61.02
CA SER E 289 -24.18 3.06 -59.83
C SER E 289 -23.21 3.65 -58.81
N LEU E 290 -22.94 4.95 -58.94
CA LEU E 290 -22.01 5.62 -58.04
C LEU E 290 -22.65 5.80 -56.67
N SER E 291 -23.72 6.61 -56.61
CA SER E 291 -24.68 6.61 -55.52
C SER E 291 -24.05 6.64 -54.12
N ILE E 292 -23.97 5.46 -53.50
CA ILE E 292 -23.47 5.35 -52.13
C ILE E 292 -22.04 5.83 -52.03
N LEU E 293 -21.28 5.75 -53.12
CA LEU E 293 -19.93 6.31 -53.12
C LEU E 293 -19.94 7.82 -52.99
N MET E 294 -21.07 8.47 -53.30
CA MET E 294 -21.23 9.90 -53.09
C MET E 294 -21.88 10.22 -51.76
N LEU E 295 -22.96 9.52 -51.41
CA LEU E 295 -23.73 9.89 -50.22
C LEU E 295 -23.01 9.54 -48.91
N HIS E 296 -21.90 8.80 -48.99
CA HIS E 296 -21.20 8.39 -47.78
C HIS E 296 -20.24 9.49 -47.30
N ASP E 297 -19.47 9.16 -46.27
CA ASP E 297 -18.58 10.12 -45.64
C ASP E 297 -17.45 10.49 -46.60
N PRO E 298 -16.99 11.75 -46.59
CA PRO E 298 -15.80 12.11 -47.37
C PRO E 298 -14.55 11.33 -47.00
N GLU E 299 -14.56 10.59 -45.88
CA GLU E 299 -13.45 9.70 -45.57
C GLU E 299 -13.29 8.65 -46.65
N ALA E 300 -14.41 8.08 -47.13
CA ALA E 300 -14.35 7.17 -48.26
C ALA E 300 -13.82 7.87 -49.52
N ARG E 301 -14.06 9.17 -49.64
CA ARG E 301 -13.53 9.88 -50.80
C ARG E 301 -12.01 10.00 -50.72
N TYR E 302 -11.50 10.40 -49.55
CA TYR E 302 -10.06 10.35 -49.30
C TYR E 302 -9.52 8.96 -49.60
N LEU E 303 -10.26 7.91 -49.22
CA LEU E 303 -9.81 6.56 -49.47
C LEU E 303 -9.72 6.25 -50.96
N HIS E 304 -10.71 6.68 -51.75
CA HIS E 304 -10.63 6.30 -53.16
C HIS E 304 -9.50 7.07 -53.82
N LYS E 305 -9.29 8.32 -53.40
CA LYS E 305 -8.15 9.08 -53.89
C LYS E 305 -6.85 8.34 -53.61
N ILE E 306 -6.65 7.92 -52.37
CA ILE E 306 -5.42 7.23 -52.00
C ILE E 306 -5.25 5.94 -52.80
N LEU E 307 -6.32 5.17 -52.95
CA LEU E 307 -6.18 3.89 -53.63
C LEU E 307 -5.96 4.07 -55.14
N ASN E 308 -6.52 5.13 -55.73
CA ASN E 308 -6.24 5.38 -57.14
C ASN E 308 -4.93 6.10 -57.37
N LEU E 309 -4.25 6.57 -56.31
CA LEU E 309 -2.86 6.99 -56.47
C LEU E 309 -1.96 5.83 -56.87
N LEU E 310 -2.37 4.57 -56.58
CA LEU E 310 -1.63 3.34 -56.82
C LEU E 310 -1.91 2.79 -58.22
N PRO E 311 -0.95 2.09 -58.80
CA PRO E 311 -1.17 1.44 -60.09
C PRO E 311 -2.08 0.23 -59.96
N PRO E 312 -2.59 -0.31 -61.05
CA PRO E 312 -3.39 -1.54 -60.99
C PRO E 312 -2.57 -2.81 -60.77
N GLU E 313 -1.30 -2.69 -60.38
CA GLU E 313 -0.49 -3.87 -60.11
C GLU E 313 -1.08 -4.71 -58.98
N TYR E 314 -1.55 -4.06 -57.93
CA TYR E 314 -2.21 -4.79 -56.84
C TYR E 314 -3.53 -5.40 -57.29
N TYR E 315 -4.12 -4.91 -58.38
CA TYR E 315 -5.32 -5.48 -58.95
C TYR E 315 -5.03 -6.72 -59.79
N VAL E 316 -3.77 -7.02 -60.07
CA VAL E 316 -3.42 -8.16 -60.91
C VAL E 316 -3.19 -9.42 -60.08
N GLU E 317 -2.39 -9.32 -59.02
CA GLU E 317 -2.04 -10.49 -58.24
C GLU E 317 -3.21 -10.98 -57.40
N TYR E 318 -3.49 -12.28 -57.47
CA TYR E 318 -4.49 -12.86 -56.59
C TYR E 318 -4.14 -12.74 -55.11
N PRO E 319 -2.91 -12.99 -54.66
CA PRO E 319 -2.60 -12.69 -53.25
C PRO E 319 -2.83 -11.23 -52.89
N LEU E 320 -2.50 -10.30 -53.78
CA LEU E 320 -2.81 -8.90 -53.53
C LEU E 320 -4.30 -8.63 -53.59
N TRP E 321 -5.02 -9.36 -54.46
CA TRP E 321 -6.47 -9.30 -54.45
C TRP E 321 -7.03 -9.63 -53.07
N SER E 322 -6.61 -10.77 -52.51
CA SER E 322 -7.09 -11.16 -51.19
C SER E 322 -6.65 -10.18 -50.13
N ASN E 323 -5.42 -9.66 -50.23
CA ASN E 323 -4.93 -8.71 -49.26
C ASN E 323 -5.80 -7.45 -49.22
N VAL E 324 -6.08 -6.87 -50.39
CA VAL E 324 -6.89 -5.66 -50.41
C VAL E 324 -8.33 -5.96 -50.02
N VAL E 325 -8.86 -7.13 -50.40
CA VAL E 325 -10.21 -7.49 -50.00
C VAL E 325 -10.32 -7.57 -48.49
N PHE E 326 -9.37 -8.24 -47.84
CA PHE E 326 -9.41 -8.37 -46.40
C PHE E 326 -9.14 -7.04 -45.70
N ALA E 327 -8.29 -6.20 -46.29
CA ALA E 327 -8.05 -4.87 -45.72
C ALA E 327 -9.33 -4.04 -45.74
N LEU E 328 -10.05 -4.06 -46.87
CA LEU E 328 -11.30 -3.32 -46.95
C LEU E 328 -12.38 -3.92 -46.05
N ALA E 329 -12.43 -5.25 -45.95
CA ALA E 329 -13.39 -5.90 -45.07
C ALA E 329 -13.07 -5.67 -43.60
N ASN E 330 -11.83 -5.29 -43.28
CA ASN E 330 -11.50 -4.96 -41.90
C ASN E 330 -12.25 -3.72 -41.43
N THR E 331 -12.65 -2.85 -42.36
CA THR E 331 -13.45 -1.67 -42.04
C THR E 331 -14.89 -1.93 -42.48
N SER E 332 -15.63 -2.59 -41.60
CA SER E 332 -17.05 -2.93 -41.81
C SER E 332 -17.17 -3.74 -43.10
N ALA E 333 -18.32 -3.62 -43.78
CA ALA E 333 -18.53 -4.32 -45.04
C ALA E 333 -19.16 -3.45 -46.12
N ASN E 334 -19.42 -2.16 -45.84
CA ASN E 334 -20.00 -1.27 -46.83
C ASN E 334 -19.04 -0.94 -47.97
N TYR E 335 -17.78 -1.30 -47.86
CA TYR E 335 -16.79 -1.04 -48.90
C TYR E 335 -16.75 -2.12 -49.96
N ARG E 336 -17.60 -3.15 -49.86
CA ARG E 336 -17.70 -4.13 -50.93
C ARG E 336 -18.10 -3.50 -52.25
N PRO E 337 -19.12 -2.63 -52.33
CA PRO E 337 -19.32 -1.87 -53.57
C PRO E 337 -18.13 -0.99 -53.93
N LEU E 338 -17.43 -0.45 -52.92
CA LEU E 338 -16.21 0.28 -53.20
C LEU E 338 -15.15 -0.63 -53.82
N ALA E 339 -15.04 -1.86 -53.32
CA ALA E 339 -14.11 -2.81 -53.91
C ALA E 339 -14.48 -3.14 -55.35
N GLU E 340 -15.78 -3.32 -55.62
CA GLU E 340 -16.21 -3.58 -56.99
C GLU E 340 -15.91 -2.38 -57.90
N TRP E 341 -16.11 -1.17 -57.37
CA TRP E 341 -15.76 0.03 -58.13
C TRP E 341 -14.28 0.06 -58.44
N PHE E 342 -13.45 -0.32 -57.47
CA PHE E 342 -12.01 -0.44 -57.73
C PHE E 342 -11.73 -1.63 -58.65
N SER E 343 -12.63 -2.61 -58.68
CA SER E 343 -12.41 -3.81 -59.49
C SER E 343 -12.78 -3.59 -60.94
N GLN E 344 -12.26 -2.52 -61.55
CA GLN E 344 -12.43 -2.29 -62.98
C GLN E 344 -11.17 -1.74 -63.63
N LYS E 345 -10.05 -1.68 -62.91
CA LYS E 345 -8.83 -1.13 -63.48
C LYS E 345 -8.36 -1.95 -64.68
N CYS E 346 -8.42 -3.27 -64.58
CA CYS E 346 -8.05 -4.16 -65.68
C CYS E 346 -8.66 -5.53 -65.43
N PRO E 347 -9.96 -5.70 -65.63
CA PRO E 347 -10.63 -6.96 -65.25
C PRO E 347 -10.37 -8.09 -66.22
N GLU E 348 -9.11 -8.48 -66.41
CA GLU E 348 -8.80 -9.62 -67.24
C GLU E 348 -9.35 -10.91 -66.63
N LYS E 349 -9.21 -11.07 -65.32
CA LYS E 349 -9.69 -12.24 -64.61
C LYS E 349 -10.91 -11.97 -63.74
N TRP E 350 -11.31 -10.71 -63.58
CA TRP E 350 -12.45 -10.40 -62.72
C TRP E 350 -13.74 -10.96 -63.30
N ASN E 351 -14.01 -10.67 -64.57
CA ASN E 351 -15.18 -11.27 -65.23
C ASN E 351 -14.94 -12.75 -65.50
N THR E 352 -15.99 -13.56 -65.30
CA THR E 352 -15.88 -15.01 -65.34
C THR E 352 -14.70 -15.48 -64.49
N GLY E 353 -14.81 -15.20 -63.20
CA GLY E 353 -13.65 -15.20 -62.32
C GLY E 353 -13.92 -14.39 -61.08
N GLY E 354 -13.06 -13.39 -60.82
CA GLY E 354 -13.20 -12.49 -59.69
C GLY E 354 -14.60 -11.95 -59.46
N LYS E 355 -15.43 -11.93 -60.52
CA LYS E 355 -16.83 -11.61 -60.33
C LYS E 355 -17.57 -12.67 -59.51
N GLU E 356 -16.97 -13.83 -59.29
CA GLU E 356 -17.52 -14.86 -58.42
C GLU E 356 -16.57 -15.24 -57.29
N LYS E 357 -15.29 -15.47 -57.59
CA LYS E 357 -14.37 -15.96 -56.56
C LYS E 357 -14.00 -14.86 -55.58
N LEU E 358 -13.82 -13.62 -56.06
CA LEU E 358 -13.54 -12.52 -55.15
C LEU E 358 -14.75 -12.19 -54.29
N GLU E 359 -15.97 -12.40 -54.82
CA GLU E 359 -17.15 -12.26 -54.00
C GLU E 359 -17.18 -13.30 -52.88
N LYS E 360 -16.76 -14.53 -53.18
CA LYS E 360 -16.62 -15.53 -52.13
C LYS E 360 -15.54 -15.14 -51.13
N LEU E 361 -14.46 -14.51 -51.61
CA LEU E 361 -13.44 -14.00 -50.70
C LEU E 361 -14.02 -12.96 -49.75
N TRP E 362 -14.83 -12.04 -50.27
CA TRP E 362 -15.52 -11.07 -49.42
C TRP E 362 -16.44 -11.77 -48.43
N ASN E 363 -17.17 -12.79 -48.89
CA ASN E 363 -18.11 -13.49 -48.03
C ASN E 363 -17.40 -14.18 -46.87
N ASP E 364 -16.27 -14.84 -47.14
CA ASP E 364 -15.53 -15.49 -46.06
C ASP E 364 -14.79 -14.49 -45.20
N ALA E 365 -14.40 -13.33 -45.75
CA ALA E 365 -13.79 -12.28 -44.94
C ALA E 365 -14.81 -11.59 -44.05
N SER E 366 -16.09 -11.64 -44.40
CA SER E 366 -17.12 -11.07 -43.53
C SER E 366 -17.13 -11.74 -42.17
N HIS E 367 -16.74 -13.02 -42.10
CA HIS E 367 -16.66 -13.75 -40.85
C HIS E 367 -15.27 -14.36 -40.66
N HIS E 368 -14.25 -13.71 -41.20
CA HIS E 368 -12.88 -14.23 -41.11
C HIS E 368 -12.36 -14.15 -39.68
N THR E 369 -11.45 -15.07 -39.35
CA THR E 369 -10.80 -15.12 -38.05
C THR E 369 -9.33 -15.47 -38.27
N GLU E 370 -8.48 -14.45 -38.35
CA GLU E 370 -7.05 -14.64 -38.55
C GLU E 370 -6.34 -13.38 -38.06
N LYS E 371 -5.08 -13.21 -38.49
CA LYS E 371 -4.28 -12.07 -38.05
C LYS E 371 -4.98 -10.74 -38.28
N LYS E 372 -5.81 -10.67 -39.31
CA LYS E 372 -6.65 -9.50 -39.59
C LYS E 372 -5.80 -8.26 -39.87
N ILE E 373 -5.02 -8.33 -40.95
CA ILE E 373 -4.26 -7.16 -41.40
C ILE E 373 -5.22 -6.05 -41.77
N THR E 374 -4.90 -4.83 -41.36
CA THR E 374 -5.82 -3.70 -41.45
C THR E 374 -5.23 -2.53 -42.21
N LYS E 375 -5.87 -1.37 -42.11
CA LYS E 375 -5.42 -0.15 -42.77
C LYS E 375 -4.07 0.30 -42.23
N ARG E 376 -3.59 1.45 -42.73
CA ARG E 376 -2.30 2.07 -42.48
C ARG E 376 -1.20 1.42 -43.31
N SER E 377 -1.51 0.37 -44.08
CA SER E 377 -0.51 -0.21 -44.98
C SER E 377 -0.54 0.48 -46.34
N ILE E 378 -1.73 0.84 -46.82
CA ILE E 378 -1.85 1.43 -48.16
C ILE E 378 -1.20 2.80 -48.20
N MET E 379 -1.29 3.57 -47.10
CA MET E 379 -0.64 4.87 -47.07
C MET E 379 0.88 4.72 -47.15
N TYR E 380 1.45 3.75 -46.44
CA TYR E 380 2.89 3.52 -46.54
C TYR E 380 3.26 3.02 -47.93
N TRP E 381 2.42 2.17 -48.54
CA TRP E 381 2.69 1.72 -49.90
C TRP E 381 2.73 2.89 -50.87
N ALA E 382 1.76 3.81 -50.75
CA ALA E 382 1.74 4.99 -51.60
C ALA E 382 2.97 5.87 -51.35
N HIS E 383 3.35 6.03 -50.08
CA HIS E 383 4.52 6.85 -49.77
C HIS E 383 5.79 6.26 -50.36
N LYS E 384 5.96 4.94 -50.27
CA LYS E 384 7.18 4.31 -50.77
C LYS E 384 7.15 4.09 -52.28
N HIS E 385 5.98 4.18 -52.91
CA HIS E 385 5.87 3.99 -54.35
C HIS E 385 5.95 5.31 -55.10
N ALA E 386 5.02 6.23 -54.82
CA ALA E 386 4.95 7.51 -55.51
C ALA E 386 4.88 8.63 -54.48
N PRO E 387 5.96 9.37 -54.26
CA PRO E 387 5.93 10.46 -53.27
C PRO E 387 5.15 11.68 -53.76
N GLN E 388 5.21 12.75 -52.98
CA GLN E 388 4.64 14.06 -53.34
C GLN E 388 3.12 14.05 -53.30
N GLN E 389 2.49 13.35 -54.25
CA GLN E 389 1.05 13.44 -54.43
C GLN E 389 0.29 13.19 -53.14
N TYR E 390 0.65 12.14 -52.41
CA TYR E 390 -0.02 11.86 -51.14
C TYR E 390 0.28 12.94 -50.11
N LYS E 391 1.49 13.50 -50.16
CA LYS E 391 1.86 14.54 -49.21
C LYS E 391 0.99 15.79 -49.40
N GLU E 392 0.83 16.23 -50.66
CA GLU E 392 -0.06 17.35 -50.92
C GLU E 392 -1.51 17.00 -50.59
N ILE E 393 -1.93 15.76 -50.85
CA ILE E 393 -3.30 15.37 -50.55
C ILE E 393 -3.57 15.50 -49.05
N VAL E 394 -2.67 14.94 -48.23
CA VAL E 394 -2.88 14.98 -46.78
C VAL E 394 -2.76 16.41 -46.26
N GLU E 395 -1.83 17.20 -46.82
CA GLU E 395 -1.70 18.59 -46.40
C GLU E 395 -2.98 19.35 -46.67
N GLN E 396 -3.54 19.20 -47.88
CA GLN E 396 -4.80 19.84 -48.20
C GLN E 396 -5.92 19.35 -47.29
N GLY E 397 -5.93 18.06 -46.97
CA GLY E 397 -6.94 17.51 -46.08
C GLY E 397 -6.96 18.17 -44.71
N TYR E 398 -5.83 18.14 -44.00
CA TYR E 398 -5.87 18.71 -42.66
C TYR E 398 -5.92 20.23 -42.69
N PHE E 399 -5.38 20.87 -43.74
CA PHE E 399 -5.57 22.30 -43.89
C PHE E 399 -7.05 22.65 -44.02
N SER E 400 -7.78 21.88 -44.82
CA SER E 400 -9.22 22.11 -44.96
C SER E 400 -9.95 21.87 -43.65
N ILE E 401 -9.55 20.84 -42.91
CA ILE E 401 -10.19 20.58 -41.62
C ILE E 401 -10.03 21.77 -40.68
N LEU E 402 -8.79 22.24 -40.53
CA LEU E 402 -8.55 23.34 -39.61
C LEU E 402 -9.24 24.61 -40.11
N ALA E 403 -9.22 24.85 -41.42
CA ALA E 403 -9.83 26.05 -41.97
C ALA E 403 -11.34 26.06 -41.76
N GLU E 404 -11.99 24.91 -41.95
CA GLU E 404 -13.44 24.88 -41.75
C GLU E 404 -13.79 25.03 -40.28
N TYR E 405 -12.96 24.48 -39.38
CA TYR E 405 -13.19 24.74 -37.96
C TYR E 405 -13.06 26.23 -37.65
N VAL E 406 -12.03 26.88 -38.18
CA VAL E 406 -11.83 28.30 -37.91
C VAL E 406 -12.99 29.11 -38.45
N TYR E 407 -13.42 28.82 -39.68
CA TYR E 407 -14.52 29.57 -40.28
C TYR E 407 -15.82 29.36 -39.51
N SER E 408 -16.10 28.12 -39.10
CA SER E 408 -17.34 27.85 -38.40
C SER E 408 -17.37 28.49 -37.01
N TYR E 409 -16.25 28.48 -36.30
CA TYR E 409 -16.24 29.00 -34.93
C TYR E 409 -15.49 30.32 -34.81
N ASN E 410 -15.34 31.05 -35.92
CA ASN E 410 -14.84 32.44 -35.91
C ASN E 410 -13.48 32.56 -35.25
N GLY E 411 -12.63 31.56 -35.46
CA GLY E 411 -11.26 31.61 -34.97
C GLY E 411 -11.08 31.59 -33.47
N MET E 412 -11.91 30.84 -32.74
CA MET E 412 -11.67 30.55 -31.32
C MET E 412 -11.37 29.05 -31.20
N LEU E 413 -10.09 28.71 -31.32
CA LEU E 413 -9.67 27.32 -31.26
C LEU E 413 -9.73 26.80 -29.83
N GLU E 414 -10.01 25.50 -29.70
CA GLU E 414 -10.07 24.85 -28.41
C GLU E 414 -9.28 23.54 -28.49
N HIS E 415 -9.36 22.76 -27.41
CA HIS E 415 -8.54 21.55 -27.32
C HIS E 415 -8.98 20.51 -28.35
N TYR E 416 -10.28 20.30 -28.49
CA TYR E 416 -10.76 19.18 -29.29
C TYR E 416 -10.41 19.34 -30.76
N MET E 417 -10.56 20.55 -31.30
CA MET E 417 -10.29 20.75 -32.72
C MET E 417 -8.82 20.51 -33.04
N ILE E 418 -7.92 21.03 -32.19
CA ILE E 418 -6.50 20.81 -32.40
C ILE E 418 -6.15 19.33 -32.26
N ALA E 419 -6.75 18.66 -31.28
CA ALA E 419 -6.51 17.24 -31.10
C ALA E 419 -6.96 16.44 -32.33
N LYS E 420 -8.13 16.79 -32.87
CA LYS E 420 -8.63 16.09 -34.06
C LYS E 420 -7.72 16.33 -35.25
N VAL E 421 -7.25 17.57 -35.44
CA VAL E 421 -6.34 17.83 -36.56
C VAL E 421 -5.05 17.04 -36.39
N ILE E 422 -4.52 17.00 -35.17
CA ILE E 422 -3.28 16.27 -34.93
C ILE E 422 -3.47 14.78 -35.20
N TYR E 423 -4.57 14.21 -34.72
CA TYR E 423 -4.85 12.79 -34.97
C TYR E 423 -4.99 12.52 -36.46
N ALA E 424 -5.67 13.41 -37.18
CA ALA E 424 -5.84 13.21 -38.62
C ALA E 424 -4.50 13.28 -39.35
N MET E 425 -3.62 14.16 -38.92
CA MET E 425 -2.42 14.43 -39.71
C MET E 425 -1.23 13.55 -39.34
N MET E 426 -1.16 13.05 -38.10
CA MET E 426 -0.02 12.22 -37.72
C MET E 426 -0.43 11.06 -36.81
N GLY E 427 -1.69 10.64 -36.87
CA GLY E 427 -2.18 9.62 -35.97
C GLY E 427 -1.78 8.20 -36.27
N ASN E 428 -0.94 7.98 -37.27
CA ASN E 428 -0.53 6.63 -37.65
C ASN E 428 0.68 6.14 -36.87
N LYS E 429 1.20 6.94 -35.94
CA LYS E 429 2.41 6.58 -35.21
C LYS E 429 2.21 6.34 -33.73
N PHE E 430 1.09 6.77 -33.15
CA PHE E 430 0.85 6.65 -31.73
C PHE E 430 -0.48 5.95 -31.47
N VAL E 431 -0.50 5.07 -30.47
CA VAL E 431 -1.72 4.44 -29.98
C VAL E 431 -1.69 4.46 -28.46
N VAL E 432 -2.88 4.37 -27.87
CA VAL E 432 -3.01 4.31 -26.42
C VAL E 432 -4.01 3.21 -26.05
N ASP E 433 -3.87 2.71 -24.82
CA ASP E 433 -4.75 1.68 -24.31
C ASP E 433 -4.70 1.70 -22.79
N VAL E 434 -5.69 1.07 -22.18
CA VAL E 434 -5.81 1.04 -20.73
C VAL E 434 -5.06 -0.16 -20.19
N ASP E 435 -4.19 0.06 -19.21
CA ASP E 435 -3.45 -1.02 -18.59
C ASP E 435 -4.33 -1.69 -17.53
N SER E 436 -3.74 -2.59 -16.74
CA SER E 436 -4.49 -3.28 -15.70
C SER E 436 -4.82 -2.38 -14.52
N ASN E 437 -4.14 -1.25 -14.38
CA ASN E 437 -4.36 -0.33 -13.28
C ASN E 437 -5.29 0.82 -13.63
N GLY E 438 -5.93 0.76 -14.80
CA GLY E 438 -6.79 1.85 -15.22
C GLY E 438 -6.05 3.15 -15.51
N LYS E 439 -4.89 3.06 -16.14
CA LYS E 439 -4.09 4.23 -16.48
C LYS E 439 -3.78 4.20 -17.96
N TYR E 440 -3.99 5.34 -18.63
CA TYR E 440 -3.71 5.44 -20.05
C TYR E 440 -2.21 5.39 -20.29
N VAL E 441 -1.80 4.61 -21.29
CA VAL E 441 -0.39 4.42 -21.62
C VAL E 441 -0.19 4.77 -23.09
N TRP E 442 0.87 5.53 -23.36
CA TRP E 442 1.18 5.97 -24.72
C TRP E 442 2.23 5.06 -25.33
N PHE E 443 1.97 4.60 -26.55
CA PHE E 443 2.89 3.74 -27.29
C PHE E 443 3.27 4.41 -28.60
N GLU E 444 4.56 4.42 -28.92
CA GLU E 444 5.06 5.08 -30.11
C GLU E 444 5.84 4.07 -30.94
N PHE E 445 5.57 4.06 -32.25
CA PHE E 445 6.24 3.16 -33.18
C PHE E 445 7.52 3.83 -33.67
N VAL E 446 8.67 3.32 -33.23
CA VAL E 446 9.95 3.94 -33.55
C VAL E 446 10.24 3.77 -35.04
N LEU E 447 11.04 4.68 -35.58
CA LEU E 447 11.38 4.71 -36.99
C LEU E 447 12.87 5.01 -37.13
N PRO E 448 13.51 4.54 -38.20
CA PRO E 448 14.92 4.84 -38.41
C PRO E 448 15.17 6.33 -38.53
N GLY E 449 16.37 6.75 -38.09
CA GLY E 449 16.72 8.16 -38.10
C GLY E 449 16.18 8.95 -36.94
N GLN E 450 15.93 8.30 -35.80
CA GLN E 450 15.35 8.94 -34.63
C GLN E 450 16.16 8.56 -33.40
N PRO E 451 16.32 9.48 -32.44
CA PRO E 451 16.96 9.11 -31.18
C PRO E 451 16.21 7.97 -30.51
N MET E 452 16.97 7.03 -29.97
CA MET E 452 16.40 5.75 -29.54
C MET E 452 17.46 4.97 -28.79
N ASN E 453 17.01 3.96 -28.05
CA ASN E 453 17.91 3.01 -27.44
C ASN E 453 18.43 2.03 -28.49
N GLN E 454 19.48 1.31 -28.14
CA GLN E 454 20.11 0.41 -29.09
C GLN E 454 19.25 -0.82 -29.33
N GLY E 455 19.06 -1.16 -30.60
CA GLY E 455 18.41 -2.40 -30.98
C GLY E 455 16.95 -2.51 -30.59
N GLU E 456 16.19 -1.43 -30.72
CA GLU E 456 14.74 -1.46 -30.51
C GLU E 456 14.01 -0.90 -31.72
N ILE E 457 14.60 -1.03 -32.90
CA ILE E 457 14.06 -0.42 -34.11
C ILE E 457 12.87 -1.23 -34.62
N TRP E 458 12.00 -0.54 -35.37
CA TRP E 458 10.86 -1.18 -36.06
C TRP E 458 9.93 -1.91 -35.10
N LYS E 459 9.72 -1.34 -33.91
CA LYS E 459 8.79 -1.96 -32.96
C LYS E 459 8.34 -0.91 -31.96
N TRP E 460 7.18 -1.15 -31.36
CA TRP E 460 6.59 -0.20 -30.43
C TRP E 460 7.40 -0.13 -29.14
N ARG E 461 7.37 1.04 -28.51
CA ARG E 461 8.00 1.25 -27.22
C ARG E 461 7.03 1.97 -26.30
N LYS E 462 7.15 1.70 -25.00
CA LYS E 462 6.27 2.31 -24.02
C LYS E 462 6.75 3.71 -23.68
N GLU E 463 5.85 4.69 -23.78
CA GLU E 463 6.16 6.09 -23.53
C GLU E 463 5.35 6.56 -22.34
N VAL E 464 6.02 7.04 -21.30
CA VAL E 464 5.32 7.60 -20.15
C VAL E 464 4.67 8.93 -20.52
N ASN E 465 5.25 9.67 -21.45
CA ASN E 465 4.74 10.97 -21.85
C ASN E 465 5.16 11.25 -23.29
N PRO E 466 4.21 11.45 -24.20
CA PRO E 466 4.57 11.58 -25.62
C PRO E 466 5.28 12.88 -25.94
N ASP E 467 6.60 12.91 -25.71
CA ASP E 467 7.39 14.11 -25.94
C ASP E 467 7.39 14.49 -27.41
N GLU E 468 7.50 13.49 -28.29
CA GLU E 468 7.47 13.75 -29.72
C GLU E 468 6.16 14.43 -30.12
N LEU E 469 5.05 13.99 -29.53
CA LEU E 469 3.77 14.63 -29.80
C LEU E 469 3.77 16.08 -29.34
N HIS E 470 4.38 16.36 -28.20
CA HIS E 470 4.49 17.72 -27.70
C HIS E 470 5.22 18.61 -28.70
N ILE E 471 6.41 18.18 -29.13
CA ILE E 471 7.19 18.98 -30.06
C ILE E 471 6.45 19.13 -31.39
N TYR E 472 5.77 18.05 -31.81
CA TYR E 472 5.06 18.07 -33.08
C TYR E 472 3.94 19.10 -33.05
N ILE E 473 3.11 19.08 -32.01
CA ILE E 473 2.02 20.05 -31.93
C ILE E 473 2.57 21.46 -31.70
N SER E 474 3.79 21.59 -31.18
CA SER E 474 4.35 22.92 -31.02
C SER E 474 4.84 23.48 -32.35
N GLU E 475 5.37 22.64 -33.24
CA GLU E 475 6.05 23.12 -34.44
C GLU E 475 5.22 22.95 -35.71
N ASN E 476 4.81 21.72 -36.04
CA ASN E 476 4.10 21.51 -37.30
C ASN E 476 2.75 22.18 -37.29
N PHE E 477 2.06 22.15 -36.15
CA PHE E 477 0.80 22.86 -36.04
C PHE E 477 0.99 24.36 -36.23
N SER E 478 2.07 24.91 -35.69
CA SER E 478 2.37 26.32 -35.91
C SER E 478 2.57 26.60 -37.39
N ARG E 479 3.22 25.68 -38.11
CA ARG E 479 3.35 25.83 -39.55
C ARG E 479 1.98 25.88 -40.22
N VAL E 480 1.05 25.01 -39.79
CA VAL E 480 -0.29 25.02 -40.35
C VAL E 480 -0.99 26.35 -40.07
N MET E 481 -0.82 26.89 -38.86
CA MET E 481 -1.40 28.19 -38.54
C MET E 481 -0.81 29.28 -39.42
N ASP E 482 0.49 29.19 -39.72
CA ASP E 482 1.10 30.16 -40.64
C ASP E 482 0.45 30.07 -42.01
N ARG E 483 0.19 28.86 -42.50
CA ARG E 483 -0.51 28.71 -43.77
C ARG E 483 -1.89 29.33 -43.72
N ILE E 484 -2.62 29.12 -42.61
CA ILE E 484 -3.95 29.69 -42.47
C ILE E 484 -3.89 31.21 -42.47
N THR E 485 -2.89 31.78 -41.79
CA THR E 485 -2.73 33.23 -41.77
C THR E 485 -2.45 33.76 -43.16
N GLU E 486 -1.62 33.06 -43.93
CA GLU E 486 -1.39 33.47 -45.31
C GLU E 486 -2.67 33.44 -46.12
N HIS E 487 -3.48 32.40 -45.94
CA HIS E 487 -4.73 32.28 -46.70
C HIS E 487 -5.69 33.42 -46.37
N ILE E 488 -5.86 33.71 -45.07
CA ILE E 488 -6.79 34.76 -44.68
C ILE E 488 -6.28 36.12 -45.13
N LYS E 489 -4.95 36.33 -45.09
CA LYS E 489 -4.40 37.58 -45.59
C LYS E 489 -4.65 37.74 -47.08
N TYR E 490 -4.48 36.65 -47.85
CA TYR E 490 -4.75 36.70 -49.29
C TYR E 490 -6.22 37.02 -49.55
N HIS E 491 -7.12 36.40 -48.80
CA HIS E 491 -8.55 36.73 -48.96
C HIS E 491 -8.85 38.16 -48.58
N LEU E 492 -8.16 38.71 -47.58
CA LEU E 492 -8.36 40.12 -47.24
C LEU E 492 -7.81 41.04 -48.31
N SER E 493 -6.78 40.59 -49.05
CA SER E 493 -6.16 41.44 -50.06
C SER E 493 -7.14 41.83 -51.15
N GLN E 494 -7.96 40.89 -51.62
CA GLN E 494 -8.90 41.16 -52.69
C GLN E 494 -9.95 42.16 -52.22
N PRO E 495 -10.37 43.10 -53.07
CA PRO E 495 -11.40 44.05 -52.66
C PRO E 495 -12.78 43.40 -52.63
N HIS E 496 -13.59 43.84 -51.68
CA HIS E 496 -14.94 43.32 -51.51
C HIS E 496 -15.83 44.44 -50.98
N GLU E 497 -17.05 44.09 -50.58
CA GLU E 497 -17.98 45.05 -50.00
C GLU E 497 -17.69 45.28 -48.53
N SER E 498 -18.64 45.86 -47.80
CA SER E 498 -18.44 46.30 -46.43
C SER E 498 -18.13 45.17 -45.45
N ASN E 499 -18.03 43.94 -45.95
CA ASN E 499 -17.70 42.83 -45.07
C ASN E 499 -16.23 42.85 -44.67
N ILE E 500 -15.37 43.41 -45.50
CA ILE E 500 -13.94 43.38 -45.21
C ILE E 500 -13.61 44.25 -44.00
N LEU E 501 -14.29 45.39 -43.86
CA LEU E 501 -13.93 46.33 -42.81
C LEU E 501 -14.22 45.79 -41.42
N ASN E 502 -15.15 44.84 -41.30
CA ASN E 502 -15.50 44.30 -40.00
C ASN E 502 -15.22 42.81 -39.87
N TYR E 503 -15.75 41.97 -40.77
CA TYR E 503 -15.75 40.53 -40.54
C TYR E 503 -14.35 39.95 -40.58
N TYR E 504 -13.63 40.13 -41.69
CA TYR E 504 -12.30 39.56 -41.79
C TYR E 504 -11.33 40.22 -40.82
N LYS E 505 -11.51 41.51 -40.52
CA LYS E 505 -10.64 42.13 -39.53
C LYS E 505 -10.85 41.51 -38.15
N LYS E 506 -12.10 41.27 -37.76
CA LYS E 506 -12.37 40.62 -36.47
C LYS E 506 -11.85 39.20 -36.47
N LEU E 507 -12.03 38.47 -37.58
CA LEU E 507 -11.55 37.10 -37.66
C LEU E 507 -10.03 37.04 -37.55
N LEU E 508 -9.34 37.95 -38.23
CA LEU E 508 -7.88 37.98 -38.16
C LEU E 508 -7.40 38.34 -36.76
N LYS E 509 -8.08 39.29 -36.10
CA LYS E 509 -7.70 39.63 -34.74
C LYS E 509 -7.89 38.44 -33.80
N ALA E 510 -9.03 37.75 -33.93
CA ALA E 510 -9.27 36.59 -33.08
C ALA E 510 -8.26 35.48 -33.33
N PHE E 511 -7.94 35.21 -34.59
CA PHE E 511 -6.98 34.16 -34.90
C PHE E 511 -5.58 34.52 -34.43
N GLU E 512 -5.20 35.80 -34.55
CA GLU E 512 -3.92 36.23 -34.04
C GLU E 512 -3.85 36.08 -32.53
N ARG E 513 -4.95 36.41 -31.83
CA ARG E 513 -5.00 36.21 -30.39
C ARG E 513 -4.87 34.74 -30.03
N SER E 514 -5.55 33.87 -30.78
CA SER E 514 -5.57 32.45 -30.45
C SER E 514 -4.32 31.69 -30.91
N LYS E 515 -3.51 32.29 -31.79
CA LYS E 515 -2.34 31.58 -32.29
C LYS E 515 -1.35 31.26 -31.18
N SER E 516 -1.14 32.19 -30.24
CA SER E 516 -0.18 31.98 -29.17
C SER E 516 -0.62 30.92 -28.18
N LYS E 517 -1.88 30.46 -28.24
CA LYS E 517 -2.37 29.49 -27.27
C LYS E 517 -1.66 28.15 -27.39
N ILE E 518 -1.10 27.85 -28.56
CA ILE E 518 -0.51 26.53 -28.81
C ILE E 518 0.85 26.44 -28.13
N PHE E 519 1.34 27.55 -27.59
CA PHE E 519 2.61 27.58 -26.88
C PHE E 519 2.46 27.49 -25.37
N ASN E 520 1.23 27.39 -24.88
CA ASN E 520 0.97 27.31 -23.44
C ASN E 520 1.03 25.86 -22.98
N ASP E 521 1.52 25.67 -21.75
CA ASP E 521 1.70 24.32 -21.22
C ASP E 521 0.36 23.66 -20.91
N SER E 522 -0.53 24.38 -20.23
CA SER E 522 -1.82 23.81 -19.86
C SER E 522 -2.65 23.48 -21.10
N PHE E 523 -2.54 24.31 -22.13
CA PHE E 523 -3.26 24.03 -23.38
C PHE E 523 -2.78 22.73 -24.01
N LYS E 524 -1.45 22.52 -24.03
CA LYS E 524 -0.92 21.26 -24.53
C LYS E 524 -1.39 20.08 -23.68
N LYS E 525 -1.42 20.26 -22.36
CA LYS E 525 -1.90 19.19 -21.50
C LYS E 525 -3.34 18.84 -21.83
N GLY E 526 -4.19 19.84 -22.04
CA GLY E 526 -5.57 19.56 -22.39
C GLY E 526 -5.72 18.87 -23.73
N VAL E 527 -4.99 19.35 -24.76
CA VAL E 527 -5.12 18.72 -26.06
C VAL E 527 -4.62 17.28 -26.03
N ILE E 528 -3.58 17.01 -25.25
CA ILE E 528 -3.10 15.64 -25.12
C ILE E 528 -4.11 14.79 -24.33
N ARG E 529 -4.72 15.37 -23.30
CA ARG E 529 -5.72 14.62 -22.55
C ARG E 529 -6.88 14.20 -23.42
N GLN E 530 -7.27 15.05 -24.38
CA GLN E 530 -8.34 14.64 -25.29
C GLN E 530 -7.85 13.77 -26.45
N ALA E 531 -6.59 13.94 -26.88
CA ALA E 531 -6.01 13.00 -27.81
C ALA E 531 -5.91 11.60 -27.21
N GLU E 532 -5.90 11.51 -25.88
CA GLU E 532 -5.98 10.19 -25.25
C GLU E 532 -7.27 9.47 -25.65
N PHE E 533 -8.40 10.19 -25.61
CA PHE E 533 -9.64 9.60 -26.07
C PHE E 533 -9.61 9.36 -27.58
N LEU E 534 -9.05 10.31 -28.33
CA LEU E 534 -9.11 10.20 -29.79
C LEU E 534 -8.27 9.04 -30.32
N PHE E 535 -7.12 8.79 -29.71
CA PHE E 535 -6.17 7.78 -30.17
C PHE E 535 -6.45 6.40 -29.60
N ARG E 536 -7.49 6.25 -28.78
CA ARG E 536 -7.66 5.04 -28.00
C ARG E 536 -8.04 3.87 -28.90
N GLN E 537 -7.23 2.82 -28.87
CA GLN E 537 -7.44 1.62 -29.70
C GLN E 537 -7.77 0.46 -28.77
N ARG E 538 -8.95 -0.10 -28.94
CA ARG E 538 -9.38 -1.22 -28.11
C ARG E 538 -8.61 -2.48 -28.45
N SER E 539 -8.38 -3.31 -27.44
CA SER E 539 -7.71 -4.60 -27.59
C SER E 539 -6.30 -4.44 -28.17
N PHE E 540 -5.46 -3.75 -27.43
CA PHE E 540 -4.06 -3.59 -27.82
C PHE E 540 -3.08 -4.12 -26.79
N ILE E 541 -3.33 -3.90 -25.50
CA ILE E 541 -2.45 -4.42 -24.47
C ILE E 541 -2.48 -5.94 -24.45
N GLN E 542 -3.69 -6.51 -24.47
CA GLN E 542 -3.82 -7.96 -24.37
C GLN E 542 -3.38 -8.69 -25.63
N THR E 543 -3.33 -8.01 -26.77
CA THR E 543 -2.90 -8.62 -28.02
C THR E 543 -1.40 -8.48 -28.27
N LEU E 544 -0.68 -7.81 -27.38
CA LEU E 544 0.75 -7.65 -27.55
C LEU E 544 1.47 -8.98 -27.30
N ASP E 545 2.39 -9.33 -28.20
CA ASP E 545 3.26 -10.49 -28.07
C ASP E 545 2.49 -11.81 -28.02
N THR E 546 1.27 -11.83 -28.56
CA THR E 546 0.51 -13.07 -28.58
C THR E 546 0.98 -14.03 -29.66
N ASN E 547 1.45 -13.50 -30.78
CA ASN E 547 1.92 -14.37 -31.86
C ASN E 547 3.23 -15.03 -31.46
N PRO E 548 3.30 -16.36 -31.42
CA PRO E 548 4.56 -17.01 -31.05
C PRO E 548 5.54 -17.17 -32.20
N HIS E 549 5.12 -16.88 -33.43
CA HIS E 549 6.00 -17.00 -34.59
C HIS E 549 6.82 -15.75 -34.85
N LEU E 550 6.63 -14.69 -34.07
CA LEU E 550 7.36 -13.45 -34.24
C LEU E 550 8.21 -13.21 -33.00
N LEU E 551 9.51 -13.02 -33.20
CA LEU E 551 10.46 -12.83 -32.12
C LEU E 551 11.15 -11.48 -32.29
N GLY E 552 11.03 -10.62 -31.28
CA GLY E 552 11.72 -9.34 -31.31
C GLY E 552 13.22 -9.50 -31.32
N VAL E 553 13.88 -8.85 -32.28
CA VAL E 553 15.32 -8.97 -32.46
C VAL E 553 15.89 -7.57 -32.62
N GLY E 554 17.21 -7.45 -32.43
CA GLY E 554 17.87 -6.16 -32.47
C GLY E 554 17.91 -5.50 -33.83
N ASN E 555 17.50 -6.21 -34.88
CA ASN E 555 17.46 -5.65 -36.23
C ASN E 555 16.04 -5.61 -36.80
N GLY E 556 15.04 -5.74 -35.94
CA GLY E 556 13.66 -5.80 -36.40
C GLY E 556 12.88 -6.90 -35.70
N VAL E 557 12.37 -7.85 -36.49
CA VAL E 557 11.63 -8.97 -35.93
C VAL E 557 11.72 -10.14 -36.91
N LEU E 558 11.82 -11.35 -36.36
CA LEU E 558 11.96 -12.56 -37.17
C LEU E 558 10.58 -13.15 -37.48
N SER E 559 10.47 -13.74 -38.65
CA SER E 559 9.26 -14.46 -39.08
C SER E 559 9.64 -15.91 -39.27
N ILE E 560 9.27 -16.75 -38.31
CA ILE E 560 9.66 -18.16 -38.30
C ILE E 560 8.48 -19.08 -38.60
N GLU E 561 7.29 -18.53 -38.85
CA GLU E 561 6.16 -19.38 -39.21
C GLU E 561 6.35 -20.00 -40.59
N THR E 562 7.18 -19.40 -41.43
CA THR E 562 7.48 -19.94 -42.75
C THR E 562 8.91 -20.48 -42.77
N ILE E 563 9.15 -21.36 -43.74
CA ILE E 563 10.46 -21.99 -43.94
C ILE E 563 11.05 -21.45 -45.24
N PRO E 564 12.29 -20.92 -45.22
CA PRO E 564 13.14 -20.76 -44.04
C PRO E 564 12.77 -19.52 -43.24
N ALA E 565 13.57 -19.22 -42.21
CA ALA E 565 13.31 -18.05 -41.38
C ALA E 565 13.45 -16.78 -42.21
N LYS E 566 12.58 -15.81 -41.94
CA LYS E 566 12.54 -14.56 -42.68
C LYS E 566 12.65 -13.38 -41.71
N LEU E 567 13.55 -12.45 -42.04
CA LEU E 567 13.76 -11.25 -41.25
C LEU E 567 13.21 -10.05 -42.00
N ILE E 568 12.40 -9.24 -41.33
CA ILE E 568 11.82 -8.04 -41.90
C ILE E 568 12.33 -6.84 -41.12
N ASN E 569 12.80 -5.84 -41.85
CA ASN E 569 13.33 -4.61 -41.27
C ASN E 569 12.71 -3.39 -41.93
N HIS E 570 11.42 -3.47 -42.22
CA HIS E 570 10.68 -2.38 -42.83
C HIS E 570 9.34 -2.26 -42.11
N PHE E 571 8.44 -1.47 -42.68
CA PHE E 571 7.14 -1.24 -42.05
C PHE E 571 6.34 -2.53 -41.98
N HIS E 572 5.57 -2.67 -40.90
CA HIS E 572 4.74 -3.85 -40.69
C HIS E 572 3.64 -3.49 -39.70
N GLU E 573 2.59 -4.32 -39.68
CA GLU E 573 1.47 -4.13 -38.79
C GLU E 573 1.48 -5.06 -37.59
N HIS E 574 2.52 -5.86 -37.42
CA HIS E 574 2.56 -6.82 -36.32
C HIS E 574 2.80 -6.08 -35.01
N PRO E 575 1.96 -6.28 -34.00
CA PRO E 575 2.13 -5.61 -32.69
C PRO E 575 3.16 -6.31 -31.81
N ILE E 576 4.43 -5.99 -32.05
CA ILE E 576 5.54 -6.54 -31.28
C ILE E 576 6.16 -5.42 -30.47
N HIS E 577 6.34 -5.65 -29.18
CA HIS E 577 6.94 -4.67 -28.27
C HIS E 577 8.15 -5.20 -27.53
N GLN E 578 8.11 -6.44 -27.07
CA GLN E 578 9.25 -7.04 -26.41
C GLN E 578 10.31 -7.43 -27.44
N TYR E 579 11.56 -7.47 -27.01
CA TYR E 579 12.66 -7.70 -27.94
C TYR E 579 13.88 -8.19 -27.18
N THR E 580 14.85 -8.69 -27.95
CA THR E 580 16.20 -8.95 -27.47
C THR E 580 17.17 -8.03 -28.18
N HIS E 581 18.28 -7.72 -27.52
CA HIS E 581 19.17 -6.65 -27.94
C HIS E 581 20.35 -7.13 -28.79
N ILE E 582 20.24 -8.30 -29.43
CA ILE E 582 21.33 -8.86 -30.21
C ILE E 582 20.83 -9.08 -31.64
N CYS E 583 21.61 -8.61 -32.61
CA CYS E 583 21.21 -8.69 -34.01
C CYS E 583 21.23 -10.13 -34.50
N TYR E 584 20.59 -10.35 -35.66
CA TYR E 584 20.47 -11.66 -36.28
C TYR E 584 21.14 -11.67 -37.64
N VAL E 585 21.83 -12.77 -37.94
CA VAL E 585 22.47 -12.96 -39.23
C VAL E 585 22.15 -14.37 -39.74
N PRO E 586 22.16 -14.60 -41.04
CA PRO E 586 21.91 -15.96 -41.55
C PRO E 586 23.00 -16.93 -41.09
N PHE E 587 22.61 -18.20 -40.95
CA PHE E 587 23.51 -19.21 -40.43
C PHE E 587 24.57 -19.55 -41.47
N ASN E 588 25.79 -19.08 -41.26
CA ASN E 588 26.93 -19.40 -42.13
C ASN E 588 27.91 -20.25 -41.36
N PRO E 589 28.07 -21.54 -41.69
CA PRO E 589 28.98 -22.40 -40.94
C PRO E 589 30.45 -22.04 -41.12
N GLU E 590 30.79 -21.13 -42.04
CA GLU E 590 32.19 -20.79 -42.31
C GLU E 590 32.71 -19.66 -41.43
N ASN E 591 31.88 -19.07 -40.58
CA ASN E 591 32.35 -18.04 -39.68
C ASN E 591 33.26 -18.65 -38.62
N PRO E 592 34.27 -17.91 -38.15
CA PRO E 592 35.16 -18.45 -37.11
C PRO E 592 34.43 -18.81 -35.83
N TRP E 593 33.53 -17.94 -35.37
CA TRP E 593 32.80 -18.21 -34.14
C TRP E 593 31.86 -19.40 -34.29
N THR E 594 31.22 -19.54 -35.46
CA THR E 594 30.36 -20.70 -35.69
C THR E 594 31.15 -21.99 -35.62
N LYS E 595 32.33 -22.02 -36.26
CA LYS E 595 33.17 -23.21 -36.20
C LYS E 595 33.62 -23.49 -34.77
N LEU E 596 33.99 -22.44 -34.03
CA LEU E 596 34.41 -22.63 -32.65
C LEU E 596 33.30 -23.23 -31.81
N LEU E 597 32.08 -22.67 -31.94
CA LEU E 597 30.94 -23.18 -31.17
C LEU E 597 30.60 -24.61 -31.56
N LEU E 598 30.65 -24.92 -32.86
CA LEU E 598 30.36 -26.28 -33.31
C LEU E 598 31.39 -27.27 -32.76
N ASN E 599 32.67 -26.88 -32.77
CA ASN E 599 33.70 -27.75 -32.22
C ASN E 599 33.50 -27.95 -30.72
N ALA E 600 33.13 -26.88 -30.00
CA ALA E 600 32.87 -27.03 -28.57
C ALA E 600 31.70 -27.96 -28.30
N LEU E 601 30.63 -27.82 -29.08
CA LEU E 601 29.47 -28.69 -28.91
C LEU E 601 29.82 -30.14 -29.21
N GLN E 602 30.62 -30.37 -30.24
CA GLN E 602 31.06 -31.73 -30.55
C GLN E 602 31.91 -32.30 -29.42
N ASP E 603 32.77 -31.46 -28.82
CA ASP E 603 33.65 -31.94 -27.76
C ASP E 603 32.88 -32.23 -26.47
N ILE E 604 31.84 -31.45 -26.19
CA ILE E 604 31.16 -31.57 -24.90
C ILE E 604 30.50 -32.93 -24.75
N ILE E 605 29.75 -33.35 -25.77
CA ILE E 605 29.03 -34.62 -25.73
C ILE E 605 29.34 -35.39 -27.01
N PRO E 606 29.89 -36.60 -26.90
CA PRO E 606 30.41 -37.30 -28.09
C PRO E 606 29.34 -37.90 -28.98
N GLU E 607 28.28 -38.46 -28.39
CA GLU E 607 27.31 -39.22 -29.16
C GLU E 607 26.61 -38.32 -30.18
N LEU E 608 26.57 -38.76 -31.43
CA LEU E 608 25.92 -37.99 -32.48
C LEU E 608 24.41 -37.89 -32.24
N ASP E 609 23.77 -39.03 -32.01
CA ASP E 609 22.32 -39.04 -31.83
C ASP E 609 21.91 -38.25 -30.59
N ALA E 610 22.63 -38.45 -29.47
CA ALA E 610 22.30 -37.71 -28.26
C ALA E 610 22.52 -36.22 -28.43
N ARG E 611 23.60 -35.84 -29.11
CA ARG E 611 23.86 -34.42 -29.33
C ARG E 611 22.79 -33.80 -30.21
N LEU E 612 22.38 -34.50 -31.27
CA LEU E 612 21.32 -34.00 -32.12
C LEU E 612 20.01 -33.87 -31.34
N TRP E 613 19.71 -34.85 -30.49
CA TRP E 613 18.49 -34.78 -29.70
C TRP E 613 18.52 -33.59 -28.75
N ILE E 614 19.64 -33.36 -28.08
CA ILE E 614 19.74 -32.25 -27.14
C ILE E 614 19.62 -30.93 -27.87
N MET E 615 20.29 -30.77 -29.01
CA MET E 615 20.20 -29.53 -29.76
C MET E 615 18.78 -29.31 -30.28
N PHE E 616 18.13 -30.37 -30.75
CA PHE E 616 16.76 -30.26 -31.24
C PHE E 616 15.82 -29.82 -30.13
N TYR E 617 15.96 -30.42 -28.94
CA TYR E 617 15.09 -30.04 -27.84
C TYR E 617 15.37 -28.61 -27.39
N LEU E 618 16.63 -28.20 -27.34
CA LEU E 618 16.98 -26.87 -26.88
C LEU E 618 16.60 -25.79 -27.88
N SER E 619 16.50 -26.14 -29.18
CA SER E 619 16.11 -25.16 -30.18
C SER E 619 14.66 -24.70 -30.02
N THR E 620 13.84 -25.47 -29.29
CA THR E 620 12.44 -25.12 -29.12
C THR E 620 12.23 -23.91 -28.22
N ALA E 621 13.28 -23.42 -27.55
CA ALA E 621 13.13 -22.25 -26.69
C ALA E 621 12.71 -21.01 -27.46
N ILE E 622 12.98 -20.96 -28.76
CA ILE E 622 12.56 -19.82 -29.58
C ILE E 622 11.04 -19.75 -29.63
N PHE E 623 10.38 -20.89 -29.79
CA PHE E 623 8.93 -20.93 -29.96
C PHE E 623 8.24 -20.75 -28.61
N ARG E 624 7.05 -20.13 -28.63
CA ARG E 624 6.32 -19.84 -27.40
C ARG E 624 4.90 -20.40 -27.38
N GLY E 625 4.56 -21.30 -28.29
CA GLY E 625 3.24 -21.90 -28.29
C GLY E 625 3.20 -23.17 -27.47
N LEU E 626 2.25 -24.03 -27.82
CA LEU E 626 2.12 -25.32 -27.15
C LEU E 626 3.28 -26.23 -27.52
N LYS E 627 3.84 -26.90 -26.52
CA LYS E 627 4.93 -27.84 -26.70
C LYS E 627 4.62 -29.14 -25.99
N GLU E 628 5.26 -30.21 -26.45
CA GLU E 628 5.11 -31.51 -25.80
C GLU E 628 5.59 -31.43 -24.36
N ALA E 629 4.78 -31.94 -23.44
CA ALA E 629 5.10 -31.89 -22.03
C ALA E 629 6.18 -32.93 -21.72
N LEU E 630 7.36 -32.45 -21.36
CA LEU E 630 8.47 -33.34 -21.01
C LEU E 630 9.41 -32.59 -20.09
N MET E 631 10.20 -33.34 -19.33
CA MET E 631 11.18 -32.77 -18.41
C MET E 631 12.53 -33.44 -18.65
N LEU E 632 13.56 -32.62 -18.83
CA LEU E 632 14.89 -33.11 -19.20
C LEU E 632 15.84 -33.02 -18.01
N LEU E 633 16.46 -34.14 -17.69
CA LEU E 633 17.39 -34.26 -16.57
C LEU E 633 18.63 -34.99 -17.05
N TRP E 634 19.80 -34.38 -16.90
CA TRP E 634 21.03 -35.11 -17.19
C TRP E 634 22.12 -34.67 -16.23
N LEU E 635 22.95 -35.63 -15.82
CA LEU E 635 23.90 -35.43 -14.74
C LEU E 635 25.28 -35.98 -15.10
N GLY E 636 26.17 -36.09 -14.12
CA GLY E 636 27.47 -36.67 -14.40
C GLY E 636 28.66 -35.96 -13.79
N GLY E 637 29.73 -35.84 -14.55
CA GLY E 637 30.94 -35.21 -14.03
C GLY E 637 30.75 -33.78 -13.58
N GLY E 638 31.57 -33.36 -12.63
CA GLY E 638 31.48 -32.00 -12.13
C GLY E 638 31.73 -30.96 -13.20
N CYS E 639 32.51 -31.32 -14.21
CA CYS E 639 32.83 -30.38 -15.29
C CYS E 639 32.10 -30.75 -16.58
N ASN E 640 30.85 -31.16 -16.47
CA ASN E 640 30.07 -31.52 -17.66
C ASN E 640 29.88 -30.34 -18.61
N GLY E 641 30.12 -29.13 -18.12
CA GLY E 641 29.95 -27.95 -18.95
C GLY E 641 28.51 -27.52 -19.07
N LYS E 642 27.63 -28.12 -18.27
CA LYS E 642 26.21 -27.80 -18.33
C LYS E 642 25.97 -26.32 -18.08
N THR E 643 26.61 -25.78 -17.05
CA THR E 643 26.43 -24.36 -16.73
C THR E 643 26.91 -23.49 -17.88
N PHE E 644 28.00 -23.89 -18.51
CA PHE E 644 28.53 -23.11 -19.63
C PHE E 644 27.47 -22.93 -20.69
N LEU E 645 26.71 -23.98 -20.97
CA LEU E 645 25.66 -23.90 -21.99
C LEU E 645 24.42 -23.21 -21.44
N MET E 646 23.83 -23.79 -20.40
CA MET E 646 22.62 -23.22 -19.81
C MET E 646 22.70 -21.70 -19.75
N ARG E 647 23.80 -21.17 -19.20
CA ARG E 647 23.95 -19.71 -19.10
C ARG E 647 23.98 -19.06 -20.47
N LEU E 648 24.67 -19.68 -21.43
CA LEU E 648 24.76 -19.09 -22.76
C LEU E 648 23.39 -19.01 -23.41
N VAL E 649 22.62 -20.10 -23.34
CA VAL E 649 21.27 -20.09 -23.93
C VAL E 649 20.41 -19.05 -23.25
N ALA E 650 20.44 -19.03 -21.91
CA ALA E 650 19.58 -18.12 -21.17
C ALA E 650 19.90 -16.67 -21.48
N MET E 651 21.18 -16.33 -21.58
CA MET E 651 21.55 -14.93 -21.81
C MET E 651 21.34 -14.53 -23.27
N VAL E 652 21.62 -15.43 -24.21
CA VAL E 652 21.45 -15.09 -25.62
C VAL E 652 19.97 -14.94 -25.96
N LEU E 653 19.12 -15.77 -25.35
CA LEU E 653 17.70 -15.70 -25.66
C LEU E 653 17.05 -14.44 -25.11
N GLY E 654 17.71 -13.76 -24.17
CA GLY E 654 17.18 -12.55 -23.59
C GLY E 654 16.50 -12.79 -22.27
N ASP E 655 16.53 -11.78 -21.40
CA ASP E 655 15.90 -11.90 -20.09
C ASP E 655 14.39 -11.97 -20.20
N HIS E 656 13.81 -11.31 -21.19
CA HIS E 656 12.36 -11.31 -21.34
C HIS E 656 11.81 -12.67 -21.76
N TYR E 657 12.65 -13.54 -22.32
CA TYR E 657 12.20 -14.84 -22.80
C TYR E 657 12.74 -16.01 -22.00
N ALA E 658 13.80 -15.81 -21.22
CA ALA E 658 14.37 -16.86 -20.38
C ALA E 658 14.60 -16.30 -18.98
N SER E 659 14.36 -17.13 -17.98
CA SER E 659 14.50 -16.71 -16.59
C SER E 659 15.17 -17.82 -15.78
N LYS E 660 15.77 -17.42 -14.67
CA LYS E 660 16.43 -18.34 -13.76
C LYS E 660 15.44 -18.78 -12.68
N LEU E 661 15.29 -20.08 -12.51
CA LEU E 661 14.32 -20.64 -11.58
C LEU E 661 15.05 -21.32 -10.43
N ASN E 662 14.70 -20.93 -9.21
CA ASN E 662 15.28 -21.55 -8.02
C ASN E 662 14.74 -22.96 -7.84
N ILE E 663 15.59 -23.84 -7.30
CA ILE E 663 15.17 -25.21 -7.02
C ILE E 663 14.10 -25.30 -5.94
N SER E 664 13.89 -24.22 -5.19
CA SER E 664 12.86 -24.21 -4.16
C SER E 664 11.47 -24.39 -4.73
N LEU E 665 11.28 -24.12 -6.03
CA LEU E 665 9.99 -24.37 -6.65
C LEU E 665 9.62 -25.85 -6.58
N LEU E 666 10.59 -26.73 -6.84
CA LEU E 666 10.39 -28.15 -6.62
C LEU E 666 10.55 -28.47 -5.14
N THR E 667 10.20 -29.71 -4.77
CA THR E 667 10.21 -30.15 -3.38
C THR E 667 9.31 -29.26 -2.52
N SER E 668 8.02 -29.28 -2.84
CA SER E 668 7.04 -28.50 -2.11
C SER E 668 6.76 -29.11 -0.75
N CYS E 669 6.71 -28.26 0.27
CA CYS E 669 6.40 -28.70 1.62
C CYS E 669 5.84 -27.52 2.40
N ARG E 670 5.08 -27.83 3.45
CA ARG E 670 4.51 -26.82 4.33
C ARG E 670 3.64 -25.82 3.55
N GLU E 671 4.25 -24.71 3.14
CA GLU E 671 3.49 -23.66 2.45
C GLU E 671 2.94 -24.17 1.12
N THR E 672 3.72 -24.96 0.38
CA THR E 672 3.35 -25.46 -0.94
C THR E 672 2.90 -24.32 -1.84
N ALA E 673 1.58 -24.12 -1.94
CA ALA E 673 1.02 -23.05 -2.76
C ALA E 673 -0.10 -22.35 -1.99
N GLU E 674 0.02 -22.27 -0.68
CA GLU E 674 -0.98 -21.64 0.17
C GLU E 674 -0.48 -20.32 0.75
N LYS E 675 0.66 -20.33 1.43
CA LYS E 675 1.24 -19.10 1.94
C LYS E 675 1.73 -18.23 0.78
N PRO E 676 1.85 -16.91 1.00
CA PRO E 676 2.28 -16.01 -0.09
C PRO E 676 3.50 -16.49 -0.85
N ASN E 677 3.33 -16.74 -2.15
CA ASN E 677 4.40 -17.18 -3.03
C ASN E 677 4.54 -16.20 -4.18
N SER E 678 5.78 -15.89 -4.54
CA SER E 678 6.08 -14.89 -5.55
C SER E 678 6.83 -15.45 -6.75
N ALA E 679 7.45 -16.63 -6.61
CA ALA E 679 8.21 -17.19 -7.73
C ALA E 679 7.31 -17.69 -8.85
N PHE E 680 6.02 -17.90 -8.56
CA PHE E 680 5.12 -18.47 -9.55
C PHE E 680 4.79 -17.49 -10.68
N MET E 681 5.01 -16.19 -10.47
CA MET E 681 4.69 -15.22 -11.51
C MET E 681 5.61 -15.34 -12.72
N ARG E 682 6.75 -15.98 -12.57
CA ARG E 682 7.65 -16.19 -13.70
C ARG E 682 7.02 -17.17 -14.69
N LEU E 683 7.73 -17.42 -15.78
CA LEU E 683 7.28 -18.23 -16.91
C LEU E 683 6.09 -17.60 -17.63
N LYS E 684 5.73 -16.36 -17.30
CA LYS E 684 4.64 -15.66 -17.95
C LYS E 684 5.20 -14.99 -19.21
N GLY E 685 5.09 -15.69 -20.33
CA GLY E 685 5.65 -15.24 -21.58
C GLY E 685 7.07 -15.71 -21.84
N ARG E 686 7.72 -16.31 -20.85
CA ARG E 686 9.07 -16.84 -21.05
C ARG E 686 9.03 -18.07 -21.94
N GLY E 687 10.17 -18.34 -22.58
CA GLY E 687 10.27 -19.48 -23.47
C GLY E 687 11.35 -20.46 -23.08
N TYR E 688 12.00 -20.23 -21.93
CA TYR E 688 13.10 -21.08 -21.51
C TYR E 688 13.26 -20.98 -20.00
N GLY E 689 13.29 -22.13 -19.33
CA GLY E 689 13.51 -22.19 -17.90
C GLY E 689 14.52 -23.25 -17.53
N TYR E 690 15.51 -22.88 -16.71
CA TYR E 690 16.62 -23.76 -16.40
C TYR E 690 16.85 -23.82 -14.90
N PHE E 691 17.27 -25.01 -14.44
CA PHE E 691 17.63 -25.24 -13.04
C PHE E 691 19.13 -25.53 -12.97
N GLU E 692 19.83 -24.82 -12.10
CA GLU E 692 21.27 -24.92 -12.00
C GLU E 692 21.68 -25.97 -10.97
N GLU E 693 22.98 -26.12 -10.80
CA GLU E 693 23.51 -27.07 -9.82
C GLU E 693 23.20 -26.62 -8.40
N THR E 694 22.81 -27.57 -7.56
CA THR E 694 22.47 -27.32 -6.17
C THR E 694 23.54 -27.92 -5.25
N ASN E 695 23.29 -27.84 -3.94
CA ASN E 695 24.29 -28.28 -2.97
C ASN E 695 24.48 -29.79 -2.99
N LYS E 696 23.39 -30.55 -3.03
CA LYS E 696 23.46 -32.00 -2.92
C LYS E 696 22.21 -32.58 -3.55
N SER E 697 21.97 -33.88 -3.30
CA SER E 697 20.81 -34.55 -3.86
C SER E 697 19.52 -33.96 -3.31
N GLU E 698 18.50 -33.89 -4.16
CA GLU E 698 17.21 -33.32 -3.79
C GLU E 698 16.11 -34.35 -4.03
N VAL E 699 15.17 -34.42 -3.09
CA VAL E 699 14.03 -35.32 -3.17
C VAL E 699 12.83 -34.55 -3.68
N LEU E 700 12.04 -35.19 -4.54
CA LEU E 700 10.83 -34.58 -5.08
C LEU E 700 9.99 -35.64 -5.75
N ASN E 701 8.67 -35.55 -5.58
CA ASN E 701 7.75 -36.49 -6.21
C ASN E 701 6.39 -35.82 -6.33
N THR E 702 6.07 -35.35 -7.54
CA THR E 702 4.82 -34.66 -7.86
C THR E 702 4.57 -33.45 -6.96
N SER E 703 5.58 -32.99 -6.23
CA SER E 703 5.44 -31.83 -5.38
C SER E 703 5.37 -30.58 -6.24
N ARG E 704 4.14 -30.17 -6.59
CA ARG E 704 3.85 -29.11 -7.56
C ARG E 704 4.73 -29.25 -8.80
N LEU E 705 5.05 -30.49 -9.16
CA LEU E 705 5.86 -30.78 -10.34
C LEU E 705 5.01 -31.07 -11.56
N LYS E 706 3.95 -31.87 -11.40
CA LYS E 706 3.08 -32.19 -12.52
C LYS E 706 2.39 -30.93 -13.06
N GLU E 707 2.19 -29.93 -12.21
CA GLU E 707 1.58 -28.69 -12.68
C GLU E 707 2.56 -27.87 -13.53
N MET E 708 3.87 -28.09 -13.35
CA MET E 708 4.84 -27.48 -14.24
C MET E 708 5.08 -28.32 -15.49
N VAL E 709 4.94 -29.64 -15.39
CA VAL E 709 5.18 -30.50 -16.54
C VAL E 709 4.12 -30.26 -17.62
N ASN E 710 2.86 -30.25 -17.23
CA ASN E 710 1.79 -30.11 -18.22
C ASN E 710 1.75 -28.69 -18.76
N PRO E 711 1.41 -28.52 -20.05
CA PRO E 711 1.33 -27.17 -20.61
C PRO E 711 -0.04 -26.56 -20.44
N GLY E 712 -0.86 -27.14 -19.58
CA GLY E 712 -2.21 -26.66 -19.36
C GLY E 712 -2.28 -25.40 -18.53
N ASP E 713 -3.44 -25.13 -17.94
CA ASP E 713 -3.67 -23.93 -17.15
C ASP E 713 -3.79 -24.31 -15.68
N VAL E 714 -3.03 -23.63 -14.82
CA VAL E 714 -3.03 -23.86 -13.39
C VAL E 714 -3.27 -22.52 -12.69
N THR E 715 -3.28 -22.56 -11.36
CA THR E 715 -3.47 -21.35 -10.56
C THR E 715 -2.73 -21.51 -9.23
N ALA E 716 -2.21 -20.39 -8.74
CA ALA E 716 -1.44 -20.35 -7.50
C ALA E 716 -1.27 -18.88 -7.12
N ARG E 717 -0.48 -18.63 -6.08
CA ARG E 717 -0.25 -17.27 -5.61
C ARG E 717 0.54 -16.46 -6.63
N GLU E 718 0.21 -15.16 -6.72
CA GLU E 718 0.83 -14.24 -7.67
C GLU E 718 1.39 -13.05 -6.89
N LEU E 719 2.67 -13.15 -6.50
CA LEU E 719 3.34 -12.09 -5.77
C LEU E 719 2.53 -11.68 -4.54
N ASN E 720 1.78 -10.58 -4.64
CA ASN E 720 0.82 -10.18 -3.62
C ASN E 720 -0.53 -9.97 -4.32
N GLN E 721 -1.23 -11.08 -4.54
CA GLN E 721 -2.53 -11.13 -5.20
C GLN E 721 -3.14 -12.49 -4.87
N LYS E 722 -4.23 -12.84 -5.57
CA LYS E 722 -4.73 -14.21 -5.51
C LYS E 722 -4.32 -15.00 -6.75
N GLN E 723 -4.75 -14.57 -7.93
CA GLN E 723 -4.37 -15.18 -9.21
C GLN E 723 -4.99 -14.41 -10.36
N GLU E 724 -4.34 -14.43 -11.53
CA GLU E 724 -4.93 -13.91 -12.75
C GLU E 724 -5.13 -15.01 -13.79
N SER E 725 -4.05 -15.66 -14.22
CA SER E 725 -4.08 -16.81 -15.11
C SER E 725 -2.65 -17.32 -15.26
N PHE E 726 -2.51 -18.63 -15.43
CA PHE E 726 -1.23 -19.27 -15.69
C PHE E 726 -1.31 -20.04 -16.99
N GLN E 727 -0.61 -19.55 -18.02
CA GLN E 727 -0.45 -20.26 -19.28
C GLN E 727 1.04 -20.30 -19.58
N MET E 728 1.72 -21.31 -19.05
CA MET E 728 3.16 -21.42 -19.23
C MET E 728 3.48 -22.10 -20.55
N THR E 729 4.59 -21.68 -21.16
CA THR E 729 5.03 -22.24 -22.43
C THR E 729 6.53 -22.43 -22.51
N ALA E 730 7.27 -22.20 -21.42
CA ALA E 730 8.72 -22.23 -21.48
C ALA E 730 9.24 -23.66 -21.42
N THR E 731 10.34 -23.89 -22.14
CA THR E 731 11.04 -25.16 -22.05
C THR E 731 11.72 -25.28 -20.70
N MET E 732 11.76 -26.51 -20.17
CA MET E 732 12.26 -26.77 -18.83
C MET E 732 13.45 -27.71 -18.90
N VAL E 733 14.57 -27.30 -18.30
CA VAL E 733 15.78 -28.11 -18.25
C VAL E 733 16.36 -28.03 -16.84
N ALA E 734 16.78 -29.17 -16.31
CA ALA E 734 17.38 -29.23 -14.98
C ALA E 734 18.54 -30.21 -15.01
N ALA E 735 19.72 -29.74 -14.65
CA ALA E 735 20.93 -30.56 -14.61
C ALA E 735 21.62 -30.37 -13.27
N SER E 736 22.22 -31.44 -12.77
CA SER E 736 22.88 -31.40 -11.47
C SER E 736 23.99 -32.44 -11.45
N ASN E 737 24.75 -32.44 -10.36
CA ASN E 737 25.79 -33.44 -10.14
C ASN E 737 25.43 -34.43 -9.03
N TYR E 738 24.24 -34.31 -8.46
CA TYR E 738 23.76 -35.24 -7.43
C TYR E 738 22.41 -35.78 -7.89
N ASN E 739 22.26 -37.10 -7.82
CA ASN E 739 21.08 -37.75 -8.38
C ASN E 739 19.82 -37.27 -7.66
N PHE E 740 18.77 -37.02 -8.45
CA PHE E 740 17.48 -36.64 -7.92
C PHE E 740 16.75 -37.87 -7.42
N ILE E 741 15.95 -37.69 -6.36
CA ILE E 741 15.23 -38.79 -5.74
C ILE E 741 13.78 -38.73 -6.21
N ILE E 742 13.35 -39.75 -6.95
CA ILE E 742 11.98 -39.87 -7.43
C ILE E 742 11.42 -41.20 -6.93
N ASP E 743 10.41 -41.15 -6.08
CA ASP E 743 9.77 -42.34 -5.54
C ASP E 743 8.31 -42.36 -5.99
N THR E 744 8.09 -42.93 -7.18
CA THR E 744 6.74 -43.11 -7.70
C THR E 744 6.77 -44.23 -8.72
N THR E 745 5.62 -44.86 -8.92
CA THR E 745 5.48 -45.95 -9.89
C THR E 745 4.44 -45.65 -10.96
N ASP E 746 3.91 -44.43 -10.98
CA ASP E 746 2.89 -44.09 -11.97
C ASP E 746 3.51 -43.98 -13.36
N HIS E 747 2.89 -44.67 -14.32
CA HIS E 747 3.40 -44.63 -15.68
C HIS E 747 3.27 -43.23 -16.28
N GLY E 748 2.18 -42.53 -15.96
CA GLY E 748 1.99 -41.19 -16.49
C GLY E 748 3.03 -40.20 -15.98
N THR E 749 3.44 -40.35 -14.72
CA THR E 749 4.45 -39.46 -14.16
C THR E 749 5.78 -39.61 -14.88
N TRP E 750 6.19 -40.85 -15.17
CA TRP E 750 7.45 -41.10 -15.84
C TRP E 750 7.35 -40.95 -17.36
N ARG E 751 6.17 -40.81 -17.93
CA ARG E 751 6.13 -40.71 -19.37
C ARG E 751 6.70 -39.40 -19.71
N ARG E 752 6.34 -38.40 -18.95
CA ARG E 752 6.78 -37.06 -19.23
C ARG E 752 8.06 -36.82 -18.52
N LEU E 753 9.08 -37.52 -18.94
CA LEU E 753 10.39 -37.36 -18.33
C LEU E 753 11.45 -37.94 -19.27
N ARG E 754 12.62 -37.31 -19.27
CA ARG E 754 13.75 -37.76 -20.06
C ARG E 754 15.02 -37.65 -19.23
N HIS E 755 15.85 -38.69 -19.27
CA HIS E 755 17.08 -38.72 -18.50
C HIS E 755 18.27 -39.01 -19.42
N TYR E 756 19.41 -38.43 -19.06
CA TYR E 756 20.65 -38.60 -19.80
C TYR E 756 21.80 -38.58 -18.82
N ARG E 757 22.94 -39.13 -19.24
CA ARG E 757 24.14 -39.16 -18.41
C ARG E 757 25.31 -38.60 -19.21
N SER E 758 26.03 -37.65 -18.62
CA SER E 758 27.20 -37.07 -19.26
C SER E 758 28.41 -37.95 -18.99
N LYS E 759 29.10 -38.35 -20.07
CA LYS E 759 30.24 -39.26 -19.97
C LYS E 759 31.57 -38.56 -20.19
N VAL E 760 31.58 -37.23 -20.18
CA VAL E 760 32.81 -36.46 -20.37
C VAL E 760 33.06 -35.64 -19.12
N LYS E 761 34.23 -35.81 -18.52
CA LYS E 761 34.64 -35.08 -17.33
C LYS E 761 35.98 -34.42 -17.64
N PHE E 762 35.99 -33.09 -17.76
CA PHE E 762 37.19 -32.37 -18.15
C PHE E 762 38.27 -32.52 -17.09
N CYS E 763 39.52 -32.59 -17.54
CA CYS E 763 40.67 -32.69 -16.65
C CYS E 763 41.80 -31.83 -17.18
N HIS E 764 42.53 -31.20 -16.26
CA HIS E 764 43.66 -30.35 -16.63
C HIS E 764 44.94 -31.13 -16.85
N ASN E 765 44.90 -32.45 -16.69
CA ASN E 765 46.02 -33.33 -17.03
C ASN E 765 45.50 -34.44 -17.92
N PRO E 766 45.17 -34.13 -19.17
CA PRO E 766 44.53 -35.13 -20.04
C PRO E 766 45.48 -36.21 -20.51
N ASP E 767 45.34 -37.40 -19.95
CA ASP E 767 46.14 -38.51 -20.44
C ASP E 767 45.52 -39.12 -21.69
N PRO E 768 46.34 -39.57 -22.64
CA PRO E 768 45.79 -40.19 -23.86
C PRO E 768 45.01 -41.46 -23.59
N SER E 769 45.23 -42.12 -22.45
CA SER E 769 44.53 -43.36 -22.16
C SER E 769 43.03 -43.18 -21.99
N ASN E 770 42.58 -41.99 -21.59
CA ASN E 770 41.16 -41.72 -21.36
C ASN E 770 40.64 -40.78 -22.43
N PRO E 771 39.88 -41.27 -23.41
CA PRO E 771 39.31 -40.37 -24.41
C PRO E 771 38.12 -39.57 -23.90
N TYR E 772 37.48 -40.02 -22.82
CA TYR E 772 36.31 -39.32 -22.28
C TYR E 772 36.71 -38.24 -21.28
N GLU E 773 37.64 -37.38 -21.70
CA GLU E 773 38.10 -36.26 -20.89
C GLU E 773 38.98 -35.34 -21.74
N LYS E 774 38.99 -34.05 -21.41
CA LYS E 774 39.75 -33.07 -22.18
C LYS E 774 40.20 -31.95 -21.26
N LYS E 775 41.02 -31.05 -21.79
CA LYS E 775 41.60 -29.97 -21.02
C LYS E 775 40.61 -28.82 -20.89
N GLU E 776 40.49 -28.27 -19.67
CA GLU E 776 39.60 -27.15 -19.46
C GLU E 776 40.13 -25.89 -20.14
N ASP E 777 39.26 -24.90 -20.27
CA ASP E 777 39.63 -23.56 -20.71
C ASP E 777 38.90 -22.58 -19.82
N PRO E 778 39.58 -22.00 -18.82
CA PRO E 778 38.88 -21.08 -17.90
C PRO E 778 38.27 -19.88 -18.61
N ARG E 779 38.95 -19.35 -19.63
CA ARG E 779 38.40 -18.24 -20.38
C ARG E 779 37.20 -18.64 -21.23
N PHE E 780 37.04 -19.94 -21.50
CA PHE E 780 35.89 -20.39 -22.28
C PHE E 780 34.58 -20.10 -21.56
N ILE E 781 34.61 -20.09 -20.23
CA ILE E 781 33.44 -19.73 -19.44
C ILE E 781 33.54 -18.33 -18.84
N HIS E 782 34.75 -17.85 -18.54
CA HIS E 782 34.88 -16.49 -18.01
C HIS E 782 34.60 -15.45 -19.09
N GLU E 783 35.18 -15.64 -20.27
CA GLU E 783 34.90 -14.78 -21.42
C GLU E 783 34.30 -15.64 -22.53
N TYR E 784 34.19 -15.05 -23.72
CA TYR E 784 33.48 -15.55 -24.90
C TYR E 784 31.98 -15.44 -24.71
N ILE E 785 31.51 -14.92 -23.58
CA ILE E 785 30.09 -14.69 -23.39
C ILE E 785 29.72 -13.24 -23.68
N MET E 786 30.61 -12.30 -23.37
CA MET E 786 30.34 -10.89 -23.64
C MET E 786 30.47 -10.54 -25.11
N ASP E 787 31.04 -11.42 -25.92
CA ASP E 787 31.25 -11.14 -27.33
C ASP E 787 29.93 -11.19 -28.10
N PRO E 788 29.52 -10.10 -28.76
CA PRO E 788 28.30 -10.16 -29.57
C PRO E 788 28.36 -11.17 -30.69
N ASP E 789 29.54 -11.41 -31.26
CA ASP E 789 29.66 -12.36 -32.35
C ASP E 789 29.27 -13.76 -31.91
N CYS E 790 29.61 -14.12 -30.69
CA CYS E 790 29.19 -15.42 -30.16
C CYS E 790 27.67 -15.52 -30.11
N GLN E 791 26.99 -14.47 -29.67
CA GLN E 791 25.54 -14.49 -29.60
C GLN E 791 24.92 -14.57 -30.98
N ASN E 792 25.49 -13.85 -31.96
CA ASN E 792 25.00 -13.94 -33.32
C ASN E 792 25.16 -15.36 -33.86
N ALA E 793 26.32 -15.96 -33.62
CA ALA E 793 26.53 -17.35 -34.04
C ALA E 793 25.55 -18.28 -33.37
N PHE E 794 25.21 -18.00 -32.11
CA PHE E 794 24.30 -18.90 -31.40
C PHE E 794 22.86 -18.76 -31.88
N PHE E 795 22.38 -17.55 -32.20
CA PHE E 795 21.12 -17.46 -32.93
C PHE E 795 21.19 -18.20 -34.25
N SER E 796 22.29 -18.07 -34.98
CA SER E 796 22.40 -18.80 -36.25
C SER E 796 22.20 -20.30 -36.02
N ILE E 797 22.90 -20.85 -35.04
CA ILE E 797 22.81 -22.28 -34.76
C ILE E 797 21.40 -22.65 -34.32
N LEU E 798 20.80 -21.85 -33.45
CA LEU E 798 19.48 -22.17 -32.91
C LEU E 798 18.41 -22.16 -34.00
N VAL E 799 18.42 -21.13 -34.85
CA VAL E 799 17.41 -21.05 -35.90
C VAL E 799 17.64 -22.15 -36.92
N TYR E 800 18.91 -22.50 -37.20
CA TYR E 800 19.17 -23.59 -38.12
C TYR E 800 18.61 -24.91 -37.56
N PHE E 801 18.82 -25.16 -36.27
CA PHE E 801 18.33 -26.39 -35.67
C PHE E 801 16.81 -26.42 -35.64
N TRP E 802 16.17 -25.28 -35.36
CA TRP E 802 14.71 -25.24 -35.38
C TRP E 802 14.18 -25.51 -36.77
N GLU E 803 14.81 -24.93 -37.79
CA GLU E 803 14.40 -25.19 -39.17
C GLU E 803 14.57 -26.67 -39.52
N LYS E 804 15.68 -27.27 -39.09
CA LYS E 804 15.89 -28.70 -39.34
C LYS E 804 14.82 -29.54 -38.67
N LEU E 805 14.48 -29.22 -37.42
CA LEU E 805 13.44 -29.95 -36.71
C LEU E 805 12.10 -29.84 -37.42
N GLN E 806 11.74 -28.63 -37.85
CA GLN E 806 10.47 -28.44 -38.56
C GLN E 806 10.46 -29.20 -39.87
N LYS E 807 11.58 -29.18 -40.60
CA LYS E 807 11.65 -29.88 -41.88
C LYS E 807 11.52 -31.39 -41.70
N GLU E 808 12.18 -31.94 -40.68
CA GLU E 808 12.22 -33.39 -40.54
C GLU E 808 10.99 -33.95 -39.83
N TYR E 809 10.76 -33.52 -38.59
CA TYR E 809 9.77 -34.16 -37.73
C TYR E 809 8.52 -33.32 -37.52
N ASN E 810 8.36 -32.24 -38.28
CA ASN E 810 7.14 -31.43 -38.26
C ASN E 810 6.82 -30.90 -36.87
N GLY E 811 7.85 -30.67 -36.05
CA GLY E 811 7.66 -30.15 -34.71
C GLY E 811 7.45 -31.20 -33.64
N GLN E 812 7.31 -32.47 -34.01
CA GLN E 812 7.09 -33.53 -33.02
C GLN E 812 8.42 -33.94 -32.43
N ILE E 813 8.75 -33.41 -31.25
CA ILE E 813 9.96 -33.80 -30.56
C ILE E 813 9.88 -35.24 -30.08
N LYS E 814 8.68 -35.77 -29.87
CA LYS E 814 8.54 -37.16 -29.44
C LYS E 814 8.94 -38.14 -30.53
N LYS E 815 8.60 -37.82 -31.79
CA LYS E 815 8.78 -38.77 -32.88
C LYS E 815 10.23 -38.89 -33.34
N VAL E 816 11.13 -38.02 -32.86
CA VAL E 816 12.53 -38.15 -33.22
C VAL E 816 13.09 -39.44 -32.61
N PHE E 817 14.07 -40.03 -33.30
CA PHE E 817 14.64 -41.31 -32.90
C PHE E 817 16.07 -41.13 -32.43
N CYS E 818 16.38 -41.67 -31.26
CA CYS E 818 17.72 -41.71 -30.71
C CYS E 818 17.82 -42.87 -29.74
N PRO E 819 18.61 -43.90 -30.04
CA PRO E 819 18.59 -45.13 -29.23
C PRO E 819 19.03 -44.93 -27.79
N THR E 820 20.15 -44.22 -27.59
CA THR E 820 20.68 -44.08 -26.23
C THR E 820 19.71 -43.32 -25.33
N ILE E 821 18.94 -42.41 -25.89
CA ILE E 821 18.00 -41.63 -25.10
C ILE E 821 16.64 -42.35 -25.07
N GLU E 822 15.96 -42.17 -23.94
CA GLU E 822 14.90 -43.03 -23.40
C GLU E 822 15.45 -44.39 -22.99
N SER E 823 16.65 -44.75 -23.44
CA SER E 823 17.25 -45.98 -22.96
C SER E 823 17.95 -45.75 -21.62
N GLU E 824 18.77 -44.70 -21.56
CA GLU E 824 19.27 -44.25 -20.27
C GLU E 824 18.11 -43.90 -19.34
N THR E 825 17.01 -43.39 -19.89
CA THR E 825 15.86 -43.02 -19.08
C THR E 825 15.20 -44.26 -18.45
N GLU E 826 14.97 -45.30 -19.25
CA GLU E 826 14.37 -46.51 -18.69
C GLU E 826 15.34 -47.22 -17.75
N ALA E 827 16.66 -47.11 -18.01
CA ALA E 827 17.63 -47.65 -17.07
C ALA E 827 17.55 -46.93 -15.73
N TYR E 828 17.42 -45.59 -15.76
CA TYR E 828 17.25 -44.83 -14.54
C TYR E 828 15.95 -45.20 -13.84
N ARG E 829 14.88 -45.41 -14.61
CA ARG E 829 13.60 -45.80 -14.04
C ARG E 829 13.68 -47.17 -13.37
N LYS E 830 14.50 -48.08 -13.91
CA LYS E 830 14.71 -49.37 -13.27
C LYS E 830 15.31 -49.19 -11.88
N SER E 831 16.30 -48.30 -11.75
CA SER E 831 16.82 -47.91 -10.46
C SER E 831 15.90 -46.85 -9.86
N GLN E 832 16.32 -46.24 -8.75
CA GLN E 832 15.54 -45.20 -8.07
C GLN E 832 14.15 -45.70 -7.72
N ASP E 833 14.06 -46.98 -7.34
CA ASP E 833 12.81 -47.62 -6.92
C ASP E 833 13.11 -48.40 -5.65
N THR E 834 12.78 -47.81 -4.50
CA THR E 834 13.16 -48.40 -3.23
C THR E 834 12.45 -49.73 -2.98
N LEU E 835 11.27 -49.92 -3.56
CA LEU E 835 10.52 -51.15 -3.30
C LEU E 835 11.25 -52.37 -3.84
N HIS E 836 11.72 -52.30 -5.09
CA HIS E 836 12.36 -53.46 -5.71
C HIS E 836 13.69 -53.79 -5.02
N ARG E 837 14.42 -52.77 -4.55
CA ARG E 837 15.65 -53.03 -3.83
C ARG E 837 15.38 -53.84 -2.56
N PHE E 838 14.40 -53.40 -1.76
CA PHE E 838 14.03 -54.16 -0.57
C PHE E 838 13.59 -55.57 -0.94
N ILE E 839 12.76 -55.68 -1.98
CA ILE E 839 12.19 -56.98 -2.35
C ILE E 839 13.31 -57.95 -2.74
N THR E 840 14.06 -57.63 -3.78
CA THR E 840 15.20 -58.48 -4.13
C THR E 840 16.47 -58.04 -3.42
N GLU E 841 16.37 -57.73 -2.13
CA GLU E 841 17.52 -57.64 -1.25
C GLU E 841 17.29 -58.43 0.03
N ARG E 842 16.04 -58.52 0.48
CA ARG E 842 15.76 -59.11 1.79
C ARG E 842 14.74 -60.23 1.81
N VAL E 843 13.92 -60.41 0.77
CA VAL E 843 12.91 -61.46 0.83
C VAL E 843 13.06 -62.44 -0.33
N VAL E 844 13.28 -61.92 -1.54
CA VAL E 844 13.43 -62.79 -2.70
C VAL E 844 14.69 -63.62 -2.56
N GLU E 845 14.62 -64.87 -3.05
CA GLU E 845 15.64 -65.93 -2.98
C GLU E 845 15.64 -66.57 -1.60
N SER E 846 14.77 -66.15 -0.69
CA SER E 846 14.64 -66.75 0.64
C SER E 846 13.18 -67.05 0.93
N PRO E 847 12.58 -68.01 0.22
CA PRO E 847 11.16 -68.35 0.45
C PRO E 847 10.91 -69.55 1.36
N SER E 848 11.96 -70.25 1.80
CA SER E 848 11.79 -71.51 2.53
C SER E 848 11.61 -71.26 4.03
N ALA E 849 10.57 -70.48 4.35
CA ALA E 849 10.19 -70.20 5.72
C ALA E 849 8.81 -69.58 5.72
N GLU E 850 8.15 -69.62 6.88
CA GLU E 850 6.82 -68.99 7.05
C GLU E 850 6.80 -68.28 8.40
N THR E 851 7.23 -67.02 8.41
CA THR E 851 7.12 -66.15 9.59
C THR E 851 6.72 -64.76 9.09
N VAL E 852 5.41 -64.53 8.98
CA VAL E 852 4.87 -63.25 8.57
C VAL E 852 3.61 -63.01 9.39
N TYR E 853 3.66 -62.07 10.33
CA TYR E 853 2.50 -61.76 11.15
C TYR E 853 1.36 -61.22 10.30
N ASN E 854 1.64 -60.20 9.51
CA ASN E 854 0.65 -59.52 8.68
C ASN E 854 1.39 -58.58 7.74
N LEU E 855 0.63 -57.76 7.02
CA LEU E 855 1.25 -56.74 6.19
C LEU E 855 1.94 -55.67 7.03
N SER E 856 1.45 -55.43 8.25
CA SER E 856 1.99 -54.35 9.07
C SER E 856 3.45 -54.57 9.41
N GLU E 857 3.81 -55.81 9.75
CA GLU E 857 5.19 -56.07 10.16
C GLU E 857 6.16 -55.92 8.98
N VAL E 858 5.77 -56.39 7.80
CA VAL E 858 6.62 -56.24 6.63
C VAL E 858 6.72 -54.77 6.23
N VAL E 859 5.61 -54.03 6.37
CA VAL E 859 5.62 -52.60 6.06
C VAL E 859 6.59 -51.87 6.98
N THR E 860 6.54 -52.18 8.28
CA THR E 860 7.48 -51.57 9.21
C THR E 860 8.93 -51.97 8.89
N ALA E 861 9.17 -53.26 8.65
CA ALA E 861 10.53 -53.68 8.35
C ALA E 861 11.09 -52.88 7.18
N TYR E 862 10.30 -52.73 6.13
CA TYR E 862 10.73 -51.94 4.97
C TYR E 862 10.91 -50.47 5.32
N ALA E 863 9.99 -49.92 6.13
CA ALA E 863 10.01 -48.49 6.43
C ALA E 863 11.27 -48.10 7.20
N GLU E 864 11.53 -48.78 8.33
CA GLU E 864 12.80 -48.55 8.99
C GLU E 864 14.01 -49.11 8.25
N TRP E 865 13.76 -49.85 7.16
CA TRP E 865 14.86 -50.34 6.34
C TRP E 865 15.45 -49.17 5.57
N TYR E 866 14.65 -48.59 4.67
CA TYR E 866 15.14 -47.47 3.87
C TYR E 866 15.38 -46.23 4.72
N ASN E 867 14.67 -46.12 5.84
CA ASN E 867 14.88 -44.99 6.72
C ASN E 867 16.36 -44.94 7.04
N THR E 868 16.97 -46.10 7.25
CA THR E 868 18.40 -46.14 7.49
C THR E 868 19.13 -46.38 6.19
N ASN E 869 18.48 -47.08 5.27
CA ASN E 869 19.11 -47.37 3.98
C ASN E 869 19.39 -46.10 3.20
N ILE E 870 18.51 -45.12 3.29
CA ILE E 870 18.71 -43.86 2.58
C ILE E 870 18.36 -42.65 3.44
N ASN E 871 17.09 -42.44 3.70
CA ASN E 871 16.66 -41.29 4.49
C ASN E 871 15.39 -41.57 5.27
N VAL E 872 15.08 -40.73 6.25
CA VAL E 872 13.90 -40.95 7.07
C VAL E 872 12.72 -40.09 6.61
N LYS E 873 11.51 -40.51 6.94
CA LYS E 873 10.31 -39.79 6.54
C LYS E 873 9.09 -40.49 7.14
N ARG E 874 7.97 -39.77 7.15
CA ARG E 874 6.70 -40.36 7.57
C ARG E 874 5.99 -40.97 6.37
N HIS E 875 5.17 -41.98 6.65
CA HIS E 875 4.53 -42.74 5.59
C HIS E 875 3.13 -43.14 6.02
N ILE E 876 2.32 -43.52 5.03
CA ILE E 876 0.95 -43.96 5.24
C ILE E 876 0.91 -45.46 5.02
N ALA E 877 0.34 -46.19 5.99
CA ALA E 877 0.33 -47.65 5.91
C ALA E 877 -0.52 -48.15 4.75
N LEU E 878 -1.57 -47.41 4.38
CA LEU E 878 -2.44 -47.86 3.29
C LEU E 878 -1.69 -47.92 1.98
N GLU E 879 -0.84 -46.92 1.71
CA GLU E 879 -0.06 -46.93 0.47
C GLU E 879 0.86 -48.14 0.42
N LEU E 880 1.54 -48.43 1.53
CA LEU E 880 2.46 -49.56 1.57
C LEU E 880 1.73 -50.89 1.51
N SER E 881 0.48 -50.94 1.99
CA SER E 881 -0.30 -52.16 1.83
C SER E 881 -0.80 -52.33 0.40
N GLN E 882 -1.14 -51.23 -0.26
CA GLN E 882 -1.62 -51.32 -1.64
C GLN E 882 -0.50 -51.70 -2.60
N GLU E 883 0.71 -51.15 -2.38
CA GLU E 883 1.80 -51.45 -3.30
C GLU E 883 2.22 -52.91 -3.26
N LEU E 884 1.88 -53.65 -2.19
CA LEU E 884 2.32 -55.04 -2.08
C LEU E 884 1.77 -55.88 -3.22
N GLU E 885 0.50 -55.66 -3.59
CA GLU E 885 -0.07 -56.38 -4.72
C GLU E 885 0.62 -56.00 -6.03
N ASN E 886 1.08 -54.76 -6.13
CA ASN E 886 1.81 -54.29 -7.32
C ASN E 886 3.31 -54.50 -7.14
N SER E 887 3.68 -55.77 -7.04
CA SER E 887 5.07 -56.16 -6.79
C SER E 887 5.24 -57.60 -7.29
N VAL E 888 6.32 -58.24 -6.85
CA VAL E 888 6.54 -59.65 -7.15
C VAL E 888 6.48 -60.53 -5.90
N LEU E 889 6.17 -59.94 -4.74
CA LEU E 889 6.11 -60.68 -3.49
C LEU E 889 4.74 -61.28 -3.21
N GLU E 890 3.74 -60.99 -4.03
CA GLU E 890 2.38 -61.48 -3.81
C GLU E 890 2.15 -62.86 -4.42
N LYS E 891 3.17 -63.48 -5.01
CA LYS E 891 3.00 -64.81 -5.60
C LYS E 891 2.52 -65.81 -4.56
N TYR E 892 2.96 -65.66 -3.31
CA TYR E 892 2.50 -66.46 -2.18
C TYR E 892 1.93 -65.49 -1.14
N LEU E 893 0.68 -65.08 -1.34
CA LEU E 893 0.02 -64.17 -0.39
C LEU E 893 -1.47 -64.48 -0.40
N GLN E 894 -1.88 -65.37 0.50
CA GLN E 894 -3.28 -65.68 0.72
C GLN E 894 -3.80 -64.88 1.90
N TRP E 895 -5.01 -65.21 2.35
CA TRP E 895 -5.57 -64.59 3.54
C TRP E 895 -6.23 -65.64 4.42
N SER E 896 -6.11 -65.45 5.73
CA SER E 896 -6.73 -66.34 6.70
C SER E 896 -8.24 -66.13 6.71
N PRO E 897 -8.98 -66.93 7.48
CA PRO E 897 -10.40 -66.61 7.67
C PRO E 897 -10.62 -65.21 8.24
N ASN E 898 -9.67 -64.70 9.03
CA ASN E 898 -9.69 -63.32 9.47
C ASN E 898 -9.15 -62.36 8.41
N LYS E 899 -8.98 -62.83 7.17
CA LYS E 899 -8.50 -62.02 6.04
C LYS E 899 -7.09 -61.55 6.35
N THR E 900 -6.80 -60.24 6.33
CA THR E 900 -5.53 -59.64 6.71
C THR E 900 -4.47 -59.91 5.64
N ARG E 901 -4.80 -60.76 4.67
CA ARG E 901 -3.94 -61.03 3.51
C ARG E 901 -2.52 -61.41 3.93
N ILE E 902 -2.41 -62.22 4.98
CA ILE E 902 -1.09 -62.57 5.50
C ILE E 902 -0.28 -63.33 4.47
N LEU E 903 1.00 -62.99 4.36
CA LEU E 903 1.89 -63.69 3.44
C LEU E 903 2.01 -65.15 3.84
N LYS E 904 1.93 -66.04 2.86
CA LYS E 904 1.87 -67.48 3.09
C LYS E 904 3.24 -68.14 2.99
N GLY E 905 4.30 -67.43 3.37
CA GLY E 905 5.61 -68.04 3.46
C GLY E 905 6.73 -67.24 2.85
N CYS E 906 7.73 -66.91 3.67
CA CYS E 906 8.94 -66.19 3.28
C CYS E 906 9.80 -66.08 4.53
N ARG E 907 10.99 -65.53 4.36
CA ARG E 907 11.91 -65.29 5.47
C ARG E 907 12.41 -63.85 5.38
N ILE E 908 11.99 -63.01 6.32
CA ILE E 908 12.47 -61.64 6.38
C ILE E 908 13.91 -61.68 6.85
N LEU E 909 14.84 -61.48 5.92
CA LEU E 909 16.26 -61.62 6.23
C LEU E 909 16.74 -60.42 7.05
N HIS E 910 17.83 -60.64 7.79
CA HIS E 910 18.45 -59.61 8.58
C HIS E 910 19.93 -59.94 8.71
N LYS E 911 20.71 -58.95 9.11
CA LYS E 911 22.19 -59.07 9.17
C LYS E 911 22.67 -59.40 7.76
N PHE E 912 23.67 -60.25 7.61
CA PHE E 912 24.10 -60.71 6.28
C PHE E 912 23.45 -62.04 5.91
N GLU E 913 23.72 -63.09 6.68
CA GLU E 913 23.12 -64.40 6.51
C GLU E 913 23.34 -64.97 5.11
N THR E 914 22.67 -66.09 4.81
CA THR E 914 22.73 -66.72 3.49
C THR E 914 21.32 -67.17 3.14
N LEU E 915 21.21 -68.00 2.10
CA LEU E 915 19.93 -68.53 1.67
C LEU E 915 19.60 -69.89 2.30
N GLN E 916 20.63 -70.65 2.68
CA GLN E 916 20.47 -71.98 3.27
C GLN E 916 19.61 -72.89 2.38
N GLU E 937 29.74 -42.56 -36.92
CA GLU E 937 30.18 -41.18 -36.71
C GLU E 937 30.62 -40.61 -38.06
N PRO E 938 29.79 -39.77 -38.68
CA PRO E 938 30.21 -39.13 -39.94
C PRO E 938 31.43 -38.25 -39.73
N LYS E 939 32.31 -38.24 -40.73
CA LYS E 939 33.55 -37.47 -40.63
C LYS E 939 33.27 -35.98 -40.53
N ASN E 940 32.41 -35.46 -41.40
CA ASN E 940 32.08 -34.04 -41.44
C ASN E 940 30.58 -33.87 -41.63
N LYS E 941 30.14 -32.61 -41.53
CA LYS E 941 28.73 -32.25 -41.68
C LYS E 941 27.85 -33.01 -40.69
N TRP E 942 28.37 -33.26 -39.49
CA TRP E 942 27.56 -33.91 -38.47
C TRP E 942 26.37 -33.05 -38.07
N TRP E 943 26.54 -31.73 -38.09
CA TRP E 943 25.50 -30.81 -37.64
C TRP E 943 24.36 -30.67 -38.64
N GLU E 944 24.51 -31.16 -39.86
CA GLU E 944 23.50 -30.90 -40.88
C GLU E 944 22.34 -31.89 -40.80
N TRP E 945 22.64 -33.19 -40.72
CA TRP E 945 21.59 -34.20 -40.70
C TRP E 945 22.19 -35.57 -40.44
N SER E 946 21.44 -36.41 -39.74
CA SER E 946 21.71 -37.81 -39.57
C SER E 946 20.65 -38.63 -40.30
N PRO E 947 21.02 -39.77 -40.89
CA PRO E 947 20.08 -40.49 -41.76
C PRO E 947 18.79 -40.85 -41.04
N ASN E 948 17.76 -41.12 -41.84
CA ASN E 948 16.44 -41.46 -41.30
C ASN E 948 16.46 -42.64 -40.34
N PRO E 949 17.14 -43.76 -40.62
CA PRO E 949 17.28 -44.79 -39.59
C PRO E 949 18.03 -44.29 -38.36
N SER E 950 19.01 -43.40 -38.54
CA SER E 950 19.78 -42.82 -37.45
C SER E 950 20.40 -43.88 -36.55
N SER F 289 26.74 22.15 -55.32
CA SER F 289 25.80 21.67 -54.31
C SER F 289 25.87 22.52 -53.05
N LEU F 290 26.36 23.76 -53.19
CA LEU F 290 26.48 24.64 -52.05
C LEU F 290 25.13 25.14 -51.54
N SER F 291 24.09 25.10 -52.37
CA SER F 291 22.78 25.54 -51.91
C SER F 291 22.26 24.65 -50.79
N ILE F 292 22.39 23.33 -50.94
CA ILE F 292 21.98 22.41 -49.88
C ILE F 292 22.91 22.55 -48.68
N LEU F 293 24.21 22.72 -48.93
CA LEU F 293 25.19 22.85 -47.87
C LEU F 293 25.20 24.23 -47.21
N MET F 294 24.30 25.12 -47.62
CA MET F 294 24.18 26.45 -47.02
C MET F 294 22.77 26.78 -46.56
N LEU F 295 21.75 26.06 -47.02
CA LEU F 295 20.36 26.43 -46.72
C LEU F 295 19.84 25.78 -45.45
N HIS F 296 19.85 24.45 -45.39
CA HIS F 296 19.20 23.73 -44.30
C HIS F 296 19.96 23.89 -43.00
N ASP F 297 19.23 24.19 -41.92
CA ASP F 297 19.78 24.22 -40.56
C ASP F 297 20.94 25.21 -40.42
N PRO F 298 20.66 26.52 -40.38
CA PRO F 298 21.74 27.50 -40.22
C PRO F 298 22.57 27.31 -38.96
N GLU F 299 22.09 26.50 -38.01
CA GLU F 299 22.88 26.19 -36.81
C GLU F 299 24.23 25.62 -37.20
N ALA F 300 24.23 24.62 -38.07
CA ALA F 300 25.49 24.07 -38.59
C ALA F 300 26.30 25.11 -39.33
N ARG F 301 25.64 26.13 -39.91
CA ARG F 301 26.38 27.13 -40.68
C ARG F 301 27.18 28.05 -39.77
N TYR F 302 26.57 28.57 -38.69
CA TYR F 302 27.45 29.34 -37.82
C TYR F 302 28.33 28.44 -36.96
N LEU F 303 28.00 27.16 -36.80
CA LEU F 303 28.96 26.22 -36.23
C LEU F 303 30.19 26.10 -37.11
N HIS F 304 30.00 26.05 -38.43
CA HIS F 304 31.12 26.03 -39.36
C HIS F 304 31.88 27.34 -39.34
N LYS F 305 31.19 28.46 -39.14
CA LYS F 305 31.89 29.74 -38.97
C LYS F 305 32.79 29.71 -37.75
N ILE F 306 32.27 29.20 -36.62
CA ILE F 306 33.07 29.08 -35.41
C ILE F 306 34.25 28.15 -35.65
N LEU F 307 34.03 27.04 -36.37
CA LEU F 307 35.12 26.14 -36.71
C LEU F 307 36.17 26.85 -37.56
N ASN F 308 35.74 27.72 -38.47
CA ASN F 308 36.69 28.54 -39.21
C ASN F 308 37.50 29.43 -38.28
N LEU F 309 36.87 29.94 -37.22
CA LEU F 309 37.62 30.72 -36.24
C LEU F 309 38.62 29.87 -35.46
N LEU F 310 38.43 28.55 -35.42
CA LEU F 310 39.38 27.69 -34.74
C LEU F 310 40.71 27.65 -35.51
N PRO F 311 41.83 27.48 -34.80
CA PRO F 311 43.11 27.40 -35.50
C PRO F 311 43.17 26.18 -36.39
N PRO F 312 43.93 26.25 -37.49
CA PRO F 312 44.04 25.09 -38.39
C PRO F 312 44.89 23.95 -37.84
N GLU F 313 45.44 24.09 -36.62
CA GLU F 313 46.24 23.02 -36.05
C GLU F 313 45.40 21.75 -35.83
N TYR F 314 44.14 21.92 -35.43
CA TYR F 314 43.28 20.77 -35.23
C TYR F 314 43.05 20.02 -36.53
N TYR F 315 42.87 20.75 -37.63
CA TYR F 315 42.76 20.12 -38.95
C TYR F 315 44.07 19.45 -39.34
N VAL F 316 45.20 20.10 -39.07
CA VAL F 316 46.50 19.56 -39.47
C VAL F 316 46.81 18.29 -38.68
N GLU F 317 46.61 18.33 -37.36
CA GLU F 317 46.91 17.18 -36.52
C GLU F 317 45.95 16.03 -36.84
N TYR F 318 46.52 14.85 -37.08
CA TYR F 318 45.69 13.67 -37.36
C TYR F 318 44.78 13.30 -36.20
N PRO F 319 45.23 13.23 -34.94
CA PRO F 319 44.30 12.85 -33.86
C PRO F 319 43.16 13.84 -33.68
N LEU F 320 43.45 15.13 -33.67
CA LEU F 320 42.39 16.13 -33.48
C LEU F 320 41.42 16.13 -34.65
N TRP F 321 41.93 16.03 -35.88
CA TRP F 321 41.05 15.99 -37.04
C TRP F 321 40.18 14.73 -37.02
N SER F 322 40.75 13.59 -36.68
CA SER F 322 39.96 12.36 -36.59
C SER F 322 38.90 12.47 -35.51
N ASN F 323 39.24 13.07 -34.36
CA ASN F 323 38.29 13.21 -33.28
C ASN F 323 37.13 14.13 -33.68
N VAL F 324 37.43 15.26 -34.33
CA VAL F 324 36.35 16.16 -34.72
C VAL F 324 35.49 15.54 -35.82
N VAL F 325 36.10 14.77 -36.73
CA VAL F 325 35.30 14.06 -37.73
C VAL F 325 34.39 13.05 -37.07
N PHE F 326 34.90 12.30 -36.09
CA PHE F 326 34.07 11.33 -35.38
C PHE F 326 32.93 12.01 -34.64
N ALA F 327 33.22 13.14 -33.98
CA ALA F 327 32.18 13.87 -33.27
C ALA F 327 31.11 14.38 -34.21
N LEU F 328 31.52 14.90 -35.37
CA LEU F 328 30.55 15.43 -36.32
C LEU F 328 29.77 14.30 -37.01
N ALA F 329 30.36 13.11 -37.09
CA ALA F 329 29.69 12.00 -37.77
C ALA F 329 28.49 11.49 -36.97
N ASN F 330 28.54 11.58 -35.65
CA ASN F 330 27.44 11.10 -34.82
C ASN F 330 26.17 11.92 -35.02
N THR F 331 26.28 13.13 -35.57
CA THR F 331 25.13 13.98 -35.80
C THR F 331 24.57 13.68 -37.18
N SER F 332 23.41 13.04 -37.22
CA SER F 332 22.70 12.68 -38.45
C SER F 332 23.62 11.86 -39.35
N ALA F 333 23.37 11.87 -40.66
CA ALA F 333 24.20 11.14 -41.61
C ALA F 333 24.53 11.91 -42.88
N ASN F 334 23.87 13.04 -43.14
CA ASN F 334 24.08 13.79 -44.38
C ASN F 334 25.09 14.92 -44.20
N TYR F 335 25.95 14.83 -43.20
CA TYR F 335 26.98 15.83 -42.95
C TYR F 335 28.32 15.47 -43.58
N ARG F 336 28.37 14.40 -44.38
CA ARG F 336 29.59 14.08 -45.12
C ARG F 336 30.01 15.19 -46.07
N PRO F 337 29.12 15.78 -46.88
CA PRO F 337 29.53 16.96 -47.67
C PRO F 337 30.00 18.12 -46.81
N LEU F 338 29.39 18.32 -45.64
CA LEU F 338 29.85 19.40 -44.76
C LEU F 338 31.26 19.14 -44.26
N ALA F 339 31.57 17.88 -43.92
CA ALA F 339 32.92 17.53 -43.53
C ALA F 339 33.88 17.70 -44.69
N GLU F 340 33.44 17.37 -45.91
CA GLU F 340 34.27 17.57 -47.09
C GLU F 340 34.58 19.06 -47.29
N TRP F 341 33.59 19.92 -47.07
CA TRP F 341 33.84 21.36 -47.09
C TRP F 341 34.81 21.76 -45.99
N PHE F 342 34.65 21.18 -44.80
CA PHE F 342 35.65 21.38 -43.75
C PHE F 342 36.98 20.75 -44.13
N SER F 343 36.96 19.61 -44.83
CA SER F 343 38.19 19.03 -45.35
C SER F 343 38.84 19.96 -46.36
N GLN F 344 38.05 20.59 -47.21
CA GLN F 344 38.58 21.56 -48.17
C GLN F 344 39.00 22.86 -47.51
N LYS F 345 38.61 23.09 -46.26
CA LYS F 345 39.06 24.26 -45.53
C LYS F 345 40.52 24.08 -45.14
N CYS F 346 41.37 25.02 -45.55
CA CYS F 346 42.82 24.92 -45.37
C CYS F 346 43.34 23.60 -45.95
N PRO F 347 43.26 23.41 -47.27
CA PRO F 347 43.60 22.13 -47.90
C PRO F 347 45.09 21.94 -48.17
N GLU F 348 45.91 22.16 -47.13
CA GLU F 348 47.34 21.93 -47.24
C GLU F 348 47.70 20.45 -47.11
N LYS F 349 46.78 19.61 -46.66
CA LYS F 349 47.02 18.18 -46.53
C LYS F 349 46.05 17.32 -47.29
N TRP F 350 44.94 17.87 -47.79
CA TRP F 350 43.98 17.06 -48.53
C TRP F 350 44.57 16.57 -49.84
N ASN F 351 45.16 17.47 -50.63
CA ASN F 351 45.84 17.09 -51.86
C ASN F 351 47.29 16.71 -51.55
N THR F 352 47.80 15.77 -52.34
CA THR F 352 49.13 15.18 -52.10
C THR F 352 49.23 14.66 -50.67
N GLY F 353 48.16 13.99 -50.22
CA GLY F 353 48.04 13.56 -48.84
C GLY F 353 46.76 12.79 -48.61
N GLY F 354 46.05 13.12 -47.54
CA GLY F 354 44.80 12.43 -47.22
C GLY F 354 43.67 12.78 -48.16
N LYS F 355 43.78 12.35 -49.41
CA LYS F 355 42.72 12.59 -50.38
C LYS F 355 41.45 11.84 -50.01
N GLU F 356 41.57 10.54 -49.75
CA GLU F 356 40.42 9.72 -49.39
C GLU F 356 40.70 8.73 -48.27
N LYS F 357 41.89 8.74 -47.67
CA LYS F 357 42.17 7.82 -46.57
C LYS F 357 41.31 8.15 -45.35
N LEU F 358 41.10 9.44 -45.06
CA LEU F 358 40.21 9.83 -43.98
C LEU F 358 38.75 9.71 -44.35
N GLU F 359 38.44 9.67 -45.66
CA GLU F 359 37.09 9.33 -46.09
C GLU F 359 36.74 7.91 -45.66
N LYS F 360 37.71 7.00 -45.72
CA LYS F 360 37.53 5.67 -45.16
C LYS F 360 37.32 5.73 -43.65
N LEU F 361 38.01 6.66 -42.97
CA LEU F 361 37.78 6.84 -41.54
C LEU F 361 36.36 7.29 -41.26
N TRP F 362 35.83 8.20 -42.08
CA TRP F 362 34.44 8.61 -41.93
C TRP F 362 33.49 7.44 -42.15
N ASN F 363 33.75 6.62 -43.17
CA ASN F 363 32.91 5.45 -43.43
C ASN F 363 32.95 4.49 -42.25
N ASP F 364 34.12 4.26 -41.67
CA ASP F 364 34.22 3.41 -40.49
C ASP F 364 33.47 4.01 -39.31
N ALA F 365 33.58 5.33 -39.12
CA ALA F 365 32.83 6.00 -38.06
C ALA F 365 31.33 5.85 -38.25
N SER F 366 30.88 5.77 -39.50
CA SER F 366 29.47 5.48 -39.76
C SER F 366 29.08 4.08 -39.29
N HIS F 367 30.06 3.20 -39.06
CA HIS F 367 29.80 1.85 -38.58
C HIS F 367 30.46 1.58 -37.23
N HIS F 368 30.77 2.62 -36.47
CA HIS F 368 31.47 2.47 -35.21
C HIS F 368 30.50 2.42 -34.04
N THR F 369 30.75 1.50 -33.11
CA THR F 369 30.01 1.39 -31.86
C THR F 369 31.03 1.49 -30.72
N GLU F 370 31.14 2.68 -30.13
CA GLU F 370 32.20 2.97 -29.16
C GLU F 370 31.72 4.08 -28.24
N LYS F 371 32.67 4.73 -27.55
CA LYS F 371 32.32 5.80 -26.62
C LYS F 371 31.48 6.89 -27.28
N LYS F 372 31.70 7.11 -28.58
CA LYS F 372 30.88 8.01 -29.39
C LYS F 372 30.90 9.44 -28.85
N ILE F 373 32.10 10.04 -28.93
CA ILE F 373 32.22 11.46 -28.64
C ILE F 373 31.33 12.24 -29.60
N THR F 374 30.72 13.31 -29.10
CA THR F 374 29.67 14.02 -29.82
C THR F 374 29.90 15.51 -29.68
N LYS F 375 28.85 16.28 -29.98
CA LYS F 375 28.91 17.74 -29.94
C LYS F 375 29.15 18.21 -28.50
N ARG F 376 29.28 19.53 -28.35
CA ARG F 376 29.60 20.27 -27.13
C ARG F 376 31.10 20.19 -26.83
N SER F 377 31.87 19.35 -27.52
CA SER F 377 33.32 19.37 -27.39
C SER F 377 33.91 20.57 -28.11
N ILE F 378 33.50 20.79 -29.36
CA ILE F 378 33.99 21.92 -30.14
C ILE F 378 33.60 23.23 -29.49
N MET F 379 32.49 23.25 -28.76
CA MET F 379 32.10 24.47 -28.06
C MET F 379 33.15 24.87 -27.04
N TYR F 380 33.66 23.91 -26.26
CA TYR F 380 34.74 24.22 -25.34
C TYR F 380 36.06 24.48 -26.06
N TRP F 381 36.32 23.75 -27.14
CA TRP F 381 37.51 24.01 -27.95
C TRP F 381 37.58 25.47 -28.37
N ALA F 382 36.44 26.04 -28.76
CA ALA F 382 36.37 27.47 -29.07
C ALA F 382 36.35 28.34 -27.81
N HIS F 383 35.75 27.84 -26.73
CA HIS F 383 35.57 28.64 -25.53
C HIS F 383 36.90 28.98 -24.88
N LYS F 384 37.78 27.98 -24.74
CA LYS F 384 39.01 28.20 -23.97
C LYS F 384 40.11 28.88 -24.78
N HIS F 385 39.95 28.98 -26.10
CA HIS F 385 40.94 29.60 -26.97
C HIS F 385 40.32 30.83 -27.60
N ALA F 386 40.95 31.99 -27.38
CA ALA F 386 40.46 33.28 -27.86
C ALA F 386 38.99 33.43 -27.47
N PRO F 387 38.68 33.56 -26.18
CA PRO F 387 37.29 33.55 -25.71
C PRO F 387 36.51 34.83 -26.02
N GLN F 388 36.57 35.27 -27.28
CA GLN F 388 35.87 36.48 -27.68
C GLN F 388 34.78 36.22 -28.72
N GLN F 389 35.14 35.66 -29.88
CA GLN F 389 34.23 35.65 -31.03
C GLN F 389 32.97 34.83 -30.75
N TYR F 390 33.14 33.63 -30.20
CA TYR F 390 31.99 32.77 -29.96
C TYR F 390 30.99 33.43 -29.03
N LYS F 391 31.45 34.30 -28.14
CA LYS F 391 30.56 34.99 -27.23
C LYS F 391 29.53 35.82 -27.99
N GLU F 392 29.98 36.71 -28.87
CA GLU F 392 29.02 37.53 -29.60
C GLU F 392 28.28 36.73 -30.65
N ILE F 393 28.90 35.67 -31.19
CA ILE F 393 28.17 34.85 -32.16
C ILE F 393 26.98 34.18 -31.51
N VAL F 394 27.20 33.56 -30.33
CA VAL F 394 26.10 32.85 -29.68
C VAL F 394 25.10 33.84 -29.10
N GLU F 395 25.56 35.02 -28.66
CA GLU F 395 24.62 36.06 -28.23
C GLU F 395 23.76 36.54 -29.40
N GLN F 396 24.37 36.67 -30.58
CA GLN F 396 23.61 37.01 -31.77
C GLN F 396 22.60 35.93 -32.11
N GLY F 397 22.96 34.67 -31.91
CA GLY F 397 22.00 33.59 -32.10
C GLY F 397 20.81 33.70 -31.15
N TYR F 398 21.09 33.95 -29.87
CA TYR F 398 20.02 34.17 -28.90
C TYR F 398 19.12 35.31 -29.35
N PHE F 399 19.72 36.45 -29.69
CA PHE F 399 18.96 37.62 -30.09
C PHE F 399 18.14 37.33 -31.33
N SER F 400 18.72 36.62 -32.30
CA SER F 400 18.02 36.33 -33.53
C SER F 400 16.78 35.48 -33.26
N ILE F 401 16.93 34.39 -32.52
CA ILE F 401 15.78 33.51 -32.30
C ILE F 401 14.71 34.23 -31.46
N LEU F 402 15.12 34.95 -30.42
CA LEU F 402 14.14 35.59 -29.56
C LEU F 402 13.41 36.71 -30.31
N ALA F 403 14.14 37.52 -31.07
CA ALA F 403 13.50 38.58 -31.84
C ALA F 403 12.61 38.02 -32.94
N GLU F 404 13.01 36.89 -33.54
CA GLU F 404 12.15 36.24 -34.51
C GLU F 404 10.83 35.84 -33.88
N TYR F 405 10.89 35.22 -32.70
CA TYR F 405 9.64 34.85 -32.02
C TYR F 405 8.81 36.08 -31.68
N VAL F 406 9.45 37.14 -31.19
CA VAL F 406 8.74 38.34 -30.79
C VAL F 406 8.03 38.97 -31.99
N TYR F 407 8.74 39.10 -33.11
CA TYR F 407 8.15 39.69 -34.29
C TYR F 407 7.04 38.81 -34.85
N SER F 408 7.23 37.49 -34.84
CA SER F 408 6.23 36.59 -35.38
C SER F 408 4.94 36.64 -34.56
N TYR F 409 5.05 36.68 -33.23
CA TYR F 409 3.89 36.59 -32.36
C TYR F 409 3.56 37.90 -31.67
N ASN F 410 3.97 39.03 -32.26
CA ASN F 410 3.56 40.36 -31.80
C ASN F 410 3.89 40.60 -30.33
N GLY F 411 5.06 40.14 -29.91
CA GLY F 411 5.52 40.40 -28.56
C GLY F 411 4.67 39.78 -27.47
N MET F 412 4.27 38.52 -27.64
CA MET F 412 3.49 37.79 -26.64
C MET F 412 4.29 36.56 -26.24
N LEU F 413 5.05 36.68 -25.15
CA LEU F 413 5.91 35.60 -24.72
C LEU F 413 5.09 34.47 -24.09
N GLU F 414 5.60 33.25 -24.21
CA GLU F 414 4.93 32.06 -23.70
C GLU F 414 6.00 31.07 -23.25
N HIS F 415 5.56 29.89 -22.82
CA HIS F 415 6.47 28.93 -22.20
C HIS F 415 7.46 28.38 -23.22
N TYR F 416 6.98 27.96 -24.39
CA TYR F 416 7.81 27.15 -25.28
C TYR F 416 8.98 27.94 -25.85
N MET F 417 8.75 29.19 -26.25
CA MET F 417 9.86 29.96 -26.83
C MET F 417 10.92 30.28 -25.78
N ILE F 418 10.50 30.60 -24.56
CA ILE F 418 11.46 30.79 -23.48
C ILE F 418 12.25 29.52 -23.24
N ALA F 419 11.57 28.37 -23.25
CA ALA F 419 12.27 27.10 -23.04
C ALA F 419 13.27 26.83 -24.15
N LYS F 420 12.90 27.12 -25.40
CA LYS F 420 13.80 26.90 -26.52
C LYS F 420 15.02 27.80 -26.43
N VAL F 421 14.83 29.08 -26.08
CA VAL F 421 15.97 29.98 -25.93
C VAL F 421 16.86 29.52 -24.79
N ILE F 422 16.25 29.07 -23.68
CA ILE F 422 17.04 28.59 -22.54
C ILE F 422 17.85 27.36 -22.94
N TYR F 423 17.26 26.46 -23.72
CA TYR F 423 18.00 25.29 -24.18
C TYR F 423 19.14 25.69 -25.09
N ALA F 424 18.90 26.62 -26.01
CA ALA F 424 19.98 27.07 -26.90
C ALA F 424 21.05 27.81 -26.12
N MET F 425 20.72 28.32 -24.93
CA MET F 425 21.63 29.20 -24.21
C MET F 425 22.45 28.43 -23.17
N MET F 426 21.87 27.39 -22.57
CA MET F 426 22.59 26.48 -21.67
C MET F 426 22.23 25.02 -21.93
N GLY F 427 22.26 24.59 -23.19
CA GLY F 427 21.97 23.20 -23.48
C GLY F 427 23.12 22.25 -23.22
N ASN F 428 24.29 22.77 -22.88
CA ASN F 428 25.47 21.95 -22.68
C ASN F 428 25.77 21.67 -21.21
N LYS F 429 24.86 22.02 -20.30
CA LYS F 429 25.10 21.88 -18.88
C LYS F 429 24.04 21.05 -18.16
N PHE F 430 23.00 20.61 -18.85
CA PHE F 430 21.91 19.88 -18.20
C PHE F 430 21.45 18.74 -19.09
N VAL F 431 21.01 17.66 -18.45
CA VAL F 431 20.39 16.53 -19.12
C VAL F 431 19.22 16.06 -18.27
N VAL F 432 18.18 15.56 -18.93
CA VAL F 432 16.97 15.08 -18.27
C VAL F 432 16.69 13.67 -18.76
N ASP F 433 16.41 12.77 -17.82
CA ASP F 433 16.07 11.40 -18.16
C ASP F 433 15.10 10.84 -17.13
N VAL F 434 14.38 9.80 -17.52
CA VAL F 434 13.39 9.17 -16.66
C VAL F 434 14.04 8.00 -15.93
N ASP F 435 13.63 7.80 -14.68
CA ASP F 435 14.15 6.71 -13.87
C ASP F 435 13.22 5.50 -13.98
N SER F 436 13.47 4.49 -13.17
CA SER F 436 12.62 3.29 -13.17
C SER F 436 11.23 3.57 -12.61
N ASN F 437 11.06 4.68 -11.89
CA ASN F 437 9.78 5.04 -11.29
C ASN F 437 8.93 5.93 -12.19
N GLY F 438 9.37 6.17 -13.42
CA GLY F 438 8.61 6.98 -14.35
C GLY F 438 8.48 8.44 -13.99
N LYS F 439 9.56 9.05 -13.50
CA LYS F 439 9.60 10.48 -13.24
C LYS F 439 10.89 11.06 -13.78
N TYR F 440 10.81 12.30 -14.25
CA TYR F 440 11.98 12.96 -14.82
C TYR F 440 12.96 13.36 -13.74
N VAL F 441 14.25 13.25 -14.03
CA VAL F 441 15.31 13.55 -13.09
C VAL F 441 16.26 14.54 -13.75
N TRP F 442 16.62 15.60 -13.02
CA TRP F 442 17.51 16.64 -13.53
C TRP F 442 18.94 16.37 -13.08
N PHE F 443 19.88 16.51 -14.01
CA PHE F 443 21.30 16.37 -13.72
C PHE F 443 22.02 17.65 -14.09
N GLU F 444 22.93 18.09 -13.23
CA GLU F 444 23.70 19.31 -13.43
C GLU F 444 25.18 18.99 -13.41
N PHE F 445 25.92 19.58 -14.36
CA PHE F 445 27.36 19.38 -14.48
C PHE F 445 28.06 20.42 -13.61
N VAL F 446 28.73 19.96 -12.56
CA VAL F 446 29.34 20.88 -11.61
C VAL F 446 30.56 21.55 -12.25
N LEU F 447 30.78 22.80 -11.88
CA LEU F 447 31.83 23.64 -12.41
C LEU F 447 32.61 24.29 -11.28
N PRO F 448 33.91 24.52 -11.47
CA PRO F 448 34.67 25.26 -10.45
C PRO F 448 34.11 26.67 -10.27
N GLY F 449 34.15 27.14 -9.03
CA GLY F 449 33.63 28.45 -8.71
C GLY F 449 32.17 28.49 -8.32
N GLN F 450 31.57 27.36 -7.98
CA GLN F 450 30.18 27.30 -7.57
C GLN F 450 30.08 26.63 -6.22
N PRO F 451 29.04 26.95 -5.43
CA PRO F 451 28.83 26.24 -4.17
C PRO F 451 28.54 24.77 -4.44
N MET F 452 29.27 23.90 -3.74
CA MET F 452 29.18 22.48 -3.98
C MET F 452 29.68 21.73 -2.76
N ASN F 453 29.36 20.44 -2.72
CA ASN F 453 29.91 19.57 -1.69
C ASN F 453 31.38 19.28 -1.97
N GLN F 454 32.03 18.63 -1.01
CA GLN F 454 33.45 18.35 -1.12
C GLN F 454 33.68 17.22 -2.13
N GLY F 455 34.44 17.51 -3.19
CA GLY F 455 34.89 16.49 -4.11
C GLY F 455 33.95 16.13 -5.24
N GLU F 456 32.87 16.89 -5.44
CA GLU F 456 31.93 16.61 -6.53
C GLU F 456 32.20 17.48 -7.75
N ILE F 457 33.46 17.76 -8.03
CA ILE F 457 33.84 18.65 -9.13
C ILE F 457 34.03 17.82 -10.39
N TRP F 458 33.82 18.47 -11.54
CA TRP F 458 34.09 17.90 -12.86
C TRP F 458 33.24 16.65 -13.13
N LYS F 459 32.04 16.62 -12.58
CA LYS F 459 31.15 15.48 -12.79
C LYS F 459 29.72 15.90 -12.54
N TRP F 460 28.79 15.12 -13.08
CA TRP F 460 27.38 15.40 -12.92
C TRP F 460 26.93 15.13 -11.49
N ARG F 461 25.90 15.87 -11.05
CA ARG F 461 25.29 15.65 -9.76
C ARG F 461 23.77 15.62 -9.92
N LYS F 462 23.12 14.82 -9.10
CA LYS F 462 21.67 14.71 -9.15
C LYS F 462 21.02 15.93 -8.51
N GLU F 463 20.02 16.48 -9.20
CA GLU F 463 19.31 17.66 -8.74
C GLU F 463 17.83 17.34 -8.67
N VAL F 464 17.24 17.47 -7.47
CA VAL F 464 15.81 17.28 -7.34
C VAL F 464 15.04 18.37 -8.06
N ASN F 465 15.56 19.61 -8.04
CA ASN F 465 14.93 20.72 -8.71
C ASN F 465 16.03 21.67 -9.16
N PRO F 466 16.04 22.07 -10.44
CA PRO F 466 17.10 22.96 -10.92
C PRO F 466 16.97 24.37 -10.36
N ASP F 467 17.32 24.54 -9.09
CA ASP F 467 17.15 25.83 -8.43
C ASP F 467 18.01 26.90 -9.08
N GLU F 468 19.28 26.60 -9.35
CA GLU F 468 20.15 27.60 -9.95
C GLU F 468 19.73 27.92 -11.37
N LEU F 469 19.11 26.97 -12.07
CA LEU F 469 18.45 27.30 -13.33
C LEU F 469 17.27 28.24 -13.10
N HIS F 470 16.51 28.01 -12.02
CA HIS F 470 15.37 28.86 -11.72
C HIS F 470 15.80 30.29 -11.42
N ILE F 471 17.00 30.47 -10.88
CA ILE F 471 17.48 31.84 -10.66
C ILE F 471 18.19 32.38 -11.90
N TYR F 472 18.80 31.52 -12.71
CA TYR F 472 19.46 31.97 -13.93
C TYR F 472 18.44 32.52 -14.92
N ILE F 473 17.29 31.85 -15.05
CA ILE F 473 16.26 32.28 -15.99
C ILE F 473 15.71 33.65 -15.64
N SER F 474 15.82 34.07 -14.38
CA SER F 474 15.36 35.38 -13.97
C SER F 474 16.47 36.41 -13.86
N GLU F 475 17.73 35.98 -13.77
CA GLU F 475 18.84 36.91 -13.70
C GLU F 475 19.42 37.24 -15.06
N ASN F 476 19.82 36.23 -15.84
CA ASN F 476 20.56 36.50 -17.07
C ASN F 476 19.64 36.78 -18.25
N PHE F 477 18.41 36.25 -18.23
CA PHE F 477 17.47 36.53 -19.31
C PHE F 477 17.05 37.99 -19.36
N SER F 478 17.16 38.69 -18.22
CA SER F 478 16.83 40.11 -18.19
C SER F 478 17.73 40.91 -19.11
N ARG F 479 19.00 40.50 -19.25
CA ARG F 479 19.90 41.19 -20.16
C ARG F 479 19.41 41.10 -21.60
N VAL F 480 19.00 39.91 -22.02
CA VAL F 480 18.48 39.74 -23.37
C VAL F 480 17.20 40.53 -23.56
N MET F 481 16.33 40.53 -22.56
CA MET F 481 15.10 41.30 -22.67
C MET F 481 15.39 42.79 -22.78
N ASP F 482 16.36 43.29 -22.02
CA ASP F 482 16.73 44.70 -22.12
C ASP F 482 17.33 45.00 -23.49
N ARG F 483 18.11 44.08 -24.04
CA ARG F 483 18.62 44.26 -25.39
C ARG F 483 17.49 44.36 -26.40
N ILE F 484 16.46 43.53 -26.25
CA ILE F 484 15.31 43.59 -27.15
C ILE F 484 14.59 44.92 -27.02
N THR F 485 14.42 45.40 -25.79
CA THR F 485 13.79 46.70 -25.58
C THR F 485 14.60 47.81 -26.23
N GLU F 486 15.92 47.78 -26.09
CA GLU F 486 16.76 48.78 -26.73
C GLU F 486 16.62 48.71 -28.24
N HIS F 487 16.58 47.50 -28.81
CA HIS F 487 16.44 47.34 -30.25
C HIS F 487 15.13 47.93 -30.75
N ILE F 488 14.02 47.62 -30.06
CA ILE F 488 12.73 48.12 -30.52
C ILE F 488 12.65 49.63 -30.34
N LYS F 489 13.24 50.16 -29.27
CA LYS F 489 13.26 51.61 -29.08
C LYS F 489 14.06 52.30 -30.19
N TYR F 490 15.21 51.73 -30.55
CA TYR F 490 16.01 52.30 -31.63
C TYR F 490 15.25 52.27 -32.95
N HIS F 491 14.58 51.16 -33.25
CA HIS F 491 13.77 51.11 -34.47
C HIS F 491 12.62 52.09 -34.41
N LEU F 492 12.08 52.37 -33.22
CA LEU F 492 11.06 53.39 -33.08
C LEU F 492 11.62 54.78 -33.34
N SER F 493 12.91 54.99 -33.02
CA SER F 493 13.51 56.31 -33.22
C SER F 493 13.54 56.68 -34.70
N GLN F 494 13.85 55.73 -35.57
CA GLN F 494 13.93 56.03 -37.01
C GLN F 494 12.55 56.39 -37.55
N PRO F 495 12.43 57.45 -38.35
CA PRO F 495 11.12 57.79 -38.92
C PRO F 495 10.71 56.83 -40.01
N HIS F 496 9.40 56.60 -40.10
CA HIS F 496 8.84 55.72 -41.12
C HIS F 496 7.44 56.23 -41.46
N GLU F 497 6.65 55.39 -42.13
CA GLU F 497 5.26 55.72 -42.43
C GLU F 497 4.39 55.37 -41.22
N SER F 498 3.08 55.31 -41.42
CA SER F 498 2.13 55.15 -40.31
C SER F 498 2.32 53.85 -39.52
N ASN F 499 3.28 53.02 -39.92
CA ASN F 499 3.56 51.81 -39.16
C ASN F 499 4.10 52.15 -37.77
N ILE F 500 4.95 53.16 -37.66
CA ILE F 500 5.48 53.54 -36.35
C ILE F 500 4.36 54.05 -35.45
N LEU F 501 3.28 54.55 -36.05
CA LEU F 501 2.18 55.07 -35.25
C LEU F 501 1.50 53.97 -34.44
N ASN F 502 1.28 52.81 -35.04
CA ASN F 502 0.51 51.75 -34.40
C ASN F 502 1.30 50.48 -34.14
N TYR F 503 1.98 49.94 -35.15
CA TYR F 503 2.60 48.62 -35.01
C TYR F 503 3.68 48.62 -33.94
N TYR F 504 4.64 49.55 -34.04
CA TYR F 504 5.73 49.58 -33.07
C TYR F 504 5.22 49.93 -31.67
N LYS F 505 4.27 50.86 -31.56
CA LYS F 505 3.76 51.23 -30.25
C LYS F 505 3.06 50.04 -29.58
N LYS F 506 2.23 49.33 -30.34
CA LYS F 506 1.54 48.17 -29.80
C LYS F 506 2.51 47.06 -29.45
N LEU F 507 3.54 46.85 -30.29
CA LEU F 507 4.56 45.86 -29.99
C LEU F 507 5.29 46.19 -28.70
N LEU F 508 5.65 47.47 -28.51
CA LEU F 508 6.34 47.86 -27.28
C LEU F 508 5.43 47.68 -26.07
N LYS F 509 4.15 48.05 -26.19
CA LYS F 509 3.25 47.87 -25.06
C LYS F 509 3.08 46.40 -24.69
N ALA F 510 2.92 45.55 -25.70
CA ALA F 510 2.80 44.11 -25.44
C ALA F 510 4.08 43.56 -24.81
N PHE F 511 5.24 44.00 -25.30
CA PHE F 511 6.49 43.49 -24.75
C PHE F 511 6.70 43.94 -23.32
N GLU F 512 6.37 45.19 -23.00
CA GLU F 512 6.53 45.64 -21.61
C GLU F 512 5.51 44.94 -20.71
N ARG F 513 4.32 44.64 -21.23
CA ARG F 513 3.37 43.83 -20.46
C ARG F 513 3.93 42.44 -20.18
N SER F 514 4.57 41.82 -21.17
CA SER F 514 5.03 40.44 -21.03
C SER F 514 6.41 40.32 -20.39
N LYS F 515 7.11 41.44 -20.18
CA LYS F 515 8.44 41.37 -19.59
C LYS F 515 8.40 40.80 -18.18
N SER F 516 7.41 41.20 -17.38
CA SER F 516 7.33 40.76 -16.00
C SER F 516 6.95 39.29 -15.86
N LYS F 517 6.53 38.64 -16.95
CA LYS F 517 6.11 37.25 -16.86
C LYS F 517 7.27 36.32 -16.51
N ILE F 518 8.48 36.65 -16.95
CA ILE F 518 9.64 35.81 -16.68
C ILE F 518 9.97 35.72 -15.21
N PHE F 519 9.45 36.63 -14.40
CA PHE F 519 9.64 36.57 -12.96
C PHE F 519 8.60 35.71 -12.25
N ASN F 520 7.46 35.46 -12.88
CA ASN F 520 6.35 34.78 -12.22
C ASN F 520 6.74 33.34 -11.87
N ASP F 521 6.27 32.89 -10.69
CA ASP F 521 6.61 31.56 -10.23
C ASP F 521 5.90 30.49 -11.07
N SER F 522 4.61 30.67 -11.32
CA SER F 522 3.88 29.72 -12.15
C SER F 522 4.43 29.69 -13.56
N PHE F 523 4.76 30.86 -14.11
CA PHE F 523 5.36 30.91 -15.43
C PHE F 523 6.69 30.19 -15.46
N LYS F 524 7.52 30.36 -14.42
CA LYS F 524 8.79 29.68 -14.36
C LYS F 524 8.60 28.16 -14.27
N LYS F 525 7.62 27.71 -13.48
CA LYS F 525 7.36 26.28 -13.38
C LYS F 525 6.91 25.72 -14.73
N GLY F 526 6.05 26.45 -15.43
CA GLY F 526 5.64 26.00 -16.76
C GLY F 526 6.79 25.94 -17.74
N VAL F 527 7.67 26.95 -17.69
CA VAL F 527 8.84 26.95 -18.57
C VAL F 527 9.73 25.76 -18.27
N ILE F 528 9.93 25.44 -16.99
CA ILE F 528 10.75 24.30 -16.62
C ILE F 528 10.10 23.01 -17.12
N ARG F 529 8.80 22.87 -16.93
CA ARG F 529 8.11 21.66 -17.38
C ARG F 529 8.16 21.51 -18.89
N GLN F 530 8.16 22.61 -19.63
CA GLN F 530 8.30 22.52 -21.08
C GLN F 530 9.74 22.18 -21.49
N ALA F 531 10.72 22.79 -20.82
CA ALA F 531 12.12 22.50 -21.13
C ALA F 531 12.52 21.10 -20.73
N GLU F 532 11.72 20.45 -19.88
CA GLU F 532 11.96 19.04 -19.57
C GLU F 532 12.09 18.21 -20.84
N PHE F 533 11.25 18.49 -21.83
CA PHE F 533 11.24 17.71 -23.06
C PHE F 533 12.40 18.09 -23.97
N LEU F 534 12.79 19.36 -23.98
CA LEU F 534 13.90 19.80 -24.83
C LEU F 534 15.23 19.28 -24.31
N PHE F 535 15.41 19.23 -22.99
CA PHE F 535 16.65 18.76 -22.41
C PHE F 535 16.70 17.23 -22.28
N ARG F 536 15.64 16.54 -22.69
CA ARG F 536 15.61 15.08 -22.59
C ARG F 536 16.70 14.46 -23.46
N GLN F 537 17.41 13.48 -22.90
CA GLN F 537 18.44 12.74 -23.62
C GLN F 537 18.19 11.25 -23.40
N ARG F 538 17.89 10.55 -24.49
CA ARG F 538 17.62 9.11 -24.39
C ARG F 538 18.90 8.35 -24.05
N SER F 539 18.72 7.27 -23.30
CA SER F 539 19.81 6.36 -22.93
C SER F 539 20.91 7.10 -22.17
N PHE F 540 20.54 7.63 -21.01
CA PHE F 540 21.50 8.29 -20.13
C PHE F 540 21.56 7.68 -18.74
N ILE F 541 20.42 7.28 -18.17
CA ILE F 541 20.41 6.71 -16.83
C ILE F 541 21.12 5.37 -16.83
N GLN F 542 20.80 4.50 -17.79
CA GLN F 542 21.36 3.16 -17.79
C GLN F 542 22.81 3.12 -18.22
N THR F 543 23.32 4.18 -18.86
CA THR F 543 24.71 4.25 -19.27
C THR F 543 25.58 4.99 -18.26
N LEU F 544 25.01 5.38 -17.12
CA LEU F 544 25.78 6.06 -16.09
C LEU F 544 26.70 5.08 -15.39
N ASP F 545 27.98 5.43 -15.29
CA ASP F 545 28.98 4.66 -14.55
C ASP F 545 29.17 3.25 -15.10
N THR F 546 28.81 3.03 -16.36
CA THR F 546 28.98 1.70 -16.94
C THR F 546 30.44 1.38 -17.20
N ASN F 547 31.24 2.37 -17.58
CA ASN F 547 32.64 2.14 -17.87
C ASN F 547 33.38 1.79 -16.58
N PRO F 548 33.99 0.61 -16.47
CA PRO F 548 34.71 0.26 -15.25
C PRO F 548 36.10 0.84 -15.16
N HIS F 549 36.62 1.44 -16.24
CA HIS F 549 37.95 2.02 -16.25
C HIS F 549 37.98 3.48 -15.85
N LEU F 550 36.82 4.08 -15.55
CA LEU F 550 36.74 5.46 -15.09
C LEU F 550 36.22 5.47 -13.66
N LEU F 551 36.94 6.17 -12.79
CA LEU F 551 36.63 6.20 -11.36
C LEU F 551 36.54 7.65 -10.90
N GLY F 552 35.47 7.98 -10.20
CA GLY F 552 35.35 9.31 -9.64
C GLY F 552 36.33 9.53 -8.51
N VAL F 553 36.93 10.72 -8.48
CA VAL F 553 37.94 11.06 -7.50
C VAL F 553 37.64 12.46 -6.96
N GLY F 554 38.27 12.78 -5.83
CA GLY F 554 37.96 14.03 -5.14
C GLY F 554 38.35 15.28 -5.91
N ASN F 555 39.16 15.16 -6.95
CA ASN F 555 39.61 16.31 -7.74
C ASN F 555 39.48 16.00 -9.22
N GLY F 556 38.31 15.49 -9.63
CA GLY F 556 38.04 15.17 -11.02
C GLY F 556 37.61 13.72 -11.17
N VAL F 557 38.14 13.07 -12.21
CA VAL F 557 37.94 11.64 -12.42
C VAL F 557 39.28 11.01 -12.75
N LEU F 558 39.38 9.71 -12.51
CA LEU F 558 40.61 8.96 -12.73
C LEU F 558 40.37 7.93 -13.82
N SER F 559 41.28 7.88 -14.80
CA SER F 559 41.20 6.95 -15.91
C SER F 559 42.34 5.94 -15.81
N ILE F 560 42.01 4.65 -15.84
CA ILE F 560 43.00 3.60 -15.76
C ILE F 560 42.94 2.76 -17.04
N GLU F 561 42.47 3.36 -18.12
CA GLU F 561 42.42 2.66 -19.40
C GLU F 561 43.81 2.29 -19.89
N THR F 562 44.77 3.20 -19.71
CA THR F 562 46.13 3.00 -20.17
C THR F 562 47.11 3.31 -19.04
N ILE F 563 48.30 2.75 -19.16
CA ILE F 563 49.39 2.97 -18.20
C ILE F 563 50.27 4.09 -18.74
N PRO F 564 50.58 5.12 -17.94
CA PRO F 564 50.16 5.32 -16.55
C PRO F 564 48.74 5.85 -16.43
N ALA F 565 48.16 5.75 -15.24
CA ALA F 565 46.82 6.26 -15.01
C ALA F 565 46.77 7.76 -15.23
N LYS F 566 45.66 8.23 -15.80
CA LYS F 566 45.49 9.63 -16.15
C LYS F 566 44.41 10.26 -15.30
N LEU F 567 44.68 11.48 -14.82
CA LEU F 567 43.73 12.25 -14.03
C LEU F 567 43.14 13.35 -14.90
N ILE F 568 41.82 13.42 -14.96
CA ILE F 568 41.11 14.39 -15.78
C ILE F 568 40.57 15.48 -14.86
N ASN F 569 40.94 16.72 -15.14
CA ASN F 569 40.49 17.87 -14.37
C ASN F 569 40.03 18.99 -15.31
N HIS F 570 39.33 18.60 -16.37
CA HIS F 570 38.72 19.55 -17.30
C HIS F 570 37.43 18.93 -17.81
N PHE F 571 36.85 19.53 -18.85
CA PHE F 571 35.64 18.99 -19.42
C PHE F 571 35.89 17.66 -20.13
N HIS F 572 34.82 16.87 -20.22
CA HIS F 572 34.81 15.56 -20.84
C HIS F 572 33.36 15.19 -21.10
N GLU F 573 33.16 14.11 -21.85
CA GLU F 573 31.83 13.63 -22.17
C GLU F 573 31.53 12.29 -21.51
N HIS F 574 32.34 11.89 -20.54
CA HIS F 574 32.12 10.62 -19.85
C HIS F 574 31.00 10.76 -18.83
N PRO F 575 29.94 9.96 -18.91
CA PRO F 575 28.83 10.04 -17.96
C PRO F 575 29.17 9.40 -16.62
N ILE F 576 29.81 10.18 -15.76
CA ILE F 576 30.25 9.74 -14.44
C ILE F 576 29.45 10.49 -13.38
N HIS F 577 28.92 9.75 -12.42
CA HIS F 577 28.14 10.36 -11.35
C HIS F 577 28.62 9.97 -9.96
N GLN F 578 29.00 8.72 -9.76
CA GLN F 578 29.53 8.29 -8.47
C GLN F 578 30.95 8.85 -8.28
N TYR F 579 31.33 9.02 -7.02
CA TYR F 579 32.63 9.59 -6.71
C TYR F 579 33.02 9.25 -5.29
N THR F 580 34.30 9.45 -4.98
CA THR F 580 34.82 9.36 -3.63
C THR F 580 35.51 10.68 -3.28
N HIS F 581 35.55 10.99 -1.98
CA HIS F 581 36.05 12.26 -1.50
C HIS F 581 37.54 12.22 -1.15
N ILE F 582 38.31 11.35 -1.81
CA ILE F 582 39.74 11.22 -1.54
C ILE F 582 40.49 11.76 -2.74
N CYS F 583 41.31 12.78 -2.52
CA CYS F 583 42.13 13.34 -3.58
C CYS F 583 43.19 12.34 -4.02
N TYR F 584 43.59 12.45 -5.28
CA TYR F 584 44.57 11.53 -5.86
C TYR F 584 45.86 12.27 -6.18
N VAL F 585 46.99 11.66 -5.82
CA VAL F 585 48.31 12.17 -6.15
C VAL F 585 49.13 11.00 -6.68
N PRO F 586 50.14 11.24 -7.54
CA PRO F 586 50.97 10.14 -8.03
C PRO F 586 51.71 9.45 -6.89
N PHE F 587 51.92 8.15 -7.04
CA PHE F 587 52.57 7.34 -6.02
C PHE F 587 54.01 7.79 -5.79
N ASN F 588 54.28 8.35 -4.62
CA ASN F 588 55.61 8.82 -4.26
C ASN F 588 56.07 8.14 -2.98
N PRO F 589 57.06 7.24 -3.04
CA PRO F 589 57.52 6.59 -1.81
C PRO F 589 58.18 7.54 -0.82
N GLU F 590 58.59 8.73 -1.25
CA GLU F 590 59.30 9.65 -0.37
C GLU F 590 58.40 10.37 0.63
N ASN F 591 57.08 10.33 0.43
CA ASN F 591 56.19 10.94 1.40
C ASN F 591 56.24 10.17 2.72
N PRO F 592 56.29 10.88 3.86
CA PRO F 592 56.40 10.16 5.14
C PRO F 592 55.27 9.19 5.41
N TRP F 593 54.05 9.54 5.03
CA TRP F 593 52.91 8.66 5.27
C TRP F 593 53.00 7.40 4.42
N THR F 594 53.46 7.53 3.17
CA THR F 594 53.66 6.36 2.34
C THR F 594 54.72 5.43 2.95
N LYS F 595 55.81 6.01 3.45
CA LYS F 595 56.83 5.19 4.11
C LYS F 595 56.26 4.48 5.33
N LEU F 596 55.49 5.19 6.14
CA LEU F 596 54.91 4.60 7.34
C LEU F 596 53.97 3.45 6.98
N LEU F 597 53.11 3.67 5.98
CA LEU F 597 52.17 2.64 5.56
C LEU F 597 52.89 1.42 5.00
N LEU F 598 53.94 1.66 4.20
CA LEU F 598 54.70 0.54 3.64
C LEU F 598 55.40 -0.25 4.74
N ASN F 599 55.97 0.44 5.72
CA ASN F 599 56.60 -0.26 6.83
C ASN F 599 55.58 -1.06 7.63
N ALA F 600 54.39 -0.49 7.86
CA ALA F 600 53.35 -1.22 8.57
C ALA F 600 52.92 -2.46 7.82
N LEU F 601 52.75 -2.34 6.49
CA LEU F 601 52.37 -3.50 5.70
C LEU F 601 53.46 -4.57 5.72
N GLN F 602 54.72 -4.15 5.64
CA GLN F 602 55.82 -5.11 5.70
C GLN F 602 55.85 -5.82 7.05
N ASP F 603 55.60 -5.09 8.14
CA ASP F 603 55.64 -5.71 9.46
C ASP F 603 54.45 -6.65 9.67
N ILE F 604 53.28 -6.29 9.15
CA ILE F 604 52.08 -7.09 9.41
C ILE F 604 52.21 -8.47 8.77
N ILE F 605 52.61 -8.53 7.51
CA ILE F 605 52.79 -9.78 6.80
C ILE F 605 54.27 -9.93 6.47
N PRO F 606 54.97 -10.91 7.04
CA PRO F 606 56.43 -10.99 6.81
C PRO F 606 56.81 -11.46 5.43
N GLU F 607 56.13 -12.48 4.91
CA GLU F 607 56.56 -13.11 3.66
C GLU F 607 56.48 -12.12 2.51
N LEU F 608 57.55 -12.07 1.72
CA LEU F 608 57.59 -11.15 0.58
C LEU F 608 56.56 -11.54 -0.48
N ASP F 609 56.57 -12.80 -0.90
CA ASP F 609 55.66 -13.24 -1.96
C ASP F 609 54.21 -13.17 -1.50
N ALA F 610 53.93 -13.57 -0.26
CA ALA F 610 52.56 -13.46 0.25
C ALA F 610 52.11 -12.02 0.33
N ARG F 611 52.99 -11.11 0.77
CA ARG F 611 52.64 -9.70 0.83
C ARG F 611 52.33 -9.16 -0.57
N LEU F 612 53.16 -9.50 -1.55
CA LEU F 612 52.91 -9.04 -2.92
C LEU F 612 51.60 -9.61 -3.45
N TRP F 613 51.33 -10.89 -3.17
CA TRP F 613 50.10 -11.50 -3.66
C TRP F 613 48.87 -10.84 -3.05
N ILE F 614 48.88 -10.61 -1.73
CA ILE F 614 47.72 -10.04 -1.09
C ILE F 614 47.52 -8.58 -1.52
N MET F 615 48.62 -7.84 -1.71
CA MET F 615 48.49 -6.48 -2.22
C MET F 615 47.92 -6.47 -3.63
N PHE F 616 48.39 -7.39 -4.48
CA PHE F 616 47.85 -7.48 -5.83
C PHE F 616 46.37 -7.81 -5.82
N TYR F 617 45.97 -8.75 -4.96
CA TYR F 617 44.55 -9.10 -4.87
C TYR F 617 43.71 -7.92 -4.39
N LEU F 618 44.20 -7.19 -3.40
CA LEU F 618 43.47 -6.02 -2.90
C LEU F 618 43.42 -4.92 -3.94
N SER F 619 44.39 -4.87 -4.84
CA SER F 619 44.40 -3.83 -5.87
C SER F 619 43.20 -3.92 -6.79
N THR F 620 42.66 -5.11 -6.99
CA THR F 620 41.53 -5.30 -7.89
C THR F 620 40.25 -4.66 -7.38
N ALA F 621 40.22 -4.20 -6.12
CA ALA F 621 39.03 -3.51 -5.62
C ALA F 621 38.76 -2.23 -6.38
N ILE F 622 39.80 -1.61 -6.95
CA ILE F 622 39.60 -0.40 -7.75
C ILE F 622 38.76 -0.71 -8.98
N PHE F 623 39.06 -1.80 -9.66
CA PHE F 623 38.30 -2.20 -10.83
C PHE F 623 36.88 -2.57 -10.46
N ARG F 624 35.95 -2.28 -11.36
CA ARG F 624 34.53 -2.57 -11.13
C ARG F 624 33.93 -3.44 -12.23
N GLY F 625 34.73 -3.93 -13.17
CA GLY F 625 34.26 -4.80 -14.22
C GLY F 625 34.28 -6.25 -13.80
N LEU F 626 34.17 -7.13 -14.79
CA LEU F 626 34.19 -8.56 -14.53
C LEU F 626 35.55 -8.97 -13.96
N LYS F 627 35.53 -9.88 -13.00
CA LYS F 627 36.74 -10.35 -12.34
C LYS F 627 36.73 -11.87 -12.28
N GLU F 628 37.93 -12.44 -12.15
CA GLU F 628 38.05 -13.89 -12.00
C GLU F 628 37.38 -14.34 -10.71
N ALA F 629 36.65 -15.44 -10.80
CA ALA F 629 35.90 -15.94 -9.65
C ALA F 629 36.86 -16.48 -8.60
N LEU F 630 37.11 -15.70 -7.55
CA LEU F 630 38.04 -16.08 -6.51
C LEU F 630 37.58 -15.51 -5.18
N MET F 631 37.82 -16.28 -4.11
CA MET F 631 37.46 -15.88 -2.76
C MET F 631 38.70 -15.95 -1.89
N LEU F 632 38.88 -14.92 -1.05
CA LEU F 632 40.02 -14.84 -0.15
C LEU F 632 39.56 -15.20 1.26
N LEU F 633 39.85 -16.43 1.67
CA LEU F 633 39.48 -16.96 2.99
C LEU F 633 40.78 -17.41 3.66
N TRP F 634 41.40 -16.52 4.41
CA TRP F 634 42.71 -16.79 4.99
C TRP F 634 42.65 -16.60 6.51
N LEU F 635 43.11 -17.62 7.24
CA LEU F 635 43.11 -17.56 8.69
C LEU F 635 44.18 -16.61 9.21
N GLY F 636 43.96 -16.08 10.40
CA GLY F 636 44.90 -15.15 11.00
C GLY F 636 44.99 -15.31 12.49
N GLY F 637 46.01 -14.69 13.07
CA GLY F 637 46.18 -14.74 14.51
C GLY F 637 45.14 -13.92 15.24
N GLY F 638 44.89 -14.28 16.50
CA GLY F 638 43.95 -13.51 17.29
C GLY F 638 44.24 -12.02 17.25
N CYS F 639 45.51 -11.67 17.01
CA CYS F 639 45.89 -10.26 16.97
C CYS F 639 46.67 -9.90 15.71
N ASN F 640 46.24 -10.44 14.57
CA ASN F 640 46.94 -10.17 13.32
C ASN F 640 46.83 -8.73 12.86
N GLY F 641 45.63 -8.15 12.94
CA GLY F 641 45.42 -6.78 12.50
C GLY F 641 44.76 -6.68 11.14
N LYS F 642 44.19 -7.79 10.68
CA LYS F 642 43.53 -7.80 9.37
C LYS F 642 42.41 -6.79 9.29
N THR F 643 41.64 -6.65 10.37
CA THR F 643 40.52 -5.72 10.37
C THR F 643 40.98 -4.31 10.10
N PHE F 644 42.16 -3.96 10.58
CA PHE F 644 42.68 -2.61 10.38
C PHE F 644 42.71 -2.28 8.90
N LEU F 645 43.24 -3.19 8.09
CA LEU F 645 43.27 -2.97 6.66
C LEU F 645 41.86 -3.01 6.07
N MET F 646 41.06 -3.98 6.50
CA MET F 646 39.69 -4.09 6.03
C MET F 646 39.03 -2.72 6.13
N ARG F 647 39.20 -2.06 7.26
CA ARG F 647 38.62 -0.74 7.46
C ARG F 647 39.35 0.31 6.64
N LEU F 648 40.67 0.16 6.47
CA LEU F 648 41.42 1.13 5.68
C LEU F 648 40.97 1.12 4.23
N VAL F 649 40.88 -0.07 3.62
CA VAL F 649 40.45 -0.13 2.22
C VAL F 649 39.01 0.31 2.08
N ALA F 650 38.15 -0.05 3.04
CA ALA F 650 36.75 0.37 2.98
C ALA F 650 36.64 1.89 3.05
N MET F 651 37.43 2.53 3.91
CA MET F 651 37.38 3.98 4.03
C MET F 651 37.96 4.66 2.78
N VAL F 652 39.02 4.08 2.21
CA VAL F 652 39.62 4.69 1.03
C VAL F 652 38.66 4.62 -0.15
N LEU F 653 38.05 3.45 -0.39
CA LEU F 653 37.12 3.33 -1.50
C LEU F 653 35.90 4.21 -1.31
N GLY F 654 35.36 4.25 -0.10
CA GLY F 654 34.18 5.04 0.20
C GLY F 654 32.92 4.19 0.20
N ASP F 655 31.82 4.84 0.61
CA ASP F 655 30.54 4.15 0.72
C ASP F 655 30.02 3.71 -0.63
N HIS F 656 30.18 4.55 -1.66
CA HIS F 656 29.63 4.26 -2.97
C HIS F 656 30.27 3.04 -3.62
N TYR F 657 31.51 2.71 -3.25
CA TYR F 657 32.22 1.59 -3.87
C TYR F 657 32.47 0.42 -2.94
N ALA F 658 32.40 0.61 -1.63
CA ALA F 658 32.62 -0.46 -0.67
C ALA F 658 31.57 -0.38 0.43
N SER F 659 31.29 -1.54 1.04
CA SER F 659 30.33 -1.61 2.13
C SER F 659 30.66 -2.82 2.99
N LYS F 660 30.12 -2.81 4.21
CA LYS F 660 30.31 -3.90 5.15
C LYS F 660 29.20 -4.92 4.99
N LEU F 661 29.55 -6.20 5.06
CA LEU F 661 28.60 -7.29 4.93
C LEU F 661 28.71 -8.23 6.13
N ASN F 662 27.57 -8.74 6.56
CA ASN F 662 27.54 -9.70 7.66
C ASN F 662 27.80 -11.11 7.15
N ILE F 663 28.34 -11.96 8.03
CA ILE F 663 28.68 -13.31 7.62
C ILE F 663 27.46 -14.22 7.61
N SER F 664 26.30 -13.74 8.07
CA SER F 664 25.11 -14.57 8.10
C SER F 664 24.69 -15.00 6.70
N LEU F 665 24.82 -14.10 5.72
CA LEU F 665 24.45 -14.45 4.35
C LEU F 665 25.31 -15.58 3.81
N LEU F 666 26.60 -15.58 4.14
CA LEU F 666 27.52 -16.58 3.59
C LEU F 666 27.13 -17.99 4.02
N THR F 667 26.77 -18.18 5.29
CA THR F 667 26.26 -19.46 5.76
C THR F 667 24.74 -19.45 5.62
N SER F 668 24.28 -19.86 4.45
CA SER F 668 22.86 -19.76 4.13
C SER F 668 22.03 -20.65 5.04
N CYS F 669 20.95 -20.09 5.58
CA CYS F 669 20.00 -20.81 6.39
C CYS F 669 18.91 -21.38 5.48
N ARG F 670 17.79 -21.79 6.08
CA ARG F 670 16.66 -22.27 5.27
C ARG F 670 16.18 -21.21 4.29
N GLU F 671 16.43 -19.93 4.59
CA GLU F 671 16.12 -18.86 3.66
C GLU F 671 17.07 -18.91 2.46
N THR F 672 16.62 -18.33 1.35
CA THR F 672 17.40 -18.29 0.13
C THR F 672 17.21 -16.92 -0.51
N ALA F 673 17.64 -16.80 -1.78
CA ALA F 673 17.53 -15.53 -2.48
C ALA F 673 16.07 -15.12 -2.68
N GLU F 674 15.16 -16.09 -2.78
CA GLU F 674 13.75 -15.76 -2.96
C GLU F 674 13.19 -15.05 -1.74
N LYS F 675 13.67 -15.41 -0.55
CA LYS F 675 13.23 -14.73 0.66
C LYS F 675 13.63 -13.25 0.61
N PRO F 676 12.74 -12.34 1.02
CA PRO F 676 13.07 -10.92 0.96
C PRO F 676 14.29 -10.59 1.81
N ASN F 677 15.14 -9.70 1.29
CA ASN F 677 16.34 -9.26 1.98
C ASN F 677 16.90 -8.04 1.27
N SER F 678 17.42 -7.09 2.06
CA SER F 678 18.06 -5.91 1.52
C SER F 678 19.58 -5.99 1.55
N ALA F 679 20.14 -6.86 2.39
CA ALA F 679 21.59 -7.03 2.41
C ALA F 679 22.09 -7.61 1.10
N PHE F 680 21.34 -8.54 0.51
CA PHE F 680 21.74 -9.12 -0.76
C PHE F 680 21.72 -8.10 -1.89
N MET F 681 20.93 -7.03 -1.76
CA MET F 681 20.93 -5.97 -2.77
C MET F 681 22.23 -5.18 -2.78
N ARG F 682 23.08 -5.34 -1.76
CA ARG F 682 24.41 -4.77 -1.82
C ARG F 682 25.19 -5.42 -2.95
N LEU F 683 26.41 -4.93 -3.17
CA LEU F 683 27.31 -5.29 -4.27
C LEU F 683 26.83 -4.75 -5.61
N LYS F 684 25.69 -4.05 -5.64
CA LYS F 684 25.19 -3.45 -6.86
C LYS F 684 26.06 -2.23 -7.17
N GLY F 685 27.08 -2.43 -7.99
CA GLY F 685 28.04 -1.39 -8.29
C GLY F 685 29.20 -1.27 -7.33
N ARG F 686 29.14 -1.98 -6.19
CA ARG F 686 30.24 -1.96 -5.25
C ARG F 686 31.45 -2.68 -5.82
N GLY F 687 32.64 -2.21 -5.45
CA GLY F 687 33.87 -2.83 -5.91
C GLY F 687 34.61 -3.53 -4.80
N TYR F 688 34.02 -3.61 -3.62
CA TYR F 688 34.67 -4.21 -2.47
C TYR F 688 33.64 -4.68 -1.46
N GLY F 689 33.95 -5.78 -0.79
CA GLY F 689 33.13 -6.32 0.28
C GLY F 689 33.94 -7.21 1.19
N TYR F 690 33.82 -7.02 2.50
CA TYR F 690 34.68 -7.71 3.45
C TYR F 690 33.87 -8.38 4.54
N PHE F 691 34.34 -9.54 4.98
CA PHE F 691 33.72 -10.29 6.06
C PHE F 691 34.63 -10.24 7.29
N GLU F 692 34.09 -9.77 8.40
CA GLU F 692 34.88 -9.54 9.60
C GLU F 692 34.96 -10.81 10.44
N GLU F 693 35.61 -10.69 11.60
CA GLU F 693 35.74 -11.82 12.51
C GLU F 693 34.39 -12.19 13.10
N THR F 694 34.13 -13.50 13.17
CA THR F 694 32.91 -14.03 13.74
C THR F 694 33.18 -14.58 15.14
N ASN F 695 32.14 -15.11 15.78
CA ASN F 695 32.25 -15.59 17.15
C ASN F 695 32.97 -16.92 17.26
N LYS F 696 32.76 -17.82 16.31
CA LYS F 696 33.31 -19.17 16.38
C LYS F 696 33.39 -19.73 14.97
N SER F 697 33.95 -20.93 14.85
CA SER F 697 33.97 -21.63 13.58
C SER F 697 32.54 -21.92 13.12
N GLU F 698 32.27 -21.65 11.84
CA GLU F 698 30.94 -21.77 11.30
C GLU F 698 30.93 -22.77 10.15
N VAL F 699 29.78 -23.40 9.93
CA VAL F 699 29.60 -24.43 8.92
C VAL F 699 29.04 -23.79 7.66
N LEU F 700 29.57 -24.22 6.51
CA LEU F 700 29.11 -23.74 5.22
C LEU F 700 29.64 -24.64 4.09
N ASN F 701 28.79 -24.93 3.11
CA ASN F 701 29.19 -25.75 1.97
C ASN F 701 28.26 -25.41 0.81
N THR F 702 28.74 -24.61 -0.13
CA THR F 702 27.97 -24.15 -1.28
C THR F 702 26.68 -23.47 -0.89
N SER F 703 26.54 -23.04 0.36
CA SER F 703 25.32 -22.39 0.85
C SER F 703 25.32 -20.97 0.28
N ARG F 704 24.87 -20.88 -0.97
CA ARG F 704 24.95 -19.65 -1.77
C ARG F 704 26.39 -19.16 -1.91
N LEU F 705 27.35 -20.09 -1.78
CA LEU F 705 28.75 -19.77 -1.99
C LEU F 705 29.15 -19.82 -3.45
N LYS F 706 28.72 -20.86 -4.17
CA LYS F 706 29.05 -20.98 -5.59
C LYS F 706 28.48 -19.82 -6.38
N GLU F 707 27.23 -19.42 -6.08
CA GLU F 707 26.62 -18.31 -6.80
C GLU F 707 27.24 -16.97 -6.41
N MET F 708 27.78 -16.86 -5.20
CA MET F 708 28.53 -15.66 -4.82
C MET F 708 29.96 -15.66 -5.34
N VAL F 709 30.47 -16.80 -5.81
CA VAL F 709 31.83 -16.84 -6.32
C VAL F 709 31.86 -16.53 -7.81
N ASN F 710 31.05 -17.22 -8.60
CA ASN F 710 31.12 -17.07 -10.05
C ASN F 710 30.64 -15.67 -10.44
N PRO F 711 31.20 -15.09 -11.51
CA PRO F 711 30.79 -13.75 -11.95
C PRO F 711 29.55 -13.72 -12.84
N GLY F 712 28.77 -14.80 -12.89
CA GLY F 712 27.58 -14.80 -13.70
C GLY F 712 26.51 -13.87 -13.15
N ASP F 713 25.60 -13.49 -14.04
CA ASP F 713 24.51 -12.60 -13.66
C ASP F 713 23.61 -13.27 -12.62
N VAL F 714 23.18 -12.49 -11.63
CA VAL F 714 22.35 -13.00 -10.55
C VAL F 714 21.12 -12.10 -10.43
N THR F 715 20.04 -12.68 -9.88
CA THR F 715 18.81 -11.96 -9.71
C THR F 715 18.93 -10.94 -8.59
N ALA F 716 17.94 -10.05 -8.49
CA ALA F 716 17.92 -8.99 -7.49
C ALA F 716 16.52 -8.91 -6.90
N ARG F 717 16.34 -9.51 -5.72
CA ARG F 717 15.07 -9.49 -5.01
C ARG F 717 15.06 -8.27 -4.10
N GLU F 718 14.42 -7.19 -4.54
CA GLU F 718 14.34 -5.96 -3.76
C GLU F 718 13.30 -6.14 -2.67
N LEU F 719 13.72 -6.80 -1.58
CA LEU F 719 12.84 -7.10 -0.46
C LEU F 719 11.60 -7.84 -0.93
N ASN F 720 10.43 -7.22 -0.75
CA ASN F 720 9.17 -7.79 -1.20
C ASN F 720 8.79 -7.35 -2.61
N GLN F 721 9.60 -6.52 -3.25
CA GLN F 721 9.29 -6.03 -4.58
C GLN F 721 9.66 -7.08 -5.64
N LYS F 722 9.66 -6.68 -6.91
CA LYS F 722 9.90 -7.59 -8.01
C LYS F 722 11.36 -8.04 -8.04
N GLN F 723 11.63 -9.00 -8.92
CA GLN F 723 12.95 -9.62 -9.04
C GLN F 723 13.67 -8.97 -10.22
N GLU F 724 14.72 -8.21 -9.93
CA GLU F 724 15.56 -7.61 -10.95
C GLU F 724 16.77 -8.49 -11.22
N SER F 725 17.66 -8.03 -12.09
CA SER F 725 18.87 -8.76 -12.43
C SER F 725 20.04 -7.78 -12.47
N PHE F 726 21.06 -8.05 -11.68
CA PHE F 726 22.24 -7.19 -11.60
C PHE F 726 23.51 -8.04 -11.60
N GLN F 727 24.57 -7.47 -12.14
CA GLN F 727 25.85 -8.17 -12.24
C GLN F 727 26.66 -7.98 -10.97
N MET F 728 27.34 -9.05 -10.55
CA MET F 728 28.17 -9.03 -9.36
C MET F 728 29.63 -8.85 -9.78
N THR F 729 30.25 -7.77 -9.31
CA THR F 729 31.64 -7.49 -9.67
C THR F 729 32.46 -7.00 -8.49
N ALA F 730 32.14 -7.40 -7.27
CA ALA F 730 32.82 -6.92 -6.09
C ALA F 730 33.78 -7.97 -5.53
N THR F 731 35.00 -7.54 -5.22
CA THR F 731 35.95 -8.42 -4.56
C THR F 731 35.52 -8.71 -3.13
N MET F 732 35.75 -9.94 -2.69
CA MET F 732 35.32 -10.38 -1.38
C MET F 732 36.51 -10.93 -0.60
N VAL F 733 36.59 -10.55 0.67
CA VAL F 733 37.62 -11.04 1.57
C VAL F 733 36.96 -11.49 2.87
N ALA F 734 37.39 -12.64 3.38
CA ALA F 734 36.87 -13.19 4.62
C ALA F 734 38.04 -13.73 5.43
N ALA F 735 38.38 -13.03 6.51
CA ALA F 735 39.46 -13.45 7.40
C ALA F 735 38.91 -13.53 8.82
N SER F 736 39.29 -14.60 9.53
CA SER F 736 38.79 -14.81 10.88
C SER F 736 39.83 -15.59 11.67
N ASN F 737 39.66 -15.59 12.99
CA ASN F 737 40.54 -16.33 13.89
C ASN F 737 40.04 -17.73 14.18
N TYR F 738 38.86 -18.09 13.69
CA TYR F 738 38.30 -19.43 13.84
C TYR F 738 38.27 -20.10 12.47
N ASN F 739 38.44 -21.41 12.46
CA ASN F 739 38.40 -22.16 11.21
C ASN F 739 37.00 -22.11 10.61
N PHE F 740 36.87 -22.68 9.42
CA PHE F 740 35.59 -22.76 8.74
C PHE F 740 35.32 -24.21 8.34
N ILE F 741 34.15 -24.71 8.70
CA ILE F 741 33.80 -26.10 8.45
C ILE F 741 33.33 -26.23 7.00
N ILE F 742 34.09 -26.95 6.20
CA ILE F 742 33.73 -27.27 4.82
C ILE F 742 33.68 -28.78 4.69
N ASP F 743 32.54 -29.30 4.21
CA ASP F 743 32.35 -30.73 4.02
C ASP F 743 31.98 -30.97 2.56
N THR F 744 32.99 -31.07 1.71
CA THR F 744 32.78 -31.37 0.30
C THR F 744 34.10 -31.86 -0.28
N THR F 745 33.99 -32.58 -1.40
CA THR F 745 35.15 -33.06 -2.14
C THR F 745 35.15 -32.59 -3.59
N ASP F 746 34.31 -31.61 -3.92
CA ASP F 746 34.23 -31.13 -5.29
C ASP F 746 35.48 -30.34 -5.66
N HIS F 747 36.12 -30.72 -6.76
CA HIS F 747 37.30 -30.00 -7.23
C HIS F 747 36.94 -28.58 -7.64
N GLY F 748 35.78 -28.41 -8.29
CA GLY F 748 35.38 -27.09 -8.73
C GLY F 748 35.16 -26.13 -7.57
N THR F 749 34.53 -26.62 -6.50
CA THR F 749 34.32 -25.77 -5.33
C THR F 749 35.64 -25.37 -4.68
N TRP F 750 36.54 -26.33 -4.53
CA TRP F 750 37.86 -26.04 -3.97
C TRP F 750 38.88 -25.73 -5.06
N ARG F 751 38.50 -24.83 -5.95
CA ARG F 751 39.40 -24.29 -6.96
C ARG F 751 39.29 -22.78 -7.09
N ARG F 752 38.25 -22.17 -6.55
CA ARG F 752 38.05 -20.73 -6.57
C ARG F 752 38.16 -20.15 -5.17
N LEU F 753 39.07 -20.69 -4.38
CA LEU F 753 39.30 -20.24 -3.01
C LEU F 753 40.80 -20.15 -2.76
N ARG F 754 41.18 -19.30 -1.81
CA ARG F 754 42.56 -19.14 -1.42
C ARG F 754 42.65 -19.07 0.10
N HIS F 755 43.66 -19.74 0.66
CA HIS F 755 43.85 -19.80 2.10
C HIS F 755 45.28 -19.41 2.47
N TYR F 756 45.40 -18.66 3.56
CA TYR F 756 46.69 -18.25 4.09
C TYR F 756 46.57 -18.12 5.60
N ARG F 757 47.63 -18.51 6.31
CA ARG F 757 47.62 -18.46 7.76
C ARG F 757 48.64 -17.42 8.23
N SER F 758 48.17 -16.43 8.98
CA SER F 758 49.06 -15.42 9.52
C SER F 758 50.01 -16.03 10.55
N LYS F 759 51.23 -15.52 10.59
CA LYS F 759 52.25 -16.01 11.49
C LYS F 759 52.72 -14.95 12.48
N VAL F 760 51.98 -13.85 12.63
CA VAL F 760 52.33 -12.77 13.53
C VAL F 760 51.18 -12.57 14.51
N LYS F 761 51.51 -12.55 15.80
CA LYS F 761 50.53 -12.32 16.87
C LYS F 761 51.10 -11.22 17.77
N PHE F 762 50.70 -9.98 17.51
CA PHE F 762 51.25 -8.84 18.22
C PHE F 762 51.07 -8.98 19.72
N CYS F 763 52.07 -8.56 20.47
CA CYS F 763 52.03 -8.58 21.92
C CYS F 763 52.53 -7.24 22.47
N HIS F 764 51.93 -6.82 23.58
CA HIS F 764 52.30 -5.54 24.19
C HIS F 764 53.59 -5.63 25.00
N ASN F 765 54.08 -6.84 25.28
CA ASN F 765 55.38 -7.05 25.91
C ASN F 765 56.16 -8.05 25.08
N PRO F 766 56.65 -7.63 23.91
CA PRO F 766 57.30 -8.56 22.98
C PRO F 766 58.75 -8.80 23.36
N ASP F 767 59.05 -10.03 23.78
CA ASP F 767 60.42 -10.40 24.05
C ASP F 767 61.18 -10.67 22.75
N PRO F 768 62.51 -10.51 22.75
CA PRO F 768 63.28 -10.83 21.54
C PRO F 768 63.20 -12.29 21.13
N SER F 769 62.83 -13.19 22.04
CA SER F 769 62.73 -14.61 21.75
C SER F 769 61.50 -14.97 20.93
N ASN F 770 60.75 -13.99 20.46
CA ASN F 770 59.55 -14.22 19.64
C ASN F 770 59.66 -13.36 18.39
N PRO F 771 60.47 -13.79 17.41
CA PRO F 771 60.66 -12.97 16.20
C PRO F 771 59.39 -12.75 15.40
N TYR F 772 58.46 -13.69 15.41
CA TYR F 772 57.25 -13.58 14.60
C TYR F 772 56.13 -12.89 15.35
N GLU F 773 56.43 -11.71 15.92
CA GLU F 773 55.46 -10.85 16.59
C GLU F 773 56.17 -9.57 17.00
N LYS F 774 55.38 -8.58 17.37
CA LYS F 774 55.96 -7.31 17.74
C LYS F 774 55.11 -6.60 18.75
N LYS F 775 55.40 -5.34 18.92
CA LYS F 775 54.68 -4.55 19.88
C LYS F 775 53.52 -3.95 19.18
N GLU F 776 52.52 -3.54 19.95
CA GLU F 776 51.34 -2.98 19.36
C GLU F 776 51.33 -1.49 19.51
N ASP F 777 50.86 -0.80 18.47
CA ASP F 777 50.70 0.62 18.57
C ASP F 777 49.21 0.82 18.49
N PRO F 778 48.52 0.86 19.66
CA PRO F 778 47.06 0.92 19.55
C PRO F 778 46.64 2.01 18.60
N ARG F 779 47.13 3.23 18.81
CA ARG F 779 46.83 4.32 17.91
C ARG F 779 47.38 3.97 16.55
N PHE F 780 46.62 3.23 15.77
CA PHE F 780 47.08 2.78 14.48
C PHE F 780 45.89 2.09 13.86
N ILE F 781 45.44 1.02 14.49
CA ILE F 781 44.26 0.31 14.00
C ILE F 781 43.12 1.28 13.75
N HIS F 782 43.14 2.41 14.44
CA HIS F 782 42.08 3.39 14.28
C HIS F 782 42.68 4.74 14.00
N GLU F 783 43.80 5.04 14.68
CA GLU F 783 44.47 6.31 14.47
C GLU F 783 44.88 6.46 13.03
N TYR F 784 45.01 7.70 12.56
CA TYR F 784 45.42 7.96 11.18
C TYR F 784 44.32 7.60 10.20
N ILE F 785 43.48 6.63 10.53
CA ILE F 785 42.48 6.25 9.57
C ILE F 785 41.74 7.47 9.15
N MET F 786 41.38 8.31 10.10
CA MET F 786 40.60 9.46 9.74
C MET F 786 41.47 10.49 9.05
N ASP F 787 42.74 10.56 9.41
CA ASP F 787 43.57 11.61 8.84
C ASP F 787 43.40 11.63 7.37
N PRO F 788 42.82 12.71 6.86
CA PRO F 788 42.68 12.82 5.42
C PRO F 788 43.97 12.46 4.77
N ASP F 789 44.99 13.27 4.98
CA ASP F 789 46.25 13.03 4.33
C ASP F 789 46.53 11.57 4.18
N CYS F 790 46.48 10.85 5.28
CA CYS F 790 46.84 9.46 5.21
C CYS F 790 46.08 8.83 4.10
N GLN F 791 44.77 8.93 4.18
CA GLN F 791 43.95 8.33 3.17
C GLN F 791 44.56 8.55 1.82
N ASN F 792 44.65 9.80 1.40
CA ASN F 792 45.14 10.08 0.09
C ASN F 792 46.28 9.17 -0.25
N ALA F 793 47.24 9.06 0.65
CA ALA F 793 48.39 8.27 0.37
C ALA F 793 48.01 6.87 0.01
N PHE F 794 47.44 6.15 0.95
CA PHE F 794 47.10 4.77 0.70
C PHE F 794 46.64 4.58 -0.73
N PHE F 795 45.67 5.36 -1.14
CA PHE F 795 45.23 5.29 -2.52
C PHE F 795 46.45 5.12 -3.41
N SER F 796 47.25 6.16 -3.53
CA SER F 796 48.41 6.11 -4.39
C SER F 796 49.01 4.70 -4.41
N ILE F 797 49.09 4.06 -3.24
CA ILE F 797 49.67 2.72 -3.14
C ILE F 797 48.84 1.73 -3.97
N LEU F 798 47.52 1.77 -3.81
CA LEU F 798 46.66 0.86 -4.55
C LEU F 798 46.76 1.10 -6.05
N VAL F 799 46.80 2.36 -6.47
CA VAL F 799 46.92 2.66 -7.90
C VAL F 799 48.22 2.10 -8.45
N TYR F 800 49.33 2.32 -7.74
CA TYR F 800 50.62 1.81 -8.21
C TYR F 800 50.62 0.29 -8.28
N PHE F 801 50.06 -0.37 -7.26
CA PHE F 801 50.06 -1.84 -7.27
C PHE F 801 49.19 -2.39 -8.38
N TRP F 802 48.04 -1.77 -8.64
CA TRP F 802 47.20 -2.22 -9.74
C TRP F 802 47.90 -2.03 -11.08
N GLU F 803 48.60 -0.91 -11.25
CA GLU F 803 49.36 -0.69 -12.47
C GLU F 803 50.45 -1.75 -12.63
N LYS F 804 51.13 -2.09 -11.53
CA LYS F 804 52.15 -3.14 -11.59
C LYS F 804 51.55 -4.47 -11.99
N LEU F 805 50.39 -4.81 -11.41
CA LEU F 805 49.73 -6.07 -11.77
C LEU F 805 49.37 -6.10 -13.25
N GLN F 806 48.83 -4.99 -13.76
CA GLN F 806 48.47 -4.93 -15.17
C GLN F 806 49.71 -5.06 -16.06
N LYS F 807 50.81 -4.41 -15.66
CA LYS F 807 52.04 -4.50 -16.44
C LYS F 807 52.57 -5.92 -16.47
N GLU F 808 52.55 -6.61 -15.34
CA GLU F 808 53.23 -7.91 -15.25
C GLU F 808 52.35 -9.07 -15.70
N TYR F 809 51.21 -9.28 -15.04
CA TYR F 809 50.42 -10.48 -15.23
C TYR F 809 49.19 -10.28 -16.09
N ASN F 810 49.07 -9.13 -16.76
CA ASN F 810 47.99 -8.87 -17.71
C ASN F 810 46.61 -9.04 -17.08
N GLY F 811 46.48 -8.70 -15.79
CA GLY F 811 45.21 -8.77 -15.12
C GLY F 811 44.79 -10.13 -14.63
N GLN F 812 45.65 -11.14 -14.73
CA GLN F 812 45.32 -12.49 -14.30
C GLN F 812 45.92 -12.72 -12.92
N ILE F 813 45.06 -12.73 -11.90
CA ILE F 813 45.53 -13.03 -10.54
C ILE F 813 45.83 -14.51 -10.39
N LYS F 814 45.32 -15.36 -11.28
CA LYS F 814 45.66 -16.78 -11.22
C LYS F 814 47.06 -17.03 -11.80
N LYS F 815 47.46 -16.25 -12.79
CA LYS F 815 48.74 -16.46 -13.47
C LYS F 815 49.93 -16.11 -12.58
N VAL F 816 49.71 -15.41 -11.47
CA VAL F 816 50.82 -15.00 -10.61
C VAL F 816 51.47 -16.24 -9.99
N PHE F 817 52.77 -16.13 -9.71
CA PHE F 817 53.54 -17.19 -9.08
C PHE F 817 53.84 -16.79 -7.65
N CYS F 818 53.46 -17.64 -6.71
CA CYS F 818 53.66 -17.37 -5.28
C CYS F 818 53.75 -18.72 -4.56
N PRO F 819 54.97 -19.18 -4.27
CA PRO F 819 55.11 -20.53 -3.68
C PRO F 819 54.42 -20.70 -2.34
N THR F 820 54.42 -19.67 -1.48
CA THR F 820 53.80 -19.84 -0.17
C THR F 820 52.28 -19.95 -0.26
N ILE F 821 51.68 -19.44 -1.32
CA ILE F 821 50.26 -19.64 -1.56
C ILE F 821 50.09 -20.87 -2.43
N GLU F 822 48.88 -21.44 -2.42
CA GLU F 822 48.50 -22.67 -3.12
C GLU F 822 49.17 -23.89 -2.51
N SER F 823 50.03 -23.73 -1.51
CA SER F 823 50.58 -24.83 -0.73
C SER F 823 49.89 -24.94 0.62
N GLU F 824 49.78 -23.83 1.35
CA GLU F 824 48.95 -23.81 2.54
C GLU F 824 47.49 -24.06 2.18
N THR F 825 47.05 -23.55 1.03
CA THR F 825 45.68 -23.79 0.59
C THR F 825 45.43 -25.27 0.32
N GLU F 826 46.36 -25.93 -0.37
CA GLU F 826 46.18 -27.35 -0.63
C GLU F 826 46.34 -28.19 0.64
N ALA F 827 47.16 -27.73 1.58
CA ALA F 827 47.24 -28.41 2.87
C ALA F 827 45.92 -28.30 3.61
N TYR F 828 45.29 -27.12 3.56
CA TYR F 828 43.97 -26.95 4.16
C TYR F 828 42.94 -27.83 3.47
N ARG F 829 43.05 -27.95 2.14
CA ARG F 829 42.16 -28.86 1.41
C ARG F 829 42.35 -30.30 1.85
N LYS F 830 43.61 -30.69 2.11
CA LYS F 830 43.88 -32.01 2.67
C LYS F 830 43.29 -32.16 4.07
N SER F 831 42.99 -31.05 4.75
CA SER F 831 42.23 -31.08 5.98
C SER F 831 40.76 -30.77 5.65
N GLN F 832 39.95 -30.66 6.70
CA GLN F 832 38.52 -30.38 6.55
C GLN F 832 37.83 -31.43 5.68
N ASP F 833 38.29 -32.68 5.75
CA ASP F 833 37.73 -33.79 4.97
C ASP F 833 37.52 -34.96 5.92
N THR F 834 36.26 -35.17 6.33
CA THR F 834 35.96 -36.17 7.35
C THR F 834 36.22 -37.60 6.85
N LEU F 835 36.07 -37.84 5.55
CA LEU F 835 36.16 -39.21 5.04
C LEU F 835 37.55 -39.80 5.25
N HIS F 836 38.60 -39.01 4.99
CA HIS F 836 39.96 -39.54 5.13
C HIS F 836 40.29 -39.88 6.58
N ARG F 837 39.71 -39.14 7.53
CA ARG F 837 39.88 -39.49 8.93
C ARG F 837 39.32 -40.89 9.21
N PHE F 838 38.10 -41.15 8.73
CA PHE F 838 37.53 -42.48 8.89
C PHE F 838 38.40 -43.54 8.23
N ILE F 839 38.84 -43.27 6.99
CA ILE F 839 39.61 -44.25 6.23
C ILE F 839 40.91 -44.59 6.95
N THR F 840 41.79 -43.60 7.12
CA THR F 840 43.02 -43.88 7.86
C THR F 840 42.88 -43.59 9.35
N GLU F 841 41.76 -44.01 9.94
CA GLU F 841 41.66 -44.14 11.39
C GLU F 841 41.05 -45.48 11.77
N ARG F 842 40.17 -46.03 10.92
CA ARG F 842 39.41 -47.20 11.31
C ARG F 842 39.63 -48.42 10.43
N VAL F 843 39.69 -48.25 9.12
CA VAL F 843 39.73 -49.39 8.20
C VAL F 843 41.14 -49.64 7.67
N VAL F 844 41.95 -48.59 7.50
CA VAL F 844 43.31 -48.75 7.01
C VAL F 844 44.16 -49.42 8.08
N GLU F 845 45.00 -50.36 7.65
CA GLU F 845 45.93 -51.17 8.44
C GLU F 845 45.20 -52.28 9.19
N SER F 846 43.89 -52.41 9.03
CA SER F 846 43.11 -53.46 9.68
C SER F 846 42.19 -54.14 8.66
N PRO F 847 42.76 -54.90 7.72
CA PRO F 847 41.94 -55.56 6.69
C PRO F 847 41.61 -57.02 6.99
N SER F 848 41.89 -57.53 8.19
CA SER F 848 41.83 -58.96 8.47
C SER F 848 40.46 -59.43 8.96
N ALA F 849 39.39 -58.75 8.57
CA ALA F 849 38.04 -59.19 8.90
C ALA F 849 37.09 -58.72 7.81
N GLU F 850 35.84 -59.18 7.89
CA GLU F 850 34.82 -58.78 6.90
C GLU F 850 33.45 -58.92 7.57
N THR F 851 32.90 -57.78 8.02
CA THR F 851 31.54 -57.71 8.57
C THR F 851 30.93 -56.41 8.03
N VAL F 852 30.26 -56.49 6.89
CA VAL F 852 29.68 -55.34 6.22
C VAL F 852 28.25 -55.67 5.81
N TYR F 853 27.32 -54.76 6.11
CA TYR F 853 25.91 -54.92 5.80
C TYR F 853 25.51 -53.82 4.83
N ASN F 854 25.69 -54.08 3.53
CA ASN F 854 25.34 -53.13 2.46
C ASN F 854 26.01 -51.78 2.65
N LEU F 855 27.10 -51.75 3.44
CA LEU F 855 27.76 -50.51 3.86
C LEU F 855 26.83 -49.66 4.72
N SER F 856 25.61 -50.14 4.95
CA SER F 856 24.65 -49.38 5.76
C SER F 856 25.13 -49.25 7.20
N GLU F 857 25.65 -50.36 7.76
CA GLU F 857 26.24 -50.28 9.08
C GLU F 857 27.48 -49.39 9.08
N VAL F 858 28.25 -49.42 7.98
CA VAL F 858 29.40 -48.52 7.85
C VAL F 858 28.92 -47.08 7.81
N VAL F 859 27.84 -46.81 7.07
CA VAL F 859 27.30 -45.45 7.01
C VAL F 859 26.84 -44.99 8.38
N THR F 860 26.16 -45.87 9.13
CA THR F 860 25.72 -45.50 10.47
C THR F 860 26.89 -45.21 11.40
N ALA F 861 27.94 -46.04 11.32
CA ALA F 861 29.11 -45.83 12.15
C ALA F 861 29.78 -44.50 11.80
N TYR F 862 29.93 -44.22 10.51
CA TYR F 862 30.45 -42.94 10.04
C TYR F 862 29.64 -41.77 10.60
N ALA F 863 28.31 -41.85 10.45
CA ALA F 863 27.45 -40.75 10.86
C ALA F 863 27.53 -40.50 12.35
N GLU F 864 27.36 -41.56 13.14
CA GLU F 864 27.45 -41.40 14.58
C GLU F 864 28.84 -40.96 14.98
N TRP F 865 29.85 -41.33 14.19
CA TRP F 865 31.22 -41.00 14.55
C TRP F 865 31.39 -39.52 14.79
N TYR F 866 31.16 -38.71 13.75
CA TYR F 866 31.32 -37.27 13.89
C TYR F 866 30.18 -36.67 14.68
N ASN F 867 29.03 -37.34 14.68
CA ASN F 867 27.91 -36.85 15.46
C ASN F 867 28.38 -36.70 16.90
N THR F 868 29.24 -37.60 17.34
CA THR F 868 29.79 -37.49 18.69
C THR F 868 31.15 -36.83 18.64
N ASN F 869 32.00 -37.26 17.70
CA ASN F 869 33.35 -36.71 17.60
C ASN F 869 33.35 -35.24 17.20
N ILE F 870 32.53 -34.87 16.22
CA ILE F 870 32.54 -33.50 15.73
C ILE F 870 31.21 -32.79 15.90
N ASN F 871 30.33 -32.90 14.91
CA ASN F 871 29.05 -32.19 14.98
C ASN F 871 27.90 -33.01 14.40
N VAL F 872 26.69 -32.48 14.49
CA VAL F 872 25.51 -33.21 14.00
C VAL F 872 24.73 -32.44 12.94
N LYS F 873 23.81 -33.11 12.28
CA LYS F 873 23.01 -32.49 11.22
C LYS F 873 22.10 -33.54 10.61
N ARG F 874 21.22 -33.09 9.72
CA ARG F 874 20.36 -34.01 8.99
C ARG F 874 21.20 -34.93 8.11
N HIS F 875 20.83 -36.20 8.07
CA HIS F 875 21.63 -37.24 7.43
C HIS F 875 20.86 -37.88 6.28
N ILE F 876 21.58 -38.11 5.17
CA ILE F 876 21.08 -38.87 4.05
C ILE F 876 22.14 -39.91 3.69
N ALA F 877 21.69 -41.00 3.06
CA ALA F 877 22.57 -42.11 2.76
C ALA F 877 22.79 -42.34 1.27
N LEU F 878 21.98 -41.73 0.41
CA LEU F 878 22.15 -41.94 -1.03
C LEU F 878 23.48 -41.36 -1.51
N GLU F 879 23.84 -40.18 -1.02
CA GLU F 879 25.10 -39.56 -1.44
C GLU F 879 26.31 -40.33 -0.91
N LEU F 880 26.14 -41.05 0.19
CA LEU F 880 27.23 -41.81 0.79
C LEU F 880 27.41 -43.19 0.19
N SER F 881 26.48 -43.64 -0.65
CA SER F 881 26.60 -44.96 -1.26
C SER F 881 27.80 -45.02 -2.20
N GLN F 882 27.98 -44.00 -3.03
CA GLN F 882 29.14 -43.92 -3.92
C GLN F 882 30.26 -43.06 -3.36
N GLU F 883 30.03 -42.37 -2.24
CA GLU F 883 31.10 -41.61 -1.61
C GLU F 883 32.24 -42.52 -1.14
N LEU F 884 31.91 -43.74 -0.72
CA LEU F 884 32.95 -44.70 -0.36
C LEU F 884 33.80 -45.05 -1.57
N GLU F 885 33.19 -45.13 -2.75
CA GLU F 885 33.94 -45.40 -3.97
C GLU F 885 34.91 -44.27 -4.32
N ASN F 886 34.69 -43.07 -3.80
CA ASN F 886 35.61 -41.95 -4.00
C ASN F 886 36.66 -41.89 -2.89
N SER F 887 37.31 -43.02 -2.66
CA SER F 887 38.30 -43.15 -1.60
C SER F 887 39.20 -44.34 -1.95
N VAL F 888 39.96 -44.82 -0.97
CA VAL F 888 40.76 -46.03 -1.13
C VAL F 888 40.13 -47.22 -0.41
N LEU F 889 38.90 -47.06 0.09
CA LEU F 889 38.25 -48.16 0.80
C LEU F 889 37.76 -49.25 -0.14
N GLU F 890 37.47 -48.90 -1.39
CA GLU F 890 36.93 -49.85 -2.36
C GLU F 890 37.99 -50.76 -2.97
N LYS F 891 39.18 -50.83 -2.35
CA LYS F 891 40.22 -51.73 -2.86
C LYS F 891 39.73 -53.18 -2.89
N TYR F 892 38.79 -53.54 -2.02
CA TYR F 892 38.15 -54.85 -2.02
C TYR F 892 36.68 -54.64 -1.71
N LEU F 893 35.87 -54.48 -2.77
CA LEU F 893 34.44 -54.25 -2.63
C LEU F 893 33.74 -54.86 -3.84
N GLN F 894 33.25 -56.08 -3.67
CA GLN F 894 32.46 -56.76 -4.68
C GLN F 894 31.03 -56.95 -4.16
N TRP F 895 30.23 -57.69 -4.91
CA TRP F 895 28.83 -57.90 -4.57
C TRP F 895 28.51 -59.39 -4.48
N SER F 896 27.57 -59.72 -3.62
CA SER F 896 27.13 -61.10 -3.40
C SER F 896 26.20 -61.51 -4.53
N PRO F 897 25.74 -62.76 -4.54
CA PRO F 897 24.67 -63.14 -5.49
C PRO F 897 23.43 -62.26 -5.34
N ASN F 898 23.15 -61.77 -4.14
CA ASN F 898 22.11 -60.77 -3.92
C ASN F 898 22.60 -59.36 -4.17
N LYS F 899 23.68 -59.21 -4.95
CA LYS F 899 24.31 -57.91 -5.21
C LYS F 899 24.72 -57.24 -3.91
N THR F 900 24.11 -56.10 -3.61
CA THR F 900 24.20 -55.43 -2.31
C THR F 900 25.57 -54.79 -2.10
N ARG F 901 26.52 -55.07 -3.00
CA ARG F 901 27.85 -54.46 -3.02
C ARG F 901 28.48 -54.42 -1.62
N ILE F 902 28.65 -55.60 -1.05
CA ILE F 902 29.20 -55.73 0.30
C ILE F 902 30.71 -55.57 0.24
N LEU F 903 31.24 -54.68 1.07
CA LEU F 903 32.68 -54.54 1.20
C LEU F 903 33.31 -55.87 1.64
N LYS F 904 34.43 -56.22 1.01
CA LYS F 904 35.04 -57.54 1.16
C LYS F 904 36.30 -57.50 2.00
N GLY F 905 36.27 -56.72 3.08
CA GLY F 905 37.34 -56.75 4.07
C GLY F 905 37.61 -55.41 4.71
N CYS F 906 37.58 -55.41 6.04
CA CYS F 906 37.80 -54.23 6.87
C CYS F 906 37.74 -54.64 8.34
N ARG F 907 37.96 -53.69 9.25
CA ARG F 907 37.80 -53.94 10.68
C ARG F 907 37.22 -52.69 11.33
N ILE F 908 35.98 -52.80 11.80
CA ILE F 908 35.39 -51.72 12.59
C ILE F 908 36.11 -51.65 13.93
N LEU F 909 36.52 -50.46 14.33
CA LEU F 909 37.35 -50.27 15.50
C LEU F 909 36.57 -49.46 16.55
N HIS F 910 36.58 -49.97 17.78
CA HIS F 910 35.95 -49.29 18.90
C HIS F 910 36.88 -49.32 20.09
N LYS F 911 36.84 -48.26 20.89
CA LYS F 911 37.63 -48.14 22.13
C LYS F 911 39.12 -48.22 21.78
N PHE F 912 39.93 -48.68 22.72
CA PHE F 912 41.38 -48.74 22.50
C PHE F 912 41.72 -49.70 21.37
N GLU F 913 41.22 -50.94 21.44
CA GLU F 913 41.63 -52.02 20.54
C GLU F 913 43.15 -52.12 20.51
N THR F 914 43.70 -52.43 19.34
CA THR F 914 45.14 -52.45 19.13
C THR F 914 45.40 -52.56 17.63
N LEU F 915 46.67 -52.55 17.25
CA LEU F 915 47.06 -52.70 15.85
C LEU F 915 47.22 -54.17 15.55
N GLN F 916 46.08 -54.84 15.33
CA GLN F 916 46.11 -56.25 14.99
C GLN F 916 46.76 -56.46 13.63
N PRO F 917 47.53 -57.53 13.46
CA PRO F 917 48.10 -57.83 12.14
C PRO F 917 47.01 -58.09 11.12
N GLY F 918 47.26 -57.65 9.89
CA GLY F 918 46.30 -57.83 8.82
C GLY F 918 46.89 -57.59 7.44
N ILE F 935 60.71 -16.63 -0.50
CA ILE F 935 61.72 -17.00 0.50
C ILE F 935 62.78 -15.91 0.59
N CYS F 936 63.18 -15.37 -0.56
CA CYS F 936 64.21 -14.34 -0.59
C CYS F 936 63.71 -13.07 0.08
N GLU F 937 64.58 -12.46 0.88
CA GLU F 937 64.26 -11.22 1.60
C GLU F 937 64.59 -10.03 0.73
N PRO F 938 63.69 -9.05 0.61
CA PRO F 938 63.99 -7.87 -0.21
C PRO F 938 65.20 -7.11 0.31
N LYS F 939 66.00 -6.59 -0.62
CA LYS F 939 67.25 -5.93 -0.26
C LYS F 939 67.00 -4.68 0.57
N ASN F 940 66.42 -3.65 -0.04
CA ASN F 940 66.09 -2.42 0.67
C ASN F 940 64.65 -2.00 0.40
N LYS F 941 64.15 -2.31 -0.79
CA LYS F 941 62.81 -1.95 -1.20
C LYS F 941 62.08 -3.20 -1.67
N TRP F 942 60.90 -3.45 -1.13
CA TRP F 942 60.10 -4.61 -1.50
C TRP F 942 59.01 -4.28 -2.50
N TRP F 943 58.56 -3.03 -2.56
CA TRP F 943 57.50 -2.64 -3.49
C TRP F 943 57.97 -2.63 -4.93
N GLU F 944 59.26 -2.76 -5.18
CA GLU F 944 59.76 -2.86 -6.55
C GLU F 944 59.49 -4.23 -7.16
N TRP F 945 58.90 -5.15 -6.40
CA TRP F 945 58.35 -6.41 -6.89
C TRP F 945 59.42 -7.42 -7.27
N SER F 946 60.70 -7.02 -7.24
CA SER F 946 61.82 -7.87 -7.63
C SER F 946 61.72 -8.16 -9.13
N PRO F 947 62.69 -8.86 -9.74
CA PRO F 947 62.55 -9.20 -11.16
C PRO F 947 61.39 -10.15 -11.42
N ASN F 948 61.22 -10.56 -12.68
CA ASN F 948 60.07 -11.38 -13.06
C ASN F 948 59.90 -12.63 -12.21
N PRO F 949 60.94 -13.41 -11.90
CA PRO F 949 60.74 -14.53 -10.94
C PRO F 949 60.26 -14.05 -9.59
N SER F 950 60.71 -12.88 -9.14
CA SER F 950 60.27 -12.27 -7.88
C SER F 950 60.44 -13.21 -6.68
#